data_6W0P
#
_entry.id   6W0P
#
_cell.length_a   64.215
_cell.length_b   200.451
_cell.length_c   293.122
_cell.angle_alpha   90.000
_cell.angle_beta   90.000
_cell.angle_gamma   90.000
#
_symmetry.space_group_name_H-M   'P 21 21 21'
#
loop_
_entity.id
_entity.type
_entity.pdbx_description
1 polymer 'Kojibiose phosphorylase'
2 water water
#
_entity_poly.entity_id   1
_entity_poly.type   'polypeptide(L)'
_entity_poly.pdbx_seq_one_letter_code
;MIKIPKRYLETEPYRIVENNFHPDKSMVSESIFSLGNEYSGTRAFFDETYSGKQLIGTYFNGIYEYALKDTPSAYLGIVK
RTHFTINSVNFFKIRIIHEDEELDLNKVKFEDFKRILDLRSGLYQRTFTWLTNQAKIKIIISRLLDMSDCENAYQMISFE
SDIDTDIKLELHLDSNILHWGSDCYWNRVKEFKIGNSIGLTVKTLTTNQTLTSVMRTNLKEDSYQLNQKEVILNYELTLE
ANKEKTITRYVTNIIDKNGNQKLSQQRDIALTKLKEASKFSFADLVKKNQKFFNHFYQKSDILIDGSDSDQQGIRYCLFQ
MIQAYHGFDPTNTIGAKGLTGEAYSGHAFWDNETYCLPFYLYSNQEAAKDLIMFRYNTLEEAKARAKELDSIGACFPVAT
RNGKEACNLWQHASTQFQPSTGVFYAIYHYMKIYNDHKFMQNYGIEMLVEISKFLLSRGQYNQDKTKFSFYGVMGPDEFK
LMVNHNTYTNFMAKKCFQYLDKILADKTYKTDKILDKCGFTKKDLAKMKDASRKMVILYDKETLLFEQNDGFFDMPHVDI
KTIKDEEMPIYSHWSYDRIYRTDIIKQPDVLMFMFLYMEEFSQKQLLANYNYYEPRTLHESSLSPSIHSIIASKIGLEKD
ANNFFGFATRLDLDDYNNNTCEGIHMTSIAAAWMNIVYGFGGLMIKNDILNLTPTSNKNWNYYQFKITFKNHLLTVKVDK
DNVIITKKTKNILPINVYGKKYELIDKLEIKRAAENLYFQ
;
_entity_poly.pdbx_strand_id   A,B,C,D
#
# COMPACT_ATOMS: atom_id res chain seq x y z
N MET A 1 -53.58 -9.45 -19.47
CA MET A 1 -54.79 -10.35 -19.44
C MET A 1 -55.91 -9.61 -18.72
N ILE A 2 -56.94 -10.32 -18.24
CA ILE A 2 -57.93 -9.75 -17.27
C ILE A 2 -57.28 -9.72 -15.88
N LYS A 3 -57.20 -8.51 -15.32
CA LYS A 3 -56.69 -8.22 -13.95
C LYS A 3 -57.85 -8.32 -12.96
N ILE A 4 -57.58 -8.82 -11.76
CA ILE A 4 -58.62 -9.06 -10.72
C ILE A 4 -58.32 -8.24 -9.46
N PRO A 5 -59.38 -7.89 -8.71
CA PRO A 5 -59.22 -7.25 -7.40
C PRO A 5 -58.76 -8.22 -6.30
N LYS A 6 -57.84 -7.78 -5.45
CA LYS A 6 -57.53 -8.37 -4.13
C LYS A 6 -58.08 -7.41 -3.08
N ARG A 7 -59.37 -7.50 -2.83
CA ARG A 7 -60.15 -6.62 -1.94
C ARG A 7 -59.94 -7.08 -0.49
N TYR A 8 -59.08 -6.39 0.28
CA TYR A 8 -58.87 -6.71 1.71
C TYR A 8 -59.17 -5.49 2.59
N LEU A 9 -59.44 -4.32 2.00
CA LEU A 9 -59.68 -3.07 2.79
C LEU A 9 -61.18 -2.77 2.87
N GLU A 10 -61.63 -2.27 4.00
CA GLU A 10 -63.03 -1.84 4.19
C GLU A 10 -63.34 -0.68 3.23
N THR A 11 -64.59 -0.64 2.80
CA THR A 11 -65.19 0.39 1.91
C THR A 11 -65.90 1.43 2.76
N GLU A 12 -65.32 2.63 2.84
CA GLU A 12 -65.91 3.84 3.48
C GLU A 12 -65.61 5.03 2.58
N PRO A 13 -66.50 6.04 2.53
CA PRO A 13 -66.34 7.13 1.58
C PRO A 13 -65.20 8.09 1.95
N TYR A 14 -64.82 8.21 3.24
CA TYR A 14 -63.84 9.25 3.71
C TYR A 14 -62.61 8.64 4.39
N ARG A 15 -62.48 7.32 4.44
CA ARG A 15 -61.34 6.64 5.11
C ARG A 15 -60.99 5.34 4.38
N ILE A 16 -59.73 4.95 4.44
CA ILE A 16 -59.26 3.58 4.11
C ILE A 16 -59.08 2.91 5.47
N VAL A 17 -59.68 1.75 5.64
CA VAL A 17 -59.62 0.98 6.92
C VAL A 17 -59.12 -0.43 6.62
N GLU A 18 -58.10 -0.89 7.35
CA GLU A 18 -57.70 -2.32 7.40
C GLU A 18 -58.21 -2.90 8.72
N ASN A 19 -59.14 -3.85 8.65
CA ASN A 19 -59.71 -4.58 9.81
C ASN A 19 -58.89 -5.85 9.99
N ASN A 20 -58.13 -5.95 11.08
CA ASN A 20 -57.14 -7.03 11.31
C ASN A 20 -55.90 -6.77 10.44
N PHE A 21 -54.74 -7.22 10.91
CA PHE A 21 -53.46 -7.16 10.16
C PHE A 21 -53.46 -8.29 9.16
N HIS A 22 -53.21 -8.01 7.88
CA HIS A 22 -52.96 -9.02 6.82
C HIS A 22 -51.46 -9.07 6.51
N PRO A 23 -50.72 -10.06 7.05
CA PRO A 23 -49.28 -10.11 6.88
C PRO A 23 -48.83 -10.08 5.42
N ASP A 24 -49.57 -10.76 4.54
CA ASP A 24 -49.26 -10.96 3.10
C ASP A 24 -49.46 -9.64 2.34
N LYS A 25 -50.18 -8.66 2.90
CA LYS A 25 -50.41 -7.31 2.32
C LYS A 25 -49.51 -6.28 3.01
N SER A 26 -48.55 -6.70 3.82
CA SER A 26 -47.71 -5.81 4.67
C SER A 26 -47.19 -4.64 3.80
N MET A 27 -46.53 -4.94 2.70
CA MET A 27 -45.93 -3.87 1.85
C MET A 27 -47.01 -3.16 1.01
N VAL A 28 -48.12 -3.83 0.70
CA VAL A 28 -49.26 -3.22 -0.06
C VAL A 28 -49.84 -2.09 0.79
N SER A 29 -50.10 -2.35 2.08
CA SER A 29 -50.66 -1.39 3.05
C SER A 29 -49.67 -0.23 3.23
N GLU A 30 -48.40 -0.52 3.48
CA GLU A 30 -47.33 0.51 3.53
C GLU A 30 -47.50 1.50 2.37
N SER A 31 -47.77 1.01 1.15
CA SER A 31 -47.85 1.87 -0.06
C SER A 31 -49.14 2.71 -0.01
N ILE A 32 -50.26 2.03 0.22
CA ILE A 32 -51.63 2.59 0.12
C ILE A 32 -51.80 3.67 1.17
N PHE A 33 -51.33 3.41 2.38
CA PHE A 33 -51.57 4.28 3.55
C PHE A 33 -50.48 5.34 3.66
N SER A 34 -49.65 5.50 2.64
CA SER A 34 -48.53 6.49 2.61
C SER A 34 -49.08 7.90 2.85
N LEU A 35 -48.36 8.69 3.64
CA LEU A 35 -48.61 10.15 3.77
C LEU A 35 -47.59 10.89 2.91
N GLY A 36 -47.98 12.08 2.45
CA GLY A 36 -47.09 12.94 1.66
C GLY A 36 -47.56 14.37 1.73
N ASN A 37 -46.63 15.32 1.68
CA ASN A 37 -46.97 16.75 1.70
C ASN A 37 -46.12 17.47 0.64
N GLU A 38 -45.79 16.75 -0.45
CA GLU A 38 -44.95 17.18 -1.61
C GLU A 38 -43.48 17.33 -1.20
N TYR A 39 -43.22 18.09 -0.13
CA TYR A 39 -41.87 18.29 0.42
C TYR A 39 -41.29 16.94 0.84
N SER A 40 -42.14 16.12 1.44
CA SER A 40 -41.74 14.86 2.09
C SER A 40 -42.85 13.81 1.92
N GLY A 41 -42.46 12.54 2.01
CA GLY A 41 -43.41 11.43 2.08
C GLY A 41 -42.89 10.32 2.97
N THR A 42 -43.82 9.59 3.60
CA THR A 42 -43.47 8.37 4.35
C THR A 42 -44.42 7.26 3.95
N ARG A 43 -43.86 6.08 3.70
CA ARG A 43 -44.62 4.82 3.62
C ARG A 43 -45.23 4.56 4.99
N ALA A 44 -46.27 3.74 5.03
CA ALA A 44 -47.03 3.40 6.25
C ALA A 44 -46.34 2.23 6.95
N PHE A 45 -45.01 2.25 6.98
CA PHE A 45 -44.22 1.23 7.69
C PHE A 45 -44.55 1.40 9.18
N PHE A 46 -44.63 0.28 9.89
CA PHE A 46 -44.77 0.18 11.35
C PHE A 46 -43.68 1.02 12.02
N ASP A 47 -44.07 1.75 13.06
CA ASP A 47 -43.17 2.63 13.86
C ASP A 47 -42.22 1.70 14.63
N GLU A 48 -42.77 0.77 15.39
CA GLU A 48 -42.01 -0.18 16.24
C GLU A 48 -41.21 -1.12 15.34
N THR A 49 -40.27 -1.87 15.91
CA THR A 49 -39.56 -2.99 15.22
C THR A 49 -40.57 -3.91 14.52
N TYR A 50 -40.36 -4.22 13.25
CA TYR A 50 -41.13 -5.26 12.52
C TYR A 50 -40.15 -6.11 11.73
N SER A 51 -40.16 -7.42 12.00
CA SER A 51 -39.16 -8.39 11.50
C SER A 51 -39.79 -9.21 10.35
N GLY A 52 -40.99 -8.84 9.89
CA GLY A 52 -41.60 -9.38 8.67
C GLY A 52 -41.06 -8.63 7.47
N LYS A 53 -41.51 -8.95 6.26
CA LYS A 53 -41.12 -8.22 5.03
C LYS A 53 -41.70 -6.81 5.11
N GLN A 54 -40.85 -5.80 4.95
CA GLN A 54 -41.27 -4.38 5.03
C GLN A 54 -40.32 -3.60 4.13
N LEU A 55 -40.81 -2.47 3.65
CA LEU A 55 -39.97 -1.43 3.03
C LEU A 55 -40.21 -0.15 3.84
N ILE A 56 -39.28 0.15 4.73
CA ILE A 56 -39.19 1.45 5.45
C ILE A 56 -38.72 2.49 4.44
N GLY A 57 -39.45 3.60 4.38
CA GLY A 57 -39.34 4.54 3.26
C GLY A 57 -39.79 5.91 3.69
N THR A 58 -38.83 6.81 3.85
CA THR A 58 -39.01 8.26 4.14
C THR A 58 -38.26 9.02 3.04
N TYR A 59 -38.93 9.87 2.27
CA TYR A 59 -38.27 10.58 1.16
C TYR A 59 -38.58 12.06 1.22
N PHE A 60 -37.65 12.84 0.69
CA PHE A 60 -37.75 14.30 0.51
C PHE A 60 -37.58 14.59 -0.97
N ASN A 61 -38.55 15.31 -1.56
CA ASN A 61 -38.57 15.61 -3.01
C ASN A 61 -37.26 16.32 -3.37
N GLY A 62 -36.43 15.72 -4.22
CA GLY A 62 -35.19 16.35 -4.73
C GLY A 62 -33.95 15.98 -3.93
N ILE A 63 -34.11 15.14 -2.90
CA ILE A 63 -32.97 14.60 -2.12
C ILE A 63 -32.62 13.24 -2.73
N TYR A 64 -31.46 13.16 -3.37
CA TYR A 64 -31.14 12.10 -4.35
C TYR A 64 -29.65 11.81 -4.28
N GLU A 65 -29.26 10.63 -4.76
CA GLU A 65 -27.86 10.22 -4.95
C GLU A 65 -27.71 9.56 -6.31
N TYR A 66 -26.45 9.42 -6.74
CA TYR A 66 -26.04 8.65 -7.95
C TYR A 66 -25.78 7.19 -7.58
N ALA A 67 -25.83 6.31 -8.58
CA ALA A 67 -25.34 4.93 -8.46
C ALA A 67 -23.92 4.98 -7.89
N LEU A 68 -23.55 4.02 -7.03
CA LEU A 68 -22.24 4.00 -6.33
C LEU A 68 -21.08 3.78 -7.31
N LYS A 69 -21.33 2.98 -8.35
CA LYS A 69 -20.37 2.65 -9.44
C LYS A 69 -21.03 2.89 -10.80
N ASP A 70 -20.27 3.49 -11.72
CA ASP A 70 -20.54 3.52 -13.18
C ASP A 70 -20.88 2.12 -13.69
N THR A 71 -21.95 2.00 -14.47
CA THR A 71 -22.12 0.94 -15.49
C THR A 71 -21.32 1.37 -16.73
N PRO A 72 -20.28 0.61 -17.14
CA PRO A 72 -19.40 1.06 -18.23
C PRO A 72 -20.09 0.99 -19.61
N SER A 73 -19.75 1.94 -20.49
CA SER A 73 -20.12 1.93 -21.94
C SER A 73 -18.95 2.46 -22.77
N ALA A 74 -18.72 1.84 -23.93
CA ALA A 74 -17.73 2.26 -24.97
C ALA A 74 -18.35 3.33 -25.87
N TYR A 75 -19.66 3.57 -25.75
CA TYR A 75 -20.45 4.50 -26.62
C TYR A 75 -20.82 5.75 -25.82
N LEU A 76 -21.05 6.85 -26.53
CA LEU A 76 -21.45 8.15 -25.95
C LEU A 76 -22.98 8.30 -26.01
N GLY A 77 -23.52 9.15 -25.13
CA GLY A 77 -24.96 9.47 -25.02
C GLY A 77 -25.74 8.44 -24.21
N ILE A 78 -25.08 7.39 -23.75
CA ILE A 78 -25.68 6.34 -22.88
C ILE A 78 -25.33 6.64 -21.43
N VAL A 79 -26.35 6.60 -20.57
CA VAL A 79 -26.19 6.94 -19.14
C VAL A 79 -25.32 5.88 -18.45
N LYS A 80 -24.24 6.33 -17.83
CA LYS A 80 -23.24 5.49 -17.11
C LYS A 80 -23.63 5.43 -15.64
N ARG A 81 -24.31 6.45 -15.13
CA ARG A 81 -24.61 6.61 -13.69
C ARG A 81 -26.02 7.19 -13.50
N THR A 82 -26.99 6.32 -13.19
CA THR A 82 -28.39 6.70 -12.90
C THR A 82 -28.44 7.45 -11.57
N HIS A 83 -29.55 8.11 -11.27
CA HIS A 83 -29.76 8.74 -9.94
C HIS A 83 -31.16 8.41 -9.48
N PHE A 84 -31.41 8.61 -8.18
CA PHE A 84 -32.64 8.15 -7.49
C PHE A 84 -32.84 8.96 -6.20
N THR A 85 -34.10 9.20 -5.85
CA THR A 85 -34.61 9.75 -4.55
C THR A 85 -34.27 8.72 -3.47
N ILE A 86 -33.62 9.13 -2.39
CA ILE A 86 -33.01 8.18 -1.41
C ILE A 86 -33.86 8.10 -0.13
N ASN A 87 -34.01 6.89 0.38
CA ASN A 87 -34.54 6.66 1.73
C ASN A 87 -33.73 7.57 2.66
N SER A 88 -34.44 8.31 3.50
CA SER A 88 -33.85 9.35 4.39
C SER A 88 -34.29 9.07 5.83
N VAL A 89 -34.01 10.02 6.71
CA VAL A 89 -34.16 9.80 8.17
C VAL A 89 -35.53 9.19 8.47
N ASN A 90 -35.54 8.02 9.08
CA ASN A 90 -36.77 7.43 9.69
C ASN A 90 -37.06 8.16 11.01
N PHE A 91 -38.03 9.07 11.04
CA PHE A 91 -38.31 9.96 12.21
C PHE A 91 -39.56 9.49 12.95
N PHE A 92 -40.13 8.35 12.56
CA PHE A 92 -41.32 7.74 13.24
C PHE A 92 -40.89 6.50 14.02
N LYS A 93 -39.63 6.09 13.87
CA LYS A 93 -39.09 4.86 14.48
C LYS A 93 -39.21 4.90 16.01
N ILE A 94 -39.79 3.85 16.58
CA ILE A 94 -39.82 3.65 18.05
C ILE A 94 -39.30 2.25 18.38
N ARG A 95 -39.05 2.01 19.66
CA ARG A 95 -38.95 0.64 20.21
C ARG A 95 -39.80 0.59 21.48
N ILE A 96 -40.60 -0.46 21.60
CA ILE A 96 -41.39 -0.70 22.84
C ILE A 96 -40.97 -2.06 23.42
N ILE A 97 -40.62 -2.04 24.72
CA ILE A 97 -40.19 -3.24 25.51
C ILE A 97 -41.04 -3.31 26.78
N HIS A 98 -41.65 -4.47 27.01
CA HIS A 98 -42.36 -4.84 28.26
C HIS A 98 -41.65 -6.05 28.89
N GLU A 99 -41.02 -5.90 30.04
CA GLU A 99 -40.42 -7.05 30.77
C GLU A 99 -39.59 -7.87 29.77
N ASP A 100 -38.69 -7.19 29.08
CA ASP A 100 -37.68 -7.80 28.14
C ASP A 100 -38.31 -8.40 26.88
N GLU A 101 -39.65 -8.41 26.72
CA GLU A 101 -40.34 -8.75 25.44
C GLU A 101 -40.48 -7.46 24.61
N GLU A 102 -39.89 -7.45 23.40
CA GLU A 102 -39.96 -6.27 22.49
C GLU A 102 -41.23 -6.38 21.65
N LEU A 103 -41.98 -5.28 21.52
CA LEU A 103 -43.14 -5.20 20.59
C LEU A 103 -42.64 -5.39 19.14
N ASP A 104 -43.13 -6.44 18.49
CA ASP A 104 -42.89 -6.76 17.06
C ASP A 104 -44.06 -7.63 16.60
N LEU A 105 -44.93 -7.13 15.72
CA LEU A 105 -46.23 -7.81 15.40
C LEU A 105 -45.97 -9.08 14.56
N ASN A 106 -44.77 -9.27 14.01
CA ASN A 106 -44.38 -10.52 13.31
C ASN A 106 -44.08 -11.64 14.33
N LYS A 107 -43.85 -11.31 15.61
CA LYS A 107 -43.49 -12.29 16.67
C LYS A 107 -44.55 -12.36 17.78
N VAL A 108 -45.04 -11.23 18.27
CA VAL A 108 -45.81 -11.19 19.57
C VAL A 108 -47.26 -11.60 19.33
N LYS A 109 -48.01 -11.81 20.41
CA LYS A 109 -49.48 -12.05 20.37
C LYS A 109 -50.18 -10.69 20.49
N PHE A 110 -51.13 -10.44 19.60
CA PHE A 110 -51.89 -9.17 19.55
C PHE A 110 -53.30 -9.47 19.06
N GLU A 111 -54.26 -8.59 19.32
CA GLU A 111 -55.67 -8.74 18.85
C GLU A 111 -56.23 -7.35 18.55
N ASP A 112 -57.41 -7.28 17.93
CA ASP A 112 -58.15 -6.02 17.65
C ASP A 112 -57.23 -4.98 17.01
N PHE A 113 -56.54 -5.38 15.93
CA PHE A 113 -55.70 -4.51 15.06
C PHE A 113 -56.64 -3.78 14.12
N LYS A 114 -56.44 -2.47 13.97
CA LYS A 114 -57.19 -1.65 13.00
C LYS A 114 -56.24 -0.56 12.51
N ARG A 115 -56.13 -0.41 11.19
CA ARG A 115 -55.34 0.63 10.49
C ARG A 115 -56.31 1.60 9.79
N ILE A 116 -56.15 2.91 9.99
CA ILE A 116 -57.07 3.94 9.43
C ILE A 116 -56.27 5.06 8.75
N LEU A 117 -56.60 5.37 7.51
CA LEU A 117 -56.17 6.64 6.87
C LEU A 117 -57.43 7.49 6.73
N ASP A 118 -57.47 8.65 7.36
CA ASP A 118 -58.65 9.56 7.24
C ASP A 118 -58.40 10.52 6.07
N LEU A 119 -59.17 10.38 5.00
CA LEU A 119 -58.94 11.18 3.76
C LEU A 119 -59.30 12.66 3.98
N ARG A 120 -59.88 13.04 5.13
CA ARG A 120 -60.27 14.46 5.38
C ARG A 120 -59.19 15.20 6.18
N SER A 121 -58.21 14.50 6.76
CA SER A 121 -57.20 15.08 7.69
C SER A 121 -55.78 14.59 7.34
N GLY A 122 -55.66 13.44 6.73
CA GLY A 122 -54.34 12.79 6.54
C GLY A 122 -53.90 12.20 7.86
N LEU A 123 -54.83 11.97 8.79
CA LEU A 123 -54.57 11.27 10.05
C LEU A 123 -54.37 9.79 9.72
N TYR A 124 -53.19 9.27 10.06
CA TYR A 124 -52.85 7.84 9.90
C TYR A 124 -52.76 7.28 11.33
N GLN A 125 -53.61 6.29 11.62
CA GLN A 125 -53.83 5.75 12.97
C GLN A 125 -53.75 4.23 12.89
N ARG A 126 -52.98 3.64 13.80
CA ARG A 126 -52.87 2.18 13.96
C ARG A 126 -53.14 1.88 15.42
N THR A 127 -54.12 0.99 15.66
CA THR A 127 -54.53 0.53 17.02
C THR A 127 -54.34 -0.99 17.09
N PHE A 128 -53.87 -1.53 18.21
CA PHE A 128 -53.83 -2.99 18.45
C PHE A 128 -53.64 -3.24 19.94
N THR A 129 -54.02 -4.43 20.41
CA THR A 129 -53.80 -4.83 21.81
C THR A 129 -52.69 -5.88 21.87
N TRP A 130 -51.62 -5.54 22.57
CA TRP A 130 -50.42 -6.38 22.82
C TRP A 130 -50.70 -7.28 24.01
N LEU A 131 -50.76 -8.59 23.78
CA LEU A 131 -50.87 -9.62 24.84
C LEU A 131 -49.44 -10.05 25.22
N THR A 132 -48.89 -9.39 26.23
CA THR A 132 -47.50 -9.56 26.71
C THR A 132 -47.53 -9.95 28.19
N ASN A 133 -47.13 -11.20 28.47
CA ASN A 133 -47.11 -11.86 29.80
C ASN A 133 -48.52 -11.80 30.39
N GLN A 134 -48.71 -11.02 31.45
CA GLN A 134 -49.97 -11.03 32.25
C GLN A 134 -50.81 -9.81 31.84
N ALA A 135 -50.31 -9.00 30.92
CA ALA A 135 -50.85 -7.66 30.58
C ALA A 135 -51.49 -7.69 29.19
N LYS A 136 -52.58 -6.95 29.04
CA LYS A 136 -53.14 -6.51 27.75
C LYS A 136 -52.92 -4.98 27.65
N ILE A 137 -52.05 -4.56 26.72
CA ILE A 137 -51.74 -3.12 26.49
C ILE A 137 -52.32 -2.69 25.12
N LYS A 138 -53.33 -1.85 25.16
CA LYS A 138 -53.90 -1.19 23.95
C LYS A 138 -52.97 -0.04 23.53
N ILE A 139 -52.38 -0.18 22.34
CA ILE A 139 -51.43 0.81 21.74
C ILE A 139 -52.19 1.55 20.65
N ILE A 140 -52.18 2.88 20.68
CA ILE A 140 -52.66 3.70 19.53
C ILE A 140 -51.48 4.54 19.06
N ILE A 141 -51.07 4.39 17.79
CA ILE A 141 -49.98 5.19 17.16
C ILE A 141 -50.59 6.03 16.04
N SER A 142 -50.53 7.34 16.21
CA SER A 142 -51.17 8.33 15.31
C SER A 142 -50.05 9.15 14.65
N ARG A 143 -50.17 9.45 13.35
CA ARG A 143 -49.23 10.38 12.70
C ARG A 143 -49.85 11.22 11.58
N LEU A 144 -49.18 12.34 11.36
CA LEU A 144 -49.52 13.45 10.45
C LEU A 144 -48.23 13.95 9.79
N LEU A 145 -48.30 14.30 8.52
CA LEU A 145 -47.36 15.26 7.90
C LEU A 145 -48.12 16.59 7.77
N ASP A 146 -47.54 17.68 8.25
CA ASP A 146 -48.16 19.04 8.21
C ASP A 146 -48.28 19.46 6.74
N MET A 147 -49.47 19.73 6.24
CA MET A 147 -49.69 20.00 4.79
C MET A 147 -49.34 21.44 4.43
N SER A 148 -49.31 22.37 5.40
CA SER A 148 -48.96 23.81 5.19
C SER A 148 -47.48 24.07 5.53
N ASP A 149 -47.05 23.82 6.76
CA ASP A 149 -45.63 23.97 7.20
C ASP A 149 -44.95 22.62 7.03
N CYS A 150 -44.52 22.30 5.80
CA CYS A 150 -44.33 20.89 5.32
C CYS A 150 -43.03 20.30 5.88
N GLU A 151 -42.20 21.12 6.51
CA GLU A 151 -40.96 20.71 7.23
C GLU A 151 -41.33 19.89 8.46
N ASN A 152 -42.56 20.00 8.97
CA ASN A 152 -42.98 19.33 10.23
C ASN A 152 -43.74 18.03 9.99
N ALA A 153 -43.54 17.09 10.92
CA ALA A 153 -44.26 15.79 11.07
C ALA A 153 -44.59 15.61 12.55
N TYR A 154 -45.69 14.95 12.85
CA TYR A 154 -46.17 14.75 14.24
C TYR A 154 -46.51 13.29 14.44
N GLN A 155 -46.26 12.81 15.66
CA GLN A 155 -46.55 11.42 16.05
C GLN A 155 -47.08 11.47 17.48
N MET A 156 -48.12 10.70 17.74
CA MET A 156 -48.72 10.55 19.07
C MET A 156 -48.81 9.05 19.35
N ILE A 157 -48.34 8.66 20.53
CA ILE A 157 -48.34 7.25 21.02
C ILE A 157 -49.04 7.25 22.38
N SER A 158 -50.11 6.46 22.49
CA SER A 158 -50.84 6.19 23.75
C SER A 158 -50.76 4.71 24.13
N PHE A 159 -50.69 4.44 25.43
CA PHE A 159 -50.63 3.09 26.03
C PHE A 159 -51.80 2.95 27.01
N GLU A 160 -52.55 1.87 26.95
CA GLU A 160 -53.57 1.59 28.01
C GLU A 160 -53.47 0.12 28.40
N SER A 161 -52.90 -0.13 29.60
CA SER A 161 -52.71 -1.48 30.19
C SER A 161 -53.93 -1.84 31.04
N ASP A 162 -54.37 -3.10 30.97
CA ASP A 162 -55.45 -3.64 31.84
C ASP A 162 -54.91 -3.91 33.25
N ILE A 163 -53.58 -3.97 33.46
CA ILE A 163 -52.96 -4.10 34.82
C ILE A 163 -51.88 -3.04 34.99
N ASP A 164 -51.53 -2.73 36.23
CA ASP A 164 -50.29 -1.98 36.58
C ASP A 164 -49.10 -2.74 35.99
N THR A 165 -48.28 -2.07 35.17
CA THR A 165 -47.02 -2.61 34.63
C THR A 165 -46.11 -1.46 34.17
N ASP A 166 -44.87 -1.81 33.88
CA ASP A 166 -43.79 -0.88 33.43
C ASP A 166 -43.48 -1.22 31.98
N ILE A 167 -43.26 -0.22 31.14
CA ILE A 167 -42.78 -0.43 29.75
C ILE A 167 -41.65 0.55 29.49
N LYS A 168 -40.84 0.24 28.48
CA LYS A 168 -39.83 1.17 27.96
C LYS A 168 -40.25 1.62 26.57
N LEU A 169 -40.18 2.92 26.29
CA LEU A 169 -40.43 3.50 24.96
C LEU A 169 -39.16 4.24 24.54
N GLU A 170 -38.66 3.93 23.34
CA GLU A 170 -37.53 4.65 22.68
C GLU A 170 -38.10 5.38 21.44
N LEU A 171 -37.89 6.69 21.33
CA LEU A 171 -38.10 7.47 20.09
C LEU A 171 -36.75 7.66 19.39
N HIS A 172 -36.70 7.27 18.11
CA HIS A 172 -35.49 7.32 17.27
C HIS A 172 -35.66 8.33 16.12
N LEU A 173 -34.60 9.08 15.80
CA LEU A 173 -34.30 9.56 14.43
C LEU A 173 -33.14 8.70 13.92
N ASP A 174 -33.39 7.93 12.86
CA ASP A 174 -32.48 6.88 12.33
C ASP A 174 -32.10 7.27 10.91
N SER A 175 -30.85 7.69 10.68
CA SER A 175 -30.39 8.02 9.31
C SER A 175 -29.33 7.00 8.86
N ASN A 176 -29.38 5.77 9.38
CA ASN A 176 -28.55 4.63 8.91
C ASN A 176 -29.35 3.81 7.88
N ILE A 177 -30.49 4.33 7.42
CA ILE A 177 -31.48 3.58 6.60
C ILE A 177 -30.84 3.22 5.26
N LEU A 178 -31.18 2.04 4.74
CA LEU A 178 -30.68 1.61 3.42
C LEU A 178 -31.63 2.08 2.32
N HIS A 179 -31.08 2.31 1.14
CA HIS A 179 -31.79 2.37 -0.16
C HIS A 179 -31.42 1.13 -0.99
N TRP A 180 -32.33 0.70 -1.86
CA TRP A 180 -32.24 -0.58 -2.64
C TRP A 180 -32.02 -1.77 -1.69
N GLY A 181 -32.33 -1.64 -0.40
CA GLY A 181 -32.04 -2.66 0.63
C GLY A 181 -30.55 -3.06 0.75
N SER A 182 -29.62 -2.23 0.24
CA SER A 182 -28.16 -2.54 0.18
C SER A 182 -27.32 -1.50 0.94
N ASP A 183 -27.50 -0.20 0.70
CA ASP A 183 -26.51 0.82 1.13
C ASP A 183 -27.21 2.05 1.73
N CYS A 184 -26.57 2.63 2.75
CA CYS A 184 -26.92 3.94 3.34
C CYS A 184 -26.24 5.03 2.50
N TYR A 185 -27.00 6.03 2.07
CA TYR A 185 -26.53 7.08 1.13
C TYR A 185 -26.26 8.38 1.89
N TRP A 186 -26.10 8.29 3.21
CA TRP A 186 -25.85 9.44 4.13
C TRP A 186 -24.50 9.27 4.85
N ASN A 187 -23.74 10.36 4.98
CA ASN A 187 -22.55 10.45 5.88
C ASN A 187 -22.91 11.29 7.10
N ARG A 188 -22.29 10.97 8.24
CA ARG A 188 -22.45 11.69 9.52
C ARG A 188 -21.97 13.14 9.38
N VAL A 189 -22.66 14.08 10.03
CA VAL A 189 -22.08 15.43 10.30
C VAL A 189 -22.06 15.62 11.82
N LYS A 190 -23.23 15.73 12.46
CA LYS A 190 -23.34 16.01 13.90
C LYS A 190 -24.59 15.35 14.50
N GLU A 191 -24.48 14.88 15.74
CA GLU A 191 -25.62 14.56 16.64
C GLU A 191 -25.58 15.55 17.82
N PHE A 192 -26.72 15.99 18.35
CA PHE A 192 -26.74 17.06 19.37
C PHE A 192 -28.01 16.98 20.22
N LYS A 193 -27.90 17.42 21.47
CA LYS A 193 -29.07 17.72 22.33
C LYS A 193 -28.91 19.15 22.82
N ILE A 194 -29.88 20.00 22.54
CA ILE A 194 -29.95 21.42 22.95
C ILE A 194 -31.30 21.62 23.63
N GLY A 195 -31.32 21.77 24.96
CA GLY A 195 -32.55 21.91 25.75
C GLY A 195 -33.41 20.66 25.62
N ASN A 196 -34.71 20.82 25.36
CA ASN A 196 -35.64 19.66 25.28
C ASN A 196 -35.66 19.12 23.85
N SER A 197 -34.71 19.53 23.01
CA SER A 197 -34.65 19.18 21.58
C SER A 197 -33.43 18.29 21.34
N ILE A 198 -33.58 17.25 20.50
CA ILE A 198 -32.50 16.32 20.13
C ILE A 198 -32.55 16.14 18.62
N GLY A 199 -31.42 15.98 17.93
CA GLY A 199 -31.45 15.92 16.46
C GLY A 199 -30.13 15.52 15.85
N LEU A 200 -30.09 15.46 14.53
CA LEU A 200 -28.88 15.12 13.73
C LEU A 200 -28.84 15.97 12.47
N THR A 201 -27.65 16.12 11.92
CA THR A 201 -27.38 16.74 10.61
C THR A 201 -26.55 15.74 9.81
N VAL A 202 -26.99 15.44 8.60
CA VAL A 202 -26.34 14.43 7.72
C VAL A 202 -26.12 15.07 6.35
N LYS A 203 -25.26 14.45 5.56
CA LYS A 203 -24.94 14.90 4.20
C LYS A 203 -24.92 13.67 3.28
N THR A 204 -25.36 13.86 2.03
CA THR A 204 -25.38 12.81 0.99
C THR A 204 -23.94 12.53 0.56
N LEU A 205 -23.72 11.33 0.02
CA LEU A 205 -22.38 10.80 -0.37
C LEU A 205 -21.70 11.78 -1.32
N THR A 206 -22.42 12.26 -2.34
CA THR A 206 -21.87 12.91 -3.56
C THR A 206 -22.59 14.22 -3.90
N THR A 207 -23.91 14.29 -3.73
CA THR A 207 -24.77 15.31 -4.39
C THR A 207 -24.71 16.63 -3.64
N ASN A 208 -23.95 16.69 -2.54
CA ASN A 208 -23.70 17.93 -1.75
C ASN A 208 -25.01 18.38 -1.10
N GLN A 209 -25.83 17.43 -0.67
CA GLN A 209 -27.14 17.72 -0.04
C GLN A 209 -27.07 17.38 1.45
N THR A 210 -27.68 18.23 2.27
CA THR A 210 -27.69 18.13 3.73
C THR A 210 -29.13 18.16 4.24
N LEU A 211 -29.33 17.57 5.41
CA LEU A 211 -30.63 17.51 6.11
C LEU A 211 -30.38 17.62 7.62
N THR A 212 -31.19 18.40 8.32
CA THR A 212 -31.24 18.42 9.81
C THR A 212 -32.60 17.92 10.24
N SER A 213 -32.61 16.86 11.04
CA SER A 213 -33.82 16.28 11.66
C SER A 213 -33.77 16.52 13.16
N VAL A 214 -34.79 17.21 13.69
CA VAL A 214 -34.88 17.52 15.15
C VAL A 214 -36.24 17.08 15.69
N MET A 215 -36.25 16.50 16.88
CA MET A 215 -37.50 16.16 17.58
C MET A 215 -37.46 16.66 19.03
N ARG A 216 -38.64 16.77 19.60
CA ARG A 216 -38.89 17.05 21.03
C ARG A 216 -40.30 16.56 21.32
N THR A 217 -40.67 16.46 22.61
CA THR A 217 -41.90 15.76 23.06
C THR A 217 -42.52 16.60 24.18
N ASN A 218 -43.68 16.17 24.68
CA ASN A 218 -44.40 16.78 25.83
C ASN A 218 -44.07 15.97 27.09
N LEU A 219 -42.89 15.39 27.20
CA LEU A 219 -42.51 14.63 28.40
C LEU A 219 -40.99 14.59 28.50
N LYS A 220 -40.46 15.02 29.64
CA LYS A 220 -39.01 14.84 29.99
C LYS A 220 -38.67 13.36 29.85
N GLU A 221 -37.61 13.03 29.11
CA GLU A 221 -37.07 11.66 28.94
C GLU A 221 -36.24 11.28 30.18
N ASP A 222 -36.02 9.97 30.38
CA ASP A 222 -35.24 9.41 31.50
C ASP A 222 -33.77 9.45 31.08
N SER A 223 -33.50 9.32 29.79
CA SER A 223 -32.12 9.43 29.23
C SER A 223 -32.19 9.58 27.72
N TYR A 224 -31.05 9.88 27.10
CA TYR A 224 -30.89 10.07 25.63
C TYR A 224 -29.56 9.47 25.15
N GLN A 225 -29.45 9.18 23.86
CA GLN A 225 -28.18 8.73 23.24
C GLN A 225 -27.92 9.53 21.96
N LEU A 226 -26.67 9.92 21.73
CA LEU A 226 -26.19 10.49 20.45
C LEU A 226 -25.19 9.51 19.82
N ASN A 227 -25.66 8.68 18.89
CA ASN A 227 -24.83 7.70 18.14
C ASN A 227 -24.63 8.16 16.70
N GLN A 228 -23.76 7.51 15.96
CA GLN A 228 -23.45 7.92 14.57
C GLN A 228 -24.77 7.85 13.76
N LYS A 229 -25.26 9.00 13.31
CA LYS A 229 -26.44 9.17 12.42
C LYS A 229 -27.74 8.69 13.07
N GLU A 230 -27.79 8.51 14.40
CA GLU A 230 -29.08 8.25 15.12
C GLU A 230 -29.06 8.92 16.50
N VAL A 231 -30.21 9.47 16.90
CA VAL A 231 -30.41 9.95 18.28
C VAL A 231 -31.65 9.25 18.86
N ILE A 232 -31.65 9.02 20.17
CA ILE A 232 -32.70 8.26 20.89
C ILE A 232 -33.09 9.06 22.13
N LEU A 233 -34.39 9.17 22.37
CA LEU A 233 -34.96 9.58 23.66
C LEU A 233 -35.52 8.31 24.34
N ASN A 234 -35.10 8.02 25.57
CA ASN A 234 -35.55 6.85 26.39
C ASN A 234 -36.63 7.31 27.37
N TYR A 235 -37.77 6.61 27.41
CA TYR A 235 -38.86 6.85 28.39
C TYR A 235 -39.08 5.55 29.16
N GLU A 236 -39.00 5.66 30.49
CA GLU A 236 -39.28 4.57 31.45
C GLU A 236 -40.66 4.86 32.00
N LEU A 237 -41.70 4.24 31.44
CA LEU A 237 -43.09 4.59 31.78
C LEU A 237 -43.65 3.52 32.72
N THR A 238 -44.36 3.97 33.74
CA THR A 238 -45.24 3.15 34.59
C THR A 238 -46.67 3.38 34.12
N LEU A 239 -47.31 2.32 33.65
CA LEU A 239 -48.73 2.36 33.21
C LEU A 239 -49.59 1.99 34.41
N GLU A 240 -50.58 2.83 34.70
CA GLU A 240 -51.65 2.55 35.69
C GLU A 240 -52.79 1.88 34.92
N ALA A 241 -53.26 0.74 35.45
CA ALA A 241 -54.41 -0.05 34.93
C ALA A 241 -55.54 0.90 34.51
N ASN A 242 -56.01 0.76 33.26
CA ASN A 242 -57.21 1.46 32.74
C ASN A 242 -56.97 2.98 32.60
N LYS A 243 -55.74 3.48 32.64
CA LYS A 243 -55.43 4.93 32.51
C LYS A 243 -54.51 5.16 31.31
N GLU A 244 -54.98 5.90 30.31
CA GLU A 244 -54.23 6.07 29.06
C GLU A 244 -53.04 6.99 29.33
N LYS A 245 -51.85 6.60 28.88
CA LYS A 245 -50.61 7.41 28.95
C LYS A 245 -50.23 7.73 27.51
N THR A 246 -50.17 9.02 27.16
CA THR A 246 -49.90 9.47 25.77
C THR A 246 -48.63 10.31 25.80
N ILE A 247 -47.87 10.27 24.71
CA ILE A 247 -46.74 11.21 24.43
C ILE A 247 -46.91 11.70 22.99
N THR A 248 -46.57 12.97 22.72
CA THR A 248 -46.56 13.55 21.36
C THR A 248 -45.12 13.84 20.96
N ARG A 249 -44.69 13.31 19.82
CA ARG A 249 -43.42 13.64 19.15
C ARG A 249 -43.64 14.68 18.05
N TYR A 250 -42.95 15.82 18.15
CA TYR A 250 -42.83 16.86 17.11
C TYR A 250 -41.51 16.64 16.36
N VAL A 251 -41.56 16.60 15.04
CA VAL A 251 -40.37 16.48 14.16
C VAL A 251 -40.31 17.68 13.20
N THR A 252 -39.12 18.23 12.98
CA THR A 252 -38.81 19.22 11.92
C THR A 252 -37.58 18.73 11.15
N ASN A 253 -37.69 18.65 9.82
CA ASN A 253 -36.62 18.22 8.89
C ASN A 253 -36.34 19.44 7.99
N ILE A 254 -35.11 19.96 8.04
CA ILE A 254 -34.69 21.09 7.16
C ILE A 254 -33.64 20.55 6.18
N ILE A 255 -33.94 20.65 4.89
CA ILE A 255 -33.07 20.09 3.81
C ILE A 255 -32.40 21.26 3.08
N ASP A 256 -31.22 21.03 2.54
CA ASP A 256 -30.57 21.94 1.55
C ASP A 256 -30.24 21.10 0.31
N LYS A 257 -31.08 21.23 -0.72
CA LYS A 257 -30.94 20.46 -1.99
C LYS A 257 -29.75 21.02 -2.80
N ASN A 258 -29.29 22.24 -2.53
CA ASN A 258 -28.30 23.00 -3.37
C ASN A 258 -26.90 22.95 -2.75
N GLY A 259 -26.78 22.98 -1.42
CA GLY A 259 -25.52 22.73 -0.69
C GLY A 259 -24.83 24.00 -0.22
N ASN A 260 -25.44 25.18 -0.40
CA ASN A 260 -24.82 26.48 -0.06
C ASN A 260 -25.32 26.98 1.31
N GLN A 261 -26.20 26.24 1.98
CA GLN A 261 -26.68 26.61 3.34
C GLN A 261 -25.60 26.29 4.38
N LYS A 262 -25.24 27.26 5.21
CA LYS A 262 -24.39 27.05 6.41
C LYS A 262 -25.15 26.16 7.40
N LEU A 263 -24.53 25.10 7.91
CA LEU A 263 -25.20 24.06 8.74
C LEU A 263 -25.61 24.59 10.13
N SER A 264 -24.95 25.65 10.64
CA SER A 264 -25.33 26.30 11.93
C SER A 264 -26.70 26.98 11.79
N GLN A 265 -26.98 27.59 10.64
CA GLN A 265 -28.27 28.27 10.32
C GLN A 265 -29.37 27.22 10.07
N GLN A 266 -29.03 26.09 9.45
CA GLN A 266 -29.94 24.94 9.14
C GLN A 266 -30.49 24.43 10.47
N ARG A 267 -29.56 24.18 11.40
CA ARG A 267 -29.87 23.69 12.77
C ARG A 267 -30.74 24.72 13.49
N ASP A 268 -30.41 26.00 13.44
CA ASP A 268 -31.16 27.02 14.21
C ASP A 268 -32.58 27.17 13.64
N ILE A 269 -32.72 27.17 12.31
CA ILE A 269 -34.06 27.20 11.66
C ILE A 269 -34.84 25.96 12.14
N ALA A 270 -34.23 24.78 12.13
CA ALA A 270 -34.92 23.53 12.51
C ALA A 270 -35.44 23.67 13.94
N LEU A 271 -34.60 24.14 14.87
CA LEU A 271 -34.96 24.23 16.31
C LEU A 271 -36.04 25.28 16.54
N THR A 272 -35.98 26.41 15.83
CA THR A 272 -36.98 27.51 15.92
C THR A 272 -38.35 26.99 15.50
N LYS A 273 -38.45 26.29 14.36
CA LYS A 273 -39.75 25.75 13.86
C LYS A 273 -40.22 24.60 14.76
N LEU A 274 -39.33 23.68 15.15
CA LEU A 274 -39.68 22.59 16.09
C LEU A 274 -40.36 23.19 17.33
N LYS A 275 -39.74 24.24 17.90
CA LYS A 275 -40.20 24.98 19.10
C LYS A 275 -41.60 25.55 18.84
N GLU A 276 -41.78 26.33 17.76
CA GLU A 276 -43.10 26.91 17.39
C GLU A 276 -44.13 25.79 17.30
N ALA A 277 -43.79 24.67 16.65
CA ALA A 277 -44.72 23.55 16.38
C ALA A 277 -45.15 22.88 17.69
N SER A 278 -44.23 22.84 18.67
CA SER A 278 -44.43 22.15 19.96
C SER A 278 -45.49 22.87 20.80
N LYS A 279 -45.91 24.07 20.41
CA LYS A 279 -46.95 24.83 21.17
C LYS A 279 -48.35 24.23 20.92
N PHE A 280 -48.52 23.42 19.87
CA PHE A 280 -49.85 22.91 19.43
C PHE A 280 -49.96 21.44 19.82
N SER A 281 -51.11 21.07 20.40
CA SER A 281 -51.48 19.65 20.65
C SER A 281 -51.61 18.91 19.31
N PHE A 282 -51.34 17.59 19.34
CA PHE A 282 -51.57 16.68 18.19
C PHE A 282 -52.99 16.93 17.69
N ALA A 283 -53.98 16.96 18.59
CA ALA A 283 -55.41 17.07 18.22
C ALA A 283 -55.62 18.35 17.40
N ASP A 284 -54.95 19.44 17.76
CA ASP A 284 -55.07 20.77 17.08
C ASP A 284 -54.36 20.72 15.72
N LEU A 285 -53.33 19.89 15.59
CA LEU A 285 -52.60 19.73 14.31
C LEU A 285 -53.41 18.85 13.34
N VAL A 286 -54.23 17.94 13.84
CA VAL A 286 -55.22 17.20 13.00
C VAL A 286 -56.20 18.22 12.41
N LYS A 287 -56.72 19.13 13.24
CA LYS A 287 -57.68 20.18 12.80
C LYS A 287 -57.01 21.08 11.75
N LYS A 288 -55.73 21.42 11.96
CA LYS A 288 -54.95 22.25 11.01
C LYS A 288 -54.86 21.53 9.65
N ASN A 289 -54.56 20.22 9.66
CA ASN A 289 -54.46 19.44 8.41
C ASN A 289 -55.85 19.38 7.76
N GLN A 290 -56.90 19.25 8.56
CA GLN A 290 -58.27 19.13 8.02
C GLN A 290 -58.64 20.44 7.32
N LYS A 291 -58.24 21.59 7.86
CA LYS A 291 -58.49 22.93 7.27
C LYS A 291 -57.86 22.97 5.86
N PHE A 292 -56.65 22.44 5.70
CA PHE A 292 -55.96 22.32 4.39
C PHE A 292 -56.74 21.40 3.45
N PHE A 293 -57.15 20.20 3.88
CA PHE A 293 -57.88 19.25 3.00
C PHE A 293 -59.28 19.78 2.65
N ASN A 294 -59.97 20.45 3.58
CA ASN A 294 -61.34 21.00 3.34
C ASN A 294 -61.28 21.94 2.13
N HIS A 295 -60.28 22.82 2.09
CA HIS A 295 -60.05 23.76 0.96
C HIS A 295 -59.94 22.96 -0.35
N PHE A 296 -59.09 21.91 -0.40
CA PHE A 296 -58.84 21.14 -1.63
C PHE A 296 -60.08 20.33 -2.00
N TYR A 297 -60.89 19.86 -1.03
CA TYR A 297 -62.11 19.07 -1.34
C TYR A 297 -63.20 20.04 -1.86
N GLN A 298 -63.24 21.29 -1.36
CA GLN A 298 -64.18 22.34 -1.82
C GLN A 298 -63.89 22.67 -3.29
N LYS A 299 -62.64 22.52 -3.71
CA LYS A 299 -62.17 22.88 -5.07
C LYS A 299 -62.37 21.69 -6.02
N SER A 300 -62.25 20.45 -5.56
CA SER A 300 -62.04 19.31 -6.48
C SER A 300 -62.77 18.02 -6.10
N ASP A 301 -63.49 17.96 -4.97
CA ASP A 301 -64.10 16.68 -4.50
C ASP A 301 -65.03 16.15 -5.61
N ILE A 302 -65.03 14.83 -5.81
CA ILE A 302 -65.97 14.15 -6.76
C ILE A 302 -66.91 13.26 -5.96
N LEU A 303 -68.22 13.40 -6.18
CA LEU A 303 -69.24 12.55 -5.54
C LEU A 303 -69.63 11.46 -6.54
N ILE A 304 -69.77 10.24 -6.06
CA ILE A 304 -70.27 9.10 -6.87
C ILE A 304 -71.35 8.41 -6.06
N ASP A 305 -72.56 8.33 -6.62
CA ASP A 305 -73.72 7.66 -5.99
C ASP A 305 -73.98 6.36 -6.75
N GLY A 306 -74.17 5.26 -6.02
CA GLY A 306 -74.49 3.94 -6.61
C GLY A 306 -73.30 3.01 -6.61
N SER A 307 -72.12 3.48 -6.15
CA SER A 307 -70.88 2.66 -6.03
C SER A 307 -70.01 3.18 -4.89
N ASP A 308 -70.19 2.63 -3.69
CA ASP A 308 -69.39 2.95 -2.48
C ASP A 308 -67.93 2.70 -2.80
N SER A 309 -67.67 1.66 -3.61
CA SER A 309 -66.31 1.23 -4.02
C SER A 309 -65.66 2.35 -4.86
N ASP A 310 -66.42 2.93 -5.79
CA ASP A 310 -65.88 4.01 -6.66
C ASP A 310 -65.80 5.31 -5.86
N GLN A 311 -66.75 5.54 -4.96
CA GLN A 311 -66.74 6.78 -4.14
C GLN A 311 -65.47 6.78 -3.29
N GLN A 312 -65.15 5.65 -2.65
CA GLN A 312 -63.91 5.54 -1.84
C GLN A 312 -62.72 5.71 -2.77
N GLY A 313 -62.69 5.00 -3.89
CA GLY A 313 -61.55 5.03 -4.83
C GLY A 313 -61.26 6.44 -5.28
N ILE A 314 -62.24 7.12 -5.88
CA ILE A 314 -61.97 8.47 -6.44
C ILE A 314 -61.46 9.41 -5.33
N ARG A 315 -62.00 9.32 -4.13
CA ARG A 315 -61.61 10.26 -3.06
C ARG A 315 -60.20 9.87 -2.59
N TYR A 316 -59.89 8.57 -2.59
CA TYR A 316 -58.52 8.11 -2.29
C TYR A 316 -57.58 8.74 -3.33
N CYS A 317 -57.91 8.62 -4.62
CA CYS A 317 -57.11 9.15 -5.76
C CYS A 317 -56.89 10.66 -5.60
N LEU A 318 -57.95 11.43 -5.34
CA LEU A 318 -57.82 12.89 -5.11
C LEU A 318 -56.88 13.13 -3.92
N PHE A 319 -57.02 12.35 -2.85
CA PHE A 319 -56.20 12.48 -1.63
C PHE A 319 -54.72 12.38 -1.99
N GLN A 320 -54.34 11.34 -2.74
CA GLN A 320 -52.92 11.10 -3.16
C GLN A 320 -52.41 12.18 -4.12
N MET A 321 -53.29 12.73 -4.98
CA MET A 321 -52.89 13.81 -5.92
C MET A 321 -52.53 15.04 -5.09
N ILE A 322 -53.30 15.35 -4.06
CA ILE A 322 -53.11 16.54 -3.20
C ILE A 322 -51.84 16.32 -2.36
N GLN A 323 -51.57 15.08 -1.95
CA GLN A 323 -50.36 14.68 -1.18
C GLN A 323 -49.11 14.77 -2.06
N ALA A 324 -49.23 14.40 -3.33
CA ALA A 324 -48.09 14.36 -4.26
C ALA A 324 -47.56 15.78 -4.57
N TYR A 325 -48.44 16.78 -4.70
CA TYR A 325 -48.04 18.15 -5.14
C TYR A 325 -49.07 19.19 -4.73
N HIS A 326 -48.64 20.32 -4.17
CA HIS A 326 -49.59 21.45 -3.91
C HIS A 326 -48.92 22.81 -4.15
N GLY A 327 -47.79 22.86 -4.86
CA GLY A 327 -47.11 24.12 -5.19
C GLY A 327 -46.21 24.57 -4.06
N PHE A 328 -45.68 23.65 -3.27
CA PHE A 328 -44.77 24.01 -2.15
C PHE A 328 -43.44 24.54 -2.70
N ASP A 329 -42.96 24.03 -3.83
CA ASP A 329 -41.57 24.28 -4.30
C ASP A 329 -41.46 24.17 -5.82
N PRO A 330 -41.06 25.24 -6.52
CA PRO A 330 -40.90 25.22 -7.97
C PRO A 330 -39.67 24.44 -8.47
N THR A 331 -38.92 23.80 -7.56
CA THR A 331 -37.86 22.82 -7.89
C THR A 331 -38.32 21.40 -7.53
N ASN A 332 -39.60 21.20 -7.21
CA ASN A 332 -40.16 19.87 -6.86
C ASN A 332 -40.93 19.35 -8.07
N THR A 333 -41.06 18.02 -8.18
CA THR A 333 -41.86 17.38 -9.24
C THR A 333 -42.56 16.15 -8.68
N ILE A 334 -43.42 15.56 -9.49
CA ILE A 334 -44.19 14.33 -9.15
C ILE A 334 -43.38 13.12 -9.66
N GLY A 335 -43.02 12.20 -8.77
CA GLY A 335 -42.51 10.86 -9.15
C GLY A 335 -43.62 9.93 -9.63
N ALA A 336 -43.28 8.97 -10.48
CA ALA A 336 -44.18 7.91 -10.98
C ALA A 336 -44.86 7.13 -9.84
N LYS A 337 -44.30 7.08 -8.63
CA LYS A 337 -45.00 6.50 -7.45
C LYS A 337 -45.06 7.54 -6.32
N GLY A 338 -45.11 8.82 -6.69
CA GLY A 338 -45.00 9.96 -5.75
C GLY A 338 -43.85 9.71 -4.78
N LEU A 339 -44.06 9.91 -3.47
CA LEU A 339 -43.02 9.57 -2.46
C LEU A 339 -43.49 8.38 -1.64
N THR A 340 -43.87 7.29 -2.30
CA THR A 340 -44.46 6.10 -1.63
C THR A 340 -43.57 4.87 -1.79
N GLY A 341 -42.37 4.99 -2.35
CA GLY A 341 -41.51 3.80 -2.55
C GLY A 341 -40.27 4.10 -3.36
N GLU A 342 -39.50 3.04 -3.62
CA GLU A 342 -38.16 3.13 -4.26
C GLU A 342 -38.29 2.93 -5.76
N ALA A 343 -39.05 1.93 -6.20
CA ALA A 343 -39.30 1.66 -7.65
C ALA A 343 -39.65 2.97 -8.39
N TYR A 344 -38.94 3.26 -9.49
CA TYR A 344 -39.06 4.42 -10.41
C TYR A 344 -38.39 5.65 -9.81
N SER A 345 -37.74 5.51 -8.66
CA SER A 345 -36.62 6.40 -8.24
C SER A 345 -37.10 7.82 -7.95
N GLY A 346 -38.40 8.00 -7.72
CA GLY A 346 -38.99 9.33 -7.55
C GLY A 346 -38.85 10.13 -8.83
N HIS A 347 -38.64 9.44 -9.96
CA HIS A 347 -38.37 10.07 -11.29
C HIS A 347 -39.65 10.68 -11.88
N ALA A 348 -39.53 11.83 -12.52
CA ALA A 348 -40.53 12.48 -13.39
C ALA A 348 -40.42 11.85 -14.76
N PHE A 349 -41.56 11.61 -15.40
CA PHE A 349 -41.66 11.14 -16.80
C PHE A 349 -42.52 12.15 -17.56
N TRP A 350 -42.61 12.01 -18.89
CA TRP A 350 -43.43 12.86 -19.77
C TRP A 350 -44.90 12.88 -19.31
N ASP A 351 -45.30 11.83 -18.54
CA ASP A 351 -46.61 11.63 -17.85
CA ASP A 351 -46.61 11.63 -17.85
C ASP A 351 -47.02 12.87 -17.05
N ASN A 352 -46.04 13.50 -16.41
CA ASN A 352 -46.28 14.68 -15.55
C ASN A 352 -46.97 15.73 -16.40
N GLU A 353 -46.42 15.99 -17.59
CA GLU A 353 -46.85 17.10 -18.46
C GLU A 353 -48.15 16.75 -19.19
N THR A 354 -48.35 15.49 -19.58
CA THR A 354 -49.36 15.11 -20.58
C THR A 354 -50.57 14.43 -19.92
N TYR A 355 -50.49 14.06 -18.64
CA TYR A 355 -51.51 13.22 -17.92
CA TYR A 355 -51.58 13.32 -17.96
C TYR A 355 -51.80 13.78 -16.51
N CYS A 356 -50.75 14.05 -15.74
CA CYS A 356 -50.89 14.56 -14.34
C CYS A 356 -51.28 16.03 -14.31
N LEU A 357 -50.77 16.86 -15.21
CA LEU A 357 -50.91 18.34 -15.11
C LEU A 357 -52.38 18.74 -15.01
N PRO A 358 -53.30 18.21 -15.86
CA PRO A 358 -54.65 18.77 -15.94
C PRO A 358 -55.41 18.86 -14.61
N PHE A 359 -55.27 17.87 -13.73
CA PHE A 359 -55.89 17.94 -12.39
C PHE A 359 -55.47 19.27 -11.73
N TYR A 360 -54.17 19.61 -11.81
CA TYR A 360 -53.61 20.81 -11.12
C TYR A 360 -54.08 22.09 -11.82
N LEU A 361 -54.21 22.07 -13.15
CA LEU A 361 -54.65 23.24 -13.96
C LEU A 361 -56.02 23.69 -13.50
N TYR A 362 -56.90 22.76 -13.09
CA TYR A 362 -58.31 23.02 -12.76
C TYR A 362 -58.54 23.14 -11.25
N SER A 363 -57.50 23.00 -10.42
CA SER A 363 -57.60 23.09 -8.94
C SER A 363 -56.62 24.08 -8.33
N ASN A 364 -55.43 24.28 -8.89
CA ASN A 364 -54.34 24.98 -8.14
C ASN A 364 -53.32 25.54 -9.12
N GLN A 365 -53.47 26.81 -9.49
CA GLN A 365 -52.59 27.42 -10.52
C GLN A 365 -51.11 27.34 -10.11
N GLU A 366 -50.83 27.55 -8.84
CA GLU A 366 -49.44 27.59 -8.31
C GLU A 366 -48.82 26.18 -8.43
N ALA A 367 -49.61 25.13 -8.20
CA ALA A 367 -49.15 23.75 -8.41
C ALA A 367 -48.89 23.52 -9.92
N ALA A 368 -49.84 23.87 -10.79
CA ALA A 368 -49.68 23.74 -12.26
C ALA A 368 -48.42 24.48 -12.72
N LYS A 369 -48.26 25.74 -12.32
CA LYS A 369 -47.10 26.58 -12.72
C LYS A 369 -45.79 25.98 -12.17
N ASP A 370 -45.80 25.45 -10.94
CA ASP A 370 -44.60 24.88 -10.26
C ASP A 370 -44.15 23.62 -10.99
N LEU A 371 -45.08 22.77 -11.44
CA LEU A 371 -44.74 21.59 -12.28
C LEU A 371 -43.93 22.03 -13.50
N ILE A 372 -44.31 23.11 -14.19
CA ILE A 372 -43.55 23.62 -15.37
C ILE A 372 -42.23 24.28 -14.90
N MET A 373 -42.21 24.94 -13.74
CA MET A 373 -40.99 25.65 -13.23
C MET A 373 -39.93 24.61 -12.89
N PHE A 374 -40.37 23.43 -12.44
CA PHE A 374 -39.41 22.32 -12.23
C PHE A 374 -38.60 22.15 -13.50
N ARG A 375 -39.25 22.20 -14.68
CA ARG A 375 -38.60 22.01 -16.01
C ARG A 375 -37.78 23.24 -16.37
N TYR A 376 -38.26 24.44 -16.09
CA TYR A 376 -37.48 25.67 -16.33
C TYR A 376 -36.17 25.56 -15.53
N ASN A 377 -36.26 25.07 -14.30
CA ASN A 377 -35.10 25.07 -13.37
C ASN A 377 -34.17 23.90 -13.68
N THR A 378 -34.52 23.02 -14.62
CA THR A 378 -33.67 21.90 -15.10
C THR A 378 -33.38 22.08 -16.60
N LEU A 379 -33.53 23.31 -17.11
CA LEU A 379 -33.15 23.67 -18.51
C LEU A 379 -31.68 23.34 -18.78
N GLU A 380 -30.76 23.65 -17.85
CA GLU A 380 -29.31 23.50 -18.13
C GLU A 380 -28.99 22.01 -18.34
N GLU A 381 -29.56 21.15 -17.49
CA GLU A 381 -29.42 19.67 -17.60
C GLU A 381 -29.97 19.19 -18.95
N ALA A 382 -31.06 19.78 -19.42
CA ALA A 382 -31.72 19.41 -20.69
C ALA A 382 -30.82 19.83 -21.86
N LYS A 383 -30.07 20.91 -21.71
CA LYS A 383 -29.14 21.40 -22.77
C LYS A 383 -27.93 20.49 -22.84
N ALA A 384 -27.42 20.02 -21.70
CA ALA A 384 -26.30 19.05 -21.65
C ALA A 384 -26.76 17.72 -22.27
N ARG A 385 -28.04 17.35 -22.06
CA ARG A 385 -28.61 16.11 -22.61
C ARG A 385 -28.67 16.20 -24.13
N ALA A 386 -29.10 17.33 -24.68
CA ALA A 386 -29.15 17.56 -26.14
C ALA A 386 -27.74 17.35 -26.72
N LYS A 387 -26.71 17.89 -26.05
CA LYS A 387 -25.29 17.74 -26.48
C LYS A 387 -24.87 16.27 -26.41
N GLU A 388 -25.26 15.51 -25.37
CA GLU A 388 -24.97 14.05 -25.27
C GLU A 388 -25.57 13.31 -26.48
N LEU A 389 -26.63 13.86 -27.10
CA LEU A 389 -27.29 13.31 -28.32
C LEU A 389 -26.86 14.09 -29.58
N ASP A 390 -25.69 14.73 -29.58
CA ASP A 390 -25.12 15.39 -30.79
C ASP A 390 -26.13 16.38 -31.39
N SER A 391 -26.87 17.07 -30.51
CA SER A 391 -27.90 18.06 -30.84
C SER A 391 -27.63 19.33 -30.04
N ILE A 392 -28.41 20.38 -30.27
CA ILE A 392 -28.38 21.66 -29.50
C ILE A 392 -29.77 21.94 -28.90
N GLY A 393 -29.90 23.04 -28.15
CA GLY A 393 -31.16 23.34 -27.45
C GLY A 393 -31.34 22.45 -26.23
N ALA A 394 -32.59 22.13 -25.89
CA ALA A 394 -32.93 21.44 -24.63
C ALA A 394 -33.69 20.14 -24.95
N CYS A 395 -33.09 18.99 -24.64
CA CYS A 395 -33.68 17.64 -24.76
C CYS A 395 -34.03 17.20 -23.35
N PHE A 396 -35.28 17.39 -22.93
CA PHE A 396 -35.73 16.98 -21.59
C PHE A 396 -35.73 15.45 -21.52
N PRO A 397 -35.27 14.89 -20.39
CA PRO A 397 -35.07 13.45 -20.31
C PRO A 397 -36.35 12.61 -20.17
N VAL A 398 -36.24 11.32 -20.51
CA VAL A 398 -37.29 10.28 -20.31
C VAL A 398 -37.56 10.15 -18.81
N ALA A 399 -36.51 9.95 -18.01
CA ALA A 399 -36.63 9.75 -16.55
C ALA A 399 -35.57 10.59 -15.84
N THR A 400 -36.00 11.36 -14.84
CA THR A 400 -35.09 12.25 -14.06
C THR A 400 -35.74 12.67 -12.75
N ARG A 401 -34.90 12.94 -11.72
CA ARG A 401 -35.23 13.89 -10.66
C ARG A 401 -34.39 15.16 -10.76
N ASN A 402 -33.09 15.08 -11.10
CA ASN A 402 -32.18 16.26 -10.99
C ASN A 402 -32.10 17.00 -12.33
N GLY A 403 -32.76 16.51 -13.38
CA GLY A 403 -32.79 17.12 -14.73
C GLY A 403 -31.94 16.35 -15.72
N LYS A 404 -31.00 15.54 -15.24
CA LYS A 404 -30.15 14.70 -16.10
C LYS A 404 -30.91 13.42 -16.47
N GLU A 405 -30.58 12.83 -17.62
CA GLU A 405 -31.18 11.54 -18.02
C GLU A 405 -30.79 10.50 -16.97
N ALA A 406 -31.76 9.79 -16.41
CA ALA A 406 -31.53 8.68 -15.46
C ALA A 406 -31.82 7.33 -16.13
N CYS A 407 -32.51 7.31 -17.26
CA CYS A 407 -32.84 6.09 -18.02
C CYS A 407 -31.59 5.65 -18.80
N ASN A 408 -31.11 4.44 -18.53
CA ASN A 408 -29.85 3.92 -19.12
C ASN A 408 -30.17 2.96 -20.27
N LEU A 409 -31.45 2.90 -20.69
CA LEU A 409 -31.85 2.13 -21.89
C LEU A 409 -31.84 3.09 -23.08
N TRP A 410 -30.79 3.02 -23.90
CA TRP A 410 -30.67 3.89 -25.11
C TRP A 410 -31.96 3.81 -25.96
N GLN A 411 -32.56 2.61 -26.05
CA GLN A 411 -33.77 2.28 -26.84
C GLN A 411 -34.91 3.24 -26.52
N HIS A 412 -34.94 3.82 -25.31
CA HIS A 412 -35.91 4.83 -24.89
C HIS A 412 -35.22 6.19 -24.84
N ALA A 413 -34.07 6.27 -24.15
CA ALA A 413 -33.41 7.57 -23.81
C ALA A 413 -32.89 8.26 -25.07
N SER A 414 -32.50 7.53 -26.11
CA SER A 414 -31.93 8.11 -27.36
C SER A 414 -33.02 8.31 -28.40
N THR A 415 -34.24 7.78 -28.17
CA THR A 415 -35.23 7.63 -29.26
C THR A 415 -36.53 8.41 -29.03
N GLN A 416 -36.87 8.76 -27.78
CA GLN A 416 -38.21 9.28 -27.41
C GLN A 416 -38.09 10.75 -27.04
N PHE A 417 -38.73 11.64 -27.79
CA PHE A 417 -38.68 13.10 -27.51
C PHE A 417 -40.00 13.57 -26.91
N GLN A 418 -40.88 12.63 -26.54
CA GLN A 418 -42.15 12.95 -25.85
C GLN A 418 -41.90 13.79 -24.61
N PRO A 419 -40.77 13.72 -23.87
CA PRO A 419 -40.61 14.62 -22.72
C PRO A 419 -40.46 16.09 -23.14
N SER A 420 -39.76 16.34 -24.24
CA SER A 420 -39.48 17.68 -24.80
C SER A 420 -40.77 18.28 -25.38
N THR A 421 -41.48 17.58 -26.25
CA THR A 421 -42.81 18.06 -26.72
C THR A 421 -43.79 18.09 -25.54
N GLY A 422 -43.61 17.24 -24.53
CA GLY A 422 -44.46 17.24 -23.33
C GLY A 422 -44.35 18.53 -22.52
N VAL A 423 -43.13 19.04 -22.34
CA VAL A 423 -42.92 20.39 -21.73
C VAL A 423 -43.55 21.45 -22.64
N PHE A 424 -43.37 21.39 -23.96
CA PHE A 424 -44.02 22.35 -24.89
C PHE A 424 -45.53 22.34 -24.62
N TYR A 425 -46.16 21.16 -24.62
CA TYR A 425 -47.62 21.00 -24.45
C TYR A 425 -48.08 21.53 -23.07
N ALA A 426 -47.34 21.26 -22.00
CA ALA A 426 -47.64 21.80 -20.66
C ALA A 426 -47.66 23.33 -20.71
N ILE A 427 -46.65 23.97 -21.32
CA ILE A 427 -46.62 25.46 -21.43
C ILE A 427 -47.89 25.93 -22.12
N TYR A 428 -48.19 25.35 -23.29
CA TYR A 428 -49.39 25.59 -24.12
C TYR A 428 -50.68 25.36 -23.31
N HIS A 429 -50.80 24.23 -22.62
CA HIS A 429 -52.00 23.87 -21.83
C HIS A 429 -52.17 24.89 -20.70
N TYR A 430 -51.07 25.25 -20.05
CA TYR A 430 -51.04 26.21 -18.92
C TYR A 430 -51.57 27.59 -19.39
N MET A 431 -51.04 28.05 -20.53
CA MET A 431 -51.40 29.36 -21.12
C MET A 431 -52.87 29.27 -21.56
N LYS A 432 -53.32 28.11 -22.01
CA LYS A 432 -54.71 27.94 -22.49
C LYS A 432 -55.69 28.06 -21.32
N ILE A 433 -55.31 27.65 -20.11
CA ILE A 433 -56.20 27.74 -18.91
C ILE A 433 -56.04 29.12 -18.25
N TYR A 434 -54.85 29.70 -18.20
CA TYR A 434 -54.54 30.88 -17.35
C TYR A 434 -54.01 32.10 -18.12
N ASN A 435 -53.65 31.94 -19.38
CA ASN A 435 -53.04 33.00 -20.23
C ASN A 435 -52.15 33.91 -19.37
N ASP A 436 -51.14 33.32 -18.72
CA ASP A 436 -50.24 33.97 -17.74
C ASP A 436 -49.10 34.67 -18.48
N HIS A 437 -49.29 35.95 -18.83
CA HIS A 437 -48.36 36.75 -19.66
C HIS A 437 -46.95 36.77 -19.03
N LYS A 438 -46.87 37.01 -17.72
CA LYS A 438 -45.59 37.12 -16.97
C LYS A 438 -44.81 35.81 -16.97
N PHE A 439 -45.48 34.68 -16.76
CA PHE A 439 -44.85 33.34 -16.88
C PHE A 439 -44.22 33.21 -18.29
N MET A 440 -44.96 33.54 -19.35
CA MET A 440 -44.47 33.34 -20.74
C MET A 440 -43.24 34.25 -20.96
N GLN A 441 -43.35 35.54 -20.66
CA GLN A 441 -42.25 36.53 -20.84
C GLN A 441 -41.01 36.07 -20.04
N ASN A 442 -41.16 35.80 -18.75
CA ASN A 442 -40.00 35.59 -17.83
C ASN A 442 -39.39 34.19 -18.03
N TYR A 443 -40.16 33.20 -18.52
CA TYR A 443 -39.77 31.76 -18.52
C TYR A 443 -40.16 31.04 -19.82
N GLY A 444 -41.44 31.12 -20.20
CA GLY A 444 -42.06 30.28 -21.25
C GLY A 444 -41.33 30.35 -22.56
N ILE A 445 -41.14 31.55 -23.08
CA ILE A 445 -40.52 31.80 -24.41
C ILE A 445 -39.15 31.12 -24.43
N GLU A 446 -38.33 31.34 -23.39
CA GLU A 446 -36.98 30.74 -23.31
C GLU A 446 -37.06 29.21 -23.47
N MET A 447 -37.95 28.57 -22.70
CA MET A 447 -38.17 27.09 -22.72
C MET A 447 -38.60 26.66 -24.12
N LEU A 448 -39.46 27.44 -24.77
CA LEU A 448 -40.02 27.07 -26.11
C LEU A 448 -38.91 27.19 -27.18
N VAL A 449 -38.05 28.21 -27.08
CA VAL A 449 -36.96 28.43 -28.09
C VAL A 449 -35.95 27.30 -27.93
N GLU A 450 -35.58 26.97 -26.69
CA GLU A 450 -34.60 25.89 -26.40
C GLU A 450 -35.15 24.56 -26.91
N ILE A 451 -36.43 24.23 -26.65
CA ILE A 451 -37.02 22.93 -27.08
C ILE A 451 -37.06 22.91 -28.61
N SER A 452 -37.49 24.00 -29.25
CA SER A 452 -37.54 24.11 -30.73
C SER A 452 -36.14 23.90 -31.31
N LYS A 453 -35.10 24.52 -30.73
CA LYS A 453 -33.69 24.34 -31.17
C LYS A 453 -33.31 22.86 -31.17
N PHE A 454 -33.65 22.11 -30.10
CA PHE A 454 -33.37 20.66 -30.04
C PHE A 454 -34.10 19.93 -31.17
N LEU A 455 -35.39 20.23 -31.36
CA LEU A 455 -36.26 19.52 -32.33
C LEU A 455 -35.72 19.77 -33.74
N LEU A 456 -35.20 20.97 -34.00
CA LEU A 456 -34.67 21.39 -35.34
C LEU A 456 -33.29 20.78 -35.61
N SER A 457 -32.50 20.49 -34.58
CA SER A 457 -31.17 19.85 -34.70
C SER A 457 -31.26 18.32 -34.72
N ARG A 458 -32.16 17.72 -33.95
CA ARG A 458 -32.28 16.24 -33.87
C ARG A 458 -33.15 15.79 -35.06
N GLY A 459 -34.14 16.63 -35.41
CA GLY A 459 -34.88 16.48 -36.67
C GLY A 459 -33.96 16.65 -37.86
N GLN A 460 -34.18 15.93 -38.95
CA GLN A 460 -33.34 16.01 -40.17
C GLN A 460 -34.23 16.11 -41.41
N TYR A 461 -33.66 16.68 -42.48
CA TYR A 461 -34.25 16.59 -43.84
C TYR A 461 -33.93 15.22 -44.40
N ASN A 462 -34.83 14.70 -45.23
CA ASN A 462 -34.67 13.47 -46.04
C ASN A 462 -33.53 13.66 -47.07
N GLN A 463 -33.30 12.64 -47.91
CA GLN A 463 -32.16 12.54 -48.84
C GLN A 463 -32.11 13.80 -49.73
N ASP A 464 -33.21 14.16 -50.42
CA ASP A 464 -33.26 15.29 -51.38
C ASP A 464 -33.78 16.57 -50.71
N LYS A 465 -33.99 16.56 -49.40
CA LYS A 465 -34.32 17.75 -48.55
C LYS A 465 -35.70 18.35 -48.91
N THR A 466 -36.59 17.59 -49.55
CA THR A 466 -38.00 17.99 -49.82
C THR A 466 -38.89 17.65 -48.61
N LYS A 467 -38.39 16.91 -47.61
CA LYS A 467 -39.17 16.52 -46.41
C LYS A 467 -38.32 16.71 -45.16
N PHE A 468 -38.96 17.01 -44.04
CA PHE A 468 -38.35 17.10 -42.68
C PHE A 468 -39.05 16.07 -41.79
N SER A 469 -38.29 15.35 -40.95
CA SER A 469 -38.88 14.38 -40.00
C SER A 469 -37.94 14.10 -38.83
N PHE A 470 -38.28 13.11 -38.00
CA PHE A 470 -37.36 12.53 -37.01
C PHE A 470 -37.13 11.10 -37.46
N TYR A 471 -35.87 10.72 -37.59
CA TYR A 471 -35.38 9.39 -37.99
C TYR A 471 -34.84 8.70 -36.74
N GLY A 472 -35.03 7.39 -36.63
CA GLY A 472 -34.45 6.53 -35.58
C GLY A 472 -35.07 6.87 -34.25
N VAL A 473 -36.40 6.87 -34.20
CA VAL A 473 -37.15 7.37 -33.01
C VAL A 473 -38.09 6.28 -32.49
N MET A 474 -38.73 6.62 -31.39
CA MET A 474 -39.79 5.82 -30.75
C MET A 474 -40.83 6.81 -30.22
N GLY A 475 -42.10 6.57 -30.53
CA GLY A 475 -43.22 7.37 -30.02
C GLY A 475 -43.61 6.85 -28.64
N PRO A 476 -44.76 7.28 -28.08
CA PRO A 476 -45.26 6.69 -26.83
C PRO A 476 -45.44 5.16 -26.91
N ASP A 477 -45.77 4.61 -28.08
CA ASP A 477 -45.88 3.14 -28.32
C ASP A 477 -44.47 2.58 -28.31
N GLU A 478 -44.05 2.00 -27.19
CA GLU A 478 -42.66 1.53 -27.02
C GLU A 478 -42.43 0.24 -27.78
N PHE A 479 -43.44 -0.28 -28.47
CA PHE A 479 -43.31 -1.51 -29.28
C PHE A 479 -42.82 -1.16 -30.69
N LYS A 480 -42.47 0.09 -30.96
CA LYS A 480 -41.93 0.53 -32.28
C LYS A 480 -40.62 1.30 -32.07
N LEU A 481 -39.51 0.68 -32.46
CA LEU A 481 -38.11 1.13 -32.16
C LEU A 481 -37.33 1.43 -33.45
N MET A 482 -36.71 2.62 -33.52
CA MET A 482 -35.83 3.05 -34.65
C MET A 482 -36.72 3.10 -35.89
N VAL A 483 -37.93 3.61 -35.73
CA VAL A 483 -38.83 3.88 -36.89
C VAL A 483 -38.60 5.30 -37.35
N ASN A 484 -39.11 5.61 -38.53
CA ASN A 484 -39.07 6.94 -39.15
C ASN A 484 -40.50 7.45 -39.34
N HIS A 485 -40.69 8.78 -39.26
CA HIS A 485 -42.00 9.42 -39.52
C HIS A 485 -43.02 8.89 -38.51
N ASN A 486 -42.61 8.77 -37.22
CA ASN A 486 -43.57 8.56 -36.12
C ASN A 486 -44.45 9.81 -36.05
N THR A 487 -45.77 9.63 -36.19
CA THR A 487 -46.70 10.77 -36.35
C THR A 487 -46.79 11.53 -35.04
N TYR A 488 -46.84 10.86 -33.90
CA TYR A 488 -46.84 11.58 -32.60
C TYR A 488 -45.64 12.55 -32.55
N THR A 489 -44.44 12.03 -32.79
CA THR A 489 -43.18 12.84 -32.75
C THR A 489 -43.29 14.05 -33.69
N ASN A 490 -43.67 13.82 -34.96
CA ASN A 490 -43.65 14.87 -36.00
C ASN A 490 -44.76 15.88 -35.72
N PHE A 491 -45.96 15.36 -35.40
CA PHE A 491 -47.16 16.18 -35.13
C PHE A 491 -46.84 17.11 -33.95
N MET A 492 -46.39 16.56 -32.83
CA MET A 492 -46.13 17.35 -31.61
C MET A 492 -44.99 18.37 -31.85
N ALA A 493 -43.95 18.01 -32.62
CA ALA A 493 -42.83 18.90 -33.00
C ALA A 493 -43.36 20.07 -33.83
N LYS A 494 -44.16 19.77 -34.86
CA LYS A 494 -44.82 20.78 -35.72
C LYS A 494 -45.69 21.69 -34.83
N LYS A 495 -46.41 21.13 -33.85
CA LYS A 495 -47.22 21.96 -32.90
C LYS A 495 -46.30 22.86 -32.08
N CYS A 496 -45.14 22.37 -31.66
CA CYS A 496 -44.16 23.20 -30.93
C CYS A 496 -43.73 24.39 -31.81
N PHE A 497 -43.39 24.13 -33.07
CA PHE A 497 -42.85 25.14 -34.00
C PHE A 497 -43.91 26.24 -34.21
N GLN A 498 -45.16 25.84 -34.43
CA GLN A 498 -46.25 26.79 -34.74
C GLN A 498 -46.59 27.61 -33.50
N TYR A 499 -46.54 27.04 -32.29
CA TYR A 499 -46.80 27.81 -31.05
C TYR A 499 -45.71 28.89 -30.87
N LEU A 500 -44.44 28.51 -31.03
CA LEU A 500 -43.33 29.46 -30.81
C LEU A 500 -43.48 30.61 -31.82
N ASP A 501 -43.64 30.25 -33.09
CA ASP A 501 -43.91 31.19 -34.20
C ASP A 501 -44.97 32.23 -33.80
N LYS A 502 -46.15 31.78 -33.34
CA LYS A 502 -47.27 32.64 -32.89
C LYS A 502 -46.86 33.48 -31.66
N ILE A 503 -46.13 32.93 -30.70
CA ILE A 503 -45.65 33.76 -29.55
C ILE A 503 -44.64 34.82 -30.02
N LEU A 504 -43.76 34.51 -30.97
CA LEU A 504 -42.73 35.47 -31.45
C LEU A 504 -43.41 36.60 -32.23
N ALA A 505 -44.57 36.36 -32.84
CA ALA A 505 -45.36 37.34 -33.62
C ALA A 505 -46.35 38.12 -32.73
N ASP A 506 -46.30 37.93 -31.41
CA ASP A 506 -47.17 38.67 -30.46
C ASP A 506 -46.32 39.79 -29.87
N LYS A 507 -46.57 41.01 -30.35
CA LYS A 507 -45.73 42.19 -30.06
C LYS A 507 -45.96 42.65 -28.61
N THR A 508 -46.88 42.02 -27.86
CA THR A 508 -47.01 42.28 -26.39
C THR A 508 -45.89 41.55 -25.63
N TYR A 509 -45.16 40.63 -26.29
CA TYR A 509 -43.97 39.96 -25.72
C TYR A 509 -42.71 40.57 -26.36
N LYS A 510 -41.67 40.79 -25.57
CA LYS A 510 -40.35 41.26 -26.06
C LYS A 510 -39.46 40.03 -26.20
N THR A 511 -39.16 39.68 -27.45
CA THR A 511 -38.48 38.44 -27.89
C THR A 511 -37.12 38.82 -28.51
N ASP A 512 -36.34 39.67 -27.84
CA ASP A 512 -35.04 40.20 -28.36
C ASP A 512 -33.89 39.65 -27.52
N LYS A 513 -33.85 39.98 -26.24
CA LYS A 513 -32.80 39.53 -25.29
C LYS A 513 -32.90 38.01 -25.11
N ILE A 514 -34.08 37.41 -25.31
CA ILE A 514 -34.31 35.95 -25.12
C ILE A 514 -33.72 35.20 -26.33
N LEU A 515 -34.13 35.57 -27.54
CA LEU A 515 -33.62 34.92 -28.78
C LEU A 515 -32.09 35.05 -28.84
N ASP A 516 -31.56 36.24 -28.52
CA ASP A 516 -30.09 36.49 -28.49
C ASP A 516 -29.43 35.54 -27.49
N LYS A 517 -29.93 35.50 -26.25
CA LYS A 517 -29.33 34.68 -25.15
C LYS A 517 -29.34 33.19 -25.54
N CYS A 518 -30.37 32.75 -26.27
CA CYS A 518 -30.59 31.35 -26.71
C CYS A 518 -29.81 31.02 -27.99
N GLY A 519 -29.30 32.05 -28.70
CA GLY A 519 -28.63 31.92 -30.00
C GLY A 519 -29.62 31.57 -31.11
N PHE A 520 -30.80 32.17 -31.10
CA PHE A 520 -31.86 31.84 -32.09
C PHE A 520 -31.93 33.00 -33.10
N THR A 521 -31.39 32.75 -34.30
CA THR A 521 -31.13 33.78 -35.35
C THR A 521 -32.28 33.77 -36.36
N LYS A 522 -32.35 34.80 -37.20
CA LYS A 522 -33.36 34.90 -38.30
C LYS A 522 -33.26 33.64 -39.16
N LYS A 523 -32.07 33.04 -39.21
CA LYS A 523 -31.74 31.85 -40.03
C LYS A 523 -32.34 30.61 -39.37
N ASP A 524 -32.31 30.53 -38.04
CA ASP A 524 -32.96 29.43 -37.28
C ASP A 524 -34.48 29.54 -37.51
N LEU A 525 -35.03 30.76 -37.48
CA LEU A 525 -36.49 31.00 -37.68
C LEU A 525 -36.92 30.60 -39.08
N ALA A 526 -36.07 30.82 -40.09
CA ALA A 526 -36.35 30.42 -41.49
C ALA A 526 -36.30 28.90 -41.58
N LYS A 527 -35.33 28.28 -40.90
CA LYS A 527 -35.28 26.79 -40.85
C LYS A 527 -36.57 26.30 -40.17
N MET A 528 -36.96 26.91 -39.05
CA MET A 528 -38.15 26.46 -38.27
C MET A 528 -39.38 26.51 -39.16
N LYS A 529 -39.58 27.61 -39.89
CA LYS A 529 -40.72 27.74 -40.84
C LYS A 529 -40.63 26.64 -41.90
N ASP A 530 -39.47 26.43 -42.51
CA ASP A 530 -39.34 25.44 -43.61
C ASP A 530 -39.56 24.02 -43.02
N ALA A 531 -39.03 23.71 -41.83
CA ALA A 531 -39.17 22.36 -41.23
C ALA A 531 -40.65 22.11 -40.89
N SER A 532 -41.34 23.16 -40.42
CA SER A 532 -42.77 23.12 -40.06
C SER A 532 -43.59 22.77 -41.29
N ARG A 533 -43.32 23.41 -42.42
CA ARG A 533 -44.07 23.23 -43.69
C ARG A 533 -43.79 21.83 -44.26
N LYS A 534 -42.55 21.36 -44.16
CA LYS A 534 -42.14 20.11 -44.86
C LYS A 534 -42.27 18.89 -43.93
N MET A 535 -42.71 19.08 -42.69
CA MET A 535 -42.80 18.00 -41.69
C MET A 535 -43.67 16.88 -42.25
N VAL A 536 -43.11 15.67 -42.28
CA VAL A 536 -43.84 14.46 -42.76
C VAL A 536 -44.94 14.19 -41.74
N ILE A 537 -46.18 14.07 -42.24
CA ILE A 537 -47.40 13.70 -41.47
C ILE A 537 -48.15 12.66 -42.32
N LEU A 538 -48.07 11.38 -41.93
CA LEU A 538 -48.68 10.27 -42.69
C LEU A 538 -50.19 10.27 -42.41
N TYR A 539 -50.93 11.07 -43.18
CA TYR A 539 -52.37 11.26 -43.00
C TYR A 539 -53.04 11.02 -44.36
N ASP A 540 -54.06 10.16 -44.37
CA ASP A 540 -54.81 9.84 -45.61
C ASP A 540 -56.17 10.57 -45.56
N LYS A 541 -56.44 11.49 -46.50
CA LYS A 541 -57.69 12.30 -46.47
C LYS A 541 -58.91 11.43 -46.82
N GLU A 542 -58.72 10.28 -47.47
CA GLU A 542 -59.83 9.35 -47.82
C GLU A 542 -60.25 8.54 -46.60
N THR A 543 -59.30 7.88 -45.90
CA THR A 543 -59.61 6.96 -44.77
C THR A 543 -59.71 7.75 -43.46
N LEU A 544 -59.17 8.97 -43.45
CA LEU A 544 -59.07 9.85 -42.25
C LEU A 544 -58.07 9.27 -41.24
N LEU A 545 -57.22 8.30 -41.63
CA LEU A 545 -56.26 7.62 -40.69
C LEU A 545 -54.92 8.38 -40.68
N PHE A 546 -54.30 8.51 -39.51
CA PHE A 546 -52.84 8.71 -39.37
C PHE A 546 -52.17 7.35 -39.36
N GLU A 547 -51.03 7.23 -40.04
CA GLU A 547 -50.21 5.99 -39.96
C GLU A 547 -49.22 6.24 -38.82
N GLN A 548 -49.11 5.31 -37.87
CA GLN A 548 -48.36 5.53 -36.61
C GLN A 548 -46.90 5.83 -36.93
N ASN A 549 -46.34 5.11 -37.90
CA ASN A 549 -44.97 5.37 -38.41
C ASN A 549 -44.88 4.82 -39.84
N ASP A 550 -43.83 5.19 -40.56
CA ASP A 550 -43.59 4.71 -41.95
C ASP A 550 -43.54 3.18 -41.88
N GLY A 551 -44.35 2.51 -42.68
CA GLY A 551 -44.37 1.04 -42.80
C GLY A 551 -45.22 0.38 -41.71
N PHE A 552 -45.88 1.15 -40.84
CA PHE A 552 -46.72 0.58 -39.76
C PHE A 552 -47.85 -0.28 -40.34
N PHE A 553 -48.65 0.22 -41.28
CA PHE A 553 -49.86 -0.46 -41.82
C PHE A 553 -49.53 -1.83 -42.40
N ASP A 554 -48.35 -1.98 -43.02
CA ASP A 554 -47.92 -3.18 -43.78
C ASP A 554 -47.25 -4.22 -42.87
N MET A 555 -47.09 -3.97 -41.57
CA MET A 555 -46.39 -4.90 -40.65
C MET A 555 -47.19 -6.19 -40.56
N PRO A 556 -46.54 -7.31 -40.17
CA PRO A 556 -47.24 -8.55 -39.85
C PRO A 556 -48.35 -8.28 -38.83
N HIS A 557 -49.52 -8.85 -39.09
CA HIS A 557 -50.73 -8.71 -38.24
C HIS A 557 -50.70 -9.79 -37.17
N VAL A 558 -50.79 -9.40 -35.89
CA VAL A 558 -51.14 -10.33 -34.78
C VAL A 558 -52.42 -9.83 -34.12
N ASP A 559 -53.41 -10.71 -34.04
CA ASP A 559 -54.68 -10.44 -33.34
C ASP A 559 -54.39 -10.66 -31.84
N ILE A 560 -54.47 -9.58 -31.06
CA ILE A 560 -54.19 -9.60 -29.61
C ILE A 560 -55.05 -10.67 -28.91
N LYS A 561 -56.24 -10.98 -29.44
CA LYS A 561 -57.18 -11.97 -28.85
C LYS A 561 -56.58 -13.38 -28.88
N THR A 562 -55.54 -13.63 -29.69
CA THR A 562 -54.90 -14.97 -29.83
C THR A 562 -53.72 -15.11 -28.86
N ILE A 563 -53.35 -14.05 -28.17
CA ILE A 563 -52.27 -14.12 -27.15
C ILE A 563 -52.90 -14.78 -25.93
N LYS A 564 -52.34 -15.92 -25.51
CA LYS A 564 -52.83 -16.68 -24.32
C LYS A 564 -52.42 -15.89 -23.08
N ASP A 565 -53.01 -16.22 -21.93
CA ASP A 565 -52.75 -15.55 -20.63
C ASP A 565 -51.40 -16.01 -20.08
N GLU A 566 -51.05 -17.28 -20.30
CA GLU A 566 -49.72 -17.86 -19.92
C GLU A 566 -48.58 -17.02 -20.50
N GLU A 567 -48.84 -16.28 -21.60
CA GLU A 567 -47.83 -15.47 -22.35
C GLU A 567 -47.80 -14.02 -21.82
N MET A 568 -48.49 -13.74 -20.72
CA MET A 568 -48.53 -12.38 -20.15
C MET A 568 -47.76 -12.37 -18.82
N PRO A 569 -46.98 -11.30 -18.53
CA PRO A 569 -46.76 -10.20 -19.47
C PRO A 569 -45.81 -10.65 -20.62
N ILE A 570 -45.81 -9.90 -21.72
CA ILE A 570 -45.11 -10.25 -23.00
C ILE A 570 -43.60 -10.38 -22.73
N TYR A 571 -43.01 -9.43 -22.02
CA TYR A 571 -41.53 -9.27 -21.86
C TYR A 571 -40.97 -10.52 -21.15
N SER A 572 -41.80 -11.22 -20.38
CA SER A 572 -41.44 -12.41 -19.56
C SER A 572 -41.61 -13.70 -20.37
N HIS A 573 -42.35 -13.68 -21.49
CA HIS A 573 -42.68 -14.92 -22.24
C HIS A 573 -42.16 -14.87 -23.68
N TRP A 574 -42.05 -13.71 -24.32
CA TRP A 574 -41.59 -13.54 -25.73
C TRP A 574 -40.11 -13.18 -25.78
N SER A 575 -39.37 -13.69 -26.75
CA SER A 575 -38.00 -13.23 -27.09
C SER A 575 -38.02 -11.71 -27.22
N TYR A 576 -37.01 -11.05 -26.70
CA TYR A 576 -36.90 -9.58 -26.64
C TYR A 576 -37.37 -8.92 -27.96
N ASP A 577 -36.83 -9.30 -29.11
CA ASP A 577 -37.10 -8.57 -30.38
C ASP A 577 -38.54 -8.77 -30.86
N ARG A 578 -39.22 -9.84 -30.46
CA ARG A 578 -40.44 -10.27 -31.19
C ARG A 578 -41.55 -9.22 -31.13
N ILE A 579 -41.77 -8.57 -30.00
CA ILE A 579 -42.88 -7.57 -29.87
C ILE A 579 -42.71 -6.43 -30.90
N TYR A 580 -41.50 -6.10 -31.33
CA TYR A 580 -41.25 -4.90 -32.20
C TYR A 580 -41.73 -5.14 -33.62
N ARG A 581 -41.80 -6.41 -34.06
CA ARG A 581 -41.98 -6.71 -35.51
C ARG A 581 -43.40 -7.21 -35.78
N THR A 582 -44.38 -6.67 -35.04
CA THR A 582 -45.83 -6.94 -35.20
C THR A 582 -46.55 -5.59 -35.30
N ASP A 583 -47.89 -5.62 -35.31
CA ASP A 583 -48.75 -4.41 -35.30
C ASP A 583 -49.48 -4.34 -33.95
N ILE A 584 -48.88 -4.93 -32.92
CA ILE A 584 -49.37 -4.85 -31.52
C ILE A 584 -48.76 -3.58 -30.93
N ILE A 585 -49.60 -2.75 -30.30
CA ILE A 585 -49.26 -1.41 -29.77
C ILE A 585 -49.37 -1.45 -28.24
N LYS A 586 -48.41 -0.82 -27.57
CA LYS A 586 -48.36 -0.81 -26.10
C LYS A 586 -49.43 0.13 -25.57
N GLN A 587 -49.53 1.34 -26.13
CA GLN A 587 -50.31 2.42 -25.50
C GLN A 587 -50.63 3.45 -26.57
N PRO A 588 -51.50 4.42 -26.27
CA PRO A 588 -51.84 5.44 -27.25
C PRO A 588 -50.60 6.10 -27.86
N ASP A 589 -50.56 6.14 -29.19
CA ASP A 589 -49.51 6.86 -29.96
C ASP A 589 -50.23 7.89 -30.84
N VAL A 590 -50.86 7.45 -31.93
CA VAL A 590 -51.76 8.32 -32.74
C VAL A 590 -52.86 8.87 -31.82
N LEU A 591 -53.49 7.99 -31.02
CA LEU A 591 -54.66 8.35 -30.18
C LEU A 591 -54.22 9.29 -29.06
N MET A 592 -52.94 9.24 -28.69
CA MET A 592 -52.36 10.20 -27.72
C MET A 592 -52.41 11.63 -28.31
N PHE A 593 -51.89 11.89 -29.50
CA PHE A 593 -51.88 13.30 -29.99
C PHE A 593 -53.33 13.69 -30.34
N MET A 594 -54.17 12.75 -30.72
CA MET A 594 -55.58 13.03 -31.04
C MET A 594 -56.29 13.42 -29.73
N PHE A 595 -55.96 12.77 -28.60
CA PHE A 595 -56.50 13.17 -27.27
C PHE A 595 -56.02 14.59 -26.90
N LEU A 596 -54.71 14.87 -27.06
CA LEU A 596 -54.10 16.15 -26.55
C LEU A 596 -54.68 17.33 -27.35
N TYR A 597 -55.25 17.05 -28.50
CA TYR A 597 -55.80 18.02 -29.47
C TYR A 597 -57.19 17.56 -29.95
N MET A 598 -57.98 16.98 -29.06
CA MET A 598 -59.33 16.41 -29.36
CA MET A 598 -59.31 16.40 -29.40
C MET A 598 -60.21 17.47 -30.04
N GLU A 599 -60.03 18.75 -29.69
CA GLU A 599 -60.87 19.87 -30.22
C GLU A 599 -60.70 20.03 -31.74
N GLU A 600 -59.61 19.58 -32.36
CA GLU A 600 -59.33 19.80 -33.80
CA GLU A 600 -59.42 19.84 -33.81
C GLU A 600 -59.79 18.60 -34.65
N PHE A 601 -60.23 17.50 -34.03
CA PHE A 601 -60.55 16.29 -34.82
C PHE A 601 -62.04 16.05 -34.79
N SER A 602 -62.61 15.74 -35.95
CA SER A 602 -64.06 15.50 -36.12
C SER A 602 -64.40 14.15 -35.49
N GLN A 603 -65.69 13.90 -35.28
CA GLN A 603 -66.24 12.58 -34.87
C GLN A 603 -65.67 11.49 -35.77
N LYS A 604 -65.63 11.73 -37.07
CA LYS A 604 -65.27 10.71 -38.09
C LYS A 604 -63.77 10.42 -38.02
N GLN A 605 -62.93 11.43 -37.78
CA GLN A 605 -61.45 11.24 -37.67
C GLN A 605 -61.10 10.39 -36.45
N LEU A 606 -61.67 10.74 -35.30
CA LEU A 606 -61.49 9.97 -34.04
C LEU A 606 -62.00 8.54 -34.22
N LEU A 607 -63.16 8.35 -34.86
CA LEU A 607 -63.73 6.98 -34.96
C LEU A 607 -62.86 6.15 -35.92
N ALA A 608 -62.40 6.72 -37.02
CA ALA A 608 -61.56 5.97 -37.99
C ALA A 608 -60.28 5.52 -37.26
N ASN A 609 -59.61 6.42 -36.56
CA ASN A 609 -58.32 6.12 -35.89
C ASN A 609 -58.57 5.21 -34.68
N TYR A 610 -59.66 5.43 -33.96
CA TYR A 610 -60.02 4.60 -32.80
C TYR A 610 -60.22 3.16 -33.29
N ASN A 611 -60.98 3.00 -34.37
CA ASN A 611 -61.38 1.68 -34.89
C ASN A 611 -60.12 0.95 -35.38
N TYR A 612 -59.15 1.65 -35.95
CA TYR A 612 -57.90 0.99 -36.43
C TYR A 612 -56.97 0.65 -35.25
N TYR A 613 -56.75 1.56 -34.30
CA TYR A 613 -55.67 1.44 -33.28
C TYR A 613 -56.12 0.79 -31.97
N GLU A 614 -57.34 1.05 -31.47
CA GLU A 614 -57.81 0.45 -30.21
C GLU A 614 -57.66 -1.08 -30.26
N PRO A 615 -58.13 -1.83 -31.29
CA PRO A 615 -58.01 -3.30 -31.28
C PRO A 615 -56.60 -3.88 -31.51
N ARG A 616 -55.64 -3.06 -31.93
CA ARG A 616 -54.20 -3.41 -31.98
C ARG A 616 -53.48 -3.05 -30.68
N THR A 617 -54.15 -2.46 -29.70
CA THR A 617 -53.50 -1.88 -28.48
C THR A 617 -53.64 -2.87 -27.30
N LEU A 618 -52.50 -3.29 -26.76
CA LEU A 618 -52.44 -4.28 -25.65
C LEU A 618 -52.95 -3.63 -24.36
N HIS A 619 -52.78 -2.32 -24.21
CA HIS A 619 -53.23 -1.58 -23.00
C HIS A 619 -52.31 -1.98 -21.85
N GLU A 620 -51.00 -2.14 -22.14
CA GLU A 620 -49.99 -2.53 -21.12
C GLU A 620 -50.04 -1.45 -20.05
N SER A 621 -49.52 -0.26 -20.39
CA SER A 621 -49.36 0.88 -19.47
C SER A 621 -50.66 1.25 -18.76
N SER A 622 -50.49 1.83 -17.57
CA SER A 622 -51.60 2.40 -16.77
C SER A 622 -52.17 3.62 -17.51
N LEU A 623 -51.50 4.03 -18.58
CA LEU A 623 -51.78 5.25 -19.38
C LEU A 623 -52.91 4.99 -20.39
N SER A 624 -53.11 3.74 -20.81
CA SER A 624 -53.87 3.38 -22.02
C SER A 624 -55.38 3.37 -21.77
N PRO A 625 -55.91 2.67 -20.75
CA PRO A 625 -57.36 2.53 -20.59
C PRO A 625 -58.15 3.85 -20.54
N SER A 626 -57.63 4.84 -19.83
CA SER A 626 -58.31 6.15 -19.63
C SER A 626 -58.39 6.94 -20.95
N ILE A 627 -57.35 6.89 -21.78
CA ILE A 627 -57.31 7.65 -23.06
C ILE A 627 -58.36 7.06 -23.99
N HIS A 628 -58.40 5.74 -24.08
CA HIS A 628 -59.36 5.01 -24.93
C HIS A 628 -60.80 5.24 -24.40
N SER A 629 -61.00 5.23 -23.07
CA SER A 629 -62.33 5.51 -22.46
C SER A 629 -62.77 6.91 -22.88
N ILE A 630 -61.85 7.89 -22.81
CA ILE A 630 -62.18 9.32 -23.06
C ILE A 630 -62.57 9.47 -24.52
N ILE A 631 -61.77 8.90 -25.42
CA ILE A 631 -62.04 8.99 -26.89
C ILE A 631 -63.34 8.23 -27.18
N ALA A 632 -63.54 7.03 -26.62
CA ALA A 632 -64.78 6.24 -26.80
C ALA A 632 -65.99 7.09 -26.42
N SER A 633 -65.97 7.74 -25.26
CA SER A 633 -67.07 8.63 -24.81
C SER A 633 -67.34 9.71 -25.88
N LYS A 634 -66.28 10.39 -26.33
CA LYS A 634 -66.32 11.52 -27.31
C LYS A 634 -67.03 11.06 -28.60
N ILE A 635 -66.90 9.80 -29.00
CA ILE A 635 -67.48 9.30 -30.28
C ILE A 635 -68.74 8.43 -30.03
N GLY A 636 -69.34 8.47 -28.85
CA GLY A 636 -70.64 7.83 -28.56
C GLY A 636 -70.54 6.33 -28.34
N LEU A 637 -69.35 5.76 -28.10
CA LEU A 637 -69.17 4.30 -27.81
C LEU A 637 -69.22 4.07 -26.29
N GLU A 638 -70.44 4.09 -25.75
CA GLU A 638 -70.71 4.11 -24.29
C GLU A 638 -70.23 2.81 -23.65
N LYS A 639 -70.36 1.68 -24.35
CA LYS A 639 -70.00 0.35 -23.81
C LYS A 639 -68.49 0.30 -23.60
N ASP A 640 -67.72 0.55 -24.66
CA ASP A 640 -66.25 0.72 -24.61
C ASP A 640 -65.85 1.76 -23.55
N ALA A 641 -66.50 2.92 -23.51
CA ALA A 641 -66.15 3.99 -22.54
C ALA A 641 -66.23 3.39 -21.13
N ASN A 642 -67.30 2.66 -20.85
CA ASN A 642 -67.59 2.12 -19.48
C ASN A 642 -66.64 0.96 -19.17
N ASN A 643 -66.39 0.06 -20.14
CA ASN A 643 -65.45 -1.07 -19.99
C ASN A 643 -64.03 -0.55 -19.67
N PHE A 644 -63.53 0.43 -20.42
CA PHE A 644 -62.18 1.04 -20.25
C PHE A 644 -62.09 1.78 -18.90
N PHE A 645 -63.16 2.42 -18.44
CA PHE A 645 -63.16 3.01 -17.09
C PHE A 645 -62.90 1.88 -16.08
N GLY A 646 -63.72 0.81 -16.09
CA GLY A 646 -63.57 -0.39 -15.25
C GLY A 646 -63.15 -0.06 -13.82
N PHE A 647 -61.96 -0.51 -13.42
CA PHE A 647 -61.45 -0.40 -12.02
C PHE A 647 -60.50 0.82 -11.88
N ALA A 648 -60.73 1.88 -12.65
CA ALA A 648 -59.86 3.08 -12.69
C ALA A 648 -59.58 3.64 -11.27
N THR A 649 -60.56 3.64 -10.36
CA THR A 649 -60.42 4.24 -9.00
C THR A 649 -59.79 3.24 -8.01
N ARG A 650 -59.60 1.97 -8.42
CA ARG A 650 -59.25 0.83 -7.51
C ARG A 650 -57.89 0.22 -7.83
N LEU A 651 -57.13 0.72 -8.80
CA LEU A 651 -55.94 -0.01 -9.26
C LEU A 651 -55.01 -0.29 -8.08
N ASP A 652 -54.73 0.71 -7.23
CA ASP A 652 -53.86 0.53 -6.03
C ASP A 652 -54.64 -0.11 -4.86
N LEU A 653 -55.84 0.37 -4.50
CA LEU A 653 -56.53 -0.15 -3.29
C LEU A 653 -56.67 -1.69 -3.39
N ASP A 654 -57.03 -2.20 -4.57
CA ASP A 654 -57.27 -3.65 -4.77
C ASP A 654 -56.12 -4.25 -5.60
N ASP A 655 -55.03 -3.52 -5.85
CA ASP A 655 -53.73 -4.06 -6.36
C ASP A 655 -53.92 -4.87 -7.65
N TYR A 656 -54.59 -4.32 -8.67
CA TYR A 656 -54.86 -5.02 -9.96
C TYR A 656 -53.57 -5.38 -10.71
N ASN A 657 -52.48 -4.59 -10.56
CA ASN A 657 -51.18 -4.81 -11.25
C ASN A 657 -50.29 -5.78 -10.45
N ASN A 658 -50.67 -6.12 -9.21
CA ASN A 658 -49.93 -7.02 -8.28
C ASN A 658 -48.57 -6.42 -7.86
N ASN A 659 -48.31 -5.13 -8.02
CA ASN A 659 -47.02 -4.51 -7.61
C ASN A 659 -47.27 -3.22 -6.80
N THR A 660 -48.45 -3.03 -6.22
CA THR A 660 -48.73 -1.87 -5.34
C THR A 660 -47.84 -1.98 -4.10
N CYS A 661 -47.27 -3.16 -3.82
CA CYS A 661 -46.26 -3.37 -2.73
C CYS A 661 -45.12 -2.38 -2.91
N GLU A 662 -44.77 -2.04 -4.16
CA GLU A 662 -43.63 -1.15 -4.53
C GLU A 662 -44.01 0.33 -4.33
N GLY A 663 -45.30 0.65 -4.31
CA GLY A 663 -45.74 2.05 -4.31
C GLY A 663 -47.02 2.22 -5.07
N ILE A 664 -47.65 3.37 -4.92
CA ILE A 664 -48.91 3.71 -5.65
C ILE A 664 -48.51 4.10 -7.06
N HIS A 665 -49.45 4.01 -8.00
CA HIS A 665 -49.27 4.36 -9.44
C HIS A 665 -49.85 5.75 -9.70
N MET A 666 -48.98 6.75 -9.75
CA MET A 666 -49.36 8.18 -9.72
C MET A 666 -50.16 8.50 -11.00
N THR A 667 -49.69 8.08 -12.18
CA THR A 667 -50.37 8.36 -13.47
C THR A 667 -51.75 7.70 -13.48
N SER A 668 -51.83 6.48 -13.00
CA SER A 668 -53.10 5.73 -12.90
C SER A 668 -54.08 6.49 -12.00
N ILE A 669 -53.56 7.07 -10.91
CA ILE A 669 -54.33 7.88 -9.95
C ILE A 669 -54.86 9.12 -10.67
N ALA A 670 -54.00 9.84 -11.40
CA ALA A 670 -54.36 11.06 -12.15
C ALA A 670 -55.39 10.70 -13.22
N ALA A 671 -55.22 9.54 -13.86
CA ALA A 671 -56.05 9.08 -15.00
C ALA A 671 -57.49 8.87 -14.55
N ALA A 672 -57.73 8.57 -13.27
CA ALA A 672 -59.09 8.28 -12.77
C ALA A 672 -59.87 9.61 -12.82
N TRP A 673 -59.23 10.68 -12.37
CA TRP A 673 -59.83 12.03 -12.41
C TRP A 673 -60.09 12.39 -13.87
N MET A 674 -59.10 12.19 -14.73
CA MET A 674 -59.18 12.51 -16.18
C MET A 674 -60.33 11.75 -16.82
N ASN A 675 -60.40 10.43 -16.58
CA ASN A 675 -61.45 9.54 -17.12
C ASN A 675 -62.83 10.10 -16.72
N ILE A 676 -62.96 10.67 -15.51
CA ILE A 676 -64.27 11.19 -15.02
C ILE A 676 -64.58 12.53 -15.70
N VAL A 677 -63.63 13.47 -15.73
CA VAL A 677 -63.90 14.89 -16.13
C VAL A 677 -63.74 15.09 -17.65
N TYR A 678 -62.67 14.59 -18.27
CA TYR A 678 -62.52 14.62 -19.75
C TYR A 678 -63.42 13.57 -20.40
N GLY A 679 -63.62 12.44 -19.72
CA GLY A 679 -64.34 11.28 -20.26
C GLY A 679 -65.84 11.46 -20.12
N PHE A 680 -66.40 10.99 -19.01
CA PHE A 680 -67.86 11.04 -18.77
C PHE A 680 -68.31 12.50 -18.84
N GLY A 681 -67.55 13.45 -18.29
CA GLY A 681 -67.93 14.88 -18.29
C GLY A 681 -67.80 15.54 -19.65
N GLY A 682 -66.96 15.01 -20.53
CA GLY A 682 -66.66 15.60 -21.86
C GLY A 682 -66.06 16.99 -21.76
N LEU A 683 -65.34 17.31 -20.70
CA LEU A 683 -64.69 18.64 -20.56
C LEU A 683 -63.73 18.90 -21.73
N MET A 684 -63.81 20.09 -22.29
CA MET A 684 -62.91 20.58 -23.38
C MET A 684 -63.02 22.10 -23.44
N ILE A 685 -61.88 22.78 -23.52
CA ILE A 685 -61.80 24.24 -23.82
C ILE A 685 -61.61 24.41 -25.33
N LYS A 686 -62.55 25.04 -26.01
CA LYS A 686 -62.47 25.36 -27.46
C LYS A 686 -62.72 26.86 -27.65
N ASN A 687 -61.82 27.53 -28.40
CA ASN A 687 -61.81 29.00 -28.62
C ASN A 687 -62.07 29.68 -27.28
N ASP A 688 -61.43 29.21 -26.20
CA ASP A 688 -61.44 29.88 -24.88
C ASP A 688 -62.85 29.86 -24.27
N ILE A 689 -63.68 28.88 -24.66
CA ILE A 689 -65.04 28.62 -24.11
C ILE A 689 -65.04 27.21 -23.52
N LEU A 690 -65.47 27.05 -22.27
CA LEU A 690 -65.60 25.72 -21.64
C LEU A 690 -66.78 24.98 -22.26
N ASN A 691 -66.53 23.76 -22.72
CA ASN A 691 -67.51 22.80 -23.26
C ASN A 691 -67.66 21.61 -22.28
N LEU A 692 -68.89 21.11 -22.15
CA LEU A 692 -69.24 19.85 -21.46
C LEU A 692 -70.17 19.05 -22.38
N THR A 693 -70.00 17.72 -22.40
CA THR A 693 -70.91 16.74 -23.06
C THR A 693 -71.08 15.55 -22.13
N PRO A 694 -71.77 15.74 -20.99
CA PRO A 694 -71.85 14.69 -19.98
C PRO A 694 -72.61 13.44 -20.44
N THR A 695 -71.97 12.28 -20.24
CA THR A 695 -72.52 10.94 -20.55
C THR A 695 -72.51 10.12 -19.25
N SER A 696 -73.12 8.95 -19.26
CA SER A 696 -73.45 8.16 -18.05
C SER A 696 -72.38 7.09 -17.83
N ASN A 697 -72.02 6.87 -16.57
CA ASN A 697 -71.38 5.61 -16.12
C ASN A 697 -72.51 4.67 -15.70
N LYS A 698 -72.64 3.51 -16.34
CA LYS A 698 -73.80 2.57 -16.17
C LYS A 698 -73.96 2.21 -14.69
N ASN A 699 -72.85 2.14 -13.96
CA ASN A 699 -72.77 1.73 -12.53
C ASN A 699 -73.15 2.86 -11.58
N TRP A 700 -73.30 4.11 -12.02
CA TRP A 700 -73.53 5.25 -11.10
C TRP A 700 -74.91 5.89 -11.37
N ASN A 701 -75.67 6.14 -10.31
CA ASN A 701 -76.94 6.93 -10.32
C ASN A 701 -76.61 8.36 -10.71
N TYR A 702 -75.61 8.95 -10.07
CA TYR A 702 -75.08 10.28 -10.45
C TYR A 702 -73.59 10.33 -10.11
N TYR A 703 -72.89 11.28 -10.73
CA TYR A 703 -71.56 11.72 -10.29
C TYR A 703 -71.55 13.24 -10.30
N GLN A 704 -70.61 13.82 -9.54
CA GLN A 704 -70.45 15.28 -9.44
C GLN A 704 -68.97 15.56 -9.32
N PHE A 705 -68.47 16.50 -10.13
CA PHE A 705 -67.07 16.97 -10.09
C PHE A 705 -67.06 18.49 -9.97
N LYS A 706 -65.94 19.03 -9.48
CA LYS A 706 -65.67 20.48 -9.29
C LYS A 706 -64.35 20.83 -9.97
N ILE A 707 -64.36 21.92 -10.72
CA ILE A 707 -63.21 22.49 -11.47
C ILE A 707 -63.34 24.01 -11.46
N THR A 708 -62.22 24.69 -11.64
CA THR A 708 -62.11 26.16 -11.67
C THR A 708 -61.57 26.58 -13.02
N PHE A 709 -62.31 27.45 -13.69
CA PHE A 709 -61.93 28.08 -14.96
C PHE A 709 -62.31 29.55 -14.87
N LYS A 710 -61.38 30.42 -15.26
CA LYS A 710 -61.52 31.89 -15.26
C LYS A 710 -62.08 32.35 -13.91
N ASN A 711 -61.49 31.84 -12.84
CA ASN A 711 -61.76 32.16 -11.40
C ASN A 711 -63.19 31.77 -11.05
N HIS A 712 -63.84 30.89 -11.83
CA HIS A 712 -65.17 30.35 -11.50
C HIS A 712 -65.01 28.94 -10.95
N LEU A 713 -65.32 28.75 -9.67
CA LEU A 713 -65.39 27.41 -9.08
C LEU A 713 -66.70 26.76 -9.50
N LEU A 714 -66.63 25.82 -10.44
CA LEU A 714 -67.82 25.17 -11.07
C LEU A 714 -68.11 23.83 -10.41
N THR A 715 -69.38 23.59 -10.09
CA THR A 715 -69.94 22.29 -9.67
C THR A 715 -70.87 21.76 -10.77
N VAL A 716 -70.56 20.55 -11.24
CA VAL A 716 -71.25 19.86 -12.34
C VAL A 716 -71.75 18.55 -11.76
N LYS A 717 -73.07 18.41 -11.64
CA LYS A 717 -73.77 17.16 -11.24
C LYS A 717 -74.47 16.58 -12.46
N VAL A 718 -74.22 15.29 -12.73
CA VAL A 718 -74.82 14.54 -13.88
C VAL A 718 -75.61 13.34 -13.32
N ASP A 719 -76.93 13.31 -13.53
CA ASP A 719 -77.80 12.13 -13.22
C ASP A 719 -78.41 11.64 -14.54
N LYS A 720 -79.42 10.76 -14.47
CA LYS A 720 -80.00 10.14 -15.69
C LYS A 720 -80.73 11.21 -16.52
N ASP A 721 -81.41 12.17 -15.87
CA ASP A 721 -82.38 13.11 -16.50
C ASP A 721 -81.78 14.50 -16.71
N ASN A 722 -80.80 14.93 -15.90
CA ASN A 722 -80.36 16.34 -15.85
C ASN A 722 -78.83 16.47 -15.69
N VAL A 723 -78.31 17.54 -16.26
CA VAL A 723 -77.01 18.17 -15.94
C VAL A 723 -77.34 19.45 -15.18
N ILE A 724 -76.84 19.57 -13.95
CA ILE A 724 -76.98 20.78 -13.11
C ILE A 724 -75.56 21.30 -12.92
N ILE A 725 -75.36 22.57 -13.28
CA ILE A 725 -74.07 23.30 -13.23
C ILE A 725 -74.31 24.52 -12.37
N THR A 726 -73.46 24.73 -11.34
CA THR A 726 -73.60 25.85 -10.37
C THR A 726 -72.26 26.55 -10.19
N LYS A 727 -72.32 27.82 -9.85
CA LYS A 727 -71.19 28.63 -9.32
C LYS A 727 -71.73 29.76 -8.43
N LYS A 728 -70.84 30.39 -7.66
CA LYS A 728 -71.17 31.48 -6.69
C LYS A 728 -70.71 32.84 -7.23
N THR A 729 -69.86 32.87 -8.26
CA THR A 729 -69.39 34.14 -8.85
C THR A 729 -70.60 34.84 -9.45
N LYS A 730 -70.51 36.16 -9.61
CA LYS A 730 -71.66 37.02 -9.98
C LYS A 730 -71.66 37.25 -11.49
N ASN A 731 -70.52 37.08 -12.16
CA ASN A 731 -70.35 37.48 -13.57
C ASN A 731 -70.72 36.31 -14.50
N ILE A 732 -71.04 36.61 -15.75
CA ILE A 732 -71.43 35.60 -16.77
C ILE A 732 -70.20 34.76 -17.14
N LEU A 733 -70.31 33.43 -17.04
CA LEU A 733 -69.41 32.52 -17.78
C LEU A 733 -70.20 31.91 -18.92
N PRO A 734 -69.81 32.15 -20.18
CA PRO A 734 -70.35 31.37 -21.29
C PRO A 734 -69.86 29.93 -21.18
N ILE A 735 -70.78 29.01 -21.37
CA ILE A 735 -70.46 27.56 -21.34
CA ILE A 735 -70.51 27.54 -21.29
C ILE A 735 -71.29 26.86 -22.42
N ASN A 736 -70.66 25.90 -23.08
CA ASN A 736 -71.25 25.15 -24.22
C ASN A 736 -71.60 23.76 -23.72
N VAL A 737 -72.88 23.40 -23.65
CA VAL A 737 -73.34 22.07 -23.16
C VAL A 737 -74.19 21.38 -24.24
N TYR A 738 -73.77 20.17 -24.64
CA TYR A 738 -74.43 19.37 -25.71
C TYR A 738 -74.49 20.25 -26.97
N GLY A 739 -73.46 21.08 -27.19
CA GLY A 739 -73.28 21.89 -28.40
C GLY A 739 -74.09 23.18 -28.41
N LYS A 740 -74.79 23.53 -27.32
CA LYS A 740 -75.54 24.82 -27.18
C LYS A 740 -74.82 25.76 -26.19
N LYS A 741 -74.81 27.05 -26.50
CA LYS A 741 -74.09 28.08 -25.72
C LYS A 741 -75.04 28.76 -24.72
N TYR A 742 -74.80 28.54 -23.43
CA TYR A 742 -75.54 29.19 -22.34
C TYR A 742 -74.63 30.25 -21.71
N GLU A 743 -75.25 31.14 -20.97
CA GLU A 743 -74.58 32.12 -20.09
C GLU A 743 -74.86 31.70 -18.63
N LEU A 744 -73.90 31.05 -17.99
CA LEU A 744 -74.04 30.62 -16.57
C LEU A 744 -73.81 31.83 -15.66
N ILE A 745 -74.73 32.11 -14.76
CA ILE A 745 -74.56 33.19 -13.75
C ILE A 745 -74.50 32.53 -12.37
N ASP A 746 -75.56 31.82 -11.98
CA ASP A 746 -75.65 31.08 -10.68
C ASP A 746 -75.91 29.59 -10.95
N LYS A 747 -76.83 29.25 -11.84
CA LYS A 747 -77.35 27.87 -11.98
C LYS A 747 -77.84 27.63 -13.40
N LEU A 748 -77.49 26.44 -13.93
CA LEU A 748 -78.00 25.87 -15.21
C LEU A 748 -78.56 24.47 -14.90
N GLU A 749 -79.78 24.21 -15.37
CA GLU A 749 -80.46 22.89 -15.25
C GLU A 749 -80.77 22.44 -16.67
N ILE A 750 -80.00 21.51 -17.25
CA ILE A 750 -80.15 21.09 -18.68
C ILE A 750 -80.66 19.65 -18.72
N LYS A 751 -81.79 19.40 -19.39
CA LYS A 751 -82.35 18.04 -19.61
C LYS A 751 -81.44 17.28 -20.59
N ARG A 752 -81.37 15.96 -20.46
CA ARG A 752 -80.48 15.12 -21.31
C ARG A 752 -81.28 14.56 -22.50
N ILE B 2 -7.23 7.89 -42.74
CA ILE B 2 -6.04 7.25 -43.43
C ILE B 2 -5.17 6.53 -42.38
N LYS B 3 -5.01 5.22 -42.54
CA LYS B 3 -4.18 4.36 -41.65
C LYS B 3 -2.75 4.35 -42.17
N ILE B 4 -1.77 4.21 -41.28
CA ILE B 4 -0.33 4.28 -41.67
C ILE B 4 0.39 3.01 -41.22
N PRO B 5 1.47 2.60 -41.91
CA PRO B 5 2.30 1.49 -41.45
C PRO B 5 3.26 1.91 -40.32
N LYS B 6 3.48 1.02 -39.37
CA LYS B 6 4.56 1.11 -38.36
C LYS B 6 5.50 -0.03 -38.73
N ARG B 7 6.37 0.22 -39.70
CA ARG B 7 7.38 -0.73 -40.23
C ARG B 7 8.49 -0.82 -39.21
N TYR B 8 8.63 -1.97 -38.53
CA TYR B 8 9.78 -2.27 -37.64
C TYR B 8 10.39 -3.64 -37.95
N LEU B 9 9.81 -4.42 -38.87
CA LEU B 9 10.28 -5.79 -39.16
C LEU B 9 10.97 -5.83 -40.53
N GLU B 10 11.97 -6.69 -40.66
CA GLU B 10 12.82 -6.82 -41.86
C GLU B 10 11.97 -7.45 -42.95
N THR B 11 12.22 -7.04 -44.19
CA THR B 11 11.53 -7.59 -45.38
C THR B 11 12.40 -8.68 -46.00
N GLU B 12 11.97 -9.93 -45.88
CA GLU B 12 12.54 -11.11 -46.55
C GLU B 12 11.35 -11.82 -47.19
N PRO B 13 11.52 -12.52 -48.33
CA PRO B 13 10.42 -13.29 -48.92
C PRO B 13 9.90 -14.49 -48.12
N TYR B 14 10.74 -15.18 -47.34
CA TYR B 14 10.44 -16.48 -46.71
C TYR B 14 10.54 -16.43 -45.18
N ARG B 15 10.73 -15.26 -44.58
CA ARG B 15 10.86 -15.16 -43.11
C ARG B 15 10.41 -13.80 -42.59
N ILE B 16 9.90 -13.77 -41.37
CA ILE B 16 9.66 -12.51 -40.60
C ILE B 16 10.84 -12.38 -39.65
N VAL B 17 11.53 -11.24 -39.65
CA VAL B 17 12.75 -10.98 -38.84
C VAL B 17 12.59 -9.65 -38.09
N GLU B 18 12.69 -9.71 -36.77
CA GLU B 18 12.89 -8.55 -35.88
C GLU B 18 14.39 -8.43 -35.54
N ASN B 19 15.00 -7.33 -36.00
CA ASN B 19 16.42 -6.97 -35.78
C ASN B 19 16.53 -6.04 -34.56
N ASN B 20 17.00 -6.56 -33.42
CA ASN B 20 16.98 -5.89 -32.08
C ASN B 20 15.59 -6.06 -31.46
N PHE B 21 15.51 -6.05 -30.13
CA PHE B 21 14.22 -6.14 -29.40
C PHE B 21 13.56 -4.77 -29.38
N HIS B 22 12.31 -4.63 -29.85
CA HIS B 22 11.51 -3.38 -29.75
C HIS B 22 10.50 -3.53 -28.64
N PRO B 23 10.80 -3.06 -27.40
CA PRO B 23 9.93 -3.29 -26.24
C PRO B 23 8.51 -2.71 -26.46
N ASP B 24 8.41 -1.61 -27.21
CA ASP B 24 7.16 -0.91 -27.55
C ASP B 24 6.27 -1.80 -28.45
N LYS B 25 6.85 -2.82 -29.09
CA LYS B 25 6.18 -3.76 -30.03
C LYS B 25 6.11 -5.16 -29.42
N SER B 26 6.39 -5.29 -28.11
CA SER B 26 6.37 -6.55 -27.33
C SER B 26 5.15 -7.41 -27.76
N MET B 27 3.94 -6.90 -27.57
CA MET B 27 2.69 -7.68 -27.80
C MET B 27 2.39 -7.78 -29.30
N VAL B 28 2.78 -6.77 -30.08
CA VAL B 28 2.66 -6.83 -31.56
C VAL B 28 3.46 -8.04 -32.05
N SER B 29 4.70 -8.16 -31.61
CA SER B 29 5.63 -9.24 -32.04
C SER B 29 5.01 -10.58 -31.59
N GLU B 30 4.46 -10.64 -30.37
CA GLU B 30 3.82 -11.85 -29.80
C GLU B 30 2.72 -12.34 -30.76
N SER B 31 1.86 -11.45 -31.21
CA SER B 31 0.79 -11.75 -32.20
C SER B 31 1.43 -12.26 -33.49
N ILE B 32 2.33 -11.48 -34.09
CA ILE B 32 2.77 -11.67 -35.51
C ILE B 32 3.50 -13.00 -35.64
N PHE B 33 4.35 -13.35 -34.67
CA PHE B 33 5.23 -14.54 -34.71
C PHE B 33 4.50 -15.74 -34.09
N SER B 34 3.19 -15.67 -33.88
CA SER B 34 2.35 -16.75 -33.32
C SER B 34 2.55 -18.03 -34.14
N LEU B 35 2.68 -19.19 -33.47
CA LEU B 35 2.65 -20.54 -34.09
C LEU B 35 1.26 -21.17 -33.89
N GLY B 36 0.84 -21.96 -34.89
CA GLY B 36 -0.50 -22.55 -34.95
C GLY B 36 -0.49 -23.80 -35.80
N ASN B 37 -1.21 -24.82 -35.35
CA ASN B 37 -1.42 -26.08 -36.10
C ASN B 37 -2.92 -26.49 -36.03
N GLU B 38 -3.80 -25.49 -35.95
CA GLU B 38 -5.27 -25.63 -35.88
C GLU B 38 -5.66 -26.13 -34.50
N TYR B 39 -5.15 -27.30 -34.12
CA TYR B 39 -5.40 -27.98 -32.83
C TYR B 39 -5.05 -27.08 -31.66
N SER B 40 -3.97 -26.30 -31.82
CA SER B 40 -3.33 -25.48 -30.77
C SER B 40 -2.66 -24.28 -31.41
N GLY B 41 -2.39 -23.25 -30.62
CA GLY B 41 -1.59 -22.09 -31.01
C GLY B 41 -0.95 -21.45 -29.79
N THR B 42 0.15 -20.75 -30.02
CA THR B 42 0.94 -20.07 -28.96
C THR B 42 1.34 -18.71 -29.52
N ARG B 43 1.06 -17.65 -28.75
CA ARG B 43 1.63 -16.32 -29.01
C ARG B 43 3.15 -16.45 -28.92
N ALA B 44 3.87 -15.55 -29.56
CA ALA B 44 5.35 -15.53 -29.48
C ALA B 44 5.73 -14.76 -28.20
N PHE B 45 5.14 -15.14 -27.06
CA PHE B 45 5.56 -14.69 -25.72
C PHE B 45 6.94 -15.31 -25.44
N PHE B 46 7.75 -14.58 -24.69
CA PHE B 46 9.07 -15.04 -24.22
C PHE B 46 8.90 -16.28 -23.34
N ASP B 47 9.77 -17.25 -23.59
CA ASP B 47 9.86 -18.52 -22.82
C ASP B 47 10.24 -18.19 -21.38
N GLU B 48 11.27 -17.38 -21.20
CA GLU B 48 11.82 -17.01 -19.88
C GLU B 48 10.93 -15.92 -19.28
N THR B 49 11.10 -15.66 -17.99
CA THR B 49 10.43 -14.57 -17.23
C THR B 49 10.60 -13.28 -18.01
N TYR B 50 9.53 -12.52 -18.20
CA TYR B 50 9.58 -11.16 -18.78
C TYR B 50 8.63 -10.29 -17.97
N SER B 51 9.14 -9.21 -17.37
CA SER B 51 8.41 -8.35 -16.40
C SER B 51 7.80 -7.13 -17.08
N GLY B 52 7.97 -6.99 -18.40
CA GLY B 52 7.35 -5.92 -19.21
C GLY B 52 5.91 -6.24 -19.57
N LYS B 53 5.31 -5.39 -20.41
CA LYS B 53 4.00 -5.62 -21.06
C LYS B 53 4.05 -6.94 -21.86
N GLN B 54 3.26 -7.96 -21.48
CA GLN B 54 3.13 -9.22 -22.27
C GLN B 54 1.73 -9.81 -22.14
N LEU B 55 1.37 -10.66 -23.10
CA LEU B 55 0.19 -11.56 -23.04
C LEU B 55 0.66 -12.96 -23.39
N ILE B 56 0.93 -13.75 -22.36
CA ILE B 56 1.18 -15.20 -22.49
C ILE B 56 -0.15 -15.81 -22.95
N GLY B 57 -0.11 -16.50 -24.09
CA GLY B 57 -1.30 -17.13 -24.70
C GLY B 57 -0.96 -18.48 -25.29
N THR B 58 -1.59 -19.52 -24.77
CA THR B 58 -1.57 -20.89 -25.32
C THR B 58 -3.04 -21.34 -25.41
N TYR B 59 -3.49 -21.80 -26.57
CA TYR B 59 -4.92 -22.12 -26.78
C TYR B 59 -5.05 -23.44 -27.53
N PHE B 60 -6.09 -24.19 -27.20
CA PHE B 60 -6.49 -25.41 -27.91
C PHE B 60 -7.85 -25.13 -28.55
N ASN B 61 -7.95 -25.34 -29.87
CA ASN B 61 -9.19 -25.06 -30.62
C ASN B 61 -10.36 -25.83 -29.94
N GLY B 62 -11.35 -25.12 -29.41
CA GLY B 62 -12.57 -25.72 -28.81
C GLY B 62 -12.47 -25.92 -27.29
N ILE B 63 -11.36 -25.56 -26.67
CA ILE B 63 -11.22 -25.62 -25.18
C ILE B 63 -11.60 -24.24 -24.66
N TYR B 64 -12.69 -24.18 -23.92
CA TYR B 64 -13.41 -22.91 -23.66
C TYR B 64 -14.00 -22.98 -22.26
N GLU B 65 -14.42 -21.83 -21.75
CA GLU B 65 -15.23 -21.72 -20.52
C GLU B 65 -16.29 -20.64 -20.68
N TYR B 66 -17.27 -20.65 -19.78
CA TYR B 66 -18.34 -19.62 -19.68
C TYR B 66 -17.88 -18.53 -18.72
N ALA B 67 -18.47 -17.34 -18.84
CA ALA B 67 -18.21 -16.22 -17.92
C ALA B 67 -18.48 -16.71 -16.51
N LEU B 68 -17.72 -16.24 -15.54
CA LEU B 68 -17.82 -16.70 -14.13
C LEU B 68 -19.20 -16.35 -13.53
N LYS B 69 -19.80 -15.23 -13.93
CA LYS B 69 -21.16 -14.86 -13.43
C LYS B 69 -22.08 -14.44 -14.57
N ASP B 70 -23.39 -14.66 -14.42
CA ASP B 70 -24.42 -14.17 -15.36
C ASP B 70 -24.38 -12.64 -15.37
N THR B 71 -24.47 -12.05 -16.57
CA THR B 71 -25.00 -10.68 -16.81
C THR B 71 -26.52 -10.82 -16.83
N PRO B 72 -27.27 -10.23 -15.87
CA PRO B 72 -28.68 -10.53 -15.75
C PRO B 72 -29.46 -9.83 -16.88
N SER B 73 -30.62 -10.38 -17.20
CA SER B 73 -31.60 -9.74 -18.11
C SER B 73 -33.01 -10.19 -17.72
N ALA B 74 -33.95 -9.24 -17.72
CA ALA B 74 -35.41 -9.49 -17.55
C ALA B 74 -35.98 -10.17 -18.80
N TYR B 75 -35.28 -10.11 -19.95
CA TYR B 75 -35.80 -10.48 -21.30
C TYR B 75 -35.22 -11.80 -21.81
N LEU B 76 -36.04 -12.58 -22.52
CA LEU B 76 -35.59 -13.84 -23.16
C LEU B 76 -34.87 -13.54 -24.49
N GLY B 77 -34.03 -14.49 -24.93
CA GLY B 77 -33.25 -14.42 -26.16
C GLY B 77 -31.98 -13.60 -26.01
N ILE B 78 -31.70 -13.04 -24.84
CA ILE B 78 -30.43 -12.30 -24.64
C ILE B 78 -29.46 -13.16 -23.83
N VAL B 79 -28.22 -13.24 -24.30
CA VAL B 79 -27.15 -14.08 -23.70
C VAL B 79 -26.81 -13.53 -22.32
N LYS B 80 -26.99 -14.37 -21.31
CA LYS B 80 -26.67 -14.04 -19.92
C LYS B 80 -25.22 -14.46 -19.64
N ARG B 81 -24.71 -15.40 -20.43
CA ARG B 81 -23.40 -16.05 -20.16
C ARG B 81 -22.66 -16.26 -21.48
N THR B 82 -21.73 -15.37 -21.83
CA THR B 82 -20.80 -15.56 -22.97
C THR B 82 -19.85 -16.73 -22.64
N HIS B 83 -19.13 -17.19 -23.66
CA HIS B 83 -18.07 -18.21 -23.52
C HIS B 83 -16.90 -17.81 -24.40
N PHE B 84 -15.73 -18.38 -24.16
CA PHE B 84 -14.45 -17.95 -24.80
C PHE B 84 -13.42 -19.07 -24.69
N THR B 85 -12.60 -19.21 -25.73
CA THR B 85 -11.41 -20.09 -25.80
C THR B 85 -10.46 -19.65 -24.69
N ILE B 86 -9.95 -20.56 -23.84
CA ILE B 86 -9.27 -20.11 -22.59
C ILE B 86 -7.77 -20.34 -22.72
N ASN B 87 -6.99 -19.41 -22.16
CA ASN B 87 -5.53 -19.58 -21.93
C ASN B 87 -5.35 -20.92 -21.22
N SER B 88 -4.49 -21.75 -21.77
CA SER B 88 -4.20 -23.12 -21.31
C SER B 88 -2.72 -23.25 -20.95
N VAL B 89 -2.31 -24.43 -20.48
CA VAL B 89 -0.94 -24.69 -19.96
C VAL B 89 0.10 -24.01 -20.85
N ASN B 90 0.89 -23.10 -20.28
CA ASN B 90 2.17 -22.60 -20.86
C ASN B 90 3.21 -23.73 -20.77
N PHE B 91 3.51 -24.36 -21.91
CA PHE B 91 4.41 -25.54 -21.98
C PHE B 91 5.76 -25.15 -22.61
N PHE B 92 5.92 -23.87 -22.94
CA PHE B 92 7.22 -23.29 -23.36
C PHE B 92 7.93 -22.57 -22.19
N LYS B 93 7.29 -22.47 -21.02
CA LYS B 93 7.77 -21.61 -19.91
C LYS B 93 9.10 -22.14 -19.35
N ILE B 94 10.08 -21.26 -19.18
CA ILE B 94 11.39 -21.60 -18.58
C ILE B 94 11.80 -20.51 -17.58
N ARG B 95 12.82 -20.83 -16.78
CA ARG B 95 13.52 -19.83 -15.95
C ARG B 95 15.00 -20.11 -16.07
N ILE B 96 15.78 -19.06 -16.25
CA ILE B 96 17.26 -19.15 -16.40
C ILE B 96 17.87 -18.24 -15.35
N ILE B 97 18.71 -18.84 -14.50
CA ILE B 97 19.40 -18.13 -13.40
C ILE B 97 20.91 -18.39 -13.51
N HIS B 98 21.68 -17.31 -13.46
CA HIS B 98 23.16 -17.29 -13.45
C HIS B 98 23.63 -16.47 -12.25
N GLU B 99 24.36 -17.12 -11.33
CA GLU B 99 24.93 -16.46 -10.12
C GLU B 99 23.87 -15.56 -9.49
N ASP B 100 22.68 -16.13 -9.23
CA ASP B 100 21.53 -15.44 -8.58
C ASP B 100 20.92 -14.34 -9.44
N GLU B 101 21.34 -14.18 -10.69
CA GLU B 101 20.68 -13.22 -11.61
C GLU B 101 19.68 -13.99 -12.49
N GLU B 102 18.39 -13.66 -12.41
CA GLU B 102 17.36 -14.29 -13.30
C GLU B 102 17.31 -13.59 -14.66
N LEU B 103 17.28 -14.38 -15.74
CA LEU B 103 17.15 -13.84 -17.12
C LEU B 103 15.73 -13.27 -17.30
N ASP B 104 15.70 -12.00 -17.63
CA ASP B 104 14.47 -11.20 -17.84
C ASP B 104 14.90 -10.02 -18.69
N LEU B 105 14.58 -10.04 -19.98
CA LEU B 105 15.11 -9.08 -20.99
C LEU B 105 14.55 -7.70 -20.70
N ASN B 106 13.60 -7.59 -19.78
CA ASN B 106 13.04 -6.28 -19.35
C ASN B 106 13.94 -5.62 -18.27
N LYS B 107 14.83 -6.37 -17.60
CA LYS B 107 15.68 -5.79 -16.53
C LYS B 107 17.18 -6.03 -16.79
N VAL B 108 17.56 -7.18 -17.36
CA VAL B 108 18.98 -7.58 -17.53
C VAL B 108 19.59 -6.87 -18.75
N LYS B 109 20.91 -6.97 -18.93
CA LYS B 109 21.69 -6.39 -20.06
C LYS B 109 21.94 -7.51 -21.08
N PHE B 110 21.77 -7.18 -22.36
CA PHE B 110 21.78 -8.15 -23.49
C PHE B 110 22.16 -7.40 -24.76
N GLU B 111 22.58 -8.12 -25.81
CA GLU B 111 22.86 -7.50 -27.12
C GLU B 111 22.61 -8.52 -28.24
N ASP B 112 22.81 -8.11 -29.50
CA ASP B 112 22.60 -8.95 -30.71
C ASP B 112 21.31 -9.81 -30.56
N PHE B 113 20.20 -9.19 -30.20
CA PHE B 113 18.84 -9.78 -30.16
C PHE B 113 18.31 -9.93 -31.60
N LYS B 114 17.81 -11.13 -31.95
CA LYS B 114 17.23 -11.43 -33.29
C LYS B 114 16.08 -12.42 -33.13
N ARG B 115 14.95 -12.14 -33.77
CA ARG B 115 13.69 -12.94 -33.66
C ARG B 115 13.31 -13.35 -35.09
N ILE B 116 13.16 -14.65 -35.33
CA ILE B 116 12.97 -15.20 -36.71
C ILE B 116 11.74 -16.11 -36.72
N LEU B 117 10.82 -15.87 -37.66
CA LEU B 117 9.78 -16.86 -38.06
C LEU B 117 10.13 -17.32 -39.48
N ASP B 118 10.42 -18.60 -39.65
CA ASP B 118 10.67 -19.17 -40.98
C ASP B 118 9.35 -19.66 -41.59
N LEU B 119 8.80 -18.95 -42.58
CA LEU B 119 7.49 -19.29 -43.17
C LEU B 119 7.57 -20.64 -43.89
N ARG B 120 8.77 -21.14 -44.15
CA ARG B 120 8.96 -22.42 -44.87
C ARG B 120 8.77 -23.60 -43.92
N SER B 121 8.87 -23.37 -42.60
CA SER B 121 8.91 -24.52 -41.65
C SER B 121 8.08 -24.26 -40.39
N GLY B 122 7.71 -23.01 -40.12
CA GLY B 122 7.19 -22.58 -38.81
C GLY B 122 8.22 -22.67 -37.71
N LEU B 123 9.52 -22.75 -38.06
CA LEU B 123 10.62 -22.58 -37.07
C LEU B 123 10.56 -21.17 -36.49
N TYR B 124 10.38 -21.07 -35.18
CA TYR B 124 10.43 -19.76 -34.47
C TYR B 124 11.67 -19.78 -33.57
N GLN B 125 12.63 -18.93 -33.90
CA GLN B 125 13.99 -18.82 -33.30
C GLN B 125 14.19 -17.44 -32.67
N ARG B 126 14.51 -17.39 -31.38
CA ARG B 126 14.90 -16.12 -30.70
C ARG B 126 16.32 -16.30 -30.16
N THR B 127 17.21 -15.37 -30.53
CA THR B 127 18.66 -15.38 -30.18
CA THR B 127 18.66 -15.40 -30.17
C THR B 127 19.02 -14.06 -29.50
N PHE B 128 19.87 -14.12 -28.46
CA PHE B 128 20.38 -12.92 -27.74
C PHE B 128 21.57 -13.33 -26.86
N THR B 129 22.42 -12.35 -26.54
CA THR B 129 23.62 -12.49 -25.68
C THR B 129 23.37 -11.78 -24.35
N TRP B 130 23.27 -12.58 -23.28
CA TRP B 130 23.03 -12.12 -21.88
C TRP B 130 24.37 -11.70 -21.27
N LEU B 131 24.52 -10.42 -20.92
CA LEU B 131 25.74 -9.86 -20.26
C LEU B 131 25.48 -9.93 -18.76
N THR B 132 25.90 -11.05 -18.16
CA THR B 132 25.54 -11.43 -16.77
C THR B 132 26.82 -11.62 -15.97
N ASN B 133 27.02 -10.72 -15.00
CA ASN B 133 28.23 -10.67 -14.12
C ASN B 133 29.45 -10.57 -15.04
N GLN B 134 30.25 -11.63 -15.16
CA GLN B 134 31.52 -11.60 -15.92
C GLN B 134 31.40 -12.51 -17.15
N ALA B 135 30.18 -12.91 -17.50
CA ALA B 135 29.91 -13.85 -18.62
C ALA B 135 29.09 -13.14 -19.72
N LYS B 136 29.49 -13.40 -20.97
CA LYS B 136 28.64 -13.27 -22.18
C LYS B 136 28.10 -14.66 -22.54
N ILE B 137 26.79 -14.86 -22.33
CA ILE B 137 26.09 -16.14 -22.65
C ILE B 137 25.18 -15.90 -23.88
N LYS B 138 25.57 -16.51 -25.00
CA LYS B 138 24.70 -16.55 -26.22
C LYS B 138 23.62 -17.62 -26.01
N ILE B 139 22.37 -17.17 -26.02
CA ILE B 139 21.20 -18.06 -25.83
C ILE B 139 20.40 -18.12 -27.15
N ILE B 140 20.08 -19.33 -27.59
CA ILE B 140 19.16 -19.57 -28.74
C ILE B 140 18.01 -20.46 -28.25
N ILE B 141 16.79 -19.94 -28.25
CA ILE B 141 15.54 -20.72 -27.97
C ILE B 141 14.72 -20.85 -29.26
N SER B 142 14.49 -22.10 -29.66
CA SER B 142 13.81 -22.54 -30.89
C SER B 142 12.52 -23.29 -30.51
N ARG B 143 11.42 -23.04 -31.22
CA ARG B 143 10.17 -23.82 -31.01
C ARG B 143 9.49 -24.13 -32.35
N LEU B 144 8.68 -25.19 -32.27
CA LEU B 144 7.86 -25.78 -33.35
C LEU B 144 6.54 -26.21 -32.74
N LEU B 145 5.46 -26.07 -33.51
CA LEU B 145 4.25 -26.89 -33.28
C LEU B 145 4.21 -27.91 -34.42
N ASP B 146 4.04 -29.18 -34.07
CA ASP B 146 4.05 -30.26 -35.09
C ASP B 146 2.80 -30.09 -35.97
N MET B 147 2.99 -29.81 -37.25
CA MET B 147 1.86 -29.56 -38.19
C MET B 147 1.08 -30.85 -38.48
N SER B 148 1.74 -32.02 -38.53
CA SER B 148 1.09 -33.33 -38.85
C SER B 148 0.57 -34.00 -37.58
N ASP B 149 1.47 -34.28 -36.62
CA ASP B 149 1.11 -34.84 -35.28
C ASP B 149 0.88 -33.66 -34.33
N CYS B 150 -0.29 -33.02 -34.50
CA CYS B 150 -0.60 -31.68 -33.93
C CYS B 150 -0.63 -31.65 -32.39
N GLU B 151 -0.68 -32.80 -31.71
CA GLU B 151 -0.68 -32.85 -30.23
C GLU B 151 0.71 -32.47 -29.71
N ASN B 152 1.72 -32.38 -30.58
CA ASN B 152 3.15 -32.24 -30.19
C ASN B 152 3.64 -30.81 -30.44
N ALA B 153 4.43 -30.32 -29.49
CA ALA B 153 5.26 -29.09 -29.58
C ALA B 153 6.68 -29.47 -29.15
N TYR B 154 7.67 -28.76 -29.66
CA TYR B 154 9.11 -29.06 -29.48
C TYR B 154 9.78 -27.74 -29.15
N GLN B 155 10.68 -27.76 -28.16
CA GLN B 155 11.49 -26.59 -27.78
C GLN B 155 12.96 -27.03 -27.71
N MET B 156 13.86 -26.25 -28.32
CA MET B 156 15.31 -26.46 -28.18
C MET B 156 15.90 -25.22 -27.55
N ILE B 157 16.76 -25.37 -26.53
CA ILE B 157 17.48 -24.26 -25.86
C ILE B 157 18.98 -24.58 -25.85
N SER B 158 19.80 -23.65 -26.34
CA SER B 158 21.27 -23.76 -26.35
C SER B 158 21.89 -22.55 -25.61
N PHE B 159 22.97 -22.79 -24.88
CA PHE B 159 23.79 -21.80 -24.18
C PHE B 159 25.25 -21.94 -24.63
N GLU B 160 25.92 -20.80 -24.84
CA GLU B 160 27.35 -20.74 -25.18
C GLU B 160 27.97 -19.56 -24.39
N SER B 161 28.61 -19.85 -23.26
CA SER B 161 29.29 -18.84 -22.39
C SER B 161 30.71 -18.62 -22.88
N ASP B 162 31.19 -17.38 -22.83
CA ASP B 162 32.57 -17.02 -23.28
C ASP B 162 33.58 -17.44 -22.19
N ILE B 163 33.10 -17.76 -20.98
CA ILE B 163 33.90 -18.29 -19.82
C ILE B 163 33.23 -19.57 -19.27
N ASP B 164 33.96 -20.38 -18.52
CA ASP B 164 33.42 -21.50 -17.69
C ASP B 164 32.46 -20.90 -16.66
N THR B 165 31.20 -21.36 -16.62
CA THR B 165 30.23 -20.87 -15.61
C THR B 165 29.11 -21.88 -15.43
N ASP B 166 28.38 -21.76 -14.32
CA ASP B 166 27.22 -22.61 -13.96
C ASP B 166 25.92 -21.81 -14.18
N ILE B 167 24.87 -22.46 -14.68
CA ILE B 167 23.51 -21.87 -14.83
C ILE B 167 22.48 -22.85 -14.29
N LYS B 168 21.33 -22.32 -13.88
CA LYS B 168 20.13 -23.12 -13.58
C LYS B 168 19.10 -22.88 -14.69
N LEU B 169 18.69 -23.95 -15.36
CA LEU B 169 17.54 -23.93 -16.30
C LEU B 169 16.39 -24.70 -15.65
N GLU B 170 15.24 -24.05 -15.47
CA GLU B 170 13.95 -24.71 -15.12
C GLU B 170 13.06 -24.77 -16.39
N LEU B 171 12.50 -25.94 -16.68
CA LEU B 171 11.43 -26.15 -17.69
C LEU B 171 10.12 -26.35 -16.93
N HIS B 172 9.12 -25.53 -17.21
CA HIS B 172 7.79 -25.57 -16.54
C HIS B 172 6.71 -26.00 -17.55
N LEU B 173 5.74 -26.77 -17.07
CA LEU B 173 4.37 -26.82 -17.63
C LEU B 173 3.50 -26.06 -16.61
N ASP B 174 3.03 -24.87 -16.99
CA ASP B 174 2.31 -23.93 -16.11
C ASP B 174 0.84 -23.83 -16.52
N SER B 175 -0.05 -24.50 -15.80
CA SER B 175 -1.53 -24.44 -16.00
C SER B 175 -2.19 -23.54 -14.94
N ASN B 176 -1.45 -22.59 -14.37
CA ASN B 176 -2.02 -21.57 -13.44
C ASN B 176 -2.31 -20.27 -14.20
N ILE B 177 -2.08 -20.26 -15.52
CA ILE B 177 -2.27 -19.05 -16.37
C ILE B 177 -3.68 -18.51 -16.17
N LEU B 178 -3.77 -17.18 -16.27
CA LEU B 178 -5.00 -16.37 -16.18
C LEU B 178 -5.51 -16.12 -17.61
N HIS B 179 -6.82 -15.95 -17.72
CA HIS B 179 -7.54 -15.44 -18.92
C HIS B 179 -8.17 -14.10 -18.53
N TRP B 180 -8.31 -13.20 -19.51
CA TRP B 180 -8.76 -11.78 -19.34
C TRP B 180 -7.85 -11.07 -18.32
N GLY B 181 -6.61 -11.55 -18.18
CA GLY B 181 -5.60 -11.09 -17.20
C GLY B 181 -6.13 -11.09 -15.79
N SER B 182 -7.04 -12.00 -15.45
CA SER B 182 -7.90 -11.84 -14.26
C SER B 182 -8.12 -13.16 -13.50
N ASP B 183 -8.45 -14.29 -14.15
CA ASP B 183 -8.80 -15.55 -13.45
C ASP B 183 -8.28 -16.78 -14.22
N CYS B 184 -8.01 -17.85 -13.48
CA CYS B 184 -7.54 -19.16 -14.00
C CYS B 184 -8.76 -20.05 -14.20
N TYR B 185 -8.91 -20.62 -15.40
CA TYR B 185 -10.14 -21.34 -15.79
C TYR B 185 -9.90 -22.85 -15.75
N TRP B 186 -8.92 -23.28 -14.97
CA TRP B 186 -8.54 -24.71 -14.77
C TRP B 186 -8.56 -25.05 -13.27
N ASN B 187 -9.05 -26.24 -12.94
CA ASN B 187 -8.94 -26.91 -11.62
C ASN B 187 -7.95 -28.09 -11.76
N ARG B 188 -7.26 -28.43 -10.68
CA ARG B 188 -6.24 -29.53 -10.68
C ARG B 188 -6.94 -30.88 -10.76
N VAL B 189 -6.29 -31.85 -11.41
CA VAL B 189 -6.68 -33.28 -11.32
C VAL B 189 -5.47 -34.06 -10.81
N LYS B 190 -4.29 -33.88 -11.39
CA LYS B 190 -3.11 -34.73 -11.11
C LYS B 190 -1.86 -34.05 -11.64
N GLU B 191 -0.76 -34.24 -10.93
CA GLU B 191 0.63 -34.02 -11.43
C GLU B 191 1.36 -35.32 -11.12
N PHE B 192 2.35 -35.67 -11.94
CA PHE B 192 2.92 -37.03 -11.99
C PHE B 192 4.28 -36.95 -12.69
N LYS B 193 5.23 -37.77 -12.23
CA LYS B 193 6.48 -38.07 -12.95
C LYS B 193 6.56 -39.59 -13.09
N ILE B 194 6.73 -40.06 -14.32
CA ILE B 194 6.78 -41.50 -14.68
CA ILE B 194 6.77 -41.50 -14.70
C ILE B 194 7.95 -41.67 -15.66
N GLY B 195 8.91 -42.53 -15.30
CA GLY B 195 10.19 -42.64 -16.01
C GLY B 195 10.79 -41.26 -16.19
N ASN B 196 11.24 -40.94 -17.42
CA ASN B 196 11.86 -39.63 -17.75
C ASN B 196 10.81 -38.59 -18.18
N SER B 197 9.51 -38.85 -17.97
CA SER B 197 8.40 -37.97 -18.40
C SER B 197 7.69 -37.42 -17.17
N ILE B 198 7.28 -36.16 -17.27
CA ILE B 198 6.60 -35.43 -16.18
C ILE B 198 5.38 -34.75 -16.79
N GLY B 199 4.31 -34.57 -16.04
CA GLY B 199 3.09 -33.96 -16.61
C GLY B 199 1.99 -33.70 -15.59
N LEU B 200 0.94 -33.04 -16.07
CA LEU B 200 -0.26 -32.70 -15.29
C LEU B 200 -1.50 -33.03 -16.10
N THR B 201 -2.58 -33.34 -15.40
CA THR B 201 -3.94 -33.42 -15.94
C THR B 201 -4.73 -32.33 -15.22
N VAL B 202 -5.50 -31.58 -16.00
CA VAL B 202 -6.33 -30.44 -15.51
C VAL B 202 -7.70 -30.49 -16.19
N LYS B 203 -8.64 -29.75 -15.64
CA LYS B 203 -10.06 -29.84 -16.02
C LYS B 203 -10.65 -28.44 -15.95
N THR B 204 -11.52 -28.08 -16.90
CA THR B 204 -12.16 -26.74 -16.96
C THR B 204 -13.13 -26.58 -15.78
N LEU B 205 -13.48 -25.34 -15.44
CA LEU B 205 -14.30 -25.05 -14.24
C LEU B 205 -15.67 -25.71 -14.37
N THR B 206 -16.31 -25.65 -15.56
CA THR B 206 -17.73 -26.11 -15.74
C THR B 206 -17.97 -26.82 -17.07
N THR B 207 -17.10 -26.70 -18.09
CA THR B 207 -17.40 -27.29 -19.43
C THR B 207 -17.05 -28.77 -19.52
N ASN B 208 -16.56 -29.39 -18.44
CA ASN B 208 -16.30 -30.86 -18.39
C ASN B 208 -15.22 -31.23 -19.43
N GLN B 209 -14.21 -30.38 -19.62
CA GLN B 209 -13.13 -30.60 -20.61
C GLN B 209 -11.87 -30.90 -19.83
N THR B 210 -11.03 -31.79 -20.36
CA THR B 210 -9.78 -32.22 -19.68
C THR B 210 -8.62 -32.09 -20.64
N LEU B 211 -7.46 -31.82 -20.07
CA LEU B 211 -6.19 -31.63 -20.78
C LEU B 211 -5.13 -32.37 -19.96
N THR B 212 -4.33 -33.20 -20.62
CA THR B 212 -3.08 -33.76 -20.03
C THR B 212 -1.91 -33.21 -20.82
N SER B 213 -0.94 -32.62 -20.14
CA SER B 213 0.27 -32.06 -20.77
C SER B 213 1.47 -32.78 -20.18
N VAL B 214 2.30 -33.36 -21.03
CA VAL B 214 3.51 -34.14 -20.62
C VAL B 214 4.72 -33.59 -21.38
N MET B 215 5.88 -33.62 -20.74
CA MET B 215 7.17 -33.32 -21.39
C MET B 215 8.23 -34.35 -20.94
N ARG B 216 9.30 -34.42 -21.71
CA ARG B 216 10.57 -35.15 -21.42
C ARG B 216 11.64 -34.47 -22.29
N THR B 217 12.90 -34.65 -21.97
CA THR B 217 14.05 -33.98 -22.64
C THR B 217 15.07 -35.05 -23.00
N ASN B 218 16.19 -34.64 -23.59
CA ASN B 218 17.30 -35.53 -23.99
C ASN B 218 18.42 -35.42 -22.94
N LEU B 219 18.09 -34.93 -21.73
CA LEU B 219 19.05 -34.73 -20.60
C LEU B 219 18.42 -35.13 -19.27
N LYS B 220 19.16 -35.89 -18.46
CA LYS B 220 18.73 -36.26 -17.08
C LYS B 220 18.61 -34.98 -16.24
N GLU B 221 17.50 -34.79 -15.51
CA GLU B 221 17.29 -33.63 -14.60
C GLU B 221 18.05 -33.86 -13.28
N ASP B 222 18.42 -32.78 -12.60
CA ASP B 222 19.09 -32.73 -11.27
C ASP B 222 18.05 -32.73 -10.14
N SER B 223 16.82 -32.26 -10.41
CA SER B 223 15.62 -32.51 -9.56
C SER B 223 14.35 -32.14 -10.35
N TYR B 224 13.18 -32.28 -9.73
CA TYR B 224 11.87 -31.87 -10.31
C TYR B 224 10.90 -31.55 -9.16
N GLN B 225 9.75 -30.98 -9.49
CA GLN B 225 8.71 -30.55 -8.51
C GLN B 225 7.33 -30.81 -9.11
N LEU B 226 6.44 -31.37 -8.28
CA LEU B 226 5.00 -31.54 -8.57
C LEU B 226 4.17 -30.64 -7.65
N ASN B 227 3.83 -29.45 -8.13
CA ASN B 227 2.98 -28.44 -7.44
C ASN B 227 1.56 -28.49 -8.03
N GLN B 228 0.66 -27.65 -7.52
CA GLN B 228 -0.73 -27.54 -8.00
C GLN B 228 -0.70 -26.97 -9.42
N LYS B 229 -1.10 -27.80 -10.38
CA LYS B 229 -1.30 -27.38 -11.79
C LYS B 229 0.02 -26.84 -12.34
N GLU B 230 1.14 -27.37 -11.87
CA GLU B 230 2.48 -26.91 -12.31
C GLU B 230 3.46 -28.04 -12.04
N VAL B 231 4.26 -28.42 -13.05
CA VAL B 231 5.43 -29.34 -12.89
C VAL B 231 6.68 -28.64 -13.46
N ILE B 232 7.84 -28.91 -12.85
CA ILE B 232 9.16 -28.29 -13.20
C ILE B 232 10.22 -29.38 -13.24
N LEU B 233 11.08 -29.36 -14.27
CA LEU B 233 12.36 -30.11 -14.34
C LEU B 233 13.49 -29.10 -14.09
N ASN B 234 14.35 -29.35 -13.11
CA ASN B 234 15.50 -28.45 -12.77
C ASN B 234 16.78 -29.04 -13.36
N TYR B 235 17.55 -28.23 -14.07
CA TYR B 235 18.88 -28.58 -14.60
C TYR B 235 19.93 -27.64 -14.00
N GLU B 236 20.88 -28.20 -13.24
CA GLU B 236 22.11 -27.49 -12.78
C GLU B 236 23.18 -27.80 -13.83
N LEU B 237 23.43 -26.85 -14.75
CA LEU B 237 24.30 -27.08 -15.92
C LEU B 237 25.63 -26.37 -15.70
N THR B 238 26.72 -27.01 -16.13
CA THR B 238 28.08 -26.42 -16.16
C THR B 238 28.46 -26.15 -17.61
N LEU B 239 28.75 -24.90 -17.93
CA LEU B 239 29.10 -24.47 -19.29
C LEU B 239 30.61 -24.31 -19.38
N GLU B 240 31.22 -25.03 -20.33
CA GLU B 240 32.63 -24.83 -20.75
C GLU B 240 32.67 -23.69 -21.76
N ALA B 241 33.67 -22.81 -21.63
CA ALA B 241 33.89 -21.62 -22.48
C ALA B 241 33.86 -22.03 -23.96
N ASN B 242 33.01 -21.38 -24.77
CA ASN B 242 32.92 -21.50 -26.26
C ASN B 242 32.57 -22.94 -26.64
N LYS B 243 31.95 -23.70 -25.73
CA LYS B 243 31.36 -25.04 -25.98
C LYS B 243 29.82 -24.92 -25.82
N GLU B 244 29.09 -25.24 -26.88
CA GLU B 244 27.61 -25.15 -26.88
C GLU B 244 27.03 -26.32 -26.08
N LYS B 245 26.22 -26.02 -25.07
CA LYS B 245 25.36 -26.99 -24.37
C LYS B 245 23.92 -26.74 -24.83
N THR B 246 23.22 -27.79 -25.28
CA THR B 246 21.85 -27.69 -25.81
CA THR B 246 21.85 -27.69 -25.81
C THR B 246 20.97 -28.73 -25.13
N ILE B 247 19.68 -28.41 -25.02
CA ILE B 247 18.64 -29.33 -24.50
C ILE B 247 17.45 -29.23 -25.45
N THR B 248 16.76 -30.35 -25.65
CA THR B 248 15.49 -30.38 -26.44
C THR B 248 14.38 -30.82 -25.48
N ARG B 249 13.32 -30.00 -25.40
CA ARG B 249 12.05 -30.35 -24.72
C ARG B 249 10.99 -30.82 -25.72
N TYR B 250 10.42 -31.99 -25.45
CA TYR B 250 9.30 -32.57 -26.20
C TYR B 250 8.06 -32.39 -25.33
N VAL B 251 6.98 -31.88 -25.92
CA VAL B 251 5.65 -31.69 -25.27
C VAL B 251 4.59 -32.44 -26.09
N THR B 252 3.73 -33.16 -25.38
CA THR B 252 2.47 -33.69 -25.93
C THR B 252 1.31 -33.19 -25.05
N ASN B 253 0.28 -32.64 -25.68
CA ASN B 253 -0.97 -32.21 -25.02
C ASN B 253 -2.13 -32.99 -25.61
N ILE B 254 -2.86 -33.74 -24.78
CA ILE B 254 -4.04 -34.52 -25.19
C ILE B 254 -5.25 -33.89 -24.52
N ILE B 255 -6.13 -33.29 -25.32
CA ILE B 255 -7.42 -32.73 -24.82
C ILE B 255 -8.56 -33.70 -25.09
N ASP B 256 -9.54 -33.68 -24.20
CA ASP B 256 -10.88 -34.27 -24.40
C ASP B 256 -11.88 -33.12 -24.35
N LYS B 257 -12.46 -32.72 -25.49
CA LYS B 257 -13.37 -31.54 -25.57
C LYS B 257 -14.77 -31.88 -25.08
N ASN B 258 -15.11 -33.17 -25.01
CA ASN B 258 -16.48 -33.69 -24.73
C ASN B 258 -16.66 -34.20 -23.30
N GLY B 259 -15.63 -34.74 -22.67
CA GLY B 259 -15.61 -35.09 -21.22
C GLY B 259 -15.95 -36.55 -20.94
N ASN B 260 -15.85 -37.44 -21.94
CA ASN B 260 -16.18 -38.88 -21.77
C ASN B 260 -14.90 -39.72 -21.64
N GLN B 261 -13.71 -39.14 -21.86
CA GLN B 261 -12.42 -39.89 -21.93
C GLN B 261 -11.94 -40.19 -20.50
N LYS B 262 -11.72 -41.48 -20.20
CA LYS B 262 -11.08 -41.94 -18.93
C LYS B 262 -9.67 -41.33 -18.88
N LEU B 263 -9.35 -40.65 -17.78
CA LEU B 263 -8.10 -39.86 -17.66
C LEU B 263 -6.87 -40.79 -17.68
N SER B 264 -6.99 -42.05 -17.24
CA SER B 264 -5.86 -43.03 -17.34
C SER B 264 -5.56 -43.32 -18.83
N GLN B 265 -6.55 -43.40 -19.72
CA GLN B 265 -6.28 -43.56 -21.17
C GLN B 265 -5.59 -42.30 -21.71
N GLN B 266 -6.06 -41.12 -21.29
CA GLN B 266 -5.54 -39.81 -21.74
C GLN B 266 -4.06 -39.72 -21.34
N ARG B 267 -3.74 -40.01 -20.08
CA ARG B 267 -2.34 -40.03 -19.59
C ARG B 267 -1.55 -41.04 -20.44
N ASP B 268 -2.05 -42.26 -20.66
CA ASP B 268 -1.30 -43.31 -21.38
C ASP B 268 -1.06 -42.87 -22.82
N ILE B 269 -2.08 -42.29 -23.46
CA ILE B 269 -2.00 -41.80 -24.87
C ILE B 269 -0.92 -40.71 -24.92
N ALA B 270 -1.00 -39.70 -24.05
CA ALA B 270 -0.05 -38.58 -24.03
C ALA B 270 1.39 -39.10 -23.86
N LEU B 271 1.61 -40.07 -22.97
CA LEU B 271 2.97 -40.58 -22.63
C LEU B 271 3.49 -41.43 -23.80
N THR B 272 2.64 -42.27 -24.39
CA THR B 272 3.02 -43.07 -25.58
C THR B 272 3.50 -42.11 -26.67
N LYS B 273 2.70 -41.11 -27.06
CA LYS B 273 3.03 -40.19 -28.18
C LYS B 273 4.28 -39.38 -27.86
N LEU B 274 4.37 -38.86 -26.64
CA LEU B 274 5.57 -38.10 -26.17
C LEU B 274 6.82 -38.97 -26.37
N LYS B 275 6.77 -40.21 -25.92
CA LYS B 275 7.94 -41.13 -25.96
C LYS B 275 8.34 -41.28 -27.43
N GLU B 276 7.36 -41.55 -28.30
CA GLU B 276 7.58 -41.75 -29.76
C GLU B 276 8.29 -40.50 -30.32
N ALA B 277 7.79 -39.31 -29.96
CA ALA B 277 8.28 -38.02 -30.52
C ALA B 277 9.71 -37.75 -30.07
N SER B 278 10.07 -38.14 -28.84
CA SER B 278 11.41 -37.90 -28.26
C SER B 278 12.52 -38.62 -29.04
N LYS B 279 12.18 -39.60 -29.88
CA LYS B 279 13.17 -40.39 -30.67
C LYS B 279 13.78 -39.55 -31.81
N PHE B 280 13.21 -38.39 -32.14
CA PHE B 280 13.68 -37.53 -33.26
C PHE B 280 14.39 -36.31 -32.72
N SER B 281 15.44 -35.88 -33.42
CA SER B 281 16.14 -34.60 -33.18
C SER B 281 15.21 -33.43 -33.52
N PHE B 282 15.38 -32.30 -32.82
CA PHE B 282 14.71 -31.03 -33.16
C PHE B 282 14.97 -30.65 -34.63
N ALA B 283 16.21 -30.82 -35.11
CA ALA B 283 16.59 -30.54 -36.52
C ALA B 283 15.74 -31.36 -37.49
N ASP B 284 15.47 -32.65 -37.18
CA ASP B 284 14.67 -33.55 -38.02
C ASP B 284 13.18 -33.16 -37.96
N LEU B 285 12.74 -32.55 -36.86
CA LEU B 285 11.32 -32.14 -36.69
C LEU B 285 11.09 -30.79 -37.38
N VAL B 286 12.12 -29.96 -37.51
CA VAL B 286 12.07 -28.78 -38.43
C VAL B 286 11.81 -29.31 -39.85
N LYS B 287 12.57 -30.32 -40.28
CA LYS B 287 12.43 -30.96 -41.63
C LYS B 287 11.03 -31.56 -41.75
N LYS B 288 10.54 -32.21 -40.71
CA LYS B 288 9.18 -32.78 -40.79
C LYS B 288 8.21 -31.63 -41.10
N ASN B 289 8.29 -30.53 -40.34
CA ASN B 289 7.40 -29.36 -40.51
C ASN B 289 7.58 -28.82 -41.92
N GLN B 290 8.81 -28.73 -42.41
CA GLN B 290 9.08 -28.11 -43.73
C GLN B 290 8.34 -28.88 -44.84
N LYS B 291 8.37 -30.22 -44.77
CA LYS B 291 7.74 -31.11 -45.78
C LYS B 291 6.23 -30.84 -45.81
N PHE B 292 5.60 -30.61 -44.65
CA PHE B 292 4.17 -30.23 -44.56
C PHE B 292 3.96 -28.89 -45.29
N PHE B 293 4.78 -27.89 -44.96
CA PHE B 293 4.68 -26.54 -45.56
C PHE B 293 5.01 -26.60 -47.06
N ASN B 294 5.94 -27.47 -47.48
CA ASN B 294 6.28 -27.60 -48.93
C ASN B 294 5.06 -28.07 -49.73
N HIS B 295 4.26 -29.02 -49.21
CA HIS B 295 2.99 -29.45 -49.86
C HIS B 295 2.05 -28.23 -50.02
N PHE B 296 1.89 -27.39 -49.00
CA PHE B 296 0.85 -26.33 -49.01
C PHE B 296 1.33 -25.14 -49.85
N TYR B 297 2.64 -24.93 -49.96
CA TYR B 297 3.20 -23.90 -50.87
C TYR B 297 3.13 -24.38 -52.33
N GLN B 298 3.32 -25.67 -52.61
CA GLN B 298 3.16 -26.21 -53.99
C GLN B 298 1.70 -26.09 -54.44
N LYS B 299 0.74 -26.10 -53.51
CA LYS B 299 -0.70 -26.01 -53.83
C LYS B 299 -1.15 -24.54 -53.96
N SER B 300 -0.53 -23.58 -53.25
CA SER B 300 -1.20 -22.27 -53.04
C SER B 300 -0.26 -21.06 -53.01
N ASP B 301 1.05 -21.25 -53.06
CA ASP B 301 1.99 -20.10 -52.93
C ASP B 301 1.69 -19.04 -54.00
N ILE B 302 1.86 -17.77 -53.62
CA ILE B 302 1.71 -16.60 -54.53
C ILE B 302 3.04 -15.88 -54.71
N LEU B 303 3.51 -15.77 -55.95
CA LEU B 303 4.72 -15.01 -56.32
C LEU B 303 4.29 -13.60 -56.68
N ILE B 304 4.95 -12.60 -56.10
CA ILE B 304 4.75 -11.16 -56.44
C ILE B 304 6.15 -10.62 -56.79
N ASP B 305 6.28 -9.96 -57.95
CA ASP B 305 7.55 -9.35 -58.40
C ASP B 305 7.36 -7.83 -58.46
N GLY B 306 8.27 -7.06 -57.85
CA GLY B 306 8.28 -5.58 -57.87
C GLY B 306 7.91 -4.96 -56.53
N SER B 307 7.61 -5.78 -55.53
CA SER B 307 7.29 -5.37 -54.12
C SER B 307 7.78 -6.43 -53.13
N ASP B 308 8.96 -6.24 -52.56
CA ASP B 308 9.50 -7.17 -51.53
C ASP B 308 8.50 -7.18 -50.36
N SER B 309 8.00 -5.99 -50.02
CA SER B 309 6.94 -5.73 -49.02
C SER B 309 5.75 -6.69 -49.27
N ASP B 310 5.14 -6.65 -50.45
CA ASP B 310 3.92 -7.45 -50.73
C ASP B 310 4.27 -8.95 -50.83
N GLN B 311 5.45 -9.29 -51.33
CA GLN B 311 5.87 -10.71 -51.45
C GLN B 311 5.88 -11.34 -50.05
N GLN B 312 6.54 -10.69 -49.09
CA GLN B 312 6.55 -11.13 -47.66
C GLN B 312 5.13 -11.16 -47.10
N GLY B 313 4.36 -10.09 -47.27
CA GLY B 313 2.99 -9.97 -46.73
C GLY B 313 2.12 -11.14 -47.19
N ILE B 314 2.01 -11.37 -48.50
CA ILE B 314 1.11 -12.45 -49.02
C ILE B 314 1.60 -13.79 -48.46
N ARG B 315 2.90 -14.05 -48.45
CA ARG B 315 3.38 -15.39 -48.03
C ARG B 315 3.15 -15.54 -46.51
N TYR B 316 3.15 -14.43 -45.77
CA TYR B 316 2.86 -14.41 -44.32
C TYR B 316 1.38 -14.75 -44.09
N CYS B 317 0.50 -14.08 -44.84
CA CYS B 317 -0.96 -14.36 -44.87
C CYS B 317 -1.22 -15.83 -45.17
N LEU B 318 -0.58 -16.41 -46.18
CA LEU B 318 -0.80 -17.83 -46.57
C LEU B 318 -0.36 -18.71 -45.43
N PHE B 319 0.82 -18.43 -44.86
CA PHE B 319 1.37 -19.18 -43.70
C PHE B 319 0.36 -19.15 -42.56
N GLN B 320 -0.21 -17.99 -42.24
CA GLN B 320 -1.18 -17.90 -41.12
C GLN B 320 -2.51 -18.58 -41.49
N MET B 321 -2.95 -18.55 -42.74
CA MET B 321 -4.14 -19.34 -43.20
C MET B 321 -3.86 -20.84 -42.97
N ILE B 322 -2.68 -21.31 -43.36
CA ILE B 322 -2.30 -22.74 -43.18
C ILE B 322 -2.23 -23.07 -41.67
N GLN B 323 -1.73 -22.18 -40.82
CA GLN B 323 -1.61 -22.41 -39.35
C GLN B 323 -3.01 -22.47 -38.74
N ALA B 324 -3.92 -21.62 -39.21
CA ALA B 324 -5.28 -21.52 -38.62
C ALA B 324 -6.07 -22.81 -38.84
N TYR B 325 -5.90 -23.51 -39.95
CA TYR B 325 -6.84 -24.60 -40.34
C TYR B 325 -6.21 -25.48 -41.42
N HIS B 326 -6.23 -26.80 -41.23
CA HIS B 326 -5.78 -27.74 -42.28
C HIS B 326 -6.62 -29.02 -42.28
N GLY B 327 -7.76 -29.04 -41.60
CA GLY B 327 -8.67 -30.21 -41.57
C GLY B 327 -8.25 -31.26 -40.58
N PHE B 328 -7.74 -30.88 -39.42
CA PHE B 328 -7.37 -31.84 -38.34
C PHE B 328 -8.61 -32.43 -37.66
N ASP B 329 -9.69 -31.65 -37.51
CA ASP B 329 -10.82 -32.02 -36.64
C ASP B 329 -12.11 -31.42 -37.20
N PRO B 330 -13.09 -32.24 -37.62
CA PRO B 330 -14.37 -31.70 -38.06
C PRO B 330 -15.18 -30.99 -36.94
N THR B 331 -14.64 -30.88 -35.72
CA THR B 331 -15.25 -30.08 -34.62
C THR B 331 -14.39 -28.85 -34.31
N ASN B 332 -13.40 -28.53 -35.14
CA ASN B 332 -12.64 -27.26 -35.06
C ASN B 332 -13.18 -26.22 -36.06
N THR B 333 -12.92 -24.95 -35.78
CA THR B 333 -13.26 -23.81 -36.66
C THR B 333 -12.17 -22.76 -36.50
N ILE B 334 -12.29 -21.69 -37.25
CA ILE B 334 -11.30 -20.59 -37.31
C ILE B 334 -11.85 -19.43 -36.49
N GLY B 335 -11.10 -18.95 -35.49
CA GLY B 335 -11.44 -17.76 -34.70
C GLY B 335 -11.12 -16.49 -35.44
N ALA B 336 -11.69 -15.37 -35.01
CA ALA B 336 -11.49 -14.07 -35.67
C ALA B 336 -10.02 -13.64 -35.53
N LYS B 337 -9.26 -14.21 -34.57
CA LYS B 337 -7.80 -13.96 -34.45
C LYS B 337 -7.04 -15.30 -34.49
N GLY B 338 -7.64 -16.33 -35.11
CA GLY B 338 -7.15 -17.70 -35.01
C GLY B 338 -6.92 -18.07 -33.54
N LEU B 339 -5.78 -18.66 -33.23
CA LEU B 339 -5.40 -18.91 -31.81
C LEU B 339 -4.18 -18.04 -31.44
N THR B 340 -4.28 -16.72 -31.68
CA THR B 340 -3.17 -15.76 -31.51
C THR B 340 -3.49 -14.72 -30.43
N GLY B 341 -4.61 -14.81 -29.74
CA GLY B 341 -4.91 -13.90 -28.61
C GLY B 341 -6.29 -14.14 -28.02
N GLU B 342 -6.70 -13.29 -27.09
CA GLU B 342 -7.92 -13.44 -26.25
C GLU B 342 -9.10 -12.67 -26.85
N ALA B 343 -8.85 -11.49 -27.43
CA ALA B 343 -9.86 -10.62 -28.06
C ALA B 343 -10.58 -11.41 -29.16
N TYR B 344 -11.91 -11.39 -29.09
CA TYR B 344 -12.86 -12.09 -29.99
C TYR B 344 -12.93 -13.58 -29.63
N SER B 345 -12.27 -14.04 -28.56
CA SER B 345 -12.70 -15.21 -27.76
C SER B 345 -12.57 -16.50 -28.55
N GLY B 346 -11.72 -16.55 -29.58
CA GLY B 346 -11.63 -17.72 -30.47
C GLY B 346 -12.93 -17.98 -31.22
N HIS B 347 -13.80 -16.97 -31.32
CA HIS B 347 -15.17 -17.12 -31.88
C HIS B 347 -15.10 -17.21 -33.42
N ALA B 348 -15.92 -18.09 -33.98
CA ALA B 348 -16.34 -18.12 -35.41
C ALA B 348 -17.48 -17.10 -35.62
N PHE B 349 -17.41 -16.35 -36.70
CA PHE B 349 -18.44 -15.42 -37.20
C PHE B 349 -18.84 -15.87 -38.60
N TRP B 350 -19.82 -15.18 -39.20
CA TRP B 350 -20.32 -15.48 -40.57
C TRP B 350 -19.17 -15.42 -41.58
N ASP B 351 -18.11 -14.67 -41.25
CA ASP B 351 -16.86 -14.48 -42.05
C ASP B 351 -16.23 -15.82 -42.47
N ASN B 352 -16.26 -16.82 -41.58
CA ASN B 352 -15.68 -18.14 -41.89
C ASN B 352 -16.28 -18.62 -43.21
N GLU B 353 -17.60 -18.62 -43.32
CA GLU B 353 -18.31 -19.28 -44.45
C GLU B 353 -18.23 -18.41 -45.72
N THR B 354 -18.27 -17.09 -45.59
CA THR B 354 -18.48 -16.17 -46.73
C THR B 354 -17.17 -15.50 -47.14
N TYR B 355 -16.07 -15.67 -46.38
CA TYR B 355 -14.78 -15.01 -46.73
C TYR B 355 -13.54 -15.91 -46.54
N CYS B 356 -13.45 -16.69 -45.46
CA CYS B 356 -12.29 -17.57 -45.19
C CYS B 356 -12.39 -18.84 -46.03
N LEU B 357 -13.60 -19.37 -46.24
CA LEU B 357 -13.81 -20.68 -46.86
C LEU B 357 -13.09 -20.77 -48.20
N PRO B 358 -13.17 -19.77 -49.10
CA PRO B 358 -12.69 -20.01 -50.46
C PRO B 358 -11.21 -20.40 -50.58
N PHE B 359 -10.36 -19.85 -49.73
CA PHE B 359 -8.93 -20.24 -49.69
C PHE B 359 -8.79 -21.76 -49.57
N TYR B 360 -9.57 -22.36 -48.66
CA TYR B 360 -9.61 -23.81 -48.36
C TYR B 360 -10.28 -24.57 -49.53
N LEU B 361 -11.35 -24.05 -50.11
CA LEU B 361 -12.01 -24.72 -51.26
C LEU B 361 -10.97 -25.01 -52.37
N TYR B 362 -10.04 -24.09 -52.66
CA TYR B 362 -9.12 -24.24 -53.82
C TYR B 362 -7.78 -24.88 -53.41
N SER B 363 -7.55 -25.18 -52.12
CA SER B 363 -6.25 -25.71 -51.63
C SER B 363 -6.38 -27.06 -50.91
N ASN B 364 -7.46 -27.32 -50.19
CA ASN B 364 -7.54 -28.41 -49.20
C ASN B 364 -9.00 -28.79 -48.98
N GLN B 365 -9.51 -29.77 -49.74
CA GLN B 365 -10.93 -30.17 -49.67
C GLN B 365 -11.33 -30.55 -48.24
N GLU B 366 -10.48 -31.32 -47.56
CA GLU B 366 -10.77 -31.79 -46.18
C GLU B 366 -10.92 -30.58 -45.26
N ALA B 367 -10.07 -29.56 -45.36
CA ALA B 367 -10.21 -28.29 -44.60
C ALA B 367 -11.59 -27.68 -44.85
N ALA B 368 -11.95 -27.48 -46.11
CA ALA B 368 -13.19 -26.77 -46.50
C ALA B 368 -14.37 -27.55 -45.91
N LYS B 369 -14.32 -28.85 -46.04
CA LYS B 369 -15.39 -29.76 -45.58
C LYS B 369 -15.50 -29.64 -44.06
N ASP B 370 -14.36 -29.60 -43.36
CA ASP B 370 -14.33 -29.61 -41.89
C ASP B 370 -14.93 -28.31 -41.37
N LEU B 371 -14.69 -27.16 -42.03
CA LEU B 371 -15.28 -25.88 -41.58
C LEU B 371 -16.80 -26.00 -41.64
N ILE B 372 -17.32 -26.67 -42.64
CA ILE B 372 -18.79 -26.90 -42.75
C ILE B 372 -19.22 -27.94 -41.68
N MET B 373 -18.42 -28.98 -41.41
CA MET B 373 -18.80 -30.03 -40.42
C MET B 373 -18.84 -29.41 -39.02
N PHE B 374 -18.08 -28.36 -38.76
CA PHE B 374 -18.09 -27.68 -37.45
C PHE B 374 -19.53 -27.23 -37.15
N ARG B 375 -20.15 -26.71 -38.20
CA ARG B 375 -21.54 -26.19 -38.20
C ARG B 375 -22.52 -27.37 -38.13
N TYR B 376 -22.30 -28.43 -38.90
CA TYR B 376 -23.14 -29.63 -38.76
C TYR B 376 -23.15 -30.06 -37.29
N ASN B 377 -21.97 -30.13 -36.71
CA ASN B 377 -21.75 -30.67 -35.34
C ASN B 377 -22.21 -29.67 -34.28
N THR B 378 -22.70 -28.49 -34.64
CA THR B 378 -23.30 -27.48 -33.72
C THR B 378 -24.73 -27.15 -34.12
N LEU B 379 -25.36 -28.07 -34.86
CA LEU B 379 -26.77 -27.91 -35.33
C LEU B 379 -27.70 -27.82 -34.13
N GLU B 380 -27.49 -28.69 -33.14
CA GLU B 380 -28.35 -28.79 -31.92
C GLU B 380 -28.30 -27.43 -31.18
N GLU B 381 -27.14 -26.81 -31.04
CA GLU B 381 -27.02 -25.48 -30.40
C GLU B 381 -27.77 -24.45 -31.25
N ALA B 382 -27.66 -24.53 -32.58
CA ALA B 382 -28.35 -23.62 -33.53
C ALA B 382 -29.87 -23.76 -33.37
N LYS B 383 -30.36 -24.98 -33.07
CA LYS B 383 -31.81 -25.24 -32.93
C LYS B 383 -32.29 -24.66 -31.59
N ALA B 384 -31.52 -24.85 -30.52
CA ALA B 384 -31.78 -24.23 -29.20
C ALA B 384 -31.80 -22.69 -29.39
N ARG B 385 -30.87 -22.12 -30.17
CA ARG B 385 -30.79 -20.65 -30.41
C ARG B 385 -32.03 -20.14 -31.14
N ALA B 386 -32.52 -20.89 -32.13
CA ALA B 386 -33.79 -20.58 -32.83
C ALA B 386 -34.93 -20.49 -31.82
N LYS B 387 -35.01 -21.44 -30.88
CA LYS B 387 -36.07 -21.42 -29.82
C LYS B 387 -35.91 -20.17 -28.95
N GLU B 388 -34.68 -19.72 -28.67
CA GLU B 388 -34.44 -18.46 -27.90
C GLU B 388 -34.99 -17.25 -28.68
N LEU B 389 -35.11 -17.33 -30.02
CA LEU B 389 -35.69 -16.24 -30.87
C LEU B 389 -37.13 -16.56 -31.28
N ASP B 390 -37.84 -17.37 -30.49
CA ASP B 390 -39.27 -17.72 -30.72
C ASP B 390 -39.47 -18.25 -32.16
N SER B 391 -38.52 -18.98 -32.69
CA SER B 391 -38.56 -19.60 -34.04
C SER B 391 -38.28 -21.11 -33.89
N ILE B 392 -38.27 -21.83 -35.02
CA ILE B 392 -37.86 -23.26 -35.05
C ILE B 392 -36.74 -23.41 -36.07
N GLY B 393 -36.29 -24.64 -36.35
CA GLY B 393 -35.15 -24.88 -37.24
C GLY B 393 -33.85 -24.50 -36.56
N ALA B 394 -32.85 -24.10 -37.34
CA ALA B 394 -31.47 -23.83 -36.87
C ALA B 394 -31.10 -22.36 -37.19
N CYS B 395 -30.84 -21.59 -36.14
CA CYS B 395 -30.33 -20.21 -36.18
C CYS B 395 -28.86 -20.22 -35.75
N PHE B 396 -27.96 -20.22 -36.74
CA PHE B 396 -26.50 -20.24 -36.43
C PHE B 396 -26.15 -18.90 -35.80
N PRO B 397 -25.32 -18.89 -34.73
CA PRO B 397 -25.10 -17.66 -33.97
C PRO B 397 -24.13 -16.69 -34.64
N VAL B 398 -24.22 -15.44 -34.23
CA VAL B 398 -23.33 -14.34 -34.73
C VAL B 398 -21.90 -14.64 -34.29
N ALA B 399 -21.69 -15.04 -33.03
CA ALA B 399 -20.35 -15.30 -32.45
C ALA B 399 -20.39 -16.53 -31.56
N THR B 400 -19.54 -17.51 -31.84
CA THR B 400 -19.57 -18.78 -31.07
C THR B 400 -18.24 -19.52 -31.20
N ARG B 401 -17.94 -20.34 -30.19
CA ARG B 401 -17.01 -21.48 -30.38
C ARG B 401 -17.79 -22.79 -30.16
N ASN B 402 -18.65 -22.88 -29.14
CA ASN B 402 -19.30 -24.16 -28.77
C ASN B 402 -20.64 -24.36 -29.49
N GLY B 403 -21.06 -23.37 -30.29
CA GLY B 403 -22.26 -23.44 -31.12
C GLY B 403 -23.39 -22.58 -30.57
N LYS B 404 -23.34 -22.18 -29.29
CA LYS B 404 -24.37 -21.32 -28.68
C LYS B 404 -24.03 -19.87 -28.96
N GLU B 405 -25.00 -18.98 -28.88
CA GLU B 405 -24.77 -17.54 -29.09
C GLU B 405 -23.86 -17.06 -27.96
N ALA B 406 -22.80 -16.34 -28.32
CA ALA B 406 -21.84 -15.73 -27.38
C ALA B 406 -21.94 -14.20 -27.46
N CYS B 407 -22.55 -13.66 -28.51
CA CYS B 407 -22.82 -12.21 -28.64
C CYS B 407 -23.95 -11.83 -27.70
N ASN B 408 -23.67 -10.96 -26.72
CA ASN B 408 -24.70 -10.55 -25.72
C ASN B 408 -25.33 -9.22 -26.10
N LEU B 409 -25.08 -8.73 -27.32
CA LEU B 409 -25.72 -7.52 -27.91
C LEU B 409 -26.93 -7.93 -28.76
N TRP B 410 -28.12 -7.74 -28.23
CA TRP B 410 -29.38 -8.10 -28.93
C TRP B 410 -29.42 -7.38 -30.30
N GLN B 411 -28.84 -6.18 -30.40
CA GLN B 411 -28.81 -5.37 -31.64
C GLN B 411 -28.24 -6.18 -32.81
N HIS B 412 -27.31 -7.10 -32.54
CA HIS B 412 -26.71 -7.98 -33.57
C HIS B 412 -27.29 -9.42 -33.46
N ALA B 413 -27.34 -9.99 -32.25
CA ALA B 413 -27.62 -11.42 -32.02
C ALA B 413 -29.08 -11.75 -32.37
N SER B 414 -29.99 -10.80 -32.16
CA SER B 414 -31.46 -10.97 -32.36
C SER B 414 -31.89 -10.54 -33.77
N THR B 415 -31.00 -9.92 -34.55
CA THR B 415 -31.37 -9.22 -35.81
C THR B 415 -30.62 -9.71 -37.05
N GLN B 416 -29.45 -10.33 -36.91
CA GLN B 416 -28.55 -10.70 -38.04
C GLN B 416 -28.61 -12.21 -38.26
N PHE B 417 -29.12 -12.62 -39.43
CA PHE B 417 -29.23 -14.03 -39.83
C PHE B 417 -28.19 -14.38 -40.90
N GLN B 418 -27.26 -13.46 -41.18
CA GLN B 418 -26.08 -13.71 -42.05
C GLN B 418 -25.29 -14.96 -41.67
N PRO B 419 -25.21 -15.42 -40.40
CA PRO B 419 -24.52 -16.66 -40.09
C PRO B 419 -25.30 -17.89 -40.62
N SER B 420 -26.64 -17.82 -40.66
CA SER B 420 -27.50 -18.95 -41.09
C SER B 420 -27.46 -19.08 -42.60
N THR B 421 -27.65 -17.99 -43.34
CA THR B 421 -27.55 -18.02 -44.83
C THR B 421 -26.08 -18.20 -45.22
N GLY B 422 -25.14 -17.80 -44.35
CA GLY B 422 -23.72 -18.05 -44.58
C GLY B 422 -23.40 -19.54 -44.56
N VAL B 423 -23.99 -20.29 -43.64
CA VAL B 423 -23.78 -21.77 -43.63
C VAL B 423 -24.42 -22.36 -44.90
N PHE B 424 -25.64 -21.97 -45.25
CA PHE B 424 -26.25 -22.29 -46.58
C PHE B 424 -25.26 -22.00 -47.71
N TYR B 425 -24.70 -20.78 -47.77
CA TYR B 425 -23.79 -20.35 -48.84
C TYR B 425 -22.56 -21.27 -48.89
N ALA B 426 -21.99 -21.58 -47.74
CA ALA B 426 -20.79 -22.45 -47.61
C ALA B 426 -21.08 -23.81 -48.27
N ILE B 427 -22.23 -24.42 -47.96
CA ILE B 427 -22.65 -25.72 -48.55
C ILE B 427 -22.77 -25.58 -50.07
N TYR B 428 -23.40 -24.49 -50.50
CA TYR B 428 -23.63 -24.21 -51.93
C TYR B 428 -22.27 -24.10 -52.60
N HIS B 429 -21.38 -23.30 -52.01
CA HIS B 429 -20.03 -23.04 -52.60
C HIS B 429 -19.23 -24.34 -52.66
N TYR B 430 -19.25 -25.11 -51.57
CA TYR B 430 -18.54 -26.41 -51.46
C TYR B 430 -18.98 -27.35 -52.60
N MET B 431 -20.30 -27.48 -52.78
CA MET B 431 -20.92 -28.32 -53.85
C MET B 431 -20.56 -27.72 -55.23
N LYS B 432 -20.43 -26.41 -55.37
CA LYS B 432 -20.05 -25.80 -56.67
C LYS B 432 -18.61 -26.24 -57.01
N ILE B 433 -17.75 -26.36 -56.02
CA ILE B 433 -16.32 -26.68 -56.28
C ILE B 433 -16.15 -28.21 -56.37
N TYR B 434 -16.84 -28.99 -55.54
CA TYR B 434 -16.55 -30.45 -55.38
C TYR B 434 -17.71 -31.37 -55.76
N ASN B 435 -18.95 -30.89 -55.81
CA ASN B 435 -20.11 -31.78 -56.11
C ASN B 435 -20.00 -33.07 -55.27
N ASP B 436 -19.86 -32.91 -53.96
CA ASP B 436 -19.66 -34.06 -53.04
C ASP B 436 -21.03 -34.63 -52.66
N HIS B 437 -21.50 -35.61 -53.45
CA HIS B 437 -22.84 -36.23 -53.29
C HIS B 437 -22.97 -36.78 -51.86
N LYS B 438 -21.93 -37.41 -51.32
CA LYS B 438 -22.04 -38.08 -50.00
C LYS B 438 -22.21 -37.06 -48.87
N PHE B 439 -21.45 -35.97 -48.88
CA PHE B 439 -21.60 -34.88 -47.88
C PHE B 439 -23.04 -34.38 -47.90
N MET B 440 -23.58 -34.12 -49.09
CA MET B 440 -24.94 -33.56 -49.25
C MET B 440 -25.98 -34.56 -48.71
N GLN B 441 -25.86 -35.86 -49.08
CA GLN B 441 -26.79 -36.93 -48.61
C GLN B 441 -26.72 -37.02 -47.09
N ASN B 442 -25.53 -37.11 -46.50
CA ASN B 442 -25.35 -37.50 -45.09
C ASN B 442 -25.49 -36.29 -44.15
N TYR B 443 -25.16 -35.06 -44.63
CA TYR B 443 -25.07 -33.85 -43.80
C TYR B 443 -25.76 -32.61 -44.41
N GLY B 444 -25.56 -32.33 -45.70
CA GLY B 444 -25.98 -31.06 -46.32
C GLY B 444 -27.49 -30.89 -46.34
N ILE B 445 -28.24 -31.90 -46.72
CA ILE B 445 -29.73 -31.83 -46.77
C ILE B 445 -30.26 -31.49 -45.38
N GLU B 446 -29.86 -32.23 -44.35
CA GLU B 446 -30.33 -31.93 -42.97
C GLU B 446 -30.05 -30.45 -42.65
N MET B 447 -28.86 -29.95 -42.96
CA MET B 447 -28.44 -28.57 -42.60
C MET B 447 -29.32 -27.57 -43.37
N LEU B 448 -29.52 -27.78 -44.67
CA LEU B 448 -30.34 -26.86 -45.51
C LEU B 448 -31.80 -26.84 -45.03
N VAL B 449 -32.34 -27.99 -44.62
CA VAL B 449 -33.75 -28.12 -44.14
C VAL B 449 -33.91 -27.37 -42.81
N GLU B 450 -32.98 -27.55 -41.87
CA GLU B 450 -33.05 -26.90 -40.54
C GLU B 450 -32.93 -25.38 -40.70
N ILE B 451 -31.97 -24.90 -41.48
CA ILE B 451 -31.79 -23.45 -41.76
C ILE B 451 -33.04 -22.92 -42.47
N SER B 452 -33.55 -23.62 -43.47
CA SER B 452 -34.78 -23.20 -44.18
C SER B 452 -35.94 -23.06 -43.17
N LYS B 453 -36.03 -23.99 -42.22
CA LYS B 453 -37.12 -24.02 -41.19
C LYS B 453 -37.01 -22.77 -40.32
N PHE B 454 -35.79 -22.37 -39.97
CA PHE B 454 -35.55 -21.14 -39.19
C PHE B 454 -35.99 -19.92 -40.01
N LEU B 455 -35.56 -19.83 -41.25
CA LEU B 455 -35.83 -18.63 -42.09
C LEU B 455 -37.35 -18.53 -42.37
N LEU B 456 -38.01 -19.66 -42.54
CA LEU B 456 -39.48 -19.73 -42.74
C LEU B 456 -40.25 -19.34 -41.47
N SER B 457 -39.71 -19.57 -40.27
CA SER B 457 -40.38 -19.22 -38.99
C SER B 457 -40.00 -17.80 -38.52
N ARG B 458 -38.80 -17.29 -38.84
CA ARG B 458 -38.40 -15.93 -38.40
C ARG B 458 -38.85 -14.91 -39.46
N GLY B 459 -38.89 -15.33 -40.73
CA GLY B 459 -39.54 -14.55 -41.79
C GLY B 459 -41.03 -14.53 -41.55
N GLN B 460 -41.70 -13.46 -41.97
CA GLN B 460 -43.16 -13.25 -41.76
C GLN B 460 -43.80 -12.70 -43.03
N TYR B 461 -45.06 -13.07 -43.25
CA TYR B 461 -45.93 -12.39 -44.23
C TYR B 461 -46.27 -11.00 -43.66
N ASN B 462 -46.42 -10.03 -44.56
CA ASN B 462 -46.91 -8.68 -44.25
C ASN B 462 -48.39 -8.74 -43.83
N GLN B 463 -48.99 -7.57 -43.60
CA GLN B 463 -50.36 -7.35 -43.04
C GLN B 463 -51.38 -8.18 -43.83
N ASP B 464 -51.39 -8.10 -45.17
CA ASP B 464 -52.41 -8.77 -46.04
C ASP B 464 -51.87 -10.08 -46.62
N LYS B 465 -50.62 -10.48 -46.31
CA LYS B 465 -50.05 -11.81 -46.66
C LYS B 465 -49.79 -11.94 -48.17
N THR B 466 -49.62 -10.83 -48.87
CA THR B 466 -49.22 -10.81 -50.30
C THR B 466 -47.69 -10.83 -50.41
N LYS B 467 -46.99 -10.47 -49.34
CA LYS B 467 -45.51 -10.39 -49.32
C LYS B 467 -44.93 -11.24 -48.20
N PHE B 468 -43.71 -11.74 -48.40
CA PHE B 468 -42.90 -12.40 -47.35
C PHE B 468 -41.60 -11.63 -47.21
N SER B 469 -41.16 -11.38 -45.99
CA SER B 469 -39.90 -10.64 -45.71
C SER B 469 -39.37 -10.98 -44.32
N PHE B 470 -38.26 -10.36 -43.95
CA PHE B 470 -37.74 -10.38 -42.56
C PHE B 470 -37.90 -8.96 -42.01
N TYR B 471 -38.63 -8.87 -40.91
CA TYR B 471 -38.88 -7.61 -40.16
C TYR B 471 -37.98 -7.60 -38.94
N GLY B 472 -37.50 -6.39 -38.60
CA GLY B 472 -36.70 -6.12 -37.40
C GLY B 472 -35.33 -6.76 -37.52
N VAL B 473 -34.61 -6.45 -38.61
CA VAL B 473 -33.33 -7.15 -38.92
C VAL B 473 -32.21 -6.14 -39.11
N MET B 474 -30.99 -6.68 -39.18
CA MET B 474 -29.76 -5.98 -39.60
C MET B 474 -29.02 -6.91 -40.57
N GLY B 475 -28.55 -6.33 -41.68
CA GLY B 475 -27.75 -7.02 -42.69
C GLY B 475 -26.30 -6.94 -42.28
N PRO B 476 -25.35 -7.29 -43.19
CA PRO B 476 -23.94 -7.07 -42.92
C PRO B 476 -23.64 -5.64 -42.48
N ASP B 477 -24.32 -4.64 -43.05
CA ASP B 477 -24.15 -3.22 -42.65
C ASP B 477 -24.80 -2.99 -41.28
N GLU B 478 -23.97 -2.90 -40.23
CA GLU B 478 -24.44 -2.78 -38.82
C GLU B 478 -24.87 -1.34 -38.51
N PHE B 479 -24.86 -0.42 -39.47
CA PHE B 479 -25.38 0.97 -39.27
C PHE B 479 -26.87 1.03 -39.60
N LYS B 480 -27.53 -0.11 -39.79
CA LYS B 480 -29.01 -0.21 -40.03
C LYS B 480 -29.55 -1.31 -39.12
N LEU B 481 -30.38 -0.90 -38.15
CA LEU B 481 -30.91 -1.71 -37.02
C LEU B 481 -32.45 -1.67 -37.05
N MET B 482 -33.10 -2.84 -37.04
CA MET B 482 -34.57 -2.99 -36.94
C MET B 482 -35.22 -2.42 -38.20
N VAL B 483 -34.55 -2.58 -39.34
CA VAL B 483 -35.11 -2.28 -40.69
C VAL B 483 -35.92 -3.49 -41.17
N ASN B 484 -36.69 -3.27 -42.22
CA ASN B 484 -37.57 -4.25 -42.89
C ASN B 484 -37.05 -4.36 -44.33
N HIS B 485 -37.14 -5.55 -44.92
CA HIS B 485 -36.81 -5.75 -46.34
C HIS B 485 -35.34 -5.38 -46.61
N ASN B 486 -34.44 -5.77 -45.70
CA ASN B 486 -32.99 -5.76 -45.99
C ASN B 486 -32.75 -6.75 -47.13
N THR B 487 -32.27 -6.26 -48.26
CA THR B 487 -32.17 -7.06 -49.50
C THR B 487 -31.20 -8.22 -49.28
N TYR B 488 -30.11 -8.02 -48.56
CA TYR B 488 -29.11 -9.10 -48.32
C TYR B 488 -29.85 -10.26 -47.64
N THR B 489 -30.56 -9.95 -46.56
CA THR B 489 -31.31 -10.94 -45.75
C THR B 489 -32.32 -11.66 -46.66
N ASN B 490 -33.10 -10.92 -47.44
CA ASN B 490 -34.24 -11.51 -48.20
C ASN B 490 -33.69 -12.31 -49.37
N PHE B 491 -32.68 -11.76 -50.05
CA PHE B 491 -32.05 -12.38 -51.25
C PHE B 491 -31.41 -13.71 -50.84
N MET B 492 -30.65 -13.71 -49.76
CA MET B 492 -29.89 -14.93 -49.36
C MET B 492 -30.86 -16.00 -48.83
N ALA B 493 -31.95 -15.59 -48.18
CA ALA B 493 -32.98 -16.53 -47.68
C ALA B 493 -33.66 -17.17 -48.88
N LYS B 494 -33.96 -16.39 -49.91
CA LYS B 494 -34.59 -16.93 -51.13
C LYS B 494 -33.61 -17.87 -51.83
N LYS B 495 -32.32 -17.51 -51.93
CA LYS B 495 -31.32 -18.43 -52.53
C LYS B 495 -31.36 -19.78 -51.80
N CYS B 496 -31.40 -19.75 -50.48
CA CYS B 496 -31.44 -20.97 -49.64
C CYS B 496 -32.71 -21.78 -50.00
N PHE B 497 -33.85 -21.13 -50.04
CA PHE B 497 -35.14 -21.77 -50.40
C PHE B 497 -35.04 -22.48 -51.75
N GLN B 498 -34.44 -21.84 -52.74
CA GLN B 498 -34.41 -22.35 -54.14
C GLN B 498 -33.38 -23.47 -54.24
N TYR B 499 -32.28 -23.34 -53.49
CA TYR B 499 -31.26 -24.42 -53.42
C TYR B 499 -31.87 -25.65 -52.75
N LEU B 500 -32.49 -25.52 -51.59
CA LEU B 500 -33.15 -26.68 -50.94
C LEU B 500 -34.16 -27.30 -51.92
N ASP B 501 -34.91 -26.46 -52.63
CA ASP B 501 -35.98 -26.94 -53.54
C ASP B 501 -35.35 -27.70 -54.72
N LYS B 502 -34.26 -27.23 -55.30
CA LYS B 502 -33.51 -28.01 -56.32
C LYS B 502 -33.04 -29.35 -55.73
N ILE B 503 -32.51 -29.37 -54.49
CA ILE B 503 -31.92 -30.62 -53.93
C ILE B 503 -33.04 -31.66 -53.67
N LEU B 504 -34.18 -31.25 -53.11
CA LEU B 504 -35.29 -32.18 -52.77
C LEU B 504 -35.93 -32.76 -54.03
N ALA B 505 -35.83 -32.05 -55.16
CA ALA B 505 -36.37 -32.48 -56.48
C ALA B 505 -35.37 -33.41 -57.18
N ASP B 506 -34.13 -33.49 -56.68
CA ASP B 506 -33.06 -34.30 -57.30
C ASP B 506 -33.20 -35.73 -56.77
N LYS B 507 -33.52 -36.67 -57.66
CA LYS B 507 -33.98 -38.02 -57.23
C LYS B 507 -32.77 -38.92 -56.95
N THR B 508 -31.55 -38.50 -57.27
CA THR B 508 -30.31 -39.24 -56.86
C THR B 508 -30.10 -39.11 -55.34
N TYR B 509 -30.93 -38.32 -54.65
CA TYR B 509 -30.84 -38.10 -53.19
C TYR B 509 -32.08 -38.68 -52.53
N LYS B 510 -31.87 -39.36 -51.41
CA LYS B 510 -32.93 -39.95 -50.55
CA LYS B 510 -32.95 -39.94 -50.57
C LYS B 510 -33.24 -38.93 -49.44
N THR B 511 -34.47 -38.38 -49.43
CA THR B 511 -34.86 -37.23 -48.57
C THR B 511 -35.99 -37.56 -47.58
N ASP B 512 -36.67 -38.71 -47.65
CA ASP B 512 -37.90 -39.01 -46.88
C ASP B 512 -37.61 -39.13 -45.38
N LYS B 513 -36.58 -39.87 -44.97
CA LYS B 513 -36.17 -39.98 -43.55
C LYS B 513 -35.57 -38.66 -43.03
N ILE B 514 -34.82 -37.90 -43.83
CA ILE B 514 -34.21 -36.63 -43.33
C ILE B 514 -35.34 -35.64 -43.08
N LEU B 515 -36.26 -35.46 -44.04
CA LEU B 515 -37.42 -34.55 -43.89
C LEU B 515 -38.29 -34.97 -42.70
N ASP B 516 -38.52 -36.28 -42.51
CA ASP B 516 -39.30 -36.82 -41.36
C ASP B 516 -38.60 -36.45 -40.04
N LYS B 517 -37.27 -36.64 -39.96
CA LYS B 517 -36.43 -36.37 -38.75
C LYS B 517 -36.43 -34.86 -38.44
N CYS B 518 -36.38 -34.02 -39.46
CA CYS B 518 -36.42 -32.53 -39.30
C CYS B 518 -37.85 -32.04 -39.06
N GLY B 519 -38.88 -32.86 -39.22
CA GLY B 519 -40.28 -32.40 -39.11
C GLY B 519 -40.65 -31.47 -40.26
N PHE B 520 -40.12 -31.72 -41.46
CA PHE B 520 -40.37 -30.89 -42.66
C PHE B 520 -41.44 -31.59 -43.52
N THR B 521 -42.67 -31.05 -43.51
CA THR B 521 -43.87 -31.64 -44.15
C THR B 521 -44.14 -30.99 -45.52
N LYS B 522 -45.17 -31.50 -46.20
CA LYS B 522 -45.73 -30.98 -47.48
C LYS B 522 -46.18 -29.53 -47.27
N LYS B 523 -46.81 -29.21 -46.15
CA LYS B 523 -47.25 -27.84 -45.78
C LYS B 523 -46.04 -26.90 -45.79
N ASP B 524 -44.98 -27.30 -45.08
CA ASP B 524 -43.67 -26.59 -44.99
C ASP B 524 -43.14 -26.34 -46.41
N LEU B 525 -43.13 -27.34 -47.28
CA LEU B 525 -42.57 -27.23 -48.65
C LEU B 525 -43.41 -26.23 -49.45
N ALA B 526 -44.74 -26.30 -49.33
CA ALA B 526 -45.68 -25.34 -49.96
C ALA B 526 -45.44 -23.94 -49.39
N LYS B 527 -45.31 -23.81 -48.07
CA LYS B 527 -44.99 -22.48 -47.49
C LYS B 527 -43.68 -21.98 -48.09
N MET B 528 -42.67 -22.85 -48.18
CA MET B 528 -41.30 -22.46 -48.63
C MET B 528 -41.35 -21.96 -50.07
N LYS B 529 -42.10 -22.63 -50.94
CA LYS B 529 -42.32 -22.20 -52.34
C LYS B 529 -43.02 -20.83 -52.36
N ASP B 530 -44.13 -20.71 -51.63
CA ASP B 530 -44.89 -19.44 -51.51
C ASP B 530 -43.99 -18.30 -50.99
N ALA B 531 -43.22 -18.56 -49.93
CA ALA B 531 -42.37 -17.53 -49.27
C ALA B 531 -41.29 -17.08 -50.26
N SER B 532 -40.73 -18.02 -51.01
CA SER B 532 -39.72 -17.75 -52.07
C SER B 532 -40.32 -16.81 -53.14
N ARG B 533 -41.52 -17.14 -53.66
CA ARG B 533 -42.19 -16.35 -54.72
C ARG B 533 -42.56 -14.95 -54.19
N LYS B 534 -42.91 -14.81 -52.91
CA LYS B 534 -43.46 -13.52 -52.39
C LYS B 534 -42.41 -12.70 -51.64
N MET B 535 -41.20 -13.24 -51.50
CA MET B 535 -40.08 -12.55 -50.84
C MET B 535 -39.96 -11.16 -51.46
N VAL B 536 -39.99 -10.13 -50.62
CA VAL B 536 -39.73 -8.73 -51.03
C VAL B 536 -38.25 -8.64 -51.42
N ILE B 537 -37.99 -8.19 -52.64
CA ILE B 537 -36.65 -7.82 -53.18
C ILE B 537 -36.81 -6.41 -53.75
N LEU B 538 -36.29 -5.40 -53.06
CA LEU B 538 -36.39 -3.98 -53.51
C LEU B 538 -35.40 -3.77 -54.65
N TYR B 539 -35.85 -4.03 -55.87
CA TYR B 539 -35.02 -3.95 -57.10
C TYR B 539 -35.80 -3.16 -58.13
N ASP B 540 -35.08 -2.30 -58.84
CA ASP B 540 -35.67 -1.37 -59.82
C ASP B 540 -35.05 -1.69 -61.19
N LYS B 541 -35.89 -2.15 -62.14
CA LYS B 541 -35.51 -2.59 -63.52
C LYS B 541 -34.90 -1.44 -64.31
N GLU B 542 -35.26 -0.19 -63.97
CA GLU B 542 -34.82 1.01 -64.75
C GLU B 542 -33.46 1.47 -64.21
N THR B 543 -33.31 1.67 -62.89
CA THR B 543 -32.02 2.15 -62.29
C THR B 543 -31.00 1.01 -62.19
N LEU B 544 -31.44 -0.25 -62.21
CA LEU B 544 -30.64 -1.47 -61.89
C LEU B 544 -30.20 -1.50 -60.41
N LEU B 545 -30.70 -0.60 -59.55
CA LEU B 545 -30.32 -0.55 -58.12
C LEU B 545 -31.19 -1.50 -57.29
N PHE B 546 -30.55 -2.21 -56.36
CA PHE B 546 -31.20 -2.75 -55.14
C PHE B 546 -31.20 -1.64 -54.11
N GLU B 547 -32.32 -1.50 -53.38
CA GLU B 547 -32.39 -0.64 -52.17
C GLU B 547 -31.98 -1.51 -50.96
N GLN B 548 -31.06 -1.02 -50.14
CA GLN B 548 -30.39 -1.85 -49.10
C GLN B 548 -31.45 -2.32 -48.11
N ASN B 549 -32.35 -1.43 -47.71
CA ASN B 549 -33.55 -1.78 -46.90
C ASN B 549 -34.67 -0.81 -47.25
N ASP B 550 -35.87 -1.12 -46.78
CA ASP B 550 -37.03 -0.24 -47.01
C ASP B 550 -36.70 1.11 -46.40
N GLY B 551 -36.80 2.19 -47.17
CA GLY B 551 -36.60 3.56 -46.70
C GLY B 551 -35.15 4.00 -46.85
N PHE B 552 -34.25 3.14 -47.33
CA PHE B 552 -32.80 3.47 -47.37
C PHE B 552 -32.55 4.70 -48.25
N PHE B 553 -33.08 4.74 -49.48
CA PHE B 553 -32.73 5.81 -50.45
C PHE B 553 -33.09 7.17 -49.87
N ASP B 554 -34.16 7.25 -49.07
CA ASP B 554 -34.75 8.54 -48.65
C ASP B 554 -34.16 8.97 -47.30
N MET B 555 -33.21 8.22 -46.72
CA MET B 555 -32.57 8.59 -45.44
C MET B 555 -31.79 9.90 -45.58
N PRO B 556 -31.68 10.71 -44.50
CA PRO B 556 -30.80 11.88 -44.51
C PRO B 556 -29.44 11.52 -45.10
N HIS B 557 -28.96 12.32 -46.07
CA HIS B 557 -27.63 12.18 -46.73
C HIS B 557 -26.53 12.81 -45.86
N VAL B 558 -25.45 12.08 -45.60
CA VAL B 558 -24.15 12.66 -45.11
C VAL B 558 -23.06 12.24 -46.09
N ASP B 559 -22.29 13.20 -46.58
CA ASP B 559 -21.11 12.96 -47.44
C ASP B 559 -19.97 12.50 -46.52
N ILE B 560 -19.55 11.26 -46.64
CA ILE B 560 -18.47 10.67 -45.78
C ILE B 560 -17.20 11.53 -45.84
N LYS B 561 -16.93 12.21 -46.96
CA LYS B 561 -15.77 13.13 -47.11
C LYS B 561 -15.89 14.35 -46.18
N THR B 562 -17.06 14.61 -45.55
CA THR B 562 -17.24 15.73 -44.60
C THR B 562 -16.91 15.28 -43.17
N ILE B 563 -16.66 14.00 -42.93
CA ILE B 563 -16.31 13.45 -41.59
C ILE B 563 -14.82 13.72 -41.33
N LYS B 564 -14.51 14.43 -40.23
CA LYS B 564 -13.13 14.83 -39.85
C LYS B 564 -12.43 13.60 -39.26
N ASP B 565 -11.10 13.62 -39.19
CA ASP B 565 -10.25 12.58 -38.55
C ASP B 565 -10.42 12.61 -37.03
N GLU B 566 -10.63 13.80 -36.45
CA GLU B 566 -10.84 14.02 -35.00
C GLU B 566 -12.04 13.20 -34.50
N GLU B 567 -12.77 12.53 -35.41
CA GLU B 567 -14.14 11.96 -35.19
C GLU B 567 -14.16 10.45 -35.42
N MET B 568 -13.02 9.75 -35.36
CA MET B 568 -12.97 8.31 -35.71
C MET B 568 -12.16 7.52 -34.68
N PRO B 569 -12.50 6.23 -34.47
CA PRO B 569 -13.67 5.63 -35.11
C PRO B 569 -14.96 6.36 -34.68
N ILE B 570 -16.05 6.15 -35.41
CA ILE B 570 -17.36 6.85 -35.19
C ILE B 570 -17.87 6.61 -33.76
N TYR B 571 -17.90 5.35 -33.29
CA TYR B 571 -18.47 4.91 -31.98
C TYR B 571 -17.76 5.59 -30.81
N SER B 572 -16.61 6.23 -31.06
CA SER B 572 -15.78 6.91 -30.04
C SER B 572 -16.08 8.42 -29.97
N HIS B 573 -16.79 8.98 -30.96
CA HIS B 573 -16.99 10.45 -31.02
C HIS B 573 -18.47 10.83 -31.27
N TRP B 574 -19.27 9.97 -31.89
CA TRP B 574 -20.71 10.23 -32.16
C TRP B 574 -21.57 9.64 -31.03
N SER B 575 -22.68 10.31 -30.67
CA SER B 575 -23.74 9.69 -29.83
C SER B 575 -24.16 8.37 -30.49
N TYR B 576 -24.37 7.32 -29.70
CA TYR B 576 -24.58 5.91 -30.13
C TYR B 576 -25.56 5.84 -31.28
N ASP B 577 -26.70 6.53 -31.17
CA ASP B 577 -27.88 6.38 -32.06
C ASP B 577 -27.62 7.04 -33.43
N ARG B 578 -26.75 8.07 -33.50
CA ARG B 578 -26.63 8.97 -34.67
C ARG B 578 -26.28 8.22 -35.97
N ILE B 579 -25.36 7.27 -35.88
CA ILE B 579 -24.82 6.59 -37.10
C ILE B 579 -25.96 5.83 -37.81
N TYR B 580 -26.99 5.39 -37.10
CA TYR B 580 -28.13 4.61 -37.65
C TYR B 580 -29.00 5.47 -38.56
N ARG B 581 -29.06 6.80 -38.36
CA ARG B 581 -30.12 7.64 -38.97
C ARG B 581 -29.53 8.50 -40.09
N THR B 582 -28.59 7.92 -40.85
CA THR B 582 -27.97 8.51 -42.04
C THR B 582 -27.95 7.44 -43.13
N ASP B 583 -27.30 7.72 -44.25
CA ASP B 583 -27.05 6.78 -45.37
C ASP B 583 -25.56 6.43 -45.39
N ILE B 584 -24.89 6.46 -44.24
CA ILE B 584 -23.50 5.94 -44.06
C ILE B 584 -23.57 4.44 -43.77
N ILE B 585 -22.84 3.63 -44.53
CA ILE B 585 -22.87 2.16 -44.54
C ILE B 585 -21.53 1.71 -43.95
N LYS B 586 -21.54 0.66 -43.13
CA LYS B 586 -20.30 0.19 -42.44
C LYS B 586 -19.45 -0.65 -43.41
N GLN B 587 -20.08 -1.46 -44.26
CA GLN B 587 -19.40 -2.54 -45.01
C GLN B 587 -20.37 -3.08 -46.06
N PRO B 588 -19.91 -3.92 -47.01
CA PRO B 588 -20.75 -4.42 -48.09
C PRO B 588 -22.02 -5.09 -47.57
N ASP B 589 -23.16 -4.65 -48.10
CA ASP B 589 -24.50 -5.20 -47.79
C ASP B 589 -25.10 -5.63 -49.12
N VAL B 590 -25.68 -4.72 -49.88
CA VAL B 590 -26.05 -5.01 -51.29
C VAL B 590 -24.81 -5.58 -52.01
N LEU B 591 -23.65 -4.93 -51.90
CA LEU B 591 -22.44 -5.37 -52.66
C LEU B 591 -21.96 -6.72 -52.12
N MET B 592 -22.41 -7.15 -50.94
CA MET B 592 -22.02 -8.49 -50.41
C MET B 592 -22.75 -9.58 -51.22
N PHE B 593 -24.06 -9.53 -51.35
CA PHE B 593 -24.77 -10.62 -52.08
C PHE B 593 -24.34 -10.55 -53.54
N MET B 594 -24.07 -9.37 -54.04
CA MET B 594 -23.61 -9.24 -55.44
C MET B 594 -22.22 -9.87 -55.60
N PHE B 595 -21.35 -9.77 -54.60
CA PHE B 595 -20.03 -10.45 -54.62
C PHE B 595 -20.22 -11.98 -54.64
N LEU B 596 -21.07 -12.49 -53.76
CA LEU B 596 -21.34 -13.93 -53.53
C LEU B 596 -21.96 -14.55 -54.77
N TYR B 597 -22.63 -13.75 -55.60
CA TYR B 597 -23.32 -14.22 -56.83
C TYR B 597 -22.93 -13.34 -58.02
N MET B 598 -21.68 -12.86 -58.07
CA MET B 598 -21.13 -11.99 -59.15
C MET B 598 -21.54 -12.53 -60.54
N GLU B 599 -21.58 -13.83 -60.76
CA GLU B 599 -21.78 -14.40 -62.11
C GLU B 599 -23.21 -14.15 -62.60
N GLU B 600 -24.15 -13.74 -61.74
CA GLU B 600 -25.57 -13.55 -62.13
C GLU B 600 -25.87 -12.08 -62.41
N PHE B 601 -24.91 -11.17 -62.15
CA PHE B 601 -25.09 -9.71 -62.33
C PHE B 601 -24.25 -9.25 -63.52
N SER B 602 -24.88 -8.42 -64.36
CA SER B 602 -24.31 -7.85 -65.60
C SER B 602 -23.35 -6.73 -65.20
N GLN B 603 -22.46 -6.34 -66.11
CA GLN B 603 -21.52 -5.20 -65.90
C GLN B 603 -22.28 -3.99 -65.38
N LYS B 604 -23.42 -3.65 -66.00
CA LYS B 604 -24.19 -2.42 -65.67
C LYS B 604 -24.87 -2.52 -64.30
N GLN B 605 -25.33 -3.69 -63.88
CA GLN B 605 -25.96 -3.88 -62.54
C GLN B 605 -24.88 -3.60 -61.48
N LEU B 606 -23.72 -4.23 -61.65
CA LEU B 606 -22.57 -4.06 -60.74
C LEU B 606 -22.13 -2.61 -60.72
N LEU B 607 -22.00 -1.99 -61.88
CA LEU B 607 -21.55 -0.59 -61.94
C LEU B 607 -22.58 0.27 -61.21
N ALA B 608 -23.87 0.11 -61.53
CA ALA B 608 -24.93 0.92 -60.90
C ALA B 608 -24.89 0.75 -59.37
N ASN B 609 -24.80 -0.47 -58.87
CA ASN B 609 -24.87 -0.68 -57.38
C ASN B 609 -23.56 -0.18 -56.75
N TYR B 610 -22.42 -0.44 -57.38
CA TYR B 610 -21.12 0.04 -56.87
C TYR B 610 -21.15 1.57 -56.78
N ASN B 611 -21.66 2.24 -57.79
CA ASN B 611 -21.63 3.73 -57.88
C ASN B 611 -22.55 4.38 -56.82
N TYR B 612 -23.70 3.77 -56.51
CA TYR B 612 -24.56 4.24 -55.39
C TYR B 612 -23.88 3.93 -54.04
N TYR B 613 -23.43 2.70 -53.82
CA TYR B 613 -23.07 2.21 -52.46
C TYR B 613 -21.61 2.50 -52.07
N GLU B 614 -20.63 2.34 -52.96
CA GLU B 614 -19.22 2.51 -52.56
C GLU B 614 -19.01 3.89 -51.94
N PRO B 615 -19.45 5.01 -52.56
CA PRO B 615 -19.21 6.34 -51.99
C PRO B 615 -19.85 6.56 -50.62
N ARG B 616 -20.88 5.75 -50.29
CA ARG B 616 -21.61 5.84 -49.00
C ARG B 616 -21.02 4.87 -47.96
N THR B 617 -19.87 4.24 -48.24
CA THR B 617 -19.39 3.13 -47.38
C THR B 617 -18.11 3.59 -46.69
N LEU B 618 -18.12 3.50 -45.37
CA LEU B 618 -17.06 4.02 -44.47
C LEU B 618 -15.89 3.05 -44.50
N HIS B 619 -16.16 1.79 -44.84
CA HIS B 619 -15.16 0.69 -44.86
C HIS B 619 -14.65 0.42 -43.44
N GLU B 620 -15.57 0.34 -42.45
CA GLU B 620 -15.26 0.06 -41.01
C GLU B 620 -15.43 -1.44 -40.77
N SER B 621 -14.66 -2.25 -41.49
CA SER B 621 -14.71 -3.72 -41.49
C SER B 621 -13.49 -4.24 -42.23
N SER B 622 -12.92 -5.33 -41.74
CA SER B 622 -11.81 -6.08 -42.37
C SER B 622 -12.25 -6.58 -43.76
N LEU B 623 -13.56 -6.81 -43.92
CA LEU B 623 -14.18 -7.35 -45.15
C LEU B 623 -14.33 -6.29 -46.26
N SER B 624 -14.40 -4.99 -45.95
CA SER B 624 -14.91 -3.99 -46.92
C SER B 624 -13.95 -3.69 -48.06
N PRO B 625 -12.68 -3.29 -47.84
CA PRO B 625 -11.80 -2.90 -48.94
C PRO B 625 -11.66 -3.99 -50.02
N SER B 626 -11.39 -5.24 -49.63
CA SER B 626 -11.16 -6.35 -50.59
C SER B 626 -12.41 -6.55 -51.46
N ILE B 627 -13.60 -6.51 -50.86
CA ILE B 627 -14.86 -6.75 -51.62
C ILE B 627 -15.00 -5.62 -52.63
N HIS B 628 -14.76 -4.39 -52.20
CA HIS B 628 -14.86 -3.21 -53.10
C HIS B 628 -13.78 -3.35 -54.19
N SER B 629 -12.57 -3.80 -53.85
CA SER B 629 -11.48 -3.96 -54.87
C SER B 629 -11.91 -4.97 -55.94
N ILE B 630 -12.49 -6.09 -55.51
CA ILE B 630 -12.90 -7.24 -56.37
C ILE B 630 -14.01 -6.77 -57.31
N ILE B 631 -15.02 -6.09 -56.78
CA ILE B 631 -16.10 -5.55 -57.64
C ILE B 631 -15.46 -4.52 -58.59
N ALA B 632 -14.66 -3.57 -58.10
CA ALA B 632 -14.03 -2.52 -58.94
C ALA B 632 -13.30 -3.15 -60.14
N SER B 633 -12.54 -4.22 -59.93
CA SER B 633 -11.78 -4.92 -61.01
C SER B 633 -12.75 -5.50 -62.03
N LYS B 634 -13.85 -6.08 -61.57
CA LYS B 634 -14.84 -6.79 -62.42
C LYS B 634 -15.52 -5.76 -63.35
N ILE B 635 -15.68 -4.51 -62.92
CA ILE B 635 -16.33 -3.45 -63.74
C ILE B 635 -15.26 -2.52 -64.36
N GLY B 636 -13.98 -2.86 -64.29
CA GLY B 636 -12.93 -2.13 -65.03
C GLY B 636 -12.56 -0.81 -64.38
N LEU B 637 -12.86 -0.61 -63.10
CA LEU B 637 -12.39 0.56 -62.34
C LEU B 637 -11.02 0.25 -61.70
N GLU B 638 -9.95 0.35 -62.49
CA GLU B 638 -8.60 -0.15 -62.13
C GLU B 638 -8.02 0.69 -61.00
N LYS B 639 -8.24 2.00 -61.01
CA LYS B 639 -7.70 2.89 -59.96
C LYS B 639 -8.32 2.55 -58.60
N ASP B 640 -9.64 2.42 -58.52
CA ASP B 640 -10.36 2.00 -57.29
C ASP B 640 -9.83 0.64 -56.85
N ALA B 641 -9.62 -0.29 -57.77
CA ALA B 641 -9.24 -1.69 -57.45
C ALA B 641 -7.90 -1.69 -56.71
N ASN B 642 -6.94 -0.95 -57.27
CA ASN B 642 -5.55 -0.79 -56.72
C ASN B 642 -5.62 -0.05 -55.38
N ASN B 643 -6.45 0.99 -55.27
CA ASN B 643 -6.50 1.81 -54.03
C ASN B 643 -7.08 0.96 -52.89
N PHE B 644 -8.12 0.18 -53.18
CA PHE B 644 -8.78 -0.66 -52.15
C PHE B 644 -7.84 -1.80 -51.73
N PHE B 645 -7.08 -2.35 -52.67
CA PHE B 645 -6.07 -3.39 -52.33
C PHE B 645 -5.05 -2.77 -51.37
N GLY B 646 -4.46 -1.62 -51.73
CA GLY B 646 -3.56 -0.84 -50.84
C GLY B 646 -2.65 -1.72 -49.99
N PHE B 647 -2.86 -1.75 -48.68
CA PHE B 647 -1.99 -2.42 -47.68
C PHE B 647 -2.58 -3.76 -47.22
N ALA B 648 -3.36 -4.43 -48.06
CA ALA B 648 -4.03 -5.72 -47.77
C ALA B 648 -3.08 -6.79 -47.20
N THR B 649 -1.82 -6.86 -47.64
CA THR B 649 -0.86 -7.91 -47.19
C THR B 649 -0.13 -7.49 -45.89
N ARG B 650 -0.24 -6.23 -45.48
CA ARG B 650 0.64 -5.59 -44.47
C ARG B 650 -0.12 -5.23 -43.19
N LEU B 651 -1.45 -5.39 -43.17
CA LEU B 651 -2.32 -4.89 -42.08
C LEU B 651 -1.80 -5.30 -40.69
N ASP B 652 -1.41 -6.57 -40.52
CA ASP B 652 -0.86 -7.05 -39.22
C ASP B 652 0.63 -6.68 -39.15
N LEU B 653 1.41 -6.95 -40.19
CA LEU B 653 2.89 -6.80 -40.15
C LEU B 653 3.24 -5.36 -39.74
N ASP B 654 2.58 -4.37 -40.31
CA ASP B 654 2.82 -2.93 -40.08
C ASP B 654 1.72 -2.35 -39.16
N ASP B 655 0.86 -3.21 -38.60
CA ASP B 655 -0.09 -2.83 -37.52
C ASP B 655 -0.89 -1.60 -37.92
N TYR B 656 -1.46 -1.59 -39.12
CA TYR B 656 -2.25 -0.45 -39.64
C TYR B 656 -3.46 -0.14 -38.74
N ASN B 657 -4.01 -1.13 -38.03
CA ASN B 657 -5.22 -0.94 -37.18
C ASN B 657 -4.82 -0.61 -35.74
N ASN B 658 -3.53 -0.66 -35.40
CA ASN B 658 -2.99 -0.31 -34.05
C ASN B 658 -3.48 -1.29 -32.97
N ASN B 659 -4.12 -2.41 -33.33
CA ASN B 659 -4.58 -3.42 -32.35
C ASN B 659 -4.04 -4.81 -32.69
N THR B 660 -2.97 -4.93 -33.46
CA THR B 660 -2.32 -6.24 -33.74
C THR B 660 -1.71 -6.76 -32.42
N CYS B 661 -1.50 -5.91 -31.42
CA CYS B 661 -1.10 -6.37 -30.06
C CYS B 661 -2.09 -7.43 -29.53
N GLU B 662 -3.38 -7.37 -29.90
CA GLU B 662 -4.41 -8.30 -29.37
C GLU B 662 -4.38 -9.62 -30.13
N GLY B 663 -3.76 -9.64 -31.33
CA GLY B 663 -3.67 -10.84 -32.18
C GLY B 663 -3.83 -10.51 -33.65
N ILE B 664 -3.64 -11.48 -34.53
CA ILE B 664 -3.71 -11.24 -36.00
C ILE B 664 -5.18 -11.08 -36.41
N HIS B 665 -5.42 -10.49 -37.58
CA HIS B 665 -6.77 -10.26 -38.14
C HIS B 665 -7.04 -11.34 -39.20
N MET B 666 -7.72 -12.41 -38.81
CA MET B 666 -7.90 -13.63 -39.66
C MET B 666 -8.64 -13.29 -40.96
N THR B 667 -9.73 -12.53 -40.88
CA THR B 667 -10.54 -12.18 -42.09
C THR B 667 -9.69 -11.29 -42.99
N SER B 668 -9.07 -10.27 -42.45
CA SER B 668 -8.15 -9.42 -43.25
C SER B 668 -7.07 -10.29 -43.93
N ILE B 669 -6.55 -11.31 -43.28
CA ILE B 669 -5.50 -12.20 -43.87
C ILE B 669 -6.09 -13.00 -45.05
N ALA B 670 -7.27 -13.59 -44.87
CA ALA B 670 -7.98 -14.31 -45.95
C ALA B 670 -8.29 -13.33 -47.08
N ALA B 671 -8.59 -12.08 -46.74
CA ALA B 671 -8.96 -11.02 -47.71
C ALA B 671 -7.83 -10.83 -48.72
N ALA B 672 -6.57 -10.95 -48.29
CA ALA B 672 -5.41 -10.65 -49.14
C ALA B 672 -5.40 -11.68 -50.28
N TRP B 673 -5.61 -12.96 -49.95
CA TRP B 673 -5.68 -14.04 -50.96
C TRP B 673 -6.88 -13.76 -51.89
N MET B 674 -8.05 -13.51 -51.32
CA MET B 674 -9.29 -13.22 -52.08
C MET B 674 -9.04 -12.07 -53.05
N ASN B 675 -8.49 -10.97 -52.56
CA ASN B 675 -8.27 -9.73 -53.36
C ASN B 675 -7.39 -10.07 -54.56
N ILE B 676 -6.38 -10.94 -54.37
CA ILE B 676 -5.42 -11.30 -55.46
C ILE B 676 -6.13 -12.20 -56.48
N VAL B 677 -6.80 -13.25 -56.01
CA VAL B 677 -7.30 -14.36 -56.88
C VAL B 677 -8.67 -13.99 -57.46
N TYR B 678 -9.63 -13.60 -56.61
CA TYR B 678 -10.98 -13.19 -57.09
C TYR B 678 -10.90 -11.79 -57.73
N GLY B 679 -10.03 -10.90 -57.24
CA GLY B 679 -9.94 -9.51 -57.71
C GLY B 679 -9.09 -9.40 -58.97
N PHE B 680 -7.78 -9.30 -58.82
CA PHE B 680 -6.85 -9.15 -59.96
C PHE B 680 -6.94 -10.38 -60.86
N GLY B 681 -7.10 -11.57 -60.27
CA GLY B 681 -7.18 -12.81 -61.07
C GLY B 681 -8.49 -12.89 -61.84
N GLY B 682 -9.54 -12.34 -61.26
CA GLY B 682 -10.93 -12.40 -61.79
C GLY B 682 -11.47 -13.81 -61.75
N LEU B 683 -11.00 -14.66 -60.84
CA LEU B 683 -11.45 -16.08 -60.75
C LEU B 683 -12.98 -16.12 -60.56
N MET B 684 -13.65 -16.94 -61.35
CA MET B 684 -15.09 -17.20 -61.23
C MET B 684 -15.34 -18.62 -61.74
N ILE B 685 -16.17 -19.41 -61.04
CA ILE B 685 -16.74 -20.68 -61.56
C ILE B 685 -18.13 -20.38 -62.08
N LYS B 686 -18.36 -20.65 -63.37
CA LYS B 686 -19.64 -20.33 -64.04
C LYS B 686 -19.97 -21.48 -64.97
N ASN B 687 -21.17 -22.05 -64.82
CA ASN B 687 -21.61 -23.24 -65.58
C ASN B 687 -20.52 -24.31 -65.44
N ASP B 688 -19.95 -24.45 -64.25
CA ASP B 688 -19.00 -25.53 -63.95
C ASP B 688 -17.73 -25.39 -64.81
N ILE B 689 -17.40 -24.17 -65.23
CA ILE B 689 -16.14 -23.92 -65.99
C ILE B 689 -15.35 -22.81 -65.28
N LEU B 690 -14.06 -23.06 -65.08
CA LEU B 690 -13.20 -22.06 -64.42
C LEU B 690 -13.02 -20.91 -65.40
N ASN B 691 -13.29 -19.69 -64.93
CA ASN B 691 -13.14 -18.42 -65.68
C ASN B 691 -12.02 -17.61 -65.02
N LEU B 692 -11.13 -17.02 -65.81
CA LEU B 692 -10.18 -15.95 -65.38
C LEU B 692 -10.38 -14.71 -66.25
N THR B 693 -10.31 -13.52 -65.63
CA THR B 693 -10.21 -12.17 -66.27
C THR B 693 -9.06 -11.38 -65.62
N PRO B 694 -7.78 -11.76 -65.82
CA PRO B 694 -6.68 -11.15 -65.09
C PRO B 694 -6.38 -9.69 -65.44
N THR B 695 -6.29 -8.86 -64.40
CA THR B 695 -5.92 -7.43 -64.52
C THR B 695 -4.69 -7.18 -63.65
N SER B 696 -4.05 -6.04 -63.83
CA SER B 696 -2.72 -5.69 -63.26
C SER B 696 -2.86 -5.01 -61.91
N ASN B 697 -1.88 -5.22 -61.05
CA ASN B 697 -1.59 -4.36 -59.88
C ASN B 697 -0.47 -3.41 -60.33
N LYS B 698 -0.73 -2.10 -60.34
CA LYS B 698 0.20 -1.03 -60.80
C LYS B 698 1.56 -1.19 -60.11
N ASN B 699 1.59 -1.78 -58.90
CA ASN B 699 2.81 -1.90 -58.08
C ASN B 699 3.62 -3.15 -58.45
N TRP B 700 3.08 -4.09 -59.22
CA TRP B 700 3.76 -5.40 -59.45
C TRP B 700 4.10 -5.58 -60.94
N ASN B 701 5.35 -5.96 -61.26
CA ASN B 701 5.76 -6.43 -62.60
C ASN B 701 4.92 -7.66 -62.99
N TYR B 702 4.75 -8.61 -62.07
CA TYR B 702 3.89 -9.80 -62.29
C TYR B 702 3.46 -10.39 -60.94
N TYR B 703 2.39 -11.17 -60.97
CA TYR B 703 1.97 -12.03 -59.84
C TYR B 703 1.61 -13.40 -60.40
N GLN B 704 1.65 -14.42 -59.55
CA GLN B 704 1.37 -15.82 -59.92
C GLN B 704 0.67 -16.44 -58.73
N PHE B 705 -0.45 -17.11 -58.97
CA PHE B 705 -1.16 -17.85 -57.91
C PHE B 705 -1.40 -19.28 -58.36
N LYS B 706 -1.69 -20.12 -57.38
CA LYS B 706 -1.91 -21.56 -57.55
C LYS B 706 -3.25 -21.92 -56.90
N ILE B 707 -4.09 -22.62 -57.64
CA ILE B 707 -5.41 -23.10 -57.18
C ILE B 707 -5.65 -24.48 -57.82
N THR B 708 -6.45 -25.30 -57.16
CA THR B 708 -6.89 -26.62 -57.68
C THR B 708 -8.40 -26.56 -57.99
N PHE B 709 -8.74 -26.98 -59.20
CA PHE B 709 -10.14 -27.21 -59.65
C PHE B 709 -10.22 -28.54 -60.40
N LYS B 710 -11.17 -29.39 -59.99
CA LYS B 710 -11.41 -30.74 -60.57
C LYS B 710 -10.11 -31.52 -60.60
N ASN B 711 -9.37 -31.48 -59.50
CA ASN B 711 -8.10 -32.23 -59.34
C ASN B 711 -7.04 -31.76 -60.34
N HIS B 712 -7.16 -30.55 -60.90
CA HIS B 712 -6.08 -29.94 -61.72
C HIS B 712 -5.42 -28.85 -60.86
N LEU B 713 -4.16 -29.01 -60.52
CA LEU B 713 -3.37 -27.94 -59.84
C LEU B 713 -2.90 -26.97 -60.94
N LEU B 714 -3.48 -25.78 -60.97
CA LEU B 714 -3.25 -24.74 -61.98
C LEU B 714 -2.29 -23.70 -61.39
N THR B 715 -1.33 -23.24 -62.20
CA THR B 715 -0.46 -22.07 -61.97
C THR B 715 -0.87 -21.00 -62.97
N VAL B 716 -1.14 -19.79 -62.49
CA VAL B 716 -1.61 -18.66 -63.34
C VAL B 716 -0.63 -17.51 -63.10
N LYS B 717 0.14 -17.12 -64.12
CA LYS B 717 1.09 -16.00 -64.02
C LYS B 717 0.59 -14.86 -64.90
N VAL B 718 0.57 -13.65 -64.34
CA VAL B 718 -0.01 -12.45 -65.00
C VAL B 718 1.05 -11.35 -65.00
N ASP B 719 1.51 -10.97 -66.19
CA ASP B 719 2.43 -9.81 -66.37
C ASP B 719 1.71 -8.79 -67.25
N LYS B 720 2.45 -7.79 -67.73
CA LYS B 720 1.90 -6.61 -68.45
C LYS B 720 1.23 -7.11 -69.74
N ASP B 721 1.88 -8.10 -70.37
CA ASP B 721 1.65 -8.50 -71.78
C ASP B 721 0.87 -9.82 -71.85
N ASN B 722 1.02 -10.73 -70.88
CA ASN B 722 0.64 -12.16 -70.99
C ASN B 722 -0.06 -12.72 -69.74
N VAL B 723 -1.00 -13.62 -69.97
CA VAL B 723 -1.54 -14.55 -68.95
C VAL B 723 -0.97 -15.92 -69.30
N ILE B 724 -0.20 -16.50 -68.39
CA ILE B 724 0.40 -17.85 -68.58
C ILE B 724 -0.27 -18.79 -67.59
N ILE B 725 -0.88 -19.84 -68.12
CA ILE B 725 -1.60 -20.87 -67.33
C ILE B 725 -0.97 -22.23 -67.62
N THR B 726 -0.52 -22.93 -66.59
CA THR B 726 0.13 -24.24 -66.72
C THR B 726 -0.53 -25.22 -65.77
N LYS B 727 -0.49 -26.50 -66.12
CA LYS B 727 -0.77 -27.62 -65.22
C LYS B 727 0.03 -28.81 -65.71
N LYS B 728 0.08 -29.86 -64.91
CA LYS B 728 0.92 -31.06 -65.14
C LYS B 728 0.07 -32.30 -65.45
N THR B 729 -1.24 -32.26 -65.22
CA THR B 729 -2.17 -33.35 -65.63
C THR B 729 -2.20 -33.43 -67.15
N LYS B 730 -2.56 -34.59 -67.70
CA LYS B 730 -2.44 -34.91 -69.15
C LYS B 730 -3.74 -34.59 -69.90
N ASN B 731 -4.89 -34.59 -69.20
CA ASN B 731 -6.23 -34.49 -69.81
C ASN B 731 -6.71 -33.03 -69.93
N ILE B 732 -7.67 -32.77 -70.80
CA ILE B 732 -8.13 -31.39 -71.12
C ILE B 732 -8.96 -30.83 -69.96
N LEU B 733 -8.58 -29.64 -69.48
CA LEU B 733 -9.51 -28.79 -68.70
C LEU B 733 -9.92 -27.59 -69.55
N PRO B 734 -11.22 -27.41 -69.84
CA PRO B 734 -11.68 -26.20 -70.52
C PRO B 734 -11.61 -25.07 -69.49
N ILE B 735 -11.15 -23.91 -69.94
CA ILE B 735 -11.11 -22.69 -69.09
CA ILE B 735 -11.00 -22.68 -69.12
C ILE B 735 -11.49 -21.46 -69.93
N ASN B 736 -12.16 -20.50 -69.31
CA ASN B 736 -12.53 -19.22 -69.94
C ASN B 736 -11.51 -18.18 -69.51
N VAL B 737 -10.91 -17.51 -70.48
CA VAL B 737 -9.96 -16.40 -70.23
C VAL B 737 -10.39 -15.22 -71.10
N TYR B 738 -10.68 -14.08 -70.45
CA TYR B 738 -11.27 -12.86 -71.04
C TYR B 738 -12.52 -13.27 -71.83
N GLY B 739 -13.31 -14.16 -71.26
CA GLY B 739 -14.61 -14.61 -71.79
C GLY B 739 -14.51 -15.52 -73.02
N LYS B 740 -13.31 -15.93 -73.44
CA LYS B 740 -13.13 -16.89 -74.56
C LYS B 740 -12.70 -18.24 -74.00
N LYS B 741 -13.12 -19.33 -74.66
CA LYS B 741 -12.89 -20.72 -74.21
C LYS B 741 -11.64 -21.31 -74.84
N TYR B 742 -10.71 -21.76 -74.00
CA TYR B 742 -9.51 -22.53 -74.38
C TYR B 742 -9.55 -23.92 -73.77
N GLU B 743 -8.74 -24.82 -74.32
CA GLU B 743 -8.54 -26.18 -73.80
C GLU B 743 -7.15 -26.20 -73.20
N LEU B 744 -7.08 -26.21 -71.87
CA LEU B 744 -5.79 -26.24 -71.17
C LEU B 744 -5.33 -27.70 -71.13
N ILE B 745 -4.12 -27.96 -71.63
CA ILE B 745 -3.47 -29.30 -71.58
C ILE B 745 -2.19 -29.20 -70.75
N ASP B 746 -1.21 -28.40 -71.16
CA ASP B 746 0.07 -28.19 -70.43
C ASP B 746 0.27 -26.69 -70.18
N LYS B 747 0.24 -25.87 -71.23
CA LYS B 747 0.48 -24.41 -71.17
C LYS B 747 -0.50 -23.70 -72.11
N LEU B 748 -1.05 -22.58 -71.64
CA LEU B 748 -1.75 -21.55 -72.46
C LEU B 748 -1.05 -20.21 -72.19
N GLU B 749 -0.53 -19.59 -73.25
CA GLU B 749 -0.05 -18.19 -73.27
C GLU B 749 -1.07 -17.34 -74.01
N ILE B 750 -1.72 -16.44 -73.30
CA ILE B 750 -2.78 -15.52 -73.82
C ILE B 750 -2.26 -14.08 -73.79
N LYS B 751 -2.16 -13.46 -74.96
CA LYS B 751 -1.74 -12.05 -75.11
C LYS B 751 -2.87 -11.17 -74.58
N ARG B 752 -2.51 -10.20 -73.73
CA ARG B 752 -3.40 -9.15 -73.14
C ARG B 752 -3.45 -7.96 -74.12
N ILE C 2 7.22 -9.06 37.03
CA ILE C 2 6.33 -8.40 38.04
C ILE C 2 7.10 -8.17 39.35
N LYS C 3 6.86 -7.01 39.98
CA LYS C 3 7.46 -6.60 41.28
C LYS C 3 6.47 -6.86 42.40
N ILE C 4 6.97 -7.21 43.59
CA ILE C 4 6.16 -7.68 44.75
C ILE C 4 6.36 -6.73 45.92
N PRO C 5 5.32 -6.54 46.77
CA PRO C 5 5.50 -5.89 48.06
C PRO C 5 6.22 -6.78 49.10
N LYS C 6 7.17 -6.19 49.84
CA LYS C 6 7.69 -6.65 51.15
C LYS C 6 7.13 -5.72 52.23
N ARG C 7 5.89 -5.95 52.64
CA ARG C 7 5.13 -5.16 53.66
C ARG C 7 5.61 -5.60 55.05
N TYR C 8 6.21 -4.68 55.82
CA TYR C 8 6.61 -4.91 57.22
C TYR C 8 6.12 -3.77 58.12
N LEU C 9 6.19 -2.53 57.61
CA LEU C 9 5.78 -1.29 58.33
C LEU C 9 4.26 -1.25 58.47
N GLU C 10 3.77 -0.71 59.58
CA GLU C 10 2.31 -0.69 59.88
C GLU C 10 1.64 0.37 59.00
N THR C 11 0.36 0.19 58.71
CA THR C 11 -0.50 1.10 57.91
C THR C 11 -1.19 2.08 58.87
N GLU C 12 -0.80 3.34 58.81
CA GLU C 12 -1.45 4.48 59.51
C GLU C 12 -1.47 5.68 58.56
N PRO C 13 -2.52 6.55 58.58
CA PRO C 13 -2.58 7.68 57.67
C PRO C 13 -1.50 8.76 57.94
N TYR C 14 -1.13 9.04 59.19
CA TYR C 14 -0.28 10.20 59.57
C TYR C 14 1.14 9.77 60.01
N ARG C 15 1.44 8.48 60.07
CA ARG C 15 2.75 7.99 60.61
C ARG C 15 3.23 6.75 59.86
N ILE C 16 4.55 6.63 59.72
CA ILE C 16 5.24 5.35 59.40
C ILE C 16 5.80 4.80 60.73
N VAL C 17 5.44 3.56 61.08
CA VAL C 17 6.00 2.89 62.29
C VAL C 17 6.44 1.46 61.95
N GLU C 18 7.70 1.14 62.27
CA GLU C 18 8.25 -0.24 62.39
C GLU C 18 7.90 -0.75 63.79
N ASN C 19 7.21 -1.89 63.83
CA ASN C 19 6.53 -2.45 65.03
C ASN C 19 7.24 -3.76 65.39
N ASN C 20 8.20 -3.70 66.34
CA ASN C 20 9.34 -4.66 66.51
C ASN C 20 10.36 -4.38 65.39
N PHE C 21 11.66 -4.64 65.65
CA PHE C 21 12.82 -4.32 64.75
C PHE C 21 13.11 -5.49 63.79
N HIS C 22 12.91 -5.28 62.49
CA HIS C 22 13.21 -6.28 61.41
C HIS C 22 14.64 -6.05 60.92
N PRO C 23 15.65 -6.86 61.34
CA PRO C 23 17.06 -6.58 61.04
C PRO C 23 17.48 -6.81 59.57
N ASP C 24 16.75 -7.67 58.86
CA ASP C 24 16.88 -7.90 57.39
C ASP C 24 16.58 -6.57 56.66
N LYS C 25 15.54 -5.84 57.07
CA LYS C 25 15.16 -4.53 56.46
C LYS C 25 15.66 -3.38 57.35
N SER C 26 16.87 -3.50 57.92
CA SER C 26 17.54 -2.45 58.73
C SER C 26 17.83 -1.20 57.87
N MET C 27 18.49 -1.37 56.73
CA MET C 27 19.01 -0.27 55.87
C MET C 27 17.86 0.36 55.06
N VAL C 28 16.84 -0.44 54.75
CA VAL C 28 15.58 -0.01 54.09
C VAL C 28 14.85 0.92 55.06
N SER C 29 14.72 0.48 56.32
CA SER C 29 14.20 1.33 57.43
C SER C 29 15.01 2.63 57.51
N GLU C 30 16.35 2.55 57.43
CA GLU C 30 17.23 3.75 57.39
C GLU C 30 16.67 4.72 56.35
N SER C 31 16.60 4.29 55.09
CA SER C 31 16.20 5.12 53.92
C SER C 31 14.81 5.72 54.19
N ILE C 32 13.81 4.87 54.44
CA ILE C 32 12.37 5.25 54.52
C ILE C 32 12.18 6.35 55.58
N PHE C 33 12.78 6.17 56.76
CA PHE C 33 12.54 7.02 57.95
C PHE C 33 13.47 8.23 57.97
N SER C 34 14.05 8.57 56.81
CA SER C 34 14.98 9.71 56.66
C SER C 34 14.25 11.02 56.98
N LEU C 35 14.97 11.91 57.66
CA LEU C 35 14.56 13.32 57.86
C LEU C 35 15.38 14.17 56.90
N GLY C 36 14.82 15.29 56.48
CA GLY C 36 15.51 16.32 55.66
C GLY C 36 14.72 17.62 55.65
N ASN C 37 15.43 18.72 55.41
CA ASN C 37 14.88 20.09 55.43
C ASN C 37 15.55 20.87 54.29
N GLU C 38 15.79 20.17 53.18
CA GLU C 38 16.44 20.66 51.93
C GLU C 38 17.92 20.99 52.20
N TYR C 39 18.17 21.96 53.10
CA TYR C 39 19.51 22.37 53.57
C TYR C 39 20.36 21.13 53.87
N SER C 40 19.72 20.16 54.53
CA SER C 40 20.39 19.00 55.17
C SER C 40 19.43 17.80 55.18
N GLY C 41 20.01 16.62 55.42
CA GLY C 41 19.29 15.35 55.56
C GLY C 41 20.12 14.33 56.30
N THR C 42 19.45 13.50 57.10
CA THR C 42 20.05 12.32 57.75
C THR C 42 19.19 11.09 57.45
N ARG C 43 19.85 9.97 57.17
CA ARG C 43 19.21 8.63 57.14
C ARG C 43 18.80 8.27 58.57
N ALA C 44 17.83 7.37 58.73
CA ALA C 44 17.31 6.90 60.04
C ALA C 44 18.29 5.89 60.67
N PHE C 45 19.58 6.21 60.70
CA PHE C 45 20.61 5.37 61.37
C PHE C 45 20.44 5.52 62.89
N PHE C 46 20.91 4.48 63.59
CA PHE C 46 20.92 4.40 65.06
C PHE C 46 21.99 5.38 65.54
N ASP C 47 21.57 6.32 66.41
CA ASP C 47 22.40 7.37 67.05
C ASP C 47 23.65 6.73 67.70
N GLU C 48 23.49 5.62 68.42
CA GLU C 48 24.61 5.00 69.19
C GLU C 48 25.52 4.23 68.23
N THR C 49 26.60 3.64 68.78
CA THR C 49 27.42 2.62 68.07
C THR C 49 26.45 1.52 67.58
N TYR C 50 26.59 1.08 66.33
CA TYR C 50 25.86 -0.08 65.77
C TYR C 50 26.72 -0.76 64.72
N SER C 51 27.39 -1.85 65.10
CA SER C 51 28.32 -2.62 64.23
C SER C 51 27.57 -3.68 63.42
N GLY C 52 26.27 -3.48 63.16
CA GLY C 52 25.43 -4.36 62.33
C GLY C 52 25.55 -3.96 60.86
N LYS C 53 24.57 -4.32 60.03
CA LYS C 53 24.48 -3.81 58.64
C LYS C 53 23.79 -2.43 58.62
N GLN C 54 24.56 -1.37 58.33
CA GLN C 54 24.10 0.05 58.37
C GLN C 54 24.82 0.91 57.33
N LEU C 55 24.24 2.09 57.01
CA LEU C 55 24.90 3.17 56.24
C LEU C 55 24.69 4.50 56.98
N ILE C 56 25.64 4.90 57.82
CA ILE C 56 25.62 6.23 58.51
C ILE C 56 25.67 7.28 57.42
N GLY C 57 24.63 8.13 57.34
CA GLY C 57 24.46 9.13 56.28
C GLY C 57 23.92 10.44 56.79
N THR C 58 24.72 11.49 56.67
CA THR C 58 24.36 12.89 56.96
C THR C 58 24.90 13.73 55.80
N TYR C 59 24.06 14.55 55.17
CA TYR C 59 24.43 15.29 53.94
C TYR C 59 23.93 16.73 54.03
N PHE C 60 24.74 17.63 53.46
CA PHE C 60 24.41 19.06 53.29
C PHE C 60 24.32 19.34 51.79
N ASN C 61 23.19 19.89 51.38
CA ASN C 61 22.85 20.18 49.97
C ASN C 61 23.91 21.13 49.38
N GLY C 62 24.72 20.63 48.43
CA GLY C 62 25.77 21.38 47.72
C GLY C 62 27.14 21.16 48.34
N ILE C 63 27.24 20.35 49.40
CA ILE C 63 28.52 19.98 50.05
C ILE C 63 29.00 18.65 49.47
N TYR C 64 30.00 18.73 48.59
CA TYR C 64 30.50 17.63 47.72
C TYR C 64 32.04 17.63 47.69
N GLU C 65 32.64 16.49 47.32
CA GLU C 65 34.06 16.38 46.88
C GLU C 65 34.14 15.61 45.55
N TYR C 66 35.24 15.84 44.81
CA TYR C 66 35.58 15.16 43.53
C TYR C 66 36.14 13.78 43.83
N ALA C 67 36.19 12.89 42.84
CA ALA C 67 36.69 11.50 42.97
C ALA C 67 38.15 11.58 43.42
N LEU C 68 38.57 10.67 44.30
CA LEU C 68 39.96 10.66 44.85
C LEU C 68 40.94 10.49 43.69
N LYS C 69 40.64 9.53 42.81
CA LYS C 69 41.48 9.13 41.65
C LYS C 69 40.82 9.60 40.36
N ASP C 70 41.61 10.21 39.45
CA ASP C 70 41.29 10.40 38.02
C ASP C 70 40.98 9.03 37.41
N THR C 71 39.99 8.92 36.53
CA THR C 71 39.85 7.78 35.60
C THR C 71 40.50 8.19 34.29
N PRO C 72 41.67 7.63 33.92
CA PRO C 72 42.32 7.99 32.66
C PRO C 72 41.41 7.82 31.43
N SER C 73 41.56 8.75 30.48
CA SER C 73 41.02 8.68 29.10
C SER C 73 41.87 9.57 28.19
N ALA C 74 42.16 9.09 26.98
CA ALA C 74 42.97 9.79 25.94
C ALA C 74 42.08 10.79 25.18
N TYR C 75 40.75 10.67 25.30
CA TYR C 75 39.75 11.44 24.51
C TYR C 75 39.22 12.61 25.35
N LEU C 76 38.90 13.72 24.68
CA LEU C 76 38.22 14.89 25.28
C LEU C 76 36.72 14.60 25.39
N GLY C 77 36.01 15.37 26.21
CA GLY C 77 34.55 15.28 26.41
C GLY C 77 34.15 14.26 27.46
N ILE C 78 35.07 13.37 27.85
CA ILE C 78 34.79 12.27 28.82
C ILE C 78 35.30 12.66 30.20
N VAL C 79 34.38 12.81 31.15
CA VAL C 79 34.64 13.23 32.56
C VAL C 79 35.57 12.20 33.21
N LYS C 80 36.73 12.66 33.69
CA LYS C 80 37.80 11.82 34.28
C LYS C 80 37.63 11.80 35.81
N ARG C 81 37.12 12.89 36.37
CA ARG C 81 36.88 13.04 37.82
C ARG C 81 35.40 13.34 38.01
N THR C 82 34.62 12.36 38.49
CA THR C 82 33.22 12.58 38.91
C THR C 82 33.24 13.46 40.18
N HIS C 83 32.07 13.68 40.77
CA HIS C 83 31.90 14.44 42.04
C HIS C 83 30.59 14.01 42.67
N PHE C 84 30.47 14.07 44.00
CA PHE C 84 29.35 13.45 44.77
C PHE C 84 29.15 14.18 46.11
N THR C 85 27.88 14.22 46.56
CA THR C 85 27.48 14.75 47.89
C THR C 85 28.04 13.83 48.98
N ILE C 86 28.91 14.36 49.85
CA ILE C 86 29.70 13.53 50.81
C ILE C 86 28.94 13.38 52.13
N ASN C 87 28.89 12.16 52.65
CA ASN C 87 28.55 11.83 54.06
C ASN C 87 29.30 12.83 54.96
N SER C 88 28.60 13.44 55.91
CA SER C 88 29.08 14.64 56.64
C SER C 88 29.00 14.41 58.14
N VAL C 89 29.44 15.40 58.92
CA VAL C 89 29.50 15.29 60.39
C VAL C 89 28.24 14.56 60.86
N ASN C 90 28.39 13.34 61.37
CA ASN C 90 27.39 12.71 62.26
C ASN C 90 27.29 13.63 63.48
N PHE C 91 26.17 14.34 63.61
CA PHE C 91 25.91 15.31 64.71
C PHE C 91 24.85 14.71 65.65
N PHE C 92 24.42 13.49 65.35
CA PHE C 92 23.53 12.68 66.23
C PHE C 92 24.33 11.55 66.92
N LYS C 93 25.62 11.41 66.63
CA LYS C 93 26.41 10.25 67.16
C LYS C 93 26.46 10.34 68.69
N ILE C 94 25.97 9.28 69.36
CA ILE C 94 26.12 9.07 70.83
C ILE C 94 26.91 7.78 71.05
N ARG C 95 27.61 7.69 72.18
CA ARG C 95 28.08 6.39 72.73
C ARG C 95 27.48 6.32 74.13
N ILE C 96 26.60 5.34 74.38
CA ILE C 96 26.18 5.03 75.78
C ILE C 96 26.93 3.75 76.20
N ILE C 97 27.88 3.91 77.13
CA ILE C 97 28.58 2.81 77.84
C ILE C 97 27.86 2.64 79.18
N HIS C 98 27.24 1.48 79.40
CA HIS C 98 26.83 0.97 80.73
C HIS C 98 27.97 0.03 81.23
N ASP C 112 10.10 -4.26 73.74
CA ASP C 112 9.01 -3.74 72.86
C ASP C 112 9.55 -2.58 72.02
N PHE C 113 10.39 -2.89 71.02
CA PHE C 113 11.05 -1.91 70.10
C PHE C 113 9.99 -1.32 69.16
N LYS C 114 10.20 -0.04 68.79
CA LYS C 114 9.28 0.77 67.95
C LYS C 114 10.03 1.95 67.32
N ARG C 115 9.92 2.09 66.00
CA ARG C 115 10.50 3.20 65.21
C ARG C 115 9.33 4.00 64.63
N ILE C 116 9.24 5.30 64.94
CA ILE C 116 8.08 6.18 64.56
C ILE C 116 8.60 7.44 63.84
N LEU C 117 8.07 7.70 62.63
CA LEU C 117 8.17 9.01 61.92
C LEU C 117 6.75 9.60 61.82
N ASP C 118 6.53 10.76 62.46
CA ASP C 118 5.23 11.46 62.42
C ASP C 118 5.25 12.39 61.19
N LEU C 119 4.42 12.11 60.19
CA LEU C 119 4.38 12.89 58.92
C LEU C 119 3.94 14.34 59.20
N ARG C 120 3.34 14.59 60.37
CA ARG C 120 2.72 15.91 60.74
C ARG C 120 3.77 16.85 61.37
N SER C 121 4.92 16.34 61.80
CA SER C 121 5.94 17.14 62.52
C SER C 121 7.37 16.81 62.10
N GLY C 122 7.58 15.72 61.36
CA GLY C 122 8.93 15.19 61.07
C GLY C 122 9.67 14.82 62.35
N LEU C 123 8.93 14.45 63.40
CA LEU C 123 9.46 13.86 64.67
C LEU C 123 9.83 12.39 64.41
N TYR C 124 11.12 12.09 64.37
CA TYR C 124 11.64 10.72 64.29
C TYR C 124 11.96 10.25 65.72
N GLN C 125 11.23 9.22 66.17
CA GLN C 125 11.30 8.67 67.54
C GLN C 125 11.64 7.18 67.42
N ARG C 126 12.57 6.70 68.24
CA ARG C 126 12.95 5.26 68.33
C ARG C 126 12.91 4.84 69.79
N THR C 127 12.04 3.88 70.11
CA THR C 127 11.68 3.43 71.49
C THR C 127 11.87 1.92 71.64
N PHE C 128 12.37 1.45 72.79
CA PHE C 128 12.55 0.00 73.09
C PHE C 128 12.72 -0.23 74.60
N THR C 129 12.37 -1.43 75.11
CA THR C 129 12.60 -1.86 76.52
C THR C 129 13.86 -2.74 76.58
N TRP C 130 14.96 -2.15 77.06
CA TRP C 130 16.26 -2.84 77.24
C TRP C 130 16.19 -3.84 78.41
N LEU C 131 16.29 -5.15 78.12
CA LEU C 131 16.45 -6.25 79.13
C LEU C 131 17.96 -6.50 79.35
N THR C 132 18.52 -5.88 80.39
CA THR C 132 19.98 -5.85 80.71
C THR C 132 20.19 -6.19 82.20
N ASN C 133 21.01 -7.20 82.52
CA ASN C 133 21.37 -7.58 83.92
C ASN C 133 20.13 -7.64 84.84
N LYS C 138 13.67 1.04 79.87
CA LYS C 138 12.86 1.74 78.84
C LYS C 138 13.65 2.95 78.31
N ILE C 139 13.94 2.97 77.01
CA ILE C 139 14.75 4.03 76.33
C ILE C 139 13.90 4.63 75.20
N ILE C 140 14.09 5.94 74.93
CA ILE C 140 13.30 6.74 73.95
C ILE C 140 14.26 7.75 73.33
N ILE C 141 14.61 7.59 72.06
CA ILE C 141 15.48 8.56 71.33
C ILE C 141 14.61 9.34 70.33
N SER C 142 14.66 10.67 70.44
CA SER C 142 13.81 11.63 69.71
C SER C 142 14.71 12.55 68.90
N ARG C 143 14.38 12.73 67.62
CA ARG C 143 15.20 13.47 66.61
C ARG C 143 14.30 14.40 65.77
N LEU C 144 14.85 15.56 65.38
CA LEU C 144 14.17 16.61 64.58
C LEU C 144 15.20 17.35 63.73
N LEU C 145 14.79 17.76 62.53
CA LEU C 145 15.47 18.82 61.76
C LEU C 145 14.49 20.00 61.68
N ASP C 146 14.99 21.21 61.95
CA ASP C 146 14.15 22.42 61.94
C ASP C 146 13.82 22.76 60.48
N MET C 147 12.55 22.68 60.12
CA MET C 147 12.08 22.94 58.74
C MET C 147 12.24 24.44 58.42
N SER C 148 12.22 25.32 59.42
CA SER C 148 12.34 26.81 59.26
C SER C 148 13.80 27.29 59.40
N ASP C 149 14.43 27.16 60.57
CA ASP C 149 15.86 27.56 60.75
C ASP C 149 16.73 26.32 60.50
N CYS C 150 16.95 26.03 59.21
CA CYS C 150 17.33 24.69 58.69
C CYS C 150 18.76 24.36 59.08
N GLU C 151 19.54 25.37 59.49
CA GLU C 151 20.91 25.18 60.02
C GLU C 151 20.88 24.34 61.31
N ASN C 152 19.73 24.23 61.99
CA ASN C 152 19.59 23.55 63.31
C ASN C 152 19.04 22.12 63.18
N ALA C 153 19.25 21.32 64.23
CA ALA C 153 18.76 19.94 64.44
C ALA C 153 18.72 19.68 65.94
N TYR C 154 17.87 18.75 66.40
CA TYR C 154 17.54 18.59 67.86
C TYR C 154 17.34 17.11 68.21
N GLN C 155 17.76 16.69 69.42
CA GLN C 155 17.68 15.29 69.91
C GLN C 155 17.32 15.25 71.41
N MET C 156 16.42 14.35 71.82
CA MET C 156 15.97 14.13 73.23
C MET C 156 15.82 12.62 73.58
N ILE C 157 16.54 12.15 74.60
CA ILE C 157 16.52 10.73 75.09
C ILE C 157 15.97 10.63 76.52
N SER C 158 15.03 9.69 76.74
CA SER C 158 14.35 9.39 78.03
C SER C 158 14.71 7.98 78.48
N PHE C 159 15.21 7.86 79.71
CA PHE C 159 15.63 6.63 80.42
C PHE C 159 14.66 6.34 81.56
N GLU C 160 14.03 5.16 81.58
CA GLU C 160 13.25 4.67 82.75
C GLU C 160 13.88 3.34 83.18
N SER C 161 14.92 3.45 84.02
CA SER C 161 15.65 2.37 84.71
C SER C 161 14.69 1.57 85.59
N ASP C 162 14.89 0.26 85.66
CA ASP C 162 14.19 -0.62 86.63
C ASP C 162 14.75 -0.31 88.04
N ILE C 163 15.95 0.28 88.15
CA ILE C 163 16.85 0.20 89.35
C ILE C 163 17.65 1.50 89.53
N ILE C 167 25.86 5.43 84.19
CA ILE C 167 26.01 5.33 82.70
C ILE C 167 26.87 6.50 82.20
N LYS C 168 27.76 6.22 81.25
CA LYS C 168 28.67 7.21 80.60
C LYS C 168 28.07 7.60 79.25
N LEU C 169 27.02 8.44 79.26
CA LEU C 169 26.36 8.92 78.01
C LEU C 169 27.35 9.81 77.27
N GLU C 170 27.75 9.40 76.08
CA GLU C 170 28.62 10.22 75.20
C GLU C 170 27.70 10.79 74.12
N LEU C 171 27.85 12.07 73.80
CA LEU C 171 27.33 12.68 72.57
C LEU C 171 28.55 13.25 71.85
N HIS C 172 28.78 12.93 70.58
CA HIS C 172 29.88 13.56 69.80
C HIS C 172 29.35 14.13 68.47
N LEU C 173 30.17 15.01 67.91
CA LEU C 173 30.14 15.46 66.50
C LEU C 173 31.27 14.72 65.76
N ASP C 174 30.91 13.59 65.14
CA ASP C 174 31.86 12.64 64.50
C ASP C 174 31.89 12.92 63.00
N SER C 175 32.92 13.65 62.55
CA SER C 175 33.30 13.89 61.14
C SER C 175 34.49 12.99 60.76
N ASN C 176 34.50 11.73 61.24
CA ASN C 176 35.34 10.59 60.77
C ASN C 176 34.46 9.58 60.01
N ILE C 177 33.36 10.06 59.44
CA ILE C 177 32.30 9.23 58.81
C ILE C 177 32.84 8.71 57.47
N LEU C 178 32.49 7.48 57.11
CA LEU C 178 32.96 6.82 55.86
C LEU C 178 31.94 7.10 54.75
N HIS C 179 32.39 7.61 53.60
CA HIS C 179 31.63 7.64 52.32
C HIS C 179 32.08 6.46 51.45
N TRP C 180 31.19 5.95 50.59
CA TRP C 180 31.41 4.74 49.75
C TRP C 180 31.85 3.55 50.62
N GLY C 181 31.47 3.57 51.91
CA GLY C 181 31.97 2.64 52.96
C GLY C 181 33.49 2.51 52.94
N SER C 182 34.20 3.48 52.35
CA SER C 182 35.64 3.41 51.98
C SER C 182 36.42 4.50 52.72
N ASP C 183 36.35 5.75 52.25
CA ASP C 183 37.22 6.86 52.72
C ASP C 183 36.40 7.98 53.40
N CYS C 184 37.13 8.86 54.12
CA CYS C 184 36.64 10.15 54.70
C CYS C 184 37.25 11.33 53.90
N TYR C 185 36.39 12.15 53.29
CA TYR C 185 36.73 13.28 52.37
C TYR C 185 36.73 14.61 53.14
N TRP C 186 36.54 14.53 54.47
CA TRP C 186 36.70 15.63 55.45
C TRP C 186 38.06 15.52 56.14
N ASN C 187 38.66 16.67 56.47
CA ASN C 187 39.98 16.78 57.14
C ASN C 187 39.72 17.20 58.60
N GLU C 191 39.05 22.82 65.81
CA GLU C 191 38.24 22.35 66.96
C GLU C 191 38.44 23.27 68.16
N PHE C 192 37.32 23.66 68.82
CA PHE C 192 37.27 24.64 69.95
C PHE C 192 36.09 24.32 70.88
N LYS C 193 36.24 24.67 72.17
CA LYS C 193 35.11 24.81 73.15
C LYS C 193 35.09 26.22 73.74
N ILE C 194 33.95 26.92 73.60
CA ILE C 194 33.74 28.31 74.07
C ILE C 194 32.46 28.33 74.93
N GLY C 195 32.62 28.33 76.26
CA GLY C 195 31.51 28.33 77.24
C GLY C 195 30.81 26.97 77.32
N ASN C 196 29.47 26.97 77.32
CA ASN C 196 28.62 25.76 77.49
C ASN C 196 28.43 25.05 76.14
N SER C 197 29.08 25.54 75.07
CA SER C 197 28.97 25.00 73.68
C SER C 197 30.36 24.61 73.18
N ILE C 198 30.44 23.53 72.39
CA ILE C 198 31.70 22.93 71.86
C ILE C 198 31.58 22.70 70.34
N GLY C 199 32.35 23.45 69.56
CA GLY C 199 32.33 23.39 68.08
C GLY C 199 33.58 22.76 67.50
N LEU C 200 33.45 22.16 66.31
CA LEU C 200 34.60 21.85 65.41
C LEU C 200 34.35 22.48 64.04
N THR C 201 35.43 22.80 63.33
CA THR C 201 35.44 23.36 61.96
C THR C 201 36.30 22.44 61.07
N VAL C 202 35.86 22.24 59.82
CA VAL C 202 36.40 21.25 58.85
C VAL C 202 36.37 21.83 57.43
N LYS C 203 37.20 21.25 56.55
CA LYS C 203 37.43 21.70 55.16
C LYS C 203 37.54 20.48 54.24
N THR C 204 36.98 20.61 53.03
CA THR C 204 37.04 19.62 51.92
C THR C 204 38.37 19.75 51.18
N LEU C 205 38.72 18.72 50.42
CA LEU C 205 40.11 18.45 49.97
C LEU C 205 40.52 19.41 48.85
N THR C 206 39.63 19.65 47.88
CA THR C 206 39.89 20.52 46.69
C THR C 206 38.85 21.64 46.60
N THR C 207 37.57 21.35 46.83
CA THR C 207 36.42 22.25 46.49
C THR C 207 36.53 23.57 47.26
N ASN C 208 37.26 23.56 48.38
CA ASN C 208 37.45 24.72 49.30
C ASN C 208 36.09 25.04 49.93
N GLN C 209 35.37 24.02 50.43
CA GLN C 209 34.12 24.18 51.20
C GLN C 209 34.47 23.99 52.68
N THR C 210 33.96 24.86 53.56
CA THR C 210 34.22 24.83 55.03
C THR C 210 32.89 24.58 55.75
N LEU C 211 32.95 24.02 56.96
CA LEU C 211 31.74 23.65 57.76
C LEU C 211 32.07 23.70 59.25
N THR C 212 31.22 24.38 60.03
CA THR C 212 31.28 24.37 61.51
C THR C 212 30.05 23.65 62.05
N SER C 213 30.25 22.68 62.93
CA SER C 213 29.20 22.01 63.74
C SER C 213 29.45 22.32 65.22
N VAL C 214 28.39 22.62 65.98
CA VAL C 214 28.41 22.95 67.44
C VAL C 214 27.21 22.26 68.09
N MET C 215 27.20 22.22 69.41
CA MET C 215 26.06 21.70 70.21
C MET C 215 26.09 22.30 71.63
N ARG C 216 24.93 22.29 72.28
CA ARG C 216 24.69 22.66 73.70
C ARG C 216 23.67 21.64 74.22
N THR C 217 23.54 21.53 75.54
CA THR C 217 22.64 20.59 76.26
C THR C 217 21.95 21.31 77.44
N ASN C 218 20.95 20.68 78.05
CA ASN C 218 20.20 21.21 79.23
C ASN C 218 20.71 20.51 80.51
N LEU C 219 22.01 20.23 80.57
CA LEU C 219 22.61 19.38 81.64
C LEU C 219 24.15 19.43 81.53
N LYS C 220 24.83 19.48 82.70
CA LYS C 220 26.28 19.77 82.81
C LYS C 220 27.15 18.63 82.27
N GLU C 221 28.25 19.00 81.59
CA GLU C 221 29.33 18.11 81.06
C GLU C 221 30.39 17.87 82.17
N ASP C 222 30.78 16.59 82.41
CA ASP C 222 31.78 16.16 83.44
C ASP C 222 33.21 16.26 82.88
N SER C 223 33.40 15.88 81.62
CA SER C 223 34.57 16.22 80.78
C SER C 223 34.12 16.33 79.32
N TYR C 224 34.97 16.92 78.50
CA TYR C 224 34.84 17.03 77.03
C TYR C 224 36.17 16.62 76.38
N GLN C 225 36.22 16.68 75.05
CA GLN C 225 37.36 16.20 74.22
C GLN C 225 37.48 17.12 72.99
N LEU C 226 38.70 17.26 72.46
CA LEU C 226 38.99 18.02 71.21
C LEU C 226 40.03 17.24 70.39
N ASN C 227 39.62 16.65 69.25
CA ASN C 227 40.45 15.73 68.40
C ASN C 227 40.46 16.22 66.95
N LEU C 237 27.16 10.37 84.38
CA LEU C 237 25.97 10.83 85.13
C LEU C 237 25.20 9.62 85.70
N THR C 238 24.66 9.75 86.92
CA THR C 238 24.00 8.66 87.70
C THR C 238 22.48 8.71 87.46
N LEU C 239 21.91 7.56 87.10
CA LEU C 239 20.46 7.41 86.82
C LEU C 239 19.77 6.86 88.06
N GLU C 240 18.68 7.49 88.50
CA GLU C 240 17.88 7.06 89.67
C GLU C 240 16.79 6.09 89.19
N ALA C 241 16.17 5.34 90.11
CA ALA C 241 15.21 4.24 89.82
C ALA C 241 13.80 4.78 89.57
N ASN C 242 13.30 4.62 88.34
CA ASN C 242 11.92 4.94 87.87
C ASN C 242 11.76 6.44 87.66
N LYS C 243 12.66 7.28 88.19
CA LYS C 243 12.79 8.71 87.81
C LYS C 243 13.25 8.73 86.36
N GLU C 244 12.33 9.05 85.43
CA GLU C 244 12.66 9.32 84.01
C GLU C 244 13.74 10.42 84.02
N LYS C 245 14.91 10.16 83.44
CA LYS C 245 15.90 11.22 83.15
C LYS C 245 15.87 11.51 81.65
N THR C 246 15.68 12.78 81.27
CA THR C 246 15.52 13.24 79.87
C THR C 246 16.53 14.36 79.60
N ILE C 247 17.61 14.05 78.88
CA ILE C 247 18.57 15.03 78.31
C ILE C 247 18.02 15.52 76.97
N THR C 248 18.32 16.77 76.59
CA THR C 248 18.04 17.34 75.24
C THR C 248 19.33 17.91 74.65
N ARG C 249 19.57 17.64 73.35
CA ARG C 249 20.77 18.10 72.60
C ARG C 249 20.34 18.95 71.40
N TYR C 250 20.91 20.15 71.34
CA TYR C 250 20.77 21.14 70.25
C TYR C 250 22.00 21.04 69.36
N VAL C 251 21.79 20.98 68.05
CA VAL C 251 22.88 21.03 67.02
C VAL C 251 22.56 22.18 66.05
N THR C 252 23.61 22.84 65.59
CA THR C 252 23.58 23.90 64.56
C THR C 252 24.78 23.68 63.64
N ASN C 253 24.54 23.50 62.33
CA ASN C 253 25.61 23.25 61.32
C ASN C 253 25.61 24.39 60.30
N ILE C 254 26.71 25.14 60.20
CA ILE C 254 26.84 26.29 59.25
C ILE C 254 27.89 25.92 58.20
N ILE C 255 27.46 25.88 56.95
CA ILE C 255 28.27 25.47 55.76
C ILE C 255 28.63 26.74 54.98
N ASP C 256 29.80 26.74 54.32
CA ASP C 256 30.19 27.73 53.28
C ASP C 256 30.57 26.94 52.02
N LYS C 257 29.77 27.05 50.95
CA LYS C 257 29.91 26.26 49.69
C LYS C 257 30.81 27.00 48.69
N ASN C 258 30.73 28.33 48.64
CA ASN C 258 31.57 29.21 47.78
C ASN C 258 33.01 29.22 48.29
N GLY C 259 33.20 29.14 49.61
CA GLY C 259 34.50 28.86 50.25
C GLY C 259 35.20 30.08 50.82
N ASN C 260 34.78 31.29 50.43
CA ASN C 260 35.49 32.56 50.74
C ASN C 260 34.70 33.38 51.78
N GLN C 261 34.41 32.80 52.95
CA GLN C 261 33.95 33.54 54.16
C GLN C 261 34.97 33.34 55.29
N LYS C 262 35.36 34.43 55.96
CA LYS C 262 36.30 34.42 57.12
C LYS C 262 35.81 33.36 58.12
N LEU C 263 36.69 32.42 58.52
CA LEU C 263 36.35 31.28 59.40
C LEU C 263 35.78 31.79 60.74
N SER C 264 36.55 32.53 61.55
CA SER C 264 36.11 33.08 62.87
C SER C 264 34.64 33.53 62.82
N GLN C 265 34.23 34.22 61.73
CA GLN C 265 32.84 34.67 61.51
C GLN C 265 31.88 33.48 61.43
N GLN C 266 32.22 32.44 60.66
CA GLN C 266 31.44 31.16 60.58
C GLN C 266 31.13 30.69 62.00
N ARG C 267 32.19 30.53 62.79
CA ARG C 267 32.17 29.97 64.18
C ARG C 267 31.22 30.81 65.05
N ASP C 268 31.35 32.14 64.96
CA ASP C 268 30.56 33.15 65.73
C ASP C 268 29.06 33.06 65.37
N ILE C 269 28.73 32.97 64.07
CA ILE C 269 27.32 32.84 63.58
C ILE C 269 26.76 31.52 64.10
N ALA C 270 27.51 30.43 63.94
CA ALA C 270 27.20 29.09 64.47
C ALA C 270 26.83 29.17 65.96
N LEU C 271 27.67 29.80 66.77
CA LEU C 271 27.46 29.95 68.24
C LEU C 271 26.20 30.78 68.51
N THR C 272 26.06 31.97 67.91
CA THR C 272 24.90 32.88 68.14
C THR C 272 23.61 32.09 67.89
N LYS C 273 23.47 31.48 66.71
CA LYS C 273 22.23 30.77 66.26
C LYS C 273 21.97 29.56 67.19
N LEU C 274 23.01 28.82 67.59
CA LEU C 274 22.84 27.64 68.48
C LEU C 274 22.36 28.08 69.86
N LYS C 275 22.95 29.14 70.42
CA LYS C 275 22.54 29.69 71.73
C LYS C 275 21.07 30.12 71.59
N GLU C 276 20.72 30.74 70.46
CA GLU C 276 19.36 31.27 70.21
C GLU C 276 18.34 30.13 70.28
N ALA C 277 18.70 28.95 69.75
CA ALA C 277 17.85 27.75 69.67
C ALA C 277 17.69 27.10 71.06
N SER C 278 18.78 27.11 71.86
CA SER C 278 18.87 26.48 73.20
C SER C 278 17.75 26.97 74.13
N LYS C 279 17.30 28.21 73.96
CA LYS C 279 16.29 28.88 74.83
C LYS C 279 14.91 28.22 74.63
N PHE C 280 14.77 27.40 73.59
CA PHE C 280 13.52 26.68 73.22
C PHE C 280 13.67 25.22 73.59
N SER C 281 12.64 24.63 74.21
CA SER C 281 12.57 23.19 74.58
C SER C 281 12.34 22.33 73.33
N PHE C 282 12.60 21.03 73.44
CA PHE C 282 12.43 20.02 72.35
C PHE C 282 10.94 19.91 71.98
N ALA C 283 10.07 19.85 72.98
CA ALA C 283 8.61 19.66 72.79
C ALA C 283 8.03 20.87 72.04
N ASP C 284 8.58 22.07 72.28
CA ASP C 284 8.17 23.33 71.60
C ASP C 284 8.70 23.35 70.16
N LEU C 285 9.84 22.69 69.88
CA LEU C 285 10.48 22.66 68.54
C LEU C 285 9.79 21.61 67.64
N VAL C 286 9.14 20.59 68.24
CA VAL C 286 8.25 19.64 67.53
C VAL C 286 7.05 20.44 66.97
N LYS C 287 6.40 21.25 67.80
CA LYS C 287 5.15 21.99 67.41
C LYS C 287 5.49 23.10 66.40
N LYS C 288 6.71 23.64 66.43
CA LYS C 288 7.25 24.60 65.42
C LYS C 288 7.31 23.93 64.04
N ASN C 289 7.95 22.76 63.98
CA ASN C 289 7.94 21.87 62.79
C ASN C 289 6.49 21.54 62.41
N GLN C 290 5.60 21.27 63.37
CA GLN C 290 4.20 20.89 63.06
C GLN C 290 3.52 22.04 62.30
N LYS C 291 3.73 23.28 62.74
CA LYS C 291 3.22 24.53 62.11
C LYS C 291 3.72 24.61 60.66
N PHE C 292 5.02 24.36 60.42
CA PHE C 292 5.63 24.35 59.06
C PHE C 292 4.86 23.34 58.20
N PHE C 293 4.68 22.10 58.68
CA PHE C 293 3.97 21.02 57.95
C PHE C 293 2.47 21.33 57.81
N ASN C 294 1.82 21.88 58.84
CA ASN C 294 0.37 22.20 58.78
C ASN C 294 0.13 23.07 57.54
N HIS C 295 1.01 24.05 57.33
CA HIS C 295 1.00 24.96 56.16
C HIS C 295 1.02 24.11 54.87
N PHE C 296 1.99 23.22 54.74
CA PHE C 296 2.21 22.49 53.46
C PHE C 296 1.08 21.45 53.28
N TYR C 297 0.38 21.05 54.33
CA TYR C 297 -0.73 20.06 54.24
C TYR C 297 -2.05 20.78 53.91
N GLN C 298 -2.27 22.00 54.40
CA GLN C 298 -3.42 22.84 53.99
C GLN C 298 -3.37 23.07 52.46
N LYS C 299 -2.15 23.23 51.91
CA LYS C 299 -1.87 23.57 50.49
C LYS C 299 -1.96 22.35 49.56
N SER C 300 -1.52 21.15 49.99
CA SER C 300 -1.14 20.06 49.06
C SER C 300 -1.68 18.66 49.44
N ASP C 301 -2.28 18.50 50.62
CA ASP C 301 -2.67 17.17 51.16
C ASP C 301 -3.66 16.47 50.23
N ILE C 302 -3.44 15.18 49.98
CA ILE C 302 -4.36 14.33 49.17
C ILE C 302 -5.05 13.33 50.11
N LEU C 303 -6.39 13.37 50.16
CA LEU C 303 -7.19 12.34 50.90
C LEU C 303 -7.44 11.18 49.94
N ILE C 304 -7.35 9.96 50.46
CA ILE C 304 -7.71 8.69 49.75
C ILE C 304 -8.56 7.87 50.72
N ASP C 305 -9.76 7.49 50.29
CA ASP C 305 -10.74 6.67 51.06
C ASP C 305 -10.93 5.35 50.31
N GLY C 306 -10.94 4.23 51.04
CA GLY C 306 -11.12 2.88 50.47
C GLY C 306 -9.82 2.14 50.25
N SER C 307 -8.69 2.73 50.66
CA SER C 307 -7.33 2.10 50.74
C SER C 307 -6.46 2.84 51.76
N ASP C 308 -6.40 2.33 53.01
CA ASP C 308 -5.54 2.88 54.10
C ASP C 308 -4.08 2.91 53.60
N SER C 309 -3.72 1.92 52.76
CA SER C 309 -2.38 1.69 52.17
C SER C 309 -1.95 2.89 51.31
N ASP C 310 -2.77 3.23 50.32
CA ASP C 310 -2.50 4.36 49.39
C ASP C 310 -2.55 5.67 50.19
N GLN C 311 -3.45 5.81 51.17
CA GLN C 311 -3.52 7.06 51.99
C GLN C 311 -2.16 7.33 52.64
N GLN C 312 -1.59 6.31 53.29
CA GLN C 312 -0.27 6.40 53.98
C GLN C 312 0.78 6.64 52.90
N GLY C 313 0.67 5.97 51.76
CA GLY C 313 1.67 6.04 50.68
C GLY C 313 1.78 7.45 50.12
N ILE C 314 0.66 8.05 49.73
CA ILE C 314 0.66 9.38 49.08
C ILE C 314 1.09 10.43 50.11
N ARG C 315 0.64 10.30 51.37
CA ARG C 315 1.02 11.29 52.41
C ARG C 315 2.50 11.16 52.69
N TYR C 316 3.04 9.93 52.67
CA TYR C 316 4.50 9.69 52.82
C TYR C 316 5.23 10.40 51.66
N CYS C 317 4.77 10.18 50.43
CA CYS C 317 5.37 10.79 49.22
C CYS C 317 5.43 12.32 49.36
N LEU C 318 4.34 12.93 49.83
CA LEU C 318 4.22 14.41 49.95
C LEU C 318 5.20 14.83 51.05
N PHE C 319 5.18 14.07 52.15
CA PHE C 319 6.11 14.29 53.29
C PHE C 319 7.52 14.45 52.73
N GLN C 320 7.96 13.50 51.89
CA GLN C 320 9.37 13.46 51.37
C GLN C 320 9.57 14.57 50.33
N MET C 321 8.56 14.88 49.50
CA MET C 321 8.65 16.02 48.55
C MET C 321 8.97 17.28 49.35
N ILE C 322 8.24 17.54 50.43
CA ILE C 322 8.42 18.75 51.27
C ILE C 322 9.80 18.69 51.95
N GLN C 323 10.23 17.52 52.43
CA GLN C 323 11.55 17.35 53.09
C GLN C 323 12.68 17.60 52.08
N ALA C 324 12.47 17.27 50.81
CA ALA C 324 13.50 17.36 49.74
C ALA C 324 13.76 18.82 49.33
N TYR C 325 12.74 19.68 49.30
CA TYR C 325 12.90 21.05 48.78
C TYR C 325 11.75 21.92 49.28
N HIS C 326 12.07 23.14 49.73
CA HIS C 326 11.03 24.12 50.14
C HIS C 326 11.45 25.57 49.82
N GLY C 327 12.51 25.78 49.03
CA GLY C 327 12.92 27.11 48.57
C GLY C 327 13.85 27.79 49.57
N PHE C 328 14.74 27.02 50.22
CA PHE C 328 15.63 27.50 51.31
C PHE C 328 16.80 28.28 50.71
N ASP C 329 17.26 27.87 49.53
CA ASP C 329 18.52 28.35 48.92
C ASP C 329 18.44 28.20 47.39
N PRO C 330 18.61 29.28 46.61
CA PRO C 330 18.56 29.17 45.14
C PRO C 330 19.78 28.48 44.49
N THR C 331 20.72 27.96 45.29
CA THR C 331 21.91 27.16 44.83
C THR C 331 21.73 25.68 45.18
N ASN C 332 20.58 25.32 45.76
CA ASN C 332 20.23 23.93 46.15
C ASN C 332 19.37 23.30 45.04
N THR C 333 19.38 21.97 44.94
CA THR C 333 18.56 21.19 43.96
C THR C 333 18.17 19.88 44.61
N ILE C 334 17.28 19.13 43.97
CA ILE C 334 16.80 17.79 44.43
C ILE C 334 17.67 16.71 43.80
N GLY C 335 18.33 15.91 44.64
CA GLY C 335 19.03 14.67 44.24
C GLY C 335 18.05 13.55 43.92
N ALA C 336 18.47 12.59 43.10
CA ALA C 336 17.67 11.42 42.64
C ALA C 336 17.15 10.59 43.83
N LYS C 337 17.83 10.64 44.98
CA LYS C 337 17.41 9.93 46.21
C LYS C 337 17.31 10.96 47.34
N GLY C 338 17.11 12.23 46.95
CA GLY C 338 17.09 13.40 47.86
C GLY C 338 18.38 13.45 48.63
N LEU C 339 18.29 13.39 49.95
CA LEU C 339 19.47 13.37 50.86
C LEU C 339 19.39 12.16 51.81
N THR C 340 19.02 11.01 51.28
CA THR C 340 18.65 9.81 52.05
C THR C 340 19.63 8.67 51.77
N GLY C 341 20.77 8.95 51.09
CA GLY C 341 21.72 7.92 50.63
C GLY C 341 22.83 8.51 49.77
N GLU C 342 23.83 7.71 49.40
CA GLU C 342 25.00 8.16 48.59
C GLU C 342 24.88 7.68 47.15
N ALA C 343 24.11 6.62 46.89
CA ALA C 343 23.80 6.13 45.53
C ALA C 343 23.14 7.26 44.70
N TYR C 344 23.64 7.51 43.49
CA TYR C 344 23.31 8.64 42.58
C TYR C 344 23.87 9.96 43.13
N SER C 345 24.61 9.92 44.23
CA SER C 345 25.56 10.99 44.63
C SER C 345 24.84 12.30 45.00
N GLY C 346 23.54 12.27 45.29
CA GLY C 346 22.75 13.50 45.46
C GLY C 346 22.73 14.33 44.18
N HIS C 347 22.87 13.70 43.01
CA HIS C 347 22.90 14.39 41.69
C HIS C 347 21.48 14.77 41.27
N ALA C 348 21.34 15.94 40.65
CA ALA C 348 20.12 16.38 39.94
C ALA C 348 20.16 15.80 38.53
N PHE C 349 19.01 15.32 38.04
CA PHE C 349 18.81 14.85 36.64
C PHE C 349 17.71 15.67 35.97
N TRP C 350 17.56 15.46 34.66
CA TRP C 350 16.53 16.13 33.80
C TRP C 350 15.15 15.95 34.44
N ASP C 351 15.00 14.89 35.23
CA ASP C 351 13.84 14.54 36.10
C ASP C 351 13.35 15.74 36.92
N ASN C 352 14.27 16.50 37.51
CA ASN C 352 13.93 17.70 38.34
C ASN C 352 13.03 18.64 37.52
N GLU C 353 13.40 18.91 36.27
CA GLU C 353 12.74 19.95 35.43
C GLU C 353 11.45 19.38 34.84
N THR C 354 11.41 18.08 34.55
CA THR C 354 10.29 17.47 33.77
C THR C 354 9.35 16.62 34.62
N TYR C 355 9.74 16.20 35.83
CA TYR C 355 8.88 15.35 36.73
CA TYR C 355 8.82 15.41 36.70
C TYR C 355 8.62 16.01 38.09
N CYS C 356 9.68 16.48 38.76
CA CYS C 356 9.59 16.98 40.16
C CYS C 356 8.99 18.39 40.21
N LEU C 357 9.32 19.25 39.24
CA LEU C 357 8.92 20.69 39.22
C LEU C 357 7.42 20.84 39.48
N PRO C 358 6.53 20.14 38.75
CA PRO C 358 5.08 20.38 38.82
C PRO C 358 4.47 20.41 40.23
N PHE C 359 4.85 19.48 41.10
CA PHE C 359 4.40 19.47 42.52
C PHE C 359 4.72 20.81 43.20
N TYR C 360 5.92 21.36 42.93
CA TYR C 360 6.37 22.66 43.52
C TYR C 360 5.64 23.80 42.82
N LEU C 361 5.37 23.68 41.53
CA LEU C 361 4.70 24.78 40.77
C LEU C 361 3.35 25.06 41.45
N TYR C 362 2.63 23.99 41.84
CA TYR C 362 1.22 24.07 42.29
C TYR C 362 1.12 24.24 43.81
N SER C 363 2.23 24.34 44.54
CA SER C 363 2.22 24.42 46.03
C SER C 363 3.16 25.50 46.57
N ASN C 364 4.29 25.78 45.92
CA ASN C 364 5.33 26.64 46.52
C ASN C 364 6.06 27.37 45.40
N GLN C 365 5.61 28.58 45.09
CA GLN C 365 6.21 29.34 43.98
C GLN C 365 7.73 29.43 44.20
N GLU C 366 8.16 29.77 45.42
CA GLU C 366 9.60 30.08 45.69
C GLU C 366 10.44 28.82 45.43
N ALA C 367 9.93 27.64 45.81
CA ALA C 367 10.63 26.36 45.60
C ALA C 367 10.78 26.11 44.10
N ALA C 368 9.71 26.26 43.32
CA ALA C 368 9.75 26.08 41.83
C ALA C 368 10.82 27.02 41.22
N LYS C 369 10.81 28.30 41.61
CA LYS C 369 11.81 29.31 41.15
C LYS C 369 13.23 28.86 41.55
N ASP C 370 13.43 28.40 42.78
CA ASP C 370 14.78 28.06 43.31
C ASP C 370 15.35 26.85 42.57
N LEU C 371 14.49 25.92 42.12
CA LEU C 371 14.95 24.74 41.31
C LEU C 371 15.54 25.26 40.01
N ILE C 372 14.90 26.25 39.41
CA ILE C 372 15.36 26.86 38.13
C ILE C 372 16.57 27.77 38.42
N MET C 373 16.59 28.39 39.60
CA MET C 373 17.70 29.32 39.97
C MET C 373 18.96 28.48 40.12
N PHE C 374 18.85 27.26 40.64
CA PHE C 374 19.99 26.32 40.70
C PHE C 374 20.65 26.25 39.32
N ARG C 375 19.83 26.13 38.26
CA ARG C 375 20.31 25.98 36.86
C ARG C 375 20.87 27.32 36.41
N TYR C 376 20.25 28.44 36.80
CA TYR C 376 20.83 29.77 36.50
C TYR C 376 22.23 29.86 37.12
N ASN C 377 22.37 29.41 38.35
CA ASN C 377 23.59 29.59 39.18
C ASN C 377 24.68 28.61 38.73
N THR C 378 24.35 27.69 37.81
CA THR C 378 25.26 26.66 37.28
C THR C 378 25.40 26.85 35.77
N LEU C 379 25.12 28.08 35.27
CA LEU C 379 25.24 28.46 33.84
C LEU C 379 26.70 28.40 33.41
N GLU C 380 27.60 28.94 34.22
CA GLU C 380 29.05 28.99 33.91
C GLU C 380 29.51 27.57 33.55
N GLU C 381 29.25 26.60 34.42
CA GLU C 381 29.75 25.20 34.29
C GLU C 381 29.07 24.49 33.12
N ALA C 382 27.84 24.89 32.78
CA ALA C 382 27.05 24.36 31.64
C ALA C 382 27.72 24.79 30.33
N LYS C 383 28.35 25.98 30.30
CA LYS C 383 29.01 26.54 29.10
C LYS C 383 30.37 25.88 28.89
N ALA C 384 31.10 25.60 29.98
CA ALA C 384 32.33 24.80 29.97
C ALA C 384 32.00 23.38 29.44
N ARG C 385 30.86 22.82 29.82
CA ARG C 385 30.46 21.45 29.42
C ARG C 385 30.23 21.41 27.89
N ALA C 386 29.53 22.42 27.36
CA ALA C 386 29.30 22.64 25.92
C ALA C 386 30.64 22.68 25.19
N LYS C 387 31.61 23.42 25.73
N LYS C 387 31.61 23.42 25.73
CA LYS C 387 32.99 23.53 25.17
CA LYS C 387 32.99 23.54 25.18
C LYS C 387 33.59 22.13 25.08
C LYS C 387 33.61 22.14 25.09
N GLU C 388 33.37 21.30 26.10
CA GLU C 388 33.91 19.92 26.17
C GLU C 388 33.32 19.07 25.04
N LEU C 389 32.11 19.38 24.55
CA LEU C 389 31.44 18.70 23.40
C LEU C 389 31.66 19.49 22.11
N ASP C 390 32.75 20.29 22.03
CA ASP C 390 33.12 21.10 20.85
C ASP C 390 31.88 21.87 20.35
N SER C 391 31.09 22.38 21.28
CA SER C 391 29.93 23.27 21.02
C SER C 391 30.07 24.53 21.88
N ILE C 392 29.11 25.44 21.76
CA ILE C 392 29.11 26.76 22.45
C ILE C 392 27.79 26.90 23.22
N GLY C 393 27.57 28.03 23.90
CA GLY C 393 26.36 28.22 24.72
C GLY C 393 26.40 27.35 25.96
N ALA C 394 25.24 26.81 26.40
CA ALA C 394 25.06 26.09 27.68
C ALA C 394 24.48 24.69 27.46
N CYS C 395 25.32 23.66 27.65
CA CYS C 395 24.90 22.24 27.68
C CYS C 395 24.83 21.82 29.14
N PHE C 396 23.63 21.92 29.71
CA PHE C 396 23.33 21.37 31.06
C PHE C 396 23.61 19.87 31.08
N PRO C 397 24.25 19.37 32.16
CA PRO C 397 24.74 18.00 32.20
C PRO C 397 23.68 16.97 32.58
N VAL C 398 23.92 15.72 32.19
CA VAL C 398 23.03 14.57 32.48
C VAL C 398 22.88 14.40 33.99
N ALA C 399 23.99 14.47 34.74
CA ALA C 399 24.06 14.24 36.19
C ALA C 399 25.10 15.19 36.80
N THR C 400 24.75 15.81 37.93
CA THR C 400 25.55 16.90 38.56
C THR C 400 24.97 17.29 39.91
N ARG C 401 25.82 17.88 40.76
CA ARG C 401 25.41 18.75 41.89
C ARG C 401 26.13 20.09 41.76
N ASN C 402 27.40 20.11 41.39
CA ASN C 402 28.23 21.35 41.34
C ASN C 402 28.02 22.07 40.00
N GLY C 403 27.19 21.52 39.10
CA GLY C 403 26.88 22.11 37.78
C GLY C 403 27.66 21.48 36.63
N LYS C 404 28.74 20.75 36.90
CA LYS C 404 29.59 20.10 35.86
C LYS C 404 29.07 18.69 35.63
N GLU C 405 29.35 18.13 34.46
CA GLU C 405 28.99 16.74 34.10
C GLU C 405 29.69 15.81 35.10
N ALA C 406 28.92 15.00 35.81
CA ALA C 406 29.41 13.94 36.73
C ALA C 406 29.18 12.53 36.14
N CYS C 407 28.38 12.39 35.08
CA CYS C 407 28.19 11.09 34.36
C CYS C 407 29.39 10.84 33.45
N ASN C 408 30.13 9.77 33.69
CA ASN C 408 31.38 9.42 32.95
C ASN C 408 31.08 8.41 31.85
N LEU C 409 29.81 8.21 31.48
CA LEU C 409 29.37 7.38 30.32
C LEU C 409 29.11 8.29 29.12
N TRP C 410 30.00 8.28 28.13
CA TRP C 410 29.83 9.08 26.91
C TRP C 410 28.52 8.69 26.22
N GLN C 411 28.11 7.41 26.32
CA GLN C 411 26.87 6.87 25.72
C GLN C 411 25.66 7.67 26.23
N HIS C 412 25.76 8.34 27.38
CA HIS C 412 24.69 9.22 27.91
C HIS C 412 25.12 10.69 27.90
N ALA C 413 26.35 10.98 28.36
CA ALA C 413 26.85 12.34 28.65
C ALA C 413 27.12 13.13 27.35
N SER C 414 27.47 12.44 26.26
CA SER C 414 27.85 13.08 24.97
C SER C 414 26.69 13.03 23.98
N THR C 415 25.55 12.43 24.34
CA THR C 415 24.44 12.11 23.39
C THR C 415 23.07 12.65 23.86
N GLN C 416 22.89 12.90 25.16
CA GLN C 416 21.56 13.21 25.76
C GLN C 416 21.48 14.69 26.12
N PHE C 417 20.67 15.46 25.40
CA PHE C 417 20.51 16.92 25.59
C PHE C 417 19.17 17.22 26.28
N GLN C 418 18.49 16.18 26.79
CA GLN C 418 17.22 16.29 27.56
C GLN C 418 17.38 17.17 28.79
N PRO C 419 18.56 17.31 29.45
CA PRO C 419 18.67 18.23 30.58
C PRO C 419 18.63 19.70 30.11
N SER C 420 19.21 19.97 28.93
CA SER C 420 19.26 21.32 28.32
C SER C 420 17.84 21.75 27.97
N THR C 421 17.10 20.95 27.21
CA THR C 421 15.69 21.24 26.83
C THR C 421 14.79 21.13 28.06
N GLY C 422 15.18 20.34 29.06
CA GLY C 422 14.49 20.27 30.36
C GLY C 422 14.46 21.63 31.06
N VAL C 423 15.62 22.31 31.12
CA VAL C 423 15.77 23.60 31.83
C VAL C 423 14.91 24.64 31.10
N PHE C 424 14.91 24.59 29.76
CA PHE C 424 13.99 25.40 28.92
C PHE C 424 12.54 25.07 29.30
N TYR C 425 12.18 23.79 29.39
CA TYR C 425 10.79 23.38 29.71
C TYR C 425 10.39 23.87 31.10
N ALA C 426 11.27 23.72 32.07
CA ALA C 426 11.06 24.25 33.44
C ALA C 426 10.69 25.75 33.37
N ILE C 427 11.42 26.54 32.58
CA ILE C 427 11.22 28.02 32.41
C ILE C 427 9.84 28.26 31.80
N TYR C 428 9.54 27.60 30.68
CA TYR C 428 8.25 27.78 29.97
C TYR C 428 7.13 27.39 30.93
N HIS C 429 7.27 26.28 31.66
CA HIS C 429 6.23 25.77 32.59
C HIS C 429 6.06 26.76 33.77
N TYR C 430 7.18 27.21 34.35
CA TYR C 430 7.17 28.19 35.46
C TYR C 430 6.44 29.47 35.03
N MET C 431 6.66 29.92 33.78
CA MET C 431 6.00 31.13 33.21
C MET C 431 4.55 30.82 32.78
N LYS C 432 4.25 29.59 32.37
CA LYS C 432 2.85 29.18 32.06
C LYS C 432 2.00 29.29 33.34
N ILE C 433 2.57 29.03 34.51
CA ILE C 433 1.82 28.96 35.80
C ILE C 433 1.83 30.32 36.51
N TYR C 434 2.95 31.05 36.42
CA TYR C 434 3.25 32.24 37.27
C TYR C 434 3.50 33.52 36.47
N ASN C 435 3.88 33.43 35.19
CA ASN C 435 4.16 34.60 34.31
C ASN C 435 5.00 35.61 35.08
N ASP C 436 6.15 35.18 35.63
CA ASP C 436 7.02 35.95 36.56
C ASP C 436 7.97 36.82 35.73
N HIS C 437 7.51 38.01 35.34
CA HIS C 437 8.20 38.96 34.44
C HIS C 437 9.63 39.25 34.94
N LYS C 438 9.79 39.49 36.24
CA LYS C 438 11.11 39.89 36.80
C LYS C 438 12.05 38.68 36.71
N PHE C 439 11.53 37.45 36.84
CA PHE C 439 12.34 36.22 36.70
C PHE C 439 12.82 36.07 35.26
N MET C 440 11.93 36.27 34.29
CA MET C 440 12.30 36.14 32.87
C MET C 440 13.40 37.16 32.56
N GLN C 441 13.08 38.45 32.72
CA GLN C 441 13.96 39.60 32.35
C GLN C 441 15.33 39.44 33.00
N ASN C 442 15.36 39.07 34.27
CA ASN C 442 16.60 39.06 35.08
C ASN C 442 17.40 37.80 34.73
N TYR C 443 16.73 36.67 34.50
CA TYR C 443 17.33 35.31 34.52
C TYR C 443 16.92 34.48 33.29
N GLY C 444 15.64 34.46 32.93
CA GLY C 444 15.07 33.58 31.88
C GLY C 444 15.74 33.71 30.53
N ILE C 445 15.73 34.91 29.94
CA ILE C 445 16.28 35.19 28.58
C ILE C 445 17.71 34.64 28.48
N GLU C 446 18.58 35.00 29.42
CA GLU C 446 20.01 34.57 29.43
C GLU C 446 20.04 33.04 29.37
N MET C 447 19.19 32.37 30.17
CA MET C 447 19.12 30.89 30.26
C MET C 447 18.73 30.34 28.89
N LEU C 448 17.66 30.88 28.31
CA LEU C 448 17.05 30.46 27.03
C LEU C 448 18.00 30.74 25.86
N VAL C 449 18.83 31.79 25.94
CA VAL C 449 19.74 32.19 24.84
C VAL C 449 20.94 31.24 24.84
N GLU C 450 21.55 31.05 26.01
CA GLU C 450 22.73 30.17 26.15
C GLU C 450 22.35 28.74 25.77
N ILE C 451 21.14 28.29 26.14
CA ILE C 451 20.64 26.91 25.85
C ILE C 451 20.47 26.79 24.34
N SER C 452 19.79 27.75 23.71
CA SER C 452 19.57 27.79 22.24
C SER C 452 20.91 27.87 21.52
N LYS C 453 21.91 28.54 22.10
CA LYS C 453 23.26 28.70 21.50
C LYS C 453 23.94 27.33 21.38
N PHE C 454 23.84 26.51 22.44
CA PHE C 454 24.29 25.10 22.45
C PHE C 454 23.53 24.29 21.38
N LEU C 455 22.21 24.28 21.42
CA LEU C 455 21.38 23.45 20.49
C LEU C 455 21.78 23.80 19.05
N LEU C 456 22.03 25.08 18.74
CA LEU C 456 22.40 25.59 17.38
C LEU C 456 23.82 25.16 16.95
N SER C 457 24.76 25.03 17.88
CA SER C 457 26.15 24.59 17.59
C SER C 457 26.25 23.06 17.56
N ARG C 458 25.49 22.37 18.43
CA ARG C 458 25.51 20.87 18.55
C ARG C 458 24.60 20.22 17.49
N GLY C 459 23.48 20.87 17.13
CA GLY C 459 22.64 20.49 15.99
C GLY C 459 23.38 20.74 14.70
N GLN C 460 23.06 19.99 13.64
CA GLN C 460 23.78 20.11 12.35
C GLN C 460 22.77 20.13 11.20
N TYR C 461 23.09 20.90 10.16
CA TYR C 461 22.50 20.75 8.82
C TYR C 461 22.97 19.40 8.26
N ASN C 462 22.10 18.73 7.51
CA ASN C 462 22.40 17.49 6.75
C ASN C 462 23.43 17.82 5.64
N GLN C 463 23.65 16.86 4.74
CA GLN C 463 24.69 16.88 3.67
C GLN C 463 24.49 18.10 2.77
N ASP C 464 23.29 18.25 2.17
CA ASP C 464 22.98 19.35 1.19
C ASP C 464 22.55 20.61 1.96
N LYS C 465 21.89 20.46 3.10
CA LYS C 465 21.52 21.56 4.06
C LYS C 465 20.05 21.97 3.88
N THR C 466 19.19 21.07 3.40
CA THR C 466 17.72 21.29 3.32
C THR C 466 17.06 20.88 4.63
N LYS C 467 17.85 20.40 5.61
CA LYS C 467 17.35 19.84 6.89
C LYS C 467 18.31 20.18 8.03
N PHE C 468 17.75 20.47 9.20
CA PHE C 468 18.52 20.61 10.47
C PHE C 468 18.11 19.47 11.39
N SER C 469 19.05 18.96 12.19
CA SER C 469 18.76 17.85 13.14
C SER C 469 19.85 17.73 14.19
N PHE C 470 19.64 16.81 15.12
CA PHE C 470 20.73 16.32 16.01
C PHE C 470 21.12 14.92 15.52
N TYR C 471 22.41 14.76 15.23
CA TYR C 471 23.05 13.50 14.80
C TYR C 471 23.91 12.96 15.96
N GLY C 472 23.93 11.63 16.14
CA GLY C 472 24.73 10.93 17.16
C GLY C 472 24.16 11.18 18.53
N VAL C 473 22.86 10.94 18.71
CA VAL C 473 22.15 11.30 19.97
C VAL C 473 21.40 10.09 20.52
N MET C 474 20.88 10.29 21.71
CA MET C 474 20.00 9.36 22.46
C MET C 474 18.94 10.26 23.10
N GLY C 475 17.68 9.88 23.00
CA GLY C 475 16.56 10.55 23.69
C GLY C 475 16.40 9.98 25.10
N PRO C 476 15.26 10.26 25.77
CA PRO C 476 14.96 9.66 27.06
C PRO C 476 15.03 8.12 27.05
N ASP C 477 14.74 7.50 25.90
CA ASP C 477 14.87 6.04 25.73
C ASP C 477 16.34 5.65 25.57
N GLU C 478 16.98 5.21 26.64
CA GLU C 478 18.43 4.88 26.62
C GLU C 478 18.68 3.56 25.86
N PHE C 479 17.67 2.95 25.22
CA PHE C 479 17.85 1.73 24.37
C PHE C 479 18.15 2.11 22.92
N LYS C 480 18.32 3.41 22.65
CA LYS C 480 18.76 3.88 21.31
C LYS C 480 19.96 4.81 21.50
N LEU C 481 21.09 4.44 20.89
CA LEU C 481 22.41 5.10 21.04
C LEU C 481 22.98 5.51 19.68
N MET C 482 23.44 6.75 19.53
CA MET C 482 23.98 7.31 18.25
C MET C 482 22.91 7.24 17.17
N VAL C 483 21.65 7.48 17.50
CA VAL C 483 20.61 7.57 16.44
C VAL C 483 20.58 9.01 15.94
N ASN C 484 19.95 9.19 14.79
CA ASN C 484 19.79 10.49 14.10
C ASN C 484 18.30 10.79 14.06
N HIS C 485 17.91 12.06 14.16
CA HIS C 485 16.49 12.51 14.10
C HIS C 485 15.66 11.81 15.19
N ASN C 486 16.13 11.79 16.43
CA ASN C 486 15.28 11.43 17.60
C ASN C 486 14.22 12.52 17.72
N THR C 487 12.94 12.19 17.67
CA THR C 487 11.89 13.23 17.60
C THR C 487 11.85 14.02 18.91
N TYR C 488 12.05 13.38 20.05
CA TYR C 488 12.04 14.09 21.35
C TYR C 488 13.02 15.26 21.25
N THR C 489 14.29 14.96 21.01
CA THR C 489 15.43 15.90 20.87
C THR C 489 15.07 17.01 19.87
N ASN C 490 14.58 16.65 18.70
CA ASN C 490 14.35 17.62 17.61
C ASN C 490 13.15 18.50 18.00
N PHE C 491 12.09 17.86 18.47
CA PHE C 491 10.82 18.53 18.85
C PHE C 491 11.10 19.52 20.00
N MET C 492 11.86 19.09 20.99
CA MET C 492 12.11 19.89 22.21
C MET C 492 13.06 21.06 21.90
N ALA C 493 14.09 20.85 21.09
CA ALA C 493 14.99 21.91 20.57
C ALA C 493 14.20 22.97 19.76
N LYS C 494 13.24 22.51 18.94
CA LYS C 494 12.35 23.38 18.14
C LYS C 494 11.52 24.25 19.08
N LYS C 495 10.90 23.63 20.11
CA LYS C 495 10.03 24.34 21.09
C LYS C 495 10.85 25.44 21.79
N CYS C 496 12.09 25.15 22.18
CA CYS C 496 13.04 26.13 22.78
C CYS C 496 13.18 27.32 21.81
N PHE C 497 13.79 27.08 20.66
CA PHE C 497 13.96 28.12 19.61
C PHE C 497 12.71 28.99 19.53
N GLN C 498 11.52 28.38 19.42
CA GLN C 498 10.25 29.10 19.17
C GLN C 498 9.87 29.88 20.41
N TYR C 499 10.14 29.35 21.60
CA TYR C 499 9.85 30.09 22.86
C TYR C 499 10.76 31.32 22.92
N LEU C 500 12.06 31.18 22.65
CA LEU C 500 13.06 32.28 22.75
C LEU C 500 12.66 33.41 21.80
N ASP C 501 12.19 33.05 20.59
CA ASP C 501 11.75 33.98 19.52
C ASP C 501 10.52 34.77 19.98
N LYS C 502 9.56 34.09 20.63
CA LYS C 502 8.34 34.72 21.17
C LYS C 502 8.75 35.77 22.20
N ILE C 503 9.62 35.39 23.12
CA ILE C 503 10.16 36.26 24.21
C ILE C 503 10.95 37.44 23.61
N LEU C 504 11.73 37.22 22.54
CA LEU C 504 12.62 38.25 21.97
C LEU C 504 11.78 39.31 21.23
N ALA C 505 10.57 38.96 20.80
CA ALA C 505 9.60 39.84 20.10
C ALA C 505 8.79 40.66 21.10
N ASP C 506 8.33 40.04 22.19
CA ASP C 506 7.70 40.74 23.36
C ASP C 506 8.54 41.95 23.75
N LYS C 507 7.91 43.13 23.81
CA LYS C 507 8.58 44.44 24.00
C LYS C 507 8.57 44.87 25.48
N THR C 508 7.94 44.11 26.39
CA THR C 508 7.97 44.40 27.85
C THR C 508 9.31 43.86 28.42
N TYR C 509 10.11 43.17 27.61
CA TYR C 509 11.47 42.69 27.99
C TYR C 509 12.57 43.45 27.21
N LYS C 510 13.73 43.57 27.87
CA LYS C 510 14.94 44.31 27.41
C LYS C 510 16.00 43.30 26.95
N THR C 511 15.98 42.97 25.66
CA THR C 511 16.74 41.84 25.08
C THR C 511 18.15 42.33 24.74
N ASP C 512 18.24 43.41 23.96
CA ASP C 512 19.42 43.80 23.16
C ASP C 512 20.70 43.75 24.00
N LYS C 513 20.63 44.08 25.28
CA LYS C 513 21.80 44.04 26.22
C LYS C 513 22.20 42.59 26.49
N ILE C 514 21.23 41.79 26.93
CA ILE C 514 21.42 40.37 27.39
C ILE C 514 21.98 39.56 26.21
N LEU C 515 21.49 39.84 24.99
CA LEU C 515 21.98 39.20 23.74
C LEU C 515 23.47 39.54 23.54
N ASP C 516 23.91 40.77 23.83
CA ASP C 516 25.31 41.22 23.62
C ASP C 516 26.24 40.57 24.65
N LYS C 517 25.78 40.38 25.89
CA LYS C 517 26.50 39.58 26.91
C LYS C 517 26.72 38.14 26.39
N CYS C 518 25.70 37.54 25.79
CA CYS C 518 25.64 36.11 25.38
C CYS C 518 26.34 35.89 24.04
N GLY C 519 26.57 36.95 23.26
CA GLY C 519 27.20 36.88 21.93
C GLY C 519 26.21 36.50 20.85
N PHE C 520 24.92 36.72 21.10
CA PHE C 520 23.80 36.28 20.19
C PHE C 520 23.52 37.40 19.16
N THR C 521 24.20 37.33 18.01
CA THR C 521 24.05 38.30 16.88
C THR C 521 22.72 38.00 16.18
N LYS C 522 22.33 38.81 15.19
CA LYS C 522 21.07 38.59 14.42
C LYS C 522 21.33 37.62 13.26
N LYS C 523 22.59 37.26 13.03
CA LYS C 523 22.98 36.12 12.16
C LYS C 523 22.59 34.82 12.87
N ASP C 524 22.74 34.77 14.20
CA ASP C 524 22.25 33.65 15.05
C ASP C 524 20.72 33.59 14.95
N LEU C 525 20.03 34.72 15.07
CA LEU C 525 18.54 34.77 15.12
C LEU C 525 17.97 34.26 13.79
N ALA C 526 18.56 34.65 12.66
CA ALA C 526 18.18 34.18 11.30
C ALA C 526 18.47 32.68 11.19
N LYS C 527 19.60 32.22 11.71
CA LYS C 527 19.98 30.78 11.68
C LYS C 527 19.08 30.01 12.65
N MET C 528 18.82 30.54 13.85
CA MET C 528 17.90 29.90 14.82
C MET C 528 16.55 29.65 14.13
N LYS C 529 16.04 30.61 13.37
CA LYS C 529 14.69 30.49 12.77
C LYS C 529 14.76 29.66 11.49
N ASP C 530 15.92 29.55 10.85
CA ASP C 530 16.11 28.66 9.67
C ASP C 530 16.13 27.20 10.16
N ALA C 531 16.91 26.94 11.22
CA ALA C 531 17.06 25.61 11.84
C ALA C 531 15.71 25.17 12.42
N SER C 532 14.97 26.09 13.04
CA SER C 532 13.61 25.81 13.57
C SER C 532 12.67 25.44 12.43
N ARG C 533 12.72 26.15 11.30
CA ARG C 533 11.85 25.85 10.14
C ARG C 533 12.27 24.50 9.55
N LYS C 534 13.57 24.18 9.55
CA LYS C 534 14.15 23.02 8.80
C LYS C 534 14.28 21.80 9.72
N MET C 535 13.87 21.91 10.99
CA MET C 535 13.98 20.79 11.97
C MET C 535 13.27 19.56 11.42
N VAL C 536 14.00 18.45 11.33
CA VAL C 536 13.41 17.11 11.01
C VAL C 536 12.52 16.71 12.18
N ILE C 537 11.24 16.51 11.89
CA ILE C 537 10.17 16.00 12.79
C ILE C 537 9.49 14.86 12.06
N LEU C 538 9.92 13.63 12.31
CA LEU C 538 9.44 12.39 11.63
C LEU C 538 7.98 12.15 12.02
N TYR C 539 7.05 12.86 11.39
CA TYR C 539 5.60 12.73 11.69
C TYR C 539 4.89 12.23 10.43
N ASP C 540 3.86 11.40 10.61
CA ASP C 540 3.03 10.85 9.50
C ASP C 540 1.58 11.32 9.72
N LYS C 541 1.06 12.16 8.82
CA LYS C 541 -0.28 12.79 8.95
C LYS C 541 -1.36 11.76 8.57
N GLU C 542 -0.97 10.61 8.01
CA GLU C 542 -1.90 9.47 7.70
C GLU C 542 -2.08 8.59 8.94
N THR C 543 -0.99 8.21 9.61
CA THR C 543 -1.01 7.32 10.80
C THR C 543 -1.13 8.12 12.09
N LEU C 544 -0.68 9.39 12.09
CA LEU C 544 -0.64 10.28 13.29
C LEU C 544 0.52 9.85 14.20
N LEU C 545 1.47 9.07 13.67
CA LEU C 545 2.61 8.52 14.45
C LEU C 545 3.80 9.45 14.31
N PHE C 546 4.45 9.76 15.42
CA PHE C 546 5.87 10.16 15.42
C PHE C 546 6.71 8.89 15.43
N GLU C 547 7.72 8.79 14.55
CA GLU C 547 8.80 7.77 14.59
C GLU C 547 9.88 8.19 15.61
N GLN C 548 10.21 7.33 16.57
CA GLN C 548 11.10 7.69 17.72
C GLN C 548 12.43 8.26 17.21
N ASN C 549 13.06 7.59 16.23
CA ASN C 549 14.28 8.07 15.51
C ASN C 549 14.24 7.51 14.08
N ASP C 550 15.14 7.94 13.20
CA ASP C 550 15.30 7.45 11.81
C ASP C 550 15.59 5.94 11.85
N GLY C 551 14.87 5.16 11.02
CA GLY C 551 14.96 3.69 10.94
C GLY C 551 14.31 2.95 12.10
N PHE C 552 13.56 3.61 12.99
CA PHE C 552 13.07 2.96 14.23
C PHE C 552 12.04 1.91 13.87
N PHE C 553 11.00 2.31 13.14
CA PHE C 553 9.87 1.46 12.69
C PHE C 553 10.37 0.16 12.07
N ASP C 554 11.50 0.20 11.35
CA ASP C 554 12.04 -0.94 10.53
C ASP C 554 13.00 -1.81 11.35
N MET C 555 13.23 -1.53 12.64
CA MET C 555 14.17 -2.30 13.49
C MET C 555 13.63 -3.71 13.74
N PRO C 556 14.49 -4.71 14.00
CA PRO C 556 14.03 -6.04 14.41
C PRO C 556 13.02 -5.95 15.56
N HIS C 557 11.89 -6.66 15.48
CA HIS C 557 10.83 -6.65 16.51
C HIS C 557 11.14 -7.74 17.55
N VAL C 558 10.98 -7.39 18.83
CA VAL C 558 10.95 -8.34 19.98
C VAL C 558 9.70 -8.01 20.80
N ASP C 559 8.80 -8.99 20.89
CA ASP C 559 7.61 -8.97 21.79
C ASP C 559 8.13 -9.04 23.23
N ILE C 560 7.98 -7.97 24.01
CA ILE C 560 8.40 -7.90 25.43
C ILE C 560 7.86 -9.10 26.21
N LYS C 561 6.66 -9.58 25.87
CA LYS C 561 5.91 -10.68 26.57
C LYS C 561 6.66 -12.02 26.49
N THR C 562 7.66 -12.16 25.61
CA THR C 562 8.51 -13.37 25.47
C THR C 562 9.70 -13.26 26.43
N ILE C 563 10.15 -12.04 26.72
CA ILE C 563 11.26 -11.81 27.71
C ILE C 563 10.88 -12.56 28.98
N LYS C 564 11.76 -13.46 29.43
CA LYS C 564 11.58 -14.27 30.66
C LYS C 564 11.89 -13.40 31.89
N ASP C 565 11.65 -13.96 33.08
CA ASP C 565 11.96 -13.36 34.40
C ASP C 565 13.35 -13.83 34.85
N GLU C 566 13.78 -15.05 34.50
CA GLU C 566 15.16 -15.55 34.78
C GLU C 566 16.19 -14.65 34.05
N GLU C 567 15.71 -13.82 33.10
CA GLU C 567 16.48 -13.16 32.01
C GLU C 567 16.56 -11.65 32.27
N MET C 568 16.64 -11.23 33.53
CA MET C 568 16.28 -9.85 33.95
C MET C 568 16.84 -9.56 35.36
N PRO C 569 17.39 -8.36 35.62
CA PRO C 569 17.29 -7.21 34.71
C PRO C 569 18.16 -7.41 33.46
N ILE C 570 17.79 -6.77 32.34
CA ILE C 570 18.38 -7.02 30.99
C ILE C 570 19.91 -6.80 31.05
N TYR C 571 20.36 -5.70 31.66
CA TYR C 571 21.79 -5.28 31.67
C TYR C 571 22.67 -6.39 32.28
N SER C 572 22.08 -7.34 33.00
CA SER C 572 22.80 -8.38 33.80
C SER C 572 22.63 -9.79 33.22
N HIS C 573 21.89 -9.97 32.11
CA HIS C 573 21.74 -11.30 31.44
C HIS C 573 21.94 -11.23 29.92
N TRP C 574 21.88 -10.03 29.31
CA TRP C 574 22.07 -9.79 27.85
C TRP C 574 23.46 -9.20 27.62
N SER C 575 24.16 -9.61 26.54
CA SER C 575 25.35 -8.91 26.00
C SER C 575 25.04 -7.42 25.90
N TYR C 576 26.01 -6.55 26.21
CA TYR C 576 25.80 -5.08 26.33
C TYR C 576 24.98 -4.53 25.15
N ASP C 577 25.40 -4.85 23.92
CA ASP C 577 24.96 -4.17 22.67
C ASP C 577 23.54 -4.64 22.30
N ARG C 578 23.09 -5.78 22.82
CA ARG C 578 21.89 -6.49 22.30
C ARG C 578 20.67 -5.59 22.39
N ILE C 579 20.50 -4.92 23.52
CA ILE C 579 19.27 -4.16 23.83
C ILE C 579 19.06 -3.06 22.77
N TYR C 580 20.13 -2.51 22.19
CA TYR C 580 20.10 -1.36 21.24
C TYR C 580 19.50 -1.75 19.88
N ARG C 581 19.70 -2.98 19.42
CA ARG C 581 19.36 -3.38 18.04
C ARG C 581 18.03 -4.13 18.06
N THR C 582 17.07 -3.61 18.82
CA THR C 582 15.65 -4.06 18.87
C THR C 582 14.76 -2.82 18.93
N ASP C 583 13.44 -3.05 19.03
CA ASP C 583 12.40 -2.01 19.18
C ASP C 583 11.83 -2.06 20.60
N ILE C 584 12.62 -2.57 21.54
CA ILE C 584 12.33 -2.50 23.00
C ILE C 584 12.72 -1.09 23.49
N ILE C 585 11.80 -0.41 24.18
CA ILE C 585 11.94 0.99 24.63
C ILE C 585 12.04 1.01 26.16
N LYS C 586 13.01 1.74 26.70
CA LYS C 586 13.26 1.76 28.16
C LYS C 586 12.15 2.55 28.87
N GLN C 587 11.67 3.64 28.27
CA GLN C 587 10.82 4.62 28.97
C GLN C 587 10.27 5.59 27.94
N PRO C 588 9.31 6.46 28.31
CA PRO C 588 8.68 7.37 27.35
C PRO C 588 9.70 8.24 26.63
N ASP C 589 9.60 8.26 25.28
CA ASP C 589 10.45 9.08 24.39
C ASP C 589 9.50 9.97 23.57
N VAL C 590 8.85 9.41 22.55
CA VAL C 590 7.71 10.08 21.86
C VAL C 590 6.69 10.50 22.91
N LEU C 591 6.28 9.55 23.77
CA LEU C 591 5.19 9.76 24.75
C LEU C 591 5.63 10.76 25.82
N MET C 592 6.94 10.90 26.05
CA MET C 592 7.43 11.99 26.93
C MET C 592 7.04 13.36 26.35
N PHE C 593 7.38 13.70 25.09
CA PHE C 593 7.13 15.08 24.60
C PHE C 593 5.62 15.27 24.42
N MET C 594 4.92 14.19 24.08
CA MET C 594 3.44 14.23 23.93
C MET C 594 2.79 14.46 25.31
N PHE C 595 3.38 13.99 26.39
CA PHE C 595 2.91 14.28 27.77
C PHE C 595 3.21 15.74 28.11
N LEU C 596 4.41 16.22 27.77
CA LEU C 596 4.90 17.57 28.17
C LEU C 596 4.12 18.64 27.39
N TYR C 597 3.57 18.28 26.22
CA TYR C 597 2.72 19.17 25.39
C TYR C 597 1.39 18.47 25.07
N MET C 598 0.76 17.86 26.07
CA MET C 598 -0.48 17.05 25.88
C MET C 598 -1.59 17.87 25.20
N GLU C 599 -1.69 19.16 25.51
CA GLU C 599 -2.84 20.02 25.11
C GLU C 599 -2.87 20.22 23.59
N GLU C 600 -1.74 20.05 22.92
CA GLU C 600 -1.54 20.36 21.48
C GLU C 600 -1.85 19.10 20.65
N PHE C 601 -1.98 17.94 21.30
CA PHE C 601 -2.25 16.63 20.66
C PHE C 601 -3.71 16.22 20.90
N SER C 602 -4.34 15.70 19.84
CA SER C 602 -5.74 15.22 19.83
C SER C 602 -5.79 13.81 20.42
N GLN C 603 -7.01 13.36 20.76
CA GLN C 603 -7.32 12.00 21.24
C GLN C 603 -6.76 10.94 20.28
N LYS C 604 -7.04 11.06 18.98
CA LYS C 604 -6.58 10.11 17.94
C LYS C 604 -5.03 10.10 17.88
N GLN C 605 -4.38 11.26 18.05
CA GLN C 605 -2.89 11.37 18.00
C GLN C 605 -2.31 10.65 19.21
N LEU C 606 -2.88 10.87 20.39
CA LEU C 606 -2.42 10.22 21.64
C LEU C 606 -2.70 8.72 21.56
N LEU C 607 -3.89 8.33 21.10
CA LEU C 607 -4.27 6.89 20.98
C LEU C 607 -3.27 6.19 20.05
N ALA C 608 -3.02 6.74 18.86
CA ALA C 608 -2.12 6.11 17.87
C ALA C 608 -0.72 5.91 18.48
N ASN C 609 -0.09 6.99 18.96
CA ASN C 609 1.29 6.92 19.54
C ASN C 609 1.32 5.97 20.76
N TYR C 610 0.34 6.06 21.66
CA TYR C 610 0.26 5.19 22.87
C TYR C 610 0.23 3.71 22.43
N ASN C 611 -0.71 3.37 21.53
CA ASN C 611 -0.95 1.97 21.06
C ASN C 611 0.29 1.38 20.38
N TYR C 612 1.11 2.20 19.70
CA TYR C 612 2.38 1.75 19.05
C TYR C 612 3.50 1.62 20.09
N TYR C 613 3.70 2.61 20.96
CA TYR C 613 4.92 2.71 21.81
C TYR C 613 4.74 1.99 23.16
N GLU C 614 3.54 1.99 23.73
CA GLU C 614 3.31 1.36 25.07
C GLU C 614 3.66 -0.13 25.01
N PRO C 615 3.11 -0.94 24.09
CA PRO C 615 3.45 -2.37 24.02
C PRO C 615 4.95 -2.67 23.79
N ARG C 616 5.73 -1.67 23.37
CA ARG C 616 7.17 -1.83 23.09
C ARG C 616 8.00 -1.29 24.25
N THR C 617 7.36 -0.73 25.28
CA THR C 617 8.07 -0.09 26.42
C THR C 617 8.19 -1.09 27.58
N LEU C 618 9.40 -1.23 28.10
CA LEU C 618 9.77 -2.23 29.13
C LEU C 618 9.31 -1.71 30.51
N HIS C 619 9.15 -0.39 30.64
CA HIS C 619 8.68 0.27 31.89
C HIS C 619 9.74 -0.01 32.94
N GLU C 620 10.99 0.35 32.59
CA GLU C 620 12.20 0.04 33.38
C GLU C 620 12.41 1.16 34.42
N SER C 621 12.64 2.38 33.96
CA SER C 621 12.79 3.60 34.79
C SER C 621 11.53 3.79 35.63
N SER C 622 11.68 4.39 36.82
CA SER C 622 10.54 4.78 37.70
C SER C 622 9.80 5.95 37.06
N LEU C 623 10.26 6.42 35.90
CA LEU C 623 9.67 7.54 35.11
C LEU C 623 8.49 7.07 34.24
N SER C 624 8.33 5.77 33.98
CA SER C 624 7.54 5.23 32.83
C SER C 624 6.08 4.92 33.20
N PRO C 625 5.78 4.21 34.32
CA PRO C 625 4.40 3.86 34.65
C PRO C 625 3.47 5.07 34.73
N SER C 626 3.91 6.16 35.35
CA SER C 626 3.05 7.32 35.66
C SER C 626 2.65 8.01 34.35
N ILE C 627 3.62 8.19 33.45
CA ILE C 627 3.46 8.91 32.14
C ILE C 627 2.44 8.13 31.31
N HIS C 628 2.60 6.80 31.26
CA HIS C 628 1.70 5.87 30.54
C HIS C 628 0.33 5.84 31.24
N SER C 629 0.28 5.92 32.56
CA SER C 629 -1.01 6.02 33.29
C SER C 629 -1.70 7.31 32.85
N ILE C 630 -1.02 8.46 32.99
CA ILE C 630 -1.63 9.79 32.74
C ILE C 630 -2.18 9.81 31.31
N ILE C 631 -1.43 9.33 30.33
CA ILE C 631 -1.85 9.33 28.89
C ILE C 631 -3.05 8.39 28.73
N ALA C 632 -3.03 7.22 29.38
CA ALA C 632 -4.13 6.23 29.28
C ALA C 632 -5.42 6.91 29.75
N SER C 633 -5.38 7.55 30.93
CA SER C 633 -6.52 8.28 31.53
C SER C 633 -7.07 9.28 30.50
N LYS C 634 -6.18 10.00 29.83
CA LYS C 634 -6.53 11.10 28.90
C LYS C 634 -7.35 10.50 27.76
N ILE C 635 -6.94 9.34 27.24
CA ILE C 635 -7.57 8.72 26.03
C ILE C 635 -8.63 7.70 26.47
N GLY C 636 -8.98 7.68 27.75
CA GLY C 636 -10.12 6.90 28.26
C GLY C 636 -9.84 5.41 28.40
N LEU C 637 -8.57 4.96 28.36
CA LEU C 637 -8.20 3.56 28.66
C LEU C 637 -8.08 3.38 30.19
N GLU C 638 -9.23 3.31 30.86
CA GLU C 638 -9.36 3.25 32.35
C GLU C 638 -8.56 2.06 32.90
N LYS C 639 -8.62 0.90 32.27
CA LYS C 639 -7.97 -0.35 32.76
C LYS C 639 -6.44 -0.14 32.85
N ASP C 640 -5.82 0.26 31.73
CA ASP C 640 -4.36 0.54 31.65
C ASP C 640 -3.97 1.62 32.69
N ALA C 641 -4.77 2.68 32.82
CA ALA C 641 -4.47 3.83 33.70
C ALA C 641 -4.37 3.33 35.14
N ASN C 642 -5.30 2.47 35.54
CA ASN C 642 -5.39 1.87 36.91
C ASN C 642 -4.20 0.92 37.13
N ASN C 643 -3.91 0.03 36.19
CA ASN C 643 -2.81 -0.97 36.35
C ASN C 643 -1.47 -0.24 36.41
N PHE C 644 -1.27 0.77 35.56
CA PHE C 644 -0.03 1.58 35.56
C PHE C 644 0.10 2.39 36.86
N PHE C 645 -1.02 2.81 37.46
CA PHE C 645 -0.95 3.49 38.77
C PHE C 645 -0.42 2.48 39.80
N GLY C 646 -1.04 1.29 39.86
CA GLY C 646 -0.56 0.12 40.62
C GLY C 646 -0.08 0.52 42.01
N PHE C 647 1.24 0.41 42.26
CA PHE C 647 1.91 0.58 43.60
C PHE C 647 2.74 1.87 43.67
N ALA C 648 2.34 2.91 42.93
CA ALA C 648 3.02 4.23 42.79
C ALA C 648 3.32 4.86 44.16
N THR C 649 2.38 4.79 45.11
CA THR C 649 2.46 5.44 46.45
C THR C 649 3.25 4.57 47.41
N ARG C 650 3.57 3.33 47.03
CA ARG C 650 4.16 2.29 47.94
C ARG C 650 5.53 1.81 47.44
N LEU C 651 6.13 2.42 46.42
CA LEU C 651 7.35 1.82 45.81
C LEU C 651 8.43 1.62 46.87
N ASP C 652 8.74 2.68 47.61
CA ASP C 652 9.79 2.65 48.67
C ASP C 652 9.28 1.88 49.89
N LEU C 653 8.07 2.18 50.39
CA LEU C 653 7.60 1.67 51.71
C LEU C 653 7.65 0.13 51.73
N ASP C 654 7.39 -0.49 50.57
CA ASP C 654 7.26 -1.95 50.35
C ASP C 654 8.41 -2.44 49.46
N ASP C 655 9.35 -1.57 49.09
CA ASP C 655 10.69 -1.88 48.51
C ASP C 655 10.55 -2.62 47.18
N TYR C 656 9.58 -2.26 46.34
CA TYR C 656 9.20 -3.00 45.10
C TYR C 656 10.39 -3.17 44.16
N ASN C 657 11.44 -2.35 44.26
CA ASN C 657 12.64 -2.41 43.38
C ASN C 657 13.83 -3.06 44.12
N ASN C 658 13.65 -3.45 45.40
CA ASN C 658 14.61 -4.15 46.30
C ASN C 658 15.93 -3.39 46.46
N ASN C 659 15.95 -2.08 46.22
CA ASN C 659 17.17 -1.25 46.43
C ASN C 659 16.80 0.01 47.25
N THR C 660 15.69 0.00 47.98
CA THR C 660 15.32 1.16 48.82
C THR C 660 16.42 1.34 49.89
N CYS C 661 17.14 0.27 50.24
CA CYS C 661 18.33 0.23 51.12
C CYS C 661 19.37 1.34 50.77
N GLU C 662 19.54 1.67 49.49
CA GLU C 662 20.51 2.73 49.06
C GLU C 662 19.87 4.11 49.24
N GLY C 663 18.54 4.17 49.43
CA GLY C 663 17.83 5.45 49.62
C GLY C 663 16.47 5.47 48.94
N ILE C 664 15.78 6.60 49.02
CA ILE C 664 14.41 6.75 48.44
C ILE C 664 14.53 7.13 46.96
N HIS C 665 13.43 6.99 46.23
CA HIS C 665 13.36 7.22 44.76
C HIS C 665 12.61 8.53 44.54
N MET C 666 13.30 9.67 44.56
CA MET C 666 12.65 11.02 44.53
C MET C 666 11.66 11.05 43.35
N THR C 667 12.13 10.74 42.15
CA THR C 667 11.32 10.85 40.92
C THR C 667 10.06 10.00 41.07
N SER C 668 10.21 8.81 41.64
CA SER C 668 9.10 7.83 41.80
C SER C 668 8.06 8.41 42.75
N ILE C 669 8.52 9.17 43.76
CA ILE C 669 7.66 9.83 44.79
C ILE C 669 6.94 11.05 44.17
N ALA C 670 7.63 11.85 43.36
CA ALA C 670 7.02 12.96 42.61
C ALA C 670 5.95 12.39 41.65
N ALA C 671 6.26 11.30 40.96
CA ALA C 671 5.39 10.67 39.93
C ALA C 671 4.06 10.29 40.56
N ALA C 672 4.07 9.88 41.83
CA ALA C 672 2.85 9.50 42.59
C ALA C 672 1.85 10.65 42.54
N TRP C 673 2.31 11.86 42.90
CA TRP C 673 1.51 13.11 42.92
C TRP C 673 1.03 13.40 41.51
N MET C 674 1.95 13.34 40.55
CA MET C 674 1.67 13.56 39.11
C MET C 674 0.49 12.67 38.69
N ASN C 675 0.55 11.38 39.06
CA ASN C 675 -0.33 10.32 38.52
C ASN C 675 -1.75 10.54 39.04
N ILE C 676 -1.89 11.06 40.25
CA ILE C 676 -3.21 11.41 40.86
C ILE C 676 -3.77 12.69 40.24
N VAL C 677 -2.94 13.72 40.02
CA VAL C 677 -3.43 15.10 39.76
C VAL C 677 -3.52 15.31 38.25
N TYR C 678 -2.43 15.05 37.52
CA TYR C 678 -2.43 15.08 36.03
C TYR C 678 -3.15 13.84 35.47
N GLY C 679 -3.01 12.69 36.14
CA GLY C 679 -3.58 11.42 35.67
C GLY C 679 -5.07 11.38 35.92
N PHE C 680 -5.49 11.00 37.12
CA PHE C 680 -6.93 10.85 37.47
C PHE C 680 -7.62 12.23 37.37
N GLY C 681 -6.93 13.29 37.79
CA GLY C 681 -7.50 14.65 37.85
C GLY C 681 -7.70 15.24 36.46
N GLY C 682 -6.87 14.83 35.49
CA GLY C 682 -6.85 15.38 34.13
C GLY C 682 -6.49 16.86 34.13
N LEU C 683 -5.72 17.28 35.14
CA LEU C 683 -5.29 18.70 35.28
C LEU C 683 -4.55 19.12 34.00
N MET C 684 -4.93 20.27 33.46
CA MET C 684 -4.27 20.87 32.28
C MET C 684 -4.47 22.37 32.35
N ILE C 685 -3.45 23.13 31.99
CA ILE C 685 -3.61 24.59 31.76
C ILE C 685 -3.57 24.82 30.25
N LYS C 686 -4.71 25.22 29.71
CA LYS C 686 -4.96 25.48 28.26
C LYS C 686 -5.36 26.95 28.11
N ASN C 687 -4.55 27.75 27.43
CA ASN C 687 -4.84 29.19 27.21
C ASN C 687 -5.06 29.92 28.54
N ASP C 688 -4.29 29.56 29.58
CA ASP C 688 -4.29 30.27 30.88
C ASP C 688 -5.62 30.03 31.60
N ILE C 689 -6.26 28.91 31.29
CA ILE C 689 -7.51 28.41 31.94
C ILE C 689 -7.21 27.05 32.58
N LEU C 690 -7.62 26.84 33.82
CA LEU C 690 -7.47 25.53 34.48
C LEU C 690 -8.58 24.58 33.99
N ASN C 691 -8.17 23.44 33.44
CA ASN C 691 -9.03 22.33 32.97
C ASN C 691 -8.84 21.11 33.88
N LEU C 692 -9.94 20.48 34.27
CA LEU C 692 -9.94 19.16 34.97
C LEU C 692 -10.77 18.20 34.12
N THR C 693 -10.37 16.93 34.08
CA THR C 693 -11.18 15.81 33.52
C THR C 693 -11.08 14.66 34.51
N PRO C 694 -11.67 14.78 35.71
CA PRO C 694 -11.50 13.77 36.75
C PRO C 694 -12.09 12.42 36.33
N THR C 695 -11.31 11.34 36.55
CA THR C 695 -11.75 9.93 36.40
C THR C 695 -11.48 9.21 37.72
N SER C 696 -11.89 7.95 37.80
CA SER C 696 -11.90 7.13 39.04
C SER C 696 -10.70 6.19 39.10
N ASN C 697 -10.21 5.95 40.31
CA ASN C 697 -9.35 4.80 40.65
C ASN C 697 -10.26 3.70 41.17
N LYS C 698 -10.34 2.55 40.48
CA LYS C 698 -11.14 1.35 40.86
C LYS C 698 -11.12 1.15 42.38
N ASN C 699 -9.94 1.18 43.01
CA ASN C 699 -9.68 0.79 44.41
C ASN C 699 -10.09 1.88 45.42
N TRP C 700 -10.38 3.09 44.97
CA TRP C 700 -10.66 4.27 45.85
C TRP C 700 -12.15 4.58 45.82
N ASN C 701 -12.74 4.80 46.99
CA ASN C 701 -14.09 5.38 47.16
C ASN C 701 -14.10 6.80 46.56
N TYR C 702 -13.19 7.64 47.04
CA TYR C 702 -12.95 9.02 46.55
C TYR C 702 -11.48 9.39 46.80
N TYR C 703 -10.94 10.29 45.96
CA TYR C 703 -9.67 10.98 46.21
C TYR C 703 -9.93 12.49 46.25
N GLN C 704 -9.09 13.21 46.98
CA GLN C 704 -9.16 14.70 47.09
C GLN C 704 -7.74 15.25 46.96
N PHE C 705 -7.53 16.23 46.08
CA PHE C 705 -6.21 16.91 45.96
C PHE C 705 -6.42 18.42 46.10
N LYS C 706 -5.33 19.11 46.40
CA LYS C 706 -5.30 20.58 46.58
C LYS C 706 -4.13 21.12 45.77
N ILE C 707 -4.34 22.25 45.10
CA ILE C 707 -3.41 22.96 44.19
C ILE C 707 -3.75 24.46 44.20
N THR C 708 -2.76 25.28 43.91
CA THR C 708 -2.91 26.74 43.84
C THR C 708 -2.66 27.14 42.39
N PHE C 709 -3.63 27.82 41.80
CA PHE C 709 -3.52 28.47 40.48
C PHE C 709 -4.00 29.91 40.63
N LYS C 710 -3.25 30.85 40.08
CA LYS C 710 -3.52 32.30 40.17
C LYS C 710 -3.97 32.66 41.58
N ASN C 711 -3.29 32.16 42.62
CA ASN C 711 -3.49 32.53 44.05
C ASN C 711 -4.85 32.05 44.53
N HIS C 712 -5.37 30.98 43.92
CA HIS C 712 -6.61 30.30 44.34
C HIS C 712 -6.22 28.91 44.84
N LEU C 713 -6.22 28.70 46.16
CA LEU C 713 -5.99 27.37 46.72
C LEU C 713 -7.29 26.58 46.48
N LEU C 714 -7.24 25.65 45.53
CA LEU C 714 -8.41 24.85 45.08
C LEU C 714 -8.35 23.48 45.76
N THR C 715 -9.52 22.94 46.12
CA THR C 715 -9.74 21.57 46.64
C THR C 715 -10.68 20.85 45.68
N VAL C 716 -10.22 19.75 45.09
CA VAL C 716 -10.96 18.92 44.09
C VAL C 716 -11.22 17.54 44.70
N LYS C 717 -12.48 17.23 44.99
CA LYS C 717 -12.87 15.90 45.51
C LYS C 717 -13.65 15.16 44.41
N VAL C 718 -13.29 13.90 44.16
CA VAL C 718 -13.78 13.06 43.02
C VAL C 718 -14.25 11.72 43.57
N ASP C 719 -15.57 11.51 43.66
CA ASP C 719 -16.17 10.16 43.84
C ASP C 719 -16.70 9.71 42.46
N LYS C 720 -17.41 8.58 42.38
CA LYS C 720 -17.91 8.02 41.09
C LYS C 720 -19.17 8.79 40.67
N ASP C 721 -19.88 9.41 41.61
CA ASP C 721 -21.11 10.23 41.37
C ASP C 721 -20.72 11.66 40.93
N ASN C 722 -19.88 12.37 41.70
CA ASN C 722 -19.68 13.84 41.63
C ASN C 722 -18.20 14.23 41.48
N VAL C 723 -17.95 15.43 40.94
CA VAL C 723 -16.73 16.25 41.19
C VAL C 723 -17.14 17.41 42.08
N ILE C 724 -16.40 17.67 43.17
CA ILE C 724 -16.65 18.86 44.04
C ILE C 724 -15.38 19.72 44.09
N ILE C 725 -15.50 20.97 43.62
CA ILE C 725 -14.39 21.96 43.58
C ILE C 725 -14.76 23.14 44.48
N THR C 726 -13.87 23.49 45.40
CA THR C 726 -14.13 24.56 46.39
C THR C 726 -12.90 25.44 46.50
N LYS C 727 -13.10 26.68 46.90
CA LYS C 727 -12.02 27.62 47.23
C LYS C 727 -12.62 28.68 48.16
N LYS C 728 -11.79 29.46 48.83
CA LYS C 728 -12.26 30.45 49.85
C LYS C 728 -12.06 31.88 49.31
N THR C 729 -11.29 32.07 48.22
CA THR C 729 -11.15 33.41 47.60
C THR C 729 -12.53 33.84 47.10
N LYS C 730 -12.71 35.15 46.97
CA LYS C 730 -14.01 35.79 46.69
C LYS C 730 -14.19 35.99 45.17
N ASN C 731 -13.10 36.25 44.43
CA ASN C 731 -13.20 36.62 42.99
C ASN C 731 -13.26 35.34 42.13
N ILE C 732 -13.93 35.43 40.99
CA ILE C 732 -14.24 34.29 40.09
C ILE C 732 -12.95 33.78 39.47
N LEU C 733 -12.76 32.46 39.45
CA LEU C 733 -11.77 31.78 38.58
C LEU C 733 -12.56 31.00 37.52
N PRO C 734 -12.40 31.34 36.24
CA PRO C 734 -13.04 30.57 35.17
C PRO C 734 -12.29 29.24 35.16
N ILE C 735 -13.00 28.12 35.19
CA ILE C 735 -12.40 26.77 35.06
C ILE C 735 -13.20 25.98 34.02
N ASN C 736 -12.58 24.92 33.50
CA ASN C 736 -13.14 24.06 32.44
C ASN C 736 -13.07 22.61 32.95
N VAL C 737 -14.24 21.97 33.10
CA VAL C 737 -14.38 20.57 33.61
C VAL C 737 -15.19 19.74 32.59
N TYR C 738 -14.60 18.68 32.05
CA TYR C 738 -15.18 17.81 30.99
C TYR C 738 -15.53 18.66 29.75
N GLY C 739 -14.72 19.68 29.43
CA GLY C 739 -14.87 20.54 28.25
C GLY C 739 -15.95 21.61 28.41
N LYS C 740 -16.61 21.67 29.58
CA LYS C 740 -17.68 22.65 29.91
C LYS C 740 -17.09 23.79 30.77
N LYS C 741 -17.36 25.04 30.40
CA LYS C 741 -16.85 26.24 31.12
C LYS C 741 -17.70 26.48 32.35
N TYR C 742 -17.07 26.88 33.45
CA TYR C 742 -17.70 27.15 34.77
C TYR C 742 -17.06 28.39 35.37
N GLU C 743 -17.83 29.13 36.18
CA GLU C 743 -17.35 30.29 36.96
C GLU C 743 -17.33 29.89 38.43
N LEU C 744 -16.15 29.70 39.01
CA LEU C 744 -16.00 29.14 40.37
C LEU C 744 -15.90 30.32 41.35
N ILE C 745 -16.84 30.40 42.28
CA ILE C 745 -16.82 31.40 43.38
C ILE C 745 -16.32 30.69 44.64
N ASP C 746 -17.17 29.85 45.22
CA ASP C 746 -16.87 29.09 46.48
C ASP C 746 -16.95 27.59 46.20
N LYS C 747 -17.97 27.13 45.46
CA LYS C 747 -18.36 25.71 45.34
C LYS C 747 -18.99 25.40 43.97
N LEU C 748 -18.52 24.34 43.34
CA LEU C 748 -19.10 23.69 42.15
C LEU C 748 -19.35 22.23 42.50
N GLU C 749 -20.53 21.70 42.17
CA GLU C 749 -20.91 20.28 42.29
C GLU C 749 -21.31 19.79 40.90
N ILE C 750 -20.46 18.97 40.30
CA ILE C 750 -20.59 18.51 38.88
C ILE C 750 -20.74 17.00 38.90
N LYS C 751 -21.88 16.49 38.41
CA LYS C 751 -22.18 15.04 38.23
C LYS C 751 -21.42 14.53 36.99
N ARG C 752 -21.14 13.23 36.92
CA ARG C 752 -20.24 12.60 35.90
C ARG C 752 -21.05 12.17 34.67
N ILE D 2 50.15 15.48 7.04
CA ILE D 2 51.36 15.21 6.19
C ILE D 2 52.49 14.68 7.09
N LYS D 3 53.23 13.67 6.60
CA LYS D 3 54.30 12.94 7.34
C LYS D 3 55.62 13.10 6.58
N ILE D 4 56.76 12.87 7.24
CA ILE D 4 58.11 13.23 6.71
C ILE D 4 59.12 12.13 7.02
N PRO D 5 60.17 11.95 6.18
CA PRO D 5 61.24 11.00 6.45
C PRO D 5 62.36 11.50 7.38
N LYS D 6 62.56 10.80 8.50
CA LYS D 6 63.72 10.94 9.41
C LYS D 6 64.74 9.87 9.04
N ARG D 7 65.53 10.09 7.97
CA ARG D 7 66.59 9.16 7.51
C ARG D 7 67.82 9.25 8.43
N TYR D 8 68.25 8.11 8.97
CA TYR D 8 69.49 8.00 9.79
C TYR D 8 70.27 6.73 9.44
N LEU D 9 69.71 5.80 8.65
CA LEU D 9 70.37 4.54 8.21
C LEU D 9 70.83 4.71 6.77
N GLU D 10 71.80 3.89 6.34
CA GLU D 10 72.40 3.96 4.98
C GLU D 10 71.58 3.15 3.97
N THR D 11 71.78 3.46 2.69
CA THR D 11 71.11 2.85 1.50
C THR D 11 72.05 1.85 0.83
N GLU D 12 71.82 0.57 1.05
CA GLU D 12 72.42 -0.54 0.29
C GLU D 12 71.26 -1.42 -0.15
N PRO D 13 71.33 -2.07 -1.33
CA PRO D 13 70.22 -2.90 -1.78
C PRO D 13 69.97 -4.16 -0.94
N TYR D 14 70.95 -4.63 -0.16
CA TYR D 14 70.91 -5.94 0.53
C TYR D 14 71.07 -5.80 2.05
N ARG D 15 71.16 -4.58 2.59
CA ARG D 15 71.56 -4.36 4.00
C ARG D 15 70.93 -3.11 4.63
N ILE D 16 70.62 -3.17 5.92
CA ILE D 16 70.35 -1.93 6.72
C ILE D 16 71.52 -1.69 7.69
N VAL D 17 72.08 -0.47 7.68
CA VAL D 17 73.32 -0.13 8.45
C VAL D 17 73.17 1.21 9.17
N GLU D 18 73.48 1.20 10.49
CA GLU D 18 73.61 2.38 11.39
C GLU D 18 75.11 2.62 11.59
N ASN D 19 75.65 3.70 11.01
CA ASN D 19 77.06 4.16 11.22
C ASN D 19 77.11 5.02 12.49
N ASN D 20 77.78 4.52 13.54
CA ASN D 20 77.80 5.12 14.90
C ASN D 20 76.49 4.84 15.63
N PHE D 21 76.49 4.93 16.96
CA PHE D 21 75.25 4.81 17.78
C PHE D 21 74.51 6.16 17.81
N HIS D 22 73.25 6.17 17.34
CA HIS D 22 72.33 7.33 17.48
C HIS D 22 71.38 7.04 18.65
N PRO D 23 71.74 7.36 19.91
CA PRO D 23 70.85 7.10 21.05
C PRO D 23 69.43 7.69 20.93
N ASP D 24 69.26 8.82 20.23
CA ASP D 24 67.94 9.46 19.93
C ASP D 24 66.97 8.39 19.41
N LYS D 25 67.45 7.44 18.60
CA LYS D 25 66.61 6.41 17.94
C LYS D 25 66.95 5.00 18.46
N SER D 26 67.42 4.88 19.71
CA SER D 26 67.90 3.62 20.32
C SER D 26 66.91 2.47 20.07
N MET D 27 65.62 2.68 20.39
CA MET D 27 64.55 1.65 20.30
C MET D 27 63.98 1.57 18.87
N VAL D 28 64.25 2.57 18.02
CA VAL D 28 63.84 2.61 16.58
C VAL D 28 64.75 1.63 15.81
N SER D 29 66.02 1.55 16.19
CA SER D 29 66.99 0.59 15.61
C SER D 29 66.78 -0.79 16.25
N GLU D 30 66.27 -0.83 17.49
CA GLU D 30 65.84 -2.10 18.14
C GLU D 30 64.70 -2.70 17.30
N SER D 31 63.72 -1.88 16.95
CA SER D 31 62.58 -2.24 16.06
C SER D 31 63.09 -2.64 14.68
N ILE D 32 63.62 -1.68 13.91
CA ILE D 32 64.02 -1.89 12.50
C ILE D 32 64.94 -3.11 12.35
N PHE D 33 65.84 -3.33 13.29
CA PHE D 33 66.92 -4.34 13.16
C PHE D 33 66.49 -5.68 13.76
N SER D 34 65.25 -5.80 14.24
CA SER D 34 64.72 -7.05 14.86
C SER D 34 64.99 -8.23 13.94
N LEU D 35 65.32 -9.36 14.53
CA LEU D 35 65.35 -10.67 13.86
C LEU D 35 64.10 -11.46 14.27
N GLY D 36 63.72 -12.44 13.46
CA GLY D 36 62.47 -13.20 13.57
C GLY D 36 62.55 -14.43 12.71
N ASN D 37 62.01 -15.55 13.20
CA ASN D 37 61.90 -16.84 12.48
C ASN D 37 60.50 -17.46 12.73
N GLU D 38 59.48 -16.64 13.03
CA GLU D 38 58.07 -17.06 13.26
C GLU D 38 57.95 -17.70 14.66
N TYR D 39 58.66 -18.80 14.91
CA TYR D 39 58.79 -19.43 16.26
C TYR D 39 59.10 -18.38 17.34
N SER D 40 60.03 -17.48 17.01
CA SER D 40 60.60 -16.48 17.96
C SER D 40 61.04 -15.21 17.22
N GLY D 41 61.11 -14.11 17.97
CA GLY D 41 61.67 -12.83 17.51
C GLY D 41 62.45 -12.15 18.63
N THR D 42 63.54 -11.48 18.27
CA THR D 42 64.27 -10.57 19.18
C THR D 42 64.52 -9.26 18.47
N ARG D 43 64.06 -8.16 19.07
CA ARG D 43 64.54 -6.82 18.66
C ARG D 43 66.06 -6.75 18.85
N ALA D 44 66.64 -5.68 18.33
CA ALA D 44 68.08 -5.38 18.28
C ALA D 44 68.43 -4.51 19.49
N PHE D 45 67.95 -4.94 20.67
CA PHE D 45 68.36 -4.39 21.99
C PHE D 45 69.82 -4.77 22.20
N PHE D 46 70.46 -4.00 23.07
CA PHE D 46 71.88 -4.16 23.49
C PHE D 46 72.01 -5.39 24.41
N ASP D 47 72.81 -6.35 23.94
CA ASP D 47 73.05 -7.70 24.53
C ASP D 47 73.13 -7.64 26.07
N GLN D 54 66.06 1.84 26.33
CA GLN D 54 65.95 0.47 25.74
C GLN D 54 64.56 -0.15 26.03
N LEU D 55 63.99 -0.82 25.03
CA LEU D 55 62.89 -1.80 25.22
C LEU D 55 63.44 -3.18 24.86
N ILE D 56 63.57 -4.04 25.87
CA ILE D 56 64.28 -5.34 25.80
C ILE D 56 63.22 -6.42 25.53
N GLY D 57 63.27 -7.01 24.33
CA GLY D 57 62.18 -7.82 23.76
C GLY D 57 62.70 -9.12 23.20
N THR D 58 62.30 -10.24 23.80
CA THR D 58 62.44 -11.59 23.19
C THR D 58 61.09 -12.29 23.30
N TYR D 59 60.50 -12.65 22.17
CA TYR D 59 59.09 -13.11 22.10
C TYR D 59 59.05 -14.51 21.48
N PHE D 60 58.20 -15.39 22.03
CA PHE D 60 57.85 -16.70 21.41
C PHE D 60 56.39 -16.68 20.98
N ASN D 61 56.17 -16.89 19.68
CA ASN D 61 54.83 -16.83 19.04
C ASN D 61 53.89 -17.73 19.85
N GLY D 62 52.87 -17.16 20.50
CA GLY D 62 51.86 -17.94 21.26
C GLY D 62 52.21 -18.16 22.73
N ILE D 63 53.36 -17.67 23.19
CA ILE D 63 53.73 -17.58 24.63
C ILE D 63 53.22 -16.24 25.15
N TYR D 64 52.12 -16.24 25.90
CA TYR D 64 51.43 -14.99 26.35
C TYR D 64 51.15 -15.03 27.87
N GLU D 65 50.56 -13.95 28.39
CA GLU D 65 49.88 -13.91 29.71
C GLU D 65 48.66 -12.98 29.64
N TYR D 66 47.73 -13.15 30.58
CA TYR D 66 46.58 -12.25 30.81
C TYR D 66 47.09 -11.00 31.54
N ALA D 67 46.28 -9.95 31.62
CA ALA D 67 46.48 -8.77 32.52
C ALA D 67 46.45 -9.24 33.98
N LEU D 68 47.09 -8.50 34.89
CA LEU D 68 47.32 -8.95 36.30
C LEU D 68 46.02 -8.90 37.11
N LYS D 69 45.23 -7.83 36.99
CA LYS D 69 43.92 -7.68 37.65
C LYS D 69 42.84 -7.46 36.58
N ASP D 70 41.61 -7.90 36.82
CA ASP D 70 40.44 -7.65 35.94
C ASP D 70 40.14 -6.15 35.89
N THR D 71 39.69 -5.65 34.73
CA THR D 71 38.96 -4.36 34.58
C THR D 71 37.48 -4.64 34.74
N PRO D 72 36.80 -4.12 35.80
CA PRO D 72 35.43 -4.51 36.09
C PRO D 72 34.42 -3.97 35.05
N SER D 73 33.29 -4.68 34.93
CA SER D 73 32.07 -4.26 34.19
C SER D 73 30.86 -5.02 34.72
N ALA D 74 29.69 -4.37 34.75
CA ALA D 74 28.38 -4.96 35.11
C ALA D 74 27.82 -5.74 33.91
N TYR D 75 28.15 -5.28 32.70
CA TYR D 75 27.52 -5.70 31.42
C TYR D 75 28.27 -6.90 30.84
N LEU D 76 27.54 -7.84 30.23
CA LEU D 76 28.12 -9.08 29.64
C LEU D 76 28.78 -8.73 28.31
N GLY D 77 29.61 -9.64 27.80
CA GLY D 77 30.24 -9.59 26.46
C GLY D 77 31.35 -8.55 26.35
N ILE D 78 31.68 -7.87 27.45
CA ILE D 78 32.79 -6.89 27.52
C ILE D 78 33.99 -7.61 28.15
N VAL D 79 35.14 -7.57 27.47
CA VAL D 79 36.39 -8.24 27.92
C VAL D 79 36.79 -7.61 29.27
N LYS D 80 36.87 -8.43 30.32
CA LYS D 80 37.28 -8.00 31.69
C LYS D 80 38.81 -8.06 31.80
N ARG D 81 39.45 -8.94 31.03
CA ARG D 81 40.88 -9.33 31.22
C ARG D 81 41.53 -9.53 29.85
N THR D 82 42.30 -8.54 29.37
CA THR D 82 43.05 -8.62 28.10
C THR D 82 44.16 -9.65 28.24
N HIS D 83 44.88 -9.95 27.16
CA HIS D 83 46.01 -10.90 27.12
C HIS D 83 46.99 -10.39 26.08
N PHE D 84 48.21 -10.92 26.07
CA PHE D 84 49.34 -10.37 25.30
C PHE D 84 50.50 -11.36 25.25
N THR D 85 51.27 -11.28 24.16
CA THR D 85 52.57 -11.99 23.95
C THR D 85 53.57 -11.35 24.91
N ILE D 86 54.30 -12.15 25.70
CA ILE D 86 55.11 -11.63 26.86
C ILE D 86 56.60 -11.73 26.53
N ASN D 87 57.35 -10.66 26.86
CA ASN D 87 58.84 -10.66 26.90
C ASN D 87 59.28 -11.92 27.63
N SER D 88 60.29 -12.58 27.07
CA SER D 88 60.72 -13.96 27.41
C SER D 88 62.23 -13.96 27.63
N VAL D 89 62.74 -15.12 28.05
CA VAL D 89 64.19 -15.44 28.14
C VAL D 89 64.97 -14.53 27.20
N ASN D 90 65.65 -13.53 27.75
CA ASN D 90 66.78 -12.85 27.07
C ASN D 90 67.95 -13.85 27.04
N PHE D 91 68.27 -14.41 25.86
CA PHE D 91 69.36 -15.38 25.62
C PHE D 91 70.48 -14.72 24.80
N PHE D 92 70.51 -13.38 24.79
CA PHE D 92 71.56 -12.57 24.14
C PHE D 92 72.15 -11.60 25.17
N LYS D 114 79.16 0.93 15.12
CA LYS D 114 78.53 0.45 13.85
C LYS D 114 77.41 -0.58 14.11
N ARG D 115 76.38 -0.66 13.25
CA ARG D 115 75.25 -1.66 13.31
C ARG D 115 74.81 -2.07 11.90
N ILE D 116 74.72 -3.39 11.63
CA ILE D 116 74.36 -3.94 10.28
C ILE D 116 73.33 -5.08 10.39
N LEU D 117 72.31 -5.01 9.53
CA LEU D 117 71.30 -6.06 9.22
C LEU D 117 71.55 -6.53 7.77
N ASP D 118 72.04 -7.75 7.58
CA ASP D 118 72.23 -8.36 6.23
C ASP D 118 70.92 -9.08 5.87
N LEU D 119 70.29 -8.71 4.75
CA LEU D 119 68.95 -9.22 4.35
C LEU D 119 69.11 -10.61 3.71
N ARG D 120 70.31 -11.01 3.30
CA ARG D 120 70.50 -12.19 2.42
C ARG D 120 70.67 -13.47 3.24
N SER D 121 70.95 -13.34 4.54
CA SER D 121 71.35 -14.45 5.45
C SER D 121 70.66 -14.32 6.82
N GLY D 122 70.28 -13.12 7.25
CA GLY D 122 69.69 -12.87 8.58
C GLY D 122 70.74 -12.53 9.64
N LEU D 123 71.97 -12.26 9.22
CA LEU D 123 73.09 -11.87 10.12
C LEU D 123 72.91 -10.43 10.63
N TYR D 124 72.81 -10.25 11.96
CA TYR D 124 72.78 -8.94 12.65
C TYR D 124 74.04 -8.75 13.50
N GLN D 125 74.88 -7.77 13.09
CA GLN D 125 76.25 -7.54 13.59
C GLN D 125 76.34 -6.13 14.18
N ARG D 126 77.00 -5.97 15.34
CA ARG D 126 77.25 -4.65 15.97
C ARG D 126 78.74 -4.59 16.36
N THR D 127 79.50 -3.60 15.83
CA THR D 127 80.98 -3.48 15.95
C THR D 127 81.36 -2.16 16.65
N PHE D 128 82.26 -2.22 17.65
CA PHE D 128 82.93 -1.05 18.29
C PHE D 128 84.09 -1.49 19.21
N ARG D 143 74.67 -11.67 15.89
CA ARG D 143 73.74 -12.76 16.30
C ARG D 143 72.79 -13.14 15.14
N LEU D 144 72.19 -14.33 15.26
CA LEU D 144 71.41 -15.09 14.25
C LEU D 144 70.22 -15.76 14.93
N LEU D 145 69.07 -15.80 14.24
CA LEU D 145 67.99 -16.78 14.51
C LEU D 145 67.98 -17.80 13.37
N ASP D 146 68.12 -19.08 13.72
CA ASP D 146 68.05 -20.21 12.77
C ASP D 146 66.63 -20.26 12.15
N MET D 147 66.57 -20.27 10.81
CA MET D 147 65.31 -20.12 10.06
C MET D 147 64.69 -21.50 9.79
N SER D 148 65.47 -22.58 9.73
CA SER D 148 64.98 -23.97 9.45
C SER D 148 64.67 -24.70 10.77
N ASP D 149 65.67 -24.83 11.64
CA ASP D 149 65.60 -25.40 13.01
C ASP D 149 65.46 -24.22 13.97
N CYS D 150 64.22 -23.74 14.11
CA CYS D 150 63.86 -22.41 14.66
C CYS D 150 64.08 -22.35 16.18
N GLU D 151 63.96 -23.49 16.88
CA GLU D 151 64.14 -23.59 18.34
C GLU D 151 65.52 -22.98 18.72
N ASN D 152 66.50 -23.07 17.80
CA ASN D 152 67.93 -22.62 17.95
C ASN D 152 68.10 -21.13 17.59
N ALA D 153 69.20 -20.55 18.07
CA ALA D 153 69.59 -19.11 18.00
C ALA D 153 71.03 -18.96 18.53
N TYR D 154 71.82 -18.06 17.94
CA TYR D 154 73.32 -18.00 18.00
C TYR D 154 73.83 -16.56 18.13
N GLN D 155 74.85 -16.30 18.99
CA GLN D 155 75.37 -14.93 19.30
C GLN D 155 76.74 -14.71 18.68
N LEU D 173 71.51 -16.14 29.89
CA LEU D 173 70.05 -16.46 29.89
C LEU D 173 69.39 -15.81 31.12
N ASP D 174 68.43 -14.89 30.90
CA ASP D 174 67.80 -14.03 31.94
C ASP D 174 66.27 -14.01 31.71
N SER D 175 65.50 -14.77 32.49
CA SER D 175 64.00 -14.81 32.50
C SER D 175 63.46 -13.89 33.60
N ASN D 176 64.32 -13.03 34.16
CA ASN D 176 63.94 -11.89 35.04
C ASN D 176 63.75 -10.65 34.15
N ILE D 177 63.42 -10.84 32.86
CA ILE D 177 63.02 -9.72 31.95
C ILE D 177 61.62 -9.24 32.35
N LEU D 178 61.31 -7.96 32.12
CA LEU D 178 59.95 -7.42 32.45
C LEU D 178 59.12 -7.24 31.16
N HIS D 179 57.81 -7.10 31.32
CA HIS D 179 56.83 -6.74 30.27
C HIS D 179 56.01 -5.54 30.75
N TRP D 180 55.65 -4.63 29.83
CA TRP D 180 54.91 -3.37 30.11
C TRP D 180 55.72 -2.48 31.08
N GLY D 181 57.03 -2.75 31.24
CA GLY D 181 57.90 -2.10 32.23
C GLY D 181 57.23 -1.95 33.60
N SER D 182 56.80 -3.06 34.18
CA SER D 182 55.86 -3.09 35.33
C SER D 182 56.06 -4.37 36.14
N ASP D 183 55.83 -5.53 35.53
CA ASP D 183 55.89 -6.87 36.18
C ASP D 183 56.68 -7.84 35.28
N CYS D 184 56.88 -9.08 35.73
CA CYS D 184 57.62 -10.17 35.03
C CYS D 184 56.80 -11.47 35.08
N TYR D 185 56.23 -11.90 33.95
CA TYR D 185 55.04 -12.79 33.89
C TYR D 185 55.49 -14.27 33.96
N TRP D 186 56.75 -14.48 34.35
CA TRP D 186 57.40 -15.81 34.52
C TRP D 186 57.62 -16.14 35.99
N ASN D 187 57.46 -17.42 36.34
CA ASN D 187 57.83 -18.03 37.65
C ASN D 187 58.88 -19.12 37.39
N ARG D 188 59.85 -19.32 38.30
CA ARG D 188 60.95 -20.28 38.07
C ARG D 188 60.48 -21.71 38.37
N VAL D 189 61.15 -22.70 37.77
CA VAL D 189 60.88 -24.15 37.96
C VAL D 189 62.17 -24.83 38.42
N LYS D 190 63.23 -24.73 37.59
CA LYS D 190 64.50 -25.45 37.81
C LYS D 190 65.59 -24.76 36.97
N GLU D 191 66.64 -24.27 37.64
CA GLU D 191 67.94 -23.90 37.00
C GLU D 191 68.86 -25.12 37.15
N PHE D 192 69.56 -25.49 36.09
CA PHE D 192 70.42 -26.71 36.03
C PHE D 192 71.64 -26.40 35.17
N LYS D 193 72.48 -27.42 34.96
CA LYS D 193 73.86 -27.31 34.39
C LYS D 193 74.41 -28.73 34.29
N ILE D 194 74.53 -29.25 33.06
CA ILE D 194 74.59 -30.71 32.75
C ILE D 194 75.59 -30.95 31.61
N GLY D 195 76.81 -31.35 31.95
CA GLY D 195 77.96 -31.38 31.02
C GLY D 195 78.44 -29.97 30.68
N ASN D 196 78.80 -29.73 29.41
CA ASN D 196 79.25 -28.40 28.92
C ASN D 196 78.04 -27.45 28.87
N SER D 197 76.86 -28.01 28.66
CA SER D 197 75.59 -27.25 28.54
C SER D 197 75.17 -26.72 29.92
N ILE D 198 74.60 -25.50 29.95
CA ILE D 198 73.91 -24.90 31.13
C ILE D 198 72.50 -24.48 30.69
N GLY D 199 71.50 -24.57 31.58
CA GLY D 199 70.08 -24.48 31.19
C GLY D 199 69.15 -23.98 32.29
N LEU D 200 67.87 -23.87 31.93
CA LEU D 200 66.82 -23.06 32.61
C LEU D 200 65.46 -23.54 32.10
N THR D 201 64.50 -23.79 33.00
CA THR D 201 63.07 -23.88 32.64
C THR D 201 62.28 -22.94 33.54
N VAL D 202 61.15 -22.47 33.01
CA VAL D 202 60.30 -21.39 33.62
C VAL D 202 58.86 -21.66 33.19
N LYS D 203 57.91 -21.11 33.96
CA LYS D 203 56.44 -21.29 33.81
C LYS D 203 55.79 -19.91 33.94
N THR D 204 54.84 -19.58 33.06
CA THR D 204 54.01 -18.35 33.11
C THR D 204 53.02 -18.44 34.28
N LEU D 205 52.49 -17.28 34.71
CA LEU D 205 51.65 -17.08 35.93
C LEU D 205 50.35 -17.89 35.88
N THR D 206 49.52 -17.74 34.83
CA THR D 206 48.16 -18.36 34.75
C THR D 206 48.03 -19.30 33.55
N THR D 207 48.65 -19.03 32.39
CA THR D 207 48.30 -19.67 31.09
C THR D 207 48.93 -21.07 30.94
N ASN D 208 49.71 -21.55 31.92
CA ASN D 208 50.14 -22.97 32.06
C ASN D 208 51.27 -23.29 31.08
N GLN D 209 52.09 -22.29 30.72
CA GLN D 209 53.05 -22.34 29.58
C GLN D 209 54.48 -22.47 30.10
N THR D 210 55.10 -23.61 29.80
CA THR D 210 56.48 -23.97 30.21
C THR D 210 57.41 -23.65 29.04
N LEU D 211 58.65 -23.29 29.36
CA LEU D 211 59.75 -23.05 28.40
C LEU D 211 61.01 -23.65 29.02
N THR D 212 61.83 -24.34 28.23
CA THR D 212 63.21 -24.70 28.63
C THR D 212 64.18 -23.95 27.71
N SER D 213 65.08 -23.15 28.29
CA SER D 213 66.18 -22.45 27.57
C SER D 213 67.54 -23.01 28.04
N VAL D 214 68.22 -23.72 27.13
CA VAL D 214 69.58 -24.31 27.34
C VAL D 214 70.57 -23.54 26.46
N MET D 215 71.86 -23.60 26.79
CA MET D 215 72.91 -22.78 26.14
C MET D 215 74.27 -23.44 26.36
N ARG D 216 75.10 -23.53 25.31
CA ARG D 216 76.51 -23.99 25.42
C ARG D 216 77.38 -23.23 24.42
N THR D 217 78.70 -23.27 24.60
CA THR D 217 79.69 -22.52 23.79
C THR D 217 80.74 -23.50 23.25
N ASN D 218 81.88 -22.97 22.80
CA ASN D 218 83.02 -23.75 22.24
C ASN D 218 84.27 -23.50 23.10
N LEU D 219 84.07 -23.08 24.36
CA LEU D 219 85.12 -22.77 25.38
C LEU D 219 84.54 -23.04 26.78
N LYS D 220 85.35 -23.65 27.69
CA LYS D 220 84.93 -24.01 29.07
C LYS D 220 84.82 -22.72 29.91
N GLU D 221 83.90 -22.70 30.88
CA GLU D 221 83.66 -21.59 31.84
C GLU D 221 84.46 -21.81 33.13
N ASP D 222 84.79 -20.74 33.85
CA ASP D 222 85.45 -20.76 35.19
C ASP D 222 84.39 -21.08 36.24
N SER D 223 83.36 -20.22 36.32
CA SER D 223 82.27 -20.24 37.32
C SER D 223 80.93 -20.39 36.59
N TYR D 224 79.82 -20.33 37.33
CA TYR D 224 78.43 -20.20 36.83
C TYR D 224 77.53 -19.89 38.04
N GLN D 225 76.36 -19.30 37.78
CA GLN D 225 75.28 -19.04 38.79
C GLN D 225 74.12 -19.98 38.48
N LEU D 226 73.18 -20.12 39.43
CA LEU D 226 71.95 -20.96 39.28
C LEU D 226 70.82 -20.38 40.16
N ARG D 249 78.32 -18.95 21.34
CA ARG D 249 77.08 -19.33 22.06
C ARG D 249 76.16 -20.09 21.11
N TYR D 250 75.74 -21.30 21.51
CA TYR D 250 74.64 -22.09 20.91
C TYR D 250 73.45 -22.01 21.85
N VAL D 251 72.29 -21.58 21.35
CA VAL D 251 71.04 -21.53 22.15
C VAL D 251 70.00 -22.43 21.47
N THR D 252 69.26 -23.19 22.28
CA THR D 252 68.04 -23.95 21.89
C THR D 252 66.98 -23.62 22.93
N ASN D 253 65.83 -23.08 22.49
CA ASN D 253 64.67 -22.85 23.39
C ASN D 253 63.57 -23.80 22.95
N ILE D 254 62.90 -24.46 23.90
CA ILE D 254 61.79 -25.39 23.58
C ILE D 254 60.60 -25.04 24.47
N ILE D 255 59.53 -24.58 23.84
CA ILE D 255 58.30 -24.07 24.50
C ILE D 255 57.26 -25.21 24.48
N ASP D 256 56.35 -25.22 25.47
CA ASP D 256 55.16 -26.09 25.49
C ASP D 256 53.96 -25.17 25.73
N LYS D 257 53.30 -24.72 24.66
CA LYS D 257 52.22 -23.70 24.71
C LYS D 257 50.95 -24.32 25.30
N ASN D 258 50.82 -25.65 25.29
CA ASN D 258 49.57 -26.38 25.62
C ASN D 258 49.62 -27.00 27.03
N GLY D 259 50.79 -26.95 27.70
CA GLY D 259 51.01 -27.25 29.13
C GLY D 259 51.31 -28.71 29.45
N ASN D 260 51.15 -29.60 28.46
CA ASN D 260 51.00 -31.07 28.67
C ASN D 260 52.33 -31.82 28.46
N GLN D 261 53.46 -31.14 28.20
CA GLN D 261 54.76 -31.82 27.97
C GLN D 261 55.54 -31.94 29.29
N LYS D 262 56.02 -33.14 29.62
CA LYS D 262 56.78 -33.40 30.86
C LYS D 262 58.21 -32.87 30.67
N LEU D 263 58.72 -32.10 31.62
CA LEU D 263 59.93 -31.23 31.47
C LEU D 263 61.21 -32.09 31.41
N SER D 264 61.21 -33.26 32.05
CA SER D 264 62.28 -34.29 32.01
C SER D 264 62.50 -34.82 30.57
N GLN D 265 61.63 -34.43 29.63
CA GLN D 265 61.68 -34.76 28.18
C GLN D 265 62.02 -33.48 27.37
N GLN D 266 61.52 -32.32 27.81
CA GLN D 266 61.79 -30.98 27.24
C GLN D 266 63.29 -30.67 27.32
N ARG D 267 63.92 -30.97 28.46
CA ARG D 267 65.36 -30.71 28.74
C ARG D 267 66.20 -31.65 27.86
N ASP D 268 65.80 -32.93 27.83
CA ASP D 268 66.44 -33.99 27.02
C ASP D 268 66.35 -33.65 25.54
N ILE D 269 65.21 -33.10 25.08
CA ILE D 269 65.07 -32.64 23.67
C ILE D 269 65.89 -31.35 23.49
N ALA D 270 65.75 -30.36 24.38
CA ALA D 270 66.50 -29.08 24.31
C ALA D 270 67.98 -29.39 24.19
N LEU D 271 68.49 -30.21 25.11
CA LEU D 271 69.92 -30.61 25.20
C LEU D 271 70.35 -31.35 23.92
N THR D 272 69.58 -32.34 23.45
CA THR D 272 69.98 -33.23 22.32
C THR D 272 70.11 -32.40 21.04
N LYS D 273 69.17 -31.46 20.84
CA LYS D 273 69.13 -30.50 19.72
C LYS D 273 70.36 -29.58 19.80
N LEU D 274 70.66 -29.05 20.98
CA LEU D 274 71.81 -28.13 21.24
C LEU D 274 73.15 -28.82 20.92
N LYS D 275 73.24 -30.13 21.18
CA LYS D 275 74.42 -31.00 20.89
C LYS D 275 74.58 -31.17 19.37
N GLU D 276 73.47 -31.42 18.66
CA GLU D 276 73.45 -31.51 17.17
C GLU D 276 73.89 -30.15 16.60
N ALA D 277 73.49 -29.04 17.23
CA ALA D 277 73.72 -27.65 16.76
C ALA D 277 75.20 -27.27 16.89
N SER D 278 75.87 -27.73 17.95
CA SER D 278 77.25 -27.34 18.35
C SER D 278 78.30 -27.83 17.32
N LYS D 279 78.00 -28.88 16.56
CA LYS D 279 78.95 -29.54 15.61
C LYS D 279 79.10 -28.72 14.33
N PHE D 280 78.38 -27.59 14.20
CA PHE D 280 78.48 -26.64 13.07
C PHE D 280 79.17 -25.36 13.55
N SER D 281 80.18 -24.89 12.79
CA SER D 281 80.79 -23.54 12.96
C SER D 281 79.72 -22.48 12.72
N PHE D 282 79.90 -21.28 13.27
CA PHE D 282 79.00 -20.10 13.10
C PHE D 282 78.90 -19.74 11.60
N ALA D 283 80.05 -19.66 10.93
CA ALA D 283 80.16 -19.32 9.49
C ALA D 283 79.37 -20.34 8.66
N ASP D 284 79.30 -21.62 9.08
CA ASP D 284 78.57 -22.71 8.35
C ASP D 284 77.05 -22.59 8.56
N LEU D 285 76.63 -22.00 9.69
CA LEU D 285 75.20 -21.71 10.01
C LEU D 285 74.72 -20.53 9.13
N VAL D 286 75.55 -19.50 8.92
CA VAL D 286 75.27 -18.39 7.97
C VAL D 286 74.99 -18.97 6.56
N LYS D 287 75.79 -19.94 6.11
CA LYS D 287 75.58 -20.64 4.80
C LYS D 287 74.19 -21.29 4.76
N LYS D 288 73.79 -21.95 5.86
CA LYS D 288 72.49 -22.65 6.05
C LYS D 288 71.34 -21.63 5.99
N ASN D 289 71.46 -20.54 6.78
CA ASN D 289 70.48 -19.41 6.84
C ASN D 289 70.37 -18.75 5.46
N GLN D 290 71.50 -18.45 4.80
CA GLN D 290 71.53 -17.87 3.43
C GLN D 290 70.87 -18.85 2.46
N LYS D 291 71.09 -20.16 2.60
CA LYS D 291 70.48 -21.18 1.71
C LYS D 291 68.94 -21.04 1.75
N PHE D 292 68.38 -20.71 2.92
CA PHE D 292 66.94 -20.50 3.21
C PHE D 292 66.44 -19.18 2.59
N PHE D 293 67.11 -18.06 2.89
CA PHE D 293 66.73 -16.73 2.36
C PHE D 293 66.84 -16.74 0.84
N ASN D 294 67.86 -17.42 0.29
CA ASN D 294 68.07 -17.47 -1.18
C ASN D 294 66.83 -18.15 -1.79
N HIS D 295 66.31 -19.23 -1.18
CA HIS D 295 65.07 -19.91 -1.64
C HIS D 295 63.96 -18.86 -1.73
N PHE D 296 63.80 -17.98 -0.73
CA PHE D 296 62.64 -17.07 -0.62
C PHE D 296 62.85 -15.85 -1.54
N TYR D 297 64.09 -15.44 -1.84
CA TYR D 297 64.34 -14.33 -2.80
C TYR D 297 64.23 -14.84 -4.24
N GLN D 298 64.47 -16.12 -4.48
CA GLN D 298 64.21 -16.75 -5.80
C GLN D 298 62.69 -16.76 -6.10
N LYS D 299 61.85 -16.85 -5.08
CA LYS D 299 60.37 -17.00 -5.25
C LYS D 299 59.70 -15.62 -5.36
N SER D 300 60.25 -14.58 -4.72
CA SER D 300 59.50 -13.34 -4.36
C SER D 300 60.29 -12.03 -4.50
N ASP D 301 61.61 -12.06 -4.69
CA ASP D 301 62.43 -10.80 -4.74
C ASP D 301 61.82 -9.81 -5.74
N ILE D 302 61.74 -8.55 -5.36
CA ILE D 302 61.31 -7.46 -6.30
C ILE D 302 62.54 -6.63 -6.63
N LEU D 303 62.83 -6.45 -7.92
CA LEU D 303 63.79 -5.43 -8.44
C LEU D 303 63.05 -4.10 -8.65
N ILE D 304 63.71 -3.01 -8.28
CA ILE D 304 63.30 -1.61 -8.56
C ILE D 304 64.55 -0.86 -9.06
N ASP D 305 64.47 -0.26 -10.24
CA ASP D 305 65.56 0.51 -10.86
C ASP D 305 65.12 1.97 -10.94
N GLY D 306 65.97 2.89 -10.46
CA GLY D 306 65.69 4.35 -10.48
C GLY D 306 65.32 4.86 -9.09
N SER D 307 65.50 4.02 -8.07
CA SER D 307 65.42 4.38 -6.63
C SER D 307 66.13 3.31 -5.80
N ASP D 308 67.38 3.57 -5.40
CA ASP D 308 68.10 2.69 -4.42
C ASP D 308 67.30 2.62 -3.13
N SER D 309 66.54 3.69 -2.82
CA SER D 309 65.71 3.90 -1.62
C SER D 309 64.51 2.93 -1.61
N ASP D 310 63.70 2.95 -2.68
CA ASP D 310 62.58 1.99 -2.89
C ASP D 310 63.13 0.55 -2.97
N GLN D 311 64.31 0.30 -3.56
CA GLN D 311 64.88 -1.07 -3.67
C GLN D 311 65.22 -1.64 -2.28
N GLN D 312 65.84 -0.84 -1.42
CA GLN D 312 66.22 -1.29 -0.06
C GLN D 312 64.94 -1.49 0.76
N GLY D 313 63.98 -0.57 0.57
CA GLY D 313 62.68 -0.57 1.26
C GLY D 313 61.89 -1.83 0.96
N ILE D 314 61.66 -2.13 -0.31
CA ILE D 314 60.85 -3.32 -0.69
C ILE D 314 61.57 -4.57 -0.19
N ARG D 315 62.90 -4.62 -0.33
CA ARG D 315 63.68 -5.82 0.06
C ARG D 315 63.65 -5.92 1.58
N TYR D 316 63.65 -4.81 2.30
CA TYR D 316 63.46 -4.80 3.78
C TYR D 316 62.08 -5.39 4.11
N CYS D 317 61.04 -4.86 3.48
CA CYS D 317 59.63 -5.37 3.61
C CYS D 317 59.57 -6.87 3.37
N LEU D 318 60.11 -7.36 2.26
CA LEU D 318 60.08 -8.82 1.96
C LEU D 318 60.74 -9.59 3.11
N PHE D 319 61.93 -9.15 3.52
CA PHE D 319 62.76 -9.75 4.60
C PHE D 319 61.92 -9.89 5.87
N GLN D 320 61.28 -8.81 6.32
CA GLN D 320 60.39 -8.80 7.51
C GLN D 320 59.15 -9.71 7.28
N MET D 321 58.61 -9.79 6.06
CA MET D 321 57.47 -10.74 5.79
C MET D 321 57.98 -12.18 5.97
N ILE D 322 59.18 -12.47 5.42
CA ILE D 322 59.81 -13.82 5.46
C ILE D 322 60.15 -14.17 6.93
N GLN D 323 60.60 -13.20 7.74
CA GLN D 323 60.93 -13.42 9.17
C GLN D 323 59.65 -13.73 9.98
N ALA D 324 58.58 -12.99 9.69
CA ALA D 324 57.32 -12.90 10.48
C ALA D 324 56.57 -14.22 10.43
N TYR D 325 56.71 -14.95 9.35
CA TYR D 325 55.91 -16.18 9.10
C TYR D 325 56.54 -16.97 7.96
N HIS D 326 56.71 -18.29 8.10
CA HIS D 326 57.10 -19.17 6.97
C HIS D 326 56.46 -20.55 7.05
N GLY D 327 55.43 -20.74 7.89
CA GLY D 327 54.69 -22.01 8.01
C GLY D 327 55.36 -23.00 8.95
N PHE D 328 55.98 -22.51 10.02
CA PHE D 328 56.66 -23.38 11.03
C PHE D 328 55.63 -24.17 11.85
N ASP D 329 54.52 -23.53 12.23
CA ASP D 329 53.53 -24.10 13.19
C ASP D 329 52.12 -23.60 12.85
N PRO D 330 51.15 -24.52 12.66
CA PRO D 330 49.79 -24.10 12.31
C PRO D 330 49.00 -23.52 13.49
N THR D 331 49.67 -23.22 14.60
CA THR D 331 49.10 -22.51 15.79
C THR D 331 49.84 -21.18 15.98
N ASN D 332 50.70 -20.79 15.04
CA ASN D 332 51.34 -19.45 15.00
C ASN D 332 50.55 -18.51 14.08
N THR D 333 50.55 -17.21 14.38
CA THR D 333 49.96 -16.15 13.52
C THR D 333 50.88 -14.92 13.54
N ILE D 334 50.64 -14.01 12.60
CA ILE D 334 51.40 -12.73 12.47
C ILE D 334 50.79 -11.69 13.41
N GLY D 335 51.60 -11.12 14.30
CA GLY D 335 51.18 -9.96 15.10
C GLY D 335 51.29 -8.67 14.31
N ALA D 336 50.56 -7.63 14.73
CA ALA D 336 50.50 -6.29 14.08
C ALA D 336 51.90 -5.65 13.96
N LYS D 337 52.90 -6.14 14.71
CA LYS D 337 54.32 -5.68 14.68
C LYS D 337 55.21 -6.93 14.66
N GLY D 338 54.73 -7.98 14.03
CA GLY D 338 55.29 -9.33 14.18
C GLY D 338 55.72 -9.52 15.62
N LEU D 339 56.98 -9.93 15.82
CA LEU D 339 57.59 -10.17 17.13
C LEU D 339 58.72 -9.16 17.35
N THR D 340 58.44 -7.87 17.17
CA THR D 340 59.44 -6.77 17.26
C THR D 340 59.04 -5.78 18.36
N GLY D 341 58.14 -6.14 19.26
CA GLY D 341 57.68 -5.21 20.30
C GLY D 341 56.53 -5.75 21.13
N GLU D 342 55.96 -4.89 21.98
CA GLU D 342 54.85 -5.26 22.90
C GLU D 342 53.61 -4.47 22.50
N ALA D 343 53.75 -3.28 21.91
CA ALA D 343 52.58 -2.53 21.38
C ALA D 343 51.82 -3.44 20.38
N TYR D 344 50.49 -3.49 20.52
CA TYR D 344 49.52 -4.38 19.83
C TYR D 344 49.70 -5.85 20.28
N SER D 345 50.62 -6.14 21.20
CA SER D 345 50.53 -7.32 22.10
C SER D 345 50.79 -8.64 21.34
N GLY D 346 51.44 -8.57 20.17
CA GLY D 346 51.54 -9.74 19.26
C GLY D 346 50.19 -10.17 18.68
N HIS D 347 49.18 -9.30 18.74
CA HIS D 347 47.77 -9.60 18.39
C HIS D 347 47.55 -9.72 16.87
N ALA D 348 46.84 -10.76 16.46
CA ALA D 348 46.26 -10.92 15.10
C ALA D 348 45.01 -10.05 14.99
N PHE D 349 44.88 -9.35 13.87
CA PHE D 349 43.66 -8.60 13.48
C PHE D 349 43.19 -9.15 12.12
N TRP D 350 42.03 -8.68 11.66
CA TRP D 350 41.42 -9.07 10.36
C TRP D 350 42.38 -8.76 9.19
N ASP D 351 43.31 -7.79 9.37
CA ASP D 351 44.43 -7.45 8.43
C ASP D 351 45.16 -8.70 7.97
N ASN D 352 45.44 -9.65 8.89
CA ASN D 352 46.13 -10.92 8.56
C ASN D 352 45.47 -11.57 7.34
N GLU D 353 44.14 -11.74 7.40
CA GLU D 353 43.35 -12.52 6.42
C GLU D 353 43.13 -11.69 5.16
N THR D 354 42.96 -10.38 5.28
CA THR D 354 42.52 -9.49 4.17
C THR D 354 43.66 -8.65 3.60
N TYR D 355 44.81 -8.52 4.27
CA TYR D 355 45.97 -7.79 3.67
C TYR D 355 47.30 -8.55 3.73
N CYS D 356 47.55 -9.38 4.74
CA CYS D 356 48.83 -10.12 4.89
C CYS D 356 48.85 -11.40 4.04
N LEU D 357 47.75 -12.14 3.98
CA LEU D 357 47.64 -13.47 3.31
C LEU D 357 48.24 -13.44 1.90
N PRO D 358 47.91 -12.44 1.04
CA PRO D 358 48.25 -12.56 -0.37
C PRO D 358 49.75 -12.82 -0.60
N PHE D 359 50.62 -12.06 0.08
CA PHE D 359 52.08 -12.25 -0.06
C PHE D 359 52.40 -13.76 0.07
N TYR D 360 51.79 -14.44 1.02
CA TYR D 360 52.11 -15.86 1.35
C TYR D 360 51.44 -16.77 0.31
N LEU D 361 50.25 -16.41 -0.13
CA LEU D 361 49.56 -17.22 -1.16
C LEU D 361 50.45 -17.39 -2.38
N TYR D 362 51.18 -16.36 -2.78
CA TYR D 362 51.97 -16.36 -4.05
C TYR D 362 53.43 -16.81 -3.87
N SER D 363 53.86 -17.22 -2.66
CA SER D 363 55.28 -17.55 -2.32
C SER D 363 55.45 -18.84 -1.50
N ASN D 364 54.53 -19.17 -0.60
CA ASN D 364 54.70 -20.24 0.40
C ASN D 364 53.32 -20.81 0.74
N GLN D 365 52.92 -21.87 0.03
CA GLN D 365 51.60 -22.51 0.27
C GLN D 365 51.47 -22.91 1.74
N GLU D 366 52.50 -23.52 2.32
CA GLU D 366 52.42 -24.00 3.72
C GLU D 366 52.15 -22.81 4.66
N ALA D 367 52.75 -21.64 4.43
CA ALA D 367 52.57 -20.45 5.28
C ALA D 367 51.13 -19.94 5.14
N ALA D 368 50.64 -19.81 3.91
CA ALA D 368 49.29 -19.28 3.66
C ALA D 368 48.29 -20.18 4.38
N LYS D 369 48.49 -21.49 4.33
CA LYS D 369 47.60 -22.51 4.96
C LYS D 369 47.66 -22.37 6.50
N ASP D 370 48.86 -22.21 7.04
CA ASP D 370 49.07 -22.19 8.52
C ASP D 370 48.45 -20.92 9.10
N LEU D 371 48.44 -19.79 8.38
CA LEU D 371 47.72 -18.57 8.87
C LEU D 371 46.23 -18.91 9.03
N ILE D 372 45.68 -19.71 8.14
CA ILE D 372 44.25 -20.13 8.21
C ILE D 372 44.11 -21.21 9.31
N MET D 373 45.03 -22.16 9.40
CA MET D 373 44.97 -23.22 10.44
C MET D 373 45.02 -22.58 11.83
N PHE D 374 45.69 -21.44 11.98
CA PHE D 374 45.64 -20.65 13.23
C PHE D 374 44.18 -20.49 13.66
N ARG D 375 43.33 -20.01 12.75
CA ARG D 375 41.91 -19.70 13.03
C ARG D 375 41.16 -21.01 13.27
N TYR D 376 41.48 -22.06 12.50
CA TYR D 376 40.80 -23.35 12.70
C TYR D 376 41.11 -23.81 14.14
N ASN D 377 42.38 -23.67 14.54
CA ASN D 377 42.89 -24.12 15.86
C ASN D 377 42.43 -23.15 16.96
N THR D 378 41.64 -22.12 16.64
CA THR D 378 41.00 -21.21 17.63
C THR D 378 39.50 -21.08 17.38
N LEU D 379 38.91 -22.04 16.67
CA LEU D 379 37.44 -22.11 16.45
C LEU D 379 36.72 -22.12 17.81
N GLU D 380 37.18 -22.96 18.74
CA GLU D 380 36.52 -23.16 20.06
C GLU D 380 36.36 -21.81 20.77
N GLU D 381 37.42 -21.00 20.79
CA GLU D 381 37.41 -19.68 21.46
C GLU D 381 36.41 -18.77 20.72
N ALA D 382 36.34 -18.87 19.38
CA ALA D 382 35.45 -18.02 18.56
C ALA D 382 34.00 -18.47 18.82
N LYS D 383 33.77 -19.75 19.13
CA LYS D 383 32.43 -20.24 19.55
C LYS D 383 32.06 -19.59 20.89
N ALA D 384 32.96 -19.57 21.87
CA ALA D 384 32.73 -18.93 23.19
C ALA D 384 32.52 -17.40 23.00
N ARG D 385 33.27 -16.75 22.10
CA ARG D 385 33.11 -15.30 21.84
C ARG D 385 31.70 -15.06 21.29
N ALA D 386 31.24 -15.88 20.35
CA ALA D 386 29.88 -15.81 19.80
C ALA D 386 28.87 -15.78 20.96
N LYS D 387 29.02 -16.69 21.92
CA LYS D 387 28.06 -16.85 23.05
C LYS D 387 28.13 -15.61 23.96
N GLU D 388 29.31 -15.01 24.14
CA GLU D 388 29.50 -13.71 24.83
C GLU D 388 28.64 -12.63 24.16
N LEU D 389 28.35 -12.74 22.85
CA LEU D 389 27.54 -11.76 22.07
C LEU D 389 26.13 -12.33 21.79
N ASP D 390 25.64 -13.22 22.67
CA ASP D 390 24.27 -13.80 22.63
C ASP D 390 23.97 -14.34 21.24
N SER D 391 24.97 -14.94 20.62
CA SER D 391 24.91 -15.52 19.26
C SER D 391 25.39 -16.97 19.34
N ILE D 392 25.39 -17.71 18.23
CA ILE D 392 25.92 -19.10 18.15
C ILE D 392 26.97 -19.11 17.04
N GLY D 393 27.49 -20.29 16.69
CA GLY D 393 28.59 -20.42 15.73
C GLY D 393 29.84 -19.72 16.24
N ALA D 394 30.67 -19.24 15.31
CA ALA D 394 32.05 -18.75 15.56
C ALA D 394 32.15 -17.27 15.20
N CYS D 395 32.41 -16.44 16.21
CA CYS D 395 32.72 -14.99 16.09
C CYS D 395 34.20 -14.79 16.36
N PHE D 396 35.01 -14.68 15.31
CA PHE D 396 36.46 -14.47 15.43
C PHE D 396 36.71 -13.06 15.94
N PRO D 397 37.61 -12.90 16.92
CA PRO D 397 37.73 -11.64 17.65
C PRO D 397 38.48 -10.57 16.86
N VAL D 398 38.25 -9.31 17.25
CA VAL D 398 38.88 -8.13 16.63
C VAL D 398 40.40 -8.21 16.85
N ALA D 399 40.84 -8.54 18.06
CA ALA D 399 42.28 -8.71 18.41
C ALA D 399 42.46 -9.92 19.33
N THR D 400 43.55 -10.67 19.14
CA THR D 400 43.82 -11.91 19.91
C THR D 400 45.20 -12.50 19.59
N ARG D 401 45.71 -13.36 20.48
CA ARG D 401 46.75 -14.37 20.15
C ARG D 401 46.23 -15.77 20.47
N ASN D 402 45.45 -15.96 21.54
CA ASN D 402 45.00 -17.31 21.96
C ASN D 402 43.58 -17.63 21.44
N GLY D 403 42.94 -16.70 20.71
CA GLY D 403 41.60 -16.90 20.12
C GLY D 403 40.47 -16.19 20.88
N LYS D 404 40.63 -15.92 22.18
CA LYS D 404 39.62 -15.16 22.95
C LYS D 404 39.74 -13.68 22.54
N GLU D 405 38.63 -12.93 22.58
CA GLU D 405 38.66 -11.47 22.30
C GLU D 405 39.52 -10.78 23.36
N ALA D 406 40.48 -9.95 22.93
CA ALA D 406 41.39 -9.17 23.80
C ALA D 406 41.20 -7.66 23.63
N CYS D 407 40.36 -7.23 22.70
CA CYS D 407 39.94 -5.81 22.55
C CYS D 407 38.86 -5.53 23.59
N ASN D 408 39.07 -4.54 24.43
CA ASN D 408 38.18 -4.25 25.59
C ASN D 408 37.26 -3.06 25.27
N LEU D 409 37.36 -2.46 24.08
CA LEU D 409 36.41 -1.41 23.62
C LEU D 409 35.20 -2.07 22.97
N TRP D 410 34.04 -2.03 23.61
CA TRP D 410 32.78 -2.60 23.05
C TRP D 410 32.47 -1.93 21.69
N GLN D 411 32.83 -0.65 21.53
CA GLN D 411 32.55 0.14 20.29
C GLN D 411 33.10 -0.61 19.08
N HIS D 412 34.17 -1.38 19.28
CA HIS D 412 34.79 -2.22 18.22
C HIS D 412 34.40 -3.70 18.38
N ALA D 413 34.65 -4.29 19.55
CA ALA D 413 34.59 -5.75 19.78
C ALA D 413 33.14 -6.28 19.74
N SER D 414 32.14 -5.45 20.04
CA SER D 414 30.71 -5.87 20.04
C SER D 414 30.03 -5.53 18.71
N THR D 415 30.73 -4.89 17.75
CA THR D 415 30.15 -4.30 16.51
C THR D 415 30.84 -4.71 15.20
N GLN D 416 32.09 -5.18 15.24
CA GLN D 416 32.93 -5.38 14.03
C GLN D 416 33.09 -6.88 13.77
N PHE D 417 32.45 -7.37 12.70
CA PHE D 417 32.47 -8.80 12.31
C PHE D 417 33.42 -9.00 11.12
N GLN D 418 34.21 -7.98 10.79
CA GLN D 418 35.28 -8.08 9.76
C GLN D 418 36.27 -9.22 10.04
N PRO D 419 36.57 -9.65 11.28
CA PRO D 419 37.47 -10.79 11.45
C PRO D 419 36.80 -12.13 11.05
N SER D 420 35.49 -12.27 11.27
CA SER D 420 34.73 -13.51 10.91
C SER D 420 34.66 -13.62 9.38
N THR D 421 34.28 -12.54 8.69
CA THR D 421 34.20 -12.52 7.22
C THR D 421 35.63 -12.55 6.67
N GLY D 422 36.60 -11.96 7.36
CA GLY D 422 38.00 -12.04 6.95
C GLY D 422 38.46 -13.50 6.86
N VAL D 423 38.12 -14.32 7.84
CA VAL D 423 38.52 -15.75 7.86
C VAL D 423 37.82 -16.48 6.70
N PHE D 424 36.55 -16.17 6.45
CA PHE D 424 35.82 -16.66 5.24
C PHE D 424 36.61 -16.28 3.98
N TYR D 425 36.90 -15.00 3.78
CA TYR D 425 37.60 -14.49 2.58
C TYR D 425 38.95 -15.21 2.43
N ALA D 426 39.64 -15.45 3.54
CA ALA D 426 40.96 -16.15 3.54
C ALA D 426 40.77 -17.55 2.97
N ILE D 427 39.75 -18.28 3.42
CA ILE D 427 39.45 -19.65 2.92
C ILE D 427 39.17 -19.55 1.41
N TYR D 428 38.25 -18.68 1.00
CA TYR D 428 37.92 -18.42 -0.42
C TYR D 428 39.18 -18.07 -1.21
N HIS D 429 40.01 -17.17 -0.69
CA HIS D 429 41.23 -16.68 -1.40
C HIS D 429 42.21 -17.86 -1.54
N TYR D 430 42.44 -18.59 -0.48
CA TYR D 430 43.35 -19.77 -0.48
C TYR D 430 42.88 -20.77 -1.55
N MET D 431 41.57 -21.00 -1.66
CA MET D 431 40.99 -22.00 -2.60
C MET D 431 41.05 -21.45 -4.03
N LYS D 432 40.86 -20.14 -4.20
CA LYS D 432 41.03 -19.52 -5.53
C LYS D 432 42.47 -19.77 -6.01
N ILE D 433 43.45 -19.75 -5.12
CA ILE D 433 44.88 -19.88 -5.52
C ILE D 433 45.29 -21.35 -5.64
N TYR D 434 44.82 -22.23 -4.75
CA TYR D 434 45.36 -23.60 -4.60
C TYR D 434 44.32 -24.71 -4.83
N ASN D 435 43.01 -24.40 -4.77
CA ASN D 435 41.91 -25.39 -4.92
C ASN D 435 42.29 -26.65 -4.14
N ASP D 436 42.64 -26.46 -2.86
CA ASP D 436 43.16 -27.51 -1.94
C ASP D 436 41.98 -28.30 -1.36
N HIS D 437 41.54 -29.34 -2.07
CA HIS D 437 40.36 -30.16 -1.71
C HIS D 437 40.52 -30.75 -0.31
N LYS D 438 41.70 -31.24 0.03
CA LYS D 438 41.95 -31.87 1.34
C LYS D 438 41.71 -30.85 2.48
N PHE D 439 42.20 -29.61 2.34
CA PHE D 439 42.02 -28.54 3.36
C PHE D 439 40.53 -28.22 3.54
N MET D 440 39.80 -28.04 2.43
CA MET D 440 38.34 -27.73 2.48
C MET D 440 37.59 -28.89 3.15
N GLN D 441 37.87 -30.13 2.77
CA GLN D 441 37.15 -31.31 3.34
C GLN D 441 37.43 -31.39 4.85
N ASN D 442 38.68 -31.26 5.28
CA ASN D 442 39.09 -31.58 6.67
C ASN D 442 38.95 -30.37 7.61
N TYR D 443 38.90 -29.13 7.10
CA TYR D 443 38.89 -27.91 7.94
C TYR D 443 37.97 -26.79 7.39
N GLY D 444 38.01 -26.54 6.09
CA GLY D 444 37.34 -25.37 5.46
C GLY D 444 35.85 -25.37 5.70
N ILE D 445 35.19 -26.48 5.42
CA ILE D 445 33.71 -26.57 5.52
C ILE D 445 33.30 -26.27 6.97
N GLU D 446 33.95 -26.90 7.96
CA GLU D 446 33.63 -26.72 9.39
C GLU D 446 33.72 -25.22 9.73
N MET D 447 34.79 -24.55 9.31
CA MET D 447 35.03 -23.10 9.55
C MET D 447 33.92 -22.27 8.90
N LEU D 448 33.57 -22.53 7.64
CA LEU D 448 32.51 -21.76 6.94
C LEU D 448 31.16 -22.00 7.62
N VAL D 449 30.86 -23.24 8.00
CA VAL D 449 29.58 -23.56 8.70
C VAL D 449 29.54 -22.70 9.97
N GLU D 450 30.60 -22.69 10.78
CA GLU D 450 30.62 -22.04 12.13
C GLU D 450 30.49 -20.51 11.98
N ILE D 451 31.25 -19.90 11.09
CA ILE D 451 31.14 -18.43 10.76
C ILE D 451 29.73 -18.14 10.25
N SER D 452 29.19 -18.96 9.35
CA SER D 452 27.85 -18.73 8.76
C SER D 452 26.77 -18.73 9.86
N LYS D 453 26.83 -19.67 10.81
CA LYS D 453 25.93 -19.73 12.00
C LYS D 453 26.05 -18.48 12.87
N PHE D 454 27.24 -17.93 13.08
CA PHE D 454 27.38 -16.64 13.78
C PHE D 454 26.67 -15.55 12.96
N LEU D 455 26.96 -15.48 11.67
CA LEU D 455 26.43 -14.40 10.79
C LEU D 455 24.90 -14.49 10.77
N LEU D 456 24.36 -15.71 10.77
CA LEU D 456 22.90 -16.02 10.79
C LEU D 456 22.25 -15.67 12.13
N SER D 457 22.96 -15.81 13.25
CA SER D 457 22.38 -15.60 14.61
C SER D 457 22.47 -14.11 15.02
N ARG D 458 23.51 -13.38 14.59
CA ARG D 458 23.79 -11.95 14.97
C ARG D 458 23.14 -10.99 13.95
N GLY D 459 23.11 -11.38 12.68
CA GLY D 459 22.20 -10.78 11.68
C GLY D 459 20.75 -11.05 12.07
N GLN D 460 19.85 -10.13 11.73
CA GLN D 460 18.44 -10.15 12.14
C GLN D 460 17.57 -9.73 10.95
N TYR D 461 16.35 -10.29 10.86
CA TYR D 461 15.26 -9.81 10.00
C TYR D 461 14.81 -8.43 10.53
N ASN D 462 14.37 -7.56 9.64
CA ASN D 462 13.75 -6.25 10.00
C ASN D 462 12.38 -6.52 10.66
N GLN D 463 11.69 -5.46 11.07
CA GLN D 463 10.35 -5.45 11.71
C GLN D 463 9.42 -6.50 11.08
N ASP D 464 9.17 -6.43 9.76
CA ASP D 464 8.14 -7.22 9.02
C ASP D 464 8.81 -8.38 8.27
N LYS D 465 10.10 -8.62 8.49
CA LYS D 465 10.85 -9.85 8.11
C LYS D 465 10.90 -10.01 6.57
N THR D 466 10.91 -8.90 5.83
CA THR D 466 11.11 -8.86 4.36
C THR D 466 12.59 -8.56 4.03
N LYS D 467 13.39 -8.06 4.98
CA LYS D 467 14.83 -7.75 4.80
C LYS D 467 15.65 -8.41 5.92
N PHE D 468 16.90 -8.75 5.63
CA PHE D 468 17.88 -9.28 6.60
C PHE D 468 19.10 -8.37 6.56
N SER D 469 19.66 -8.05 7.72
CA SER D 469 20.86 -7.21 7.79
C SER D 469 21.54 -7.38 9.15
N PHE D 470 22.61 -6.64 9.36
CA PHE D 470 23.34 -6.56 10.64
C PHE D 470 23.04 -5.18 11.21
N TYR D 471 22.35 -5.14 12.35
CA TYR D 471 21.99 -3.91 13.09
C TYR D 471 23.04 -3.65 14.16
N GLY D 472 23.31 -2.37 14.42
CA GLY D 472 24.19 -1.92 15.51
C GLY D 472 25.62 -2.36 15.25
N VAL D 473 26.20 -1.94 14.11
CA VAL D 473 27.51 -2.50 13.70
C VAL D 473 28.47 -1.37 13.33
N MET D 474 29.71 -1.75 13.07
CA MET D 474 30.80 -0.91 12.55
C MET D 474 31.48 -1.70 11.43
N GLY D 475 31.59 -1.07 10.26
CA GLY D 475 32.38 -1.57 9.14
C GLY D 475 33.86 -1.38 9.42
N PRO D 476 34.74 -1.60 8.42
CA PRO D 476 36.16 -1.27 8.55
C PRO D 476 36.37 0.23 8.87
N ASP D 477 35.47 1.11 8.41
CA ASP D 477 35.49 2.55 8.77
C ASP D 477 35.03 2.73 10.23
N GLU D 478 35.99 2.89 11.14
CA GLU D 478 35.74 2.97 12.59
C GLU D 478 35.12 4.31 12.99
N PHE D 479 34.84 5.23 12.05
CA PHE D 479 34.19 6.53 12.37
C PHE D 479 32.68 6.44 12.15
N LYS D 480 32.14 5.23 11.95
CA LYS D 480 30.67 4.98 11.95
C LYS D 480 30.37 3.88 12.98
N LEU D 481 29.55 4.20 13.98
CA LEU D 481 29.34 3.38 15.19
C LEU D 481 27.85 3.15 15.36
N MET D 482 27.44 1.90 15.58
CA MET D 482 26.03 1.52 15.81
C MET D 482 25.16 1.93 14.63
N VAL D 483 25.67 1.73 13.42
CA VAL D 483 24.91 1.98 12.17
C VAL D 483 24.18 0.69 11.80
N ASN D 484 23.25 0.78 10.85
CA ASN D 484 22.48 -0.34 10.27
C ASN D 484 22.84 -0.46 8.80
N HIS D 485 22.78 -1.67 8.24
CA HIS D 485 22.94 -1.87 6.78
C HIS D 485 24.28 -1.25 6.35
N ASN D 486 25.35 -1.48 7.12
CA ASN D 486 26.75 -1.26 6.66
C ASN D 486 27.03 -2.22 5.50
N THR D 487 27.32 -1.69 4.31
CA THR D 487 27.39 -2.52 3.08
C THR D 487 28.51 -3.55 3.22
N TYR D 488 29.67 -3.17 3.75
CA TYR D 488 30.82 -4.09 3.89
C TYR D 488 30.33 -5.32 4.66
N THR D 489 29.72 -5.11 5.82
CA THR D 489 29.17 -6.20 6.68
C THR D 489 28.19 -7.09 5.87
N ASN D 490 27.21 -6.48 5.22
CA ASN D 490 26.13 -7.20 4.51
C ASN D 490 26.71 -7.95 3.31
N PHE D 491 27.54 -7.26 2.52
CA PHE D 491 28.11 -7.80 1.26
C PHE D 491 28.95 -9.04 1.59
N MET D 492 29.84 -8.93 2.59
CA MET D 492 30.80 -10.01 2.91
C MET D 492 30.06 -11.19 3.55
N ALA D 493 29.05 -10.93 4.37
CA ALA D 493 28.20 -11.99 4.93
C ALA D 493 27.50 -12.74 3.79
N LYS D 494 26.95 -12.03 2.80
CA LYS D 494 26.26 -12.66 1.64
C LYS D 494 27.26 -13.53 0.87
N LYS D 495 28.45 -13.01 0.63
CA LYS D 495 29.51 -13.76 -0.06
C LYS D 495 29.80 -15.07 0.66
N CYS D 496 29.89 -15.02 1.99
CA CYS D 496 30.15 -16.19 2.87
C CYS D 496 29.01 -17.21 2.72
N PHE D 497 27.75 -16.79 2.89
CA PHE D 497 26.55 -17.62 2.66
C PHE D 497 26.58 -18.23 1.24
N GLN D 498 26.78 -17.40 0.20
CA GLN D 498 26.79 -17.86 -1.22
C GLN D 498 27.94 -18.86 -1.42
N TYR D 499 29.10 -18.62 -0.82
CA TYR D 499 30.26 -19.54 -0.94
C TYR D 499 29.98 -20.85 -0.22
N LEU D 500 29.45 -20.82 0.99
CA LEU D 500 29.16 -22.05 1.77
C LEU D 500 28.15 -22.89 0.98
N ASP D 501 27.09 -22.24 0.49
CA ASP D 501 26.00 -22.88 -0.29
C ASP D 501 26.61 -23.64 -1.48
N LYS D 502 27.54 -23.02 -2.22
CA LYS D 502 28.16 -23.65 -3.41
C LYS D 502 28.98 -24.88 -2.98
N ILE D 503 29.72 -24.79 -1.87
CA ILE D 503 30.54 -25.91 -1.33
C ILE D 503 29.62 -27.08 -0.94
N LEU D 504 28.53 -26.81 -0.21
CA LEU D 504 27.60 -27.86 0.32
C LEU D 504 26.96 -28.61 -0.87
N ALA D 505 26.77 -27.95 -2.01
CA ALA D 505 26.22 -28.52 -3.26
C ALA D 505 27.32 -29.15 -4.13
N ASP D 506 28.58 -29.14 -3.71
CA ASP D 506 29.68 -29.84 -4.42
C ASP D 506 29.78 -31.26 -3.85
N LYS D 507 29.40 -32.26 -4.65
CA LYS D 507 29.24 -33.65 -4.16
C LYS D 507 30.58 -34.38 -4.23
N THR D 508 31.63 -33.72 -4.74
CA THR D 508 33.02 -34.17 -4.52
C THR D 508 33.38 -33.97 -3.05
N TYR D 509 32.60 -33.17 -2.28
CA TYR D 509 32.76 -33.01 -0.81
C TYR D 509 31.72 -33.84 -0.05
N LYS D 510 32.11 -34.38 1.12
CA LYS D 510 31.23 -35.10 2.09
C LYS D 510 30.97 -34.21 3.30
N THR D 511 29.72 -33.83 3.50
CA THR D 511 29.29 -32.75 4.43
C THR D 511 28.38 -33.26 5.57
N ASP D 512 27.89 -34.50 5.55
CA ASP D 512 26.89 -34.98 6.55
C ASP D 512 27.48 -34.93 7.98
N LYS D 513 28.65 -35.48 8.23
CA LYS D 513 29.25 -35.55 9.60
C LYS D 513 29.66 -34.15 10.07
N ILE D 514 30.15 -33.28 9.17
CA ILE D 514 30.56 -31.89 9.50
C ILE D 514 29.32 -31.08 9.89
N LEU D 515 28.27 -31.12 9.07
CA LEU D 515 26.97 -30.44 9.35
C LEU D 515 26.41 -30.93 10.69
N ASP D 516 26.51 -32.23 11.00
CA ASP D 516 26.08 -32.81 12.30
C ASP D 516 26.95 -32.30 13.44
N LYS D 517 28.27 -32.37 13.27
CA LYS D 517 29.24 -31.85 14.26
C LYS D 517 28.81 -30.42 14.67
N CYS D 518 28.43 -29.58 13.69
CA CYS D 518 28.18 -28.13 13.90
C CYS D 518 26.69 -27.82 14.18
N GLY D 519 25.83 -28.82 14.27
CA GLY D 519 24.38 -28.64 14.46
C GLY D 519 23.75 -27.76 13.39
N PHE D 520 24.22 -27.84 12.15
CA PHE D 520 23.67 -27.11 10.98
C PHE D 520 22.66 -28.03 10.28
N THR D 521 21.38 -27.68 10.39
CA THR D 521 20.22 -28.50 9.94
C THR D 521 19.65 -27.92 8.64
N LYS D 522 18.80 -28.69 7.96
CA LYS D 522 18.12 -28.30 6.70
C LYS D 522 17.35 -27.00 6.91
N LYS D 523 16.91 -26.75 8.14
CA LYS D 523 16.19 -25.52 8.59
C LYS D 523 17.14 -24.32 8.59
N ASP D 524 18.38 -24.51 9.07
CA ASP D 524 19.48 -23.50 9.06
C ASP D 524 19.87 -23.19 7.61
N LEU D 525 19.95 -24.21 6.75
CA LEU D 525 20.29 -24.04 5.31
C LEU D 525 19.21 -23.22 4.59
N ALA D 526 17.93 -23.46 4.89
CA ALA D 526 16.79 -22.71 4.33
C ALA D 526 16.84 -21.25 4.82
N LYS D 527 17.11 -21.01 6.10
CA LYS D 527 17.21 -19.61 6.60
C LYS D 527 18.42 -18.93 5.93
N MET D 528 19.53 -19.64 5.76
CA MET D 528 20.74 -19.06 5.13
C MET D 528 20.33 -18.50 3.75
N LYS D 529 19.62 -19.28 2.92
CA LYS D 529 19.31 -18.90 1.51
C LYS D 529 18.34 -17.72 1.50
N ASP D 530 17.37 -17.73 2.40
CA ASP D 530 16.43 -16.60 2.62
C ASP D 530 17.23 -15.35 3.05
N ALA D 531 18.12 -15.49 4.04
CA ALA D 531 18.94 -14.39 4.59
C ALA D 531 19.77 -13.77 3.45
N SER D 532 20.37 -14.63 2.63
CA SER D 532 21.22 -14.26 1.47
C SER D 532 20.38 -13.49 0.43
N ARG D 533 19.17 -13.96 0.15
CA ARG D 533 18.28 -13.35 -0.87
C ARG D 533 17.78 -11.99 -0.36
N LYS D 534 17.50 -11.89 0.94
CA LYS D 534 16.84 -10.70 1.56
C LYS D 534 17.89 -9.73 2.13
N MET D 535 19.19 -10.07 2.02
CA MET D 535 20.29 -9.25 2.57
C MET D 535 20.16 -7.84 2.01
N VAL D 536 20.08 -6.86 2.89
CA VAL D 536 20.08 -5.42 2.48
C VAL D 536 21.45 -5.12 1.86
N ILE D 537 21.45 -4.70 0.61
CA ILE D 537 22.61 -4.16 -0.15
C ILE D 537 22.19 -2.78 -0.69
N LEU D 538 22.65 -1.68 -0.09
CA LEU D 538 22.30 -0.29 -0.53
C LEU D 538 23.15 0.06 -1.76
N TYR D 539 22.70 -0.38 -2.93
CA TYR D 539 23.36 -0.12 -4.22
C TYR D 539 22.38 0.63 -5.11
N ASP D 540 22.82 1.71 -5.77
CA ASP D 540 21.98 2.49 -6.74
C ASP D 540 22.42 2.15 -8.17
N LYS D 541 21.52 1.57 -8.98
CA LYS D 541 21.75 1.19 -10.41
C LYS D 541 22.16 2.39 -11.28
N GLU D 542 21.71 3.60 -10.93
CA GLU D 542 21.84 4.85 -11.75
C GLU D 542 23.18 5.53 -11.47
N THR D 543 23.47 5.85 -10.20
CA THR D 543 24.75 6.46 -9.75
C THR D 543 25.89 5.45 -9.80
N LEU D 544 25.57 4.14 -9.78
CA LEU D 544 26.50 3.00 -9.52
C LEU D 544 27.13 3.08 -8.12
N LEU D 545 26.56 3.83 -7.16
CA LEU D 545 27.18 4.00 -5.81
C LEU D 545 26.62 2.97 -4.83
N PHE D 546 27.47 2.39 -3.99
CA PHE D 546 27.06 1.75 -2.72
C PHE D 546 27.03 2.82 -1.63
N GLU D 547 26.03 2.80 -0.75
CA GLU D 547 25.97 3.66 0.47
C GLU D 547 26.65 2.88 1.60
N GLN D 548 27.71 3.44 2.19
CA GLN D 548 28.55 2.80 3.24
C GLN D 548 27.63 2.22 4.32
N ASN D 549 26.64 3.00 4.78
CA ASN D 549 25.57 2.54 5.72
C ASN D 549 24.28 3.35 5.47
N ASP D 550 23.17 2.89 6.05
CA ASP D 550 21.85 3.58 5.99
C ASP D 550 22.02 4.98 6.55
N GLY D 551 21.67 5.98 5.75
CA GLY D 551 21.69 7.39 6.18
C GLY D 551 23.07 8.03 6.02
N PHE D 552 24.05 7.31 5.46
CA PHE D 552 25.44 7.82 5.30
C PHE D 552 25.46 9.01 4.35
N PHE D 553 24.80 8.95 3.19
CA PHE D 553 24.82 10.03 2.16
C PHE D 553 24.34 11.37 2.73
N ASP D 554 23.44 11.33 3.74
CA ASP D 554 22.72 12.54 4.24
C ASP D 554 23.39 13.13 5.48
N MET D 555 24.48 12.53 5.98
CA MET D 555 25.25 12.98 7.16
C MET D 555 25.80 14.38 6.91
N PRO D 556 25.90 15.25 7.95
CA PRO D 556 26.57 16.54 7.80
C PRO D 556 27.93 16.37 7.09
N HIS D 557 28.23 17.24 6.12
CA HIS D 557 29.46 17.15 5.29
C HIS D 557 30.55 17.99 5.92
N VAL D 558 31.70 17.38 6.18
CA VAL D 558 32.98 18.09 6.48
C VAL D 558 33.91 17.82 5.30
N ASP D 559 34.53 18.88 4.78
CA ASP D 559 35.64 18.79 3.80
C ASP D 559 36.92 18.49 4.60
N ILE D 560 37.59 17.38 4.31
CA ILE D 560 38.87 16.98 4.97
C ILE D 560 39.93 18.07 4.79
N LYS D 561 39.83 18.90 3.76
CA LYS D 561 40.84 19.94 3.45
C LYS D 561 40.59 21.22 4.28
N THR D 562 39.68 21.20 5.26
CA THR D 562 39.49 22.30 6.24
C THR D 562 39.98 21.85 7.62
N ILE D 563 40.52 20.63 7.72
CA ILE D 563 41.11 20.11 8.99
C ILE D 563 42.59 20.48 9.03
N LYS D 564 42.99 21.28 10.02
CA LYS D 564 44.39 21.73 10.24
C LYS D 564 45.27 20.55 10.66
N ASP D 565 46.59 20.73 10.63
CA ASP D 565 47.56 19.82 11.33
C ASP D 565 47.51 20.11 12.83
N GLU D 566 47.08 21.32 13.22
CA GLU D 566 46.79 21.76 14.61
C GLU D 566 45.85 20.79 15.32
N GLU D 567 44.90 20.19 14.57
CA GLU D 567 43.78 19.36 15.09
C GLU D 567 44.13 17.86 15.08
N MET D 568 45.18 17.44 14.37
CA MET D 568 45.47 16.00 14.13
C MET D 568 46.35 15.43 15.25
N PRO D 569 46.19 14.13 15.61
CA PRO D 569 45.08 13.32 15.15
C PRO D 569 43.77 13.79 15.82
N ILE D 570 42.66 13.68 15.09
CA ILE D 570 41.30 14.11 15.50
C ILE D 570 41.07 13.78 16.99
N TYR D 571 41.35 12.54 17.39
CA TYR D 571 40.95 11.97 18.71
C TYR D 571 41.55 12.79 19.86
N SER D 572 42.62 13.56 19.62
CA SER D 572 43.39 14.27 20.67
C SER D 572 42.98 15.75 20.76
N HIS D 573 42.17 16.27 19.82
CA HIS D 573 41.73 17.68 19.79
C HIS D 573 40.21 17.83 19.63
N TRP D 574 39.52 16.86 19.02
CA TRP D 574 38.03 16.82 18.91
C TRP D 574 37.44 16.07 20.12
N SER D 575 36.24 16.46 20.54
CA SER D 575 35.42 15.72 21.52
C SER D 575 35.16 14.31 20.94
N TYR D 576 34.90 13.33 21.79
CA TYR D 576 34.91 11.89 21.42
C TYR D 576 33.92 11.60 20.29
N ASP D 577 32.65 12.00 20.49
CA ASP D 577 31.47 11.58 19.68
C ASP D 577 31.48 12.27 18.31
N ARG D 578 32.20 13.39 18.20
CA ARG D 578 32.11 14.37 17.08
C ARG D 578 32.53 13.75 15.74
N ILE D 579 33.51 12.84 15.73
CA ILE D 579 34.02 12.25 14.45
C ILE D 579 32.93 11.32 13.87
N TYR D 580 32.11 10.74 14.73
CA TYR D 580 31.04 9.77 14.33
C TYR D 580 29.89 10.44 13.57
N ARG D 581 29.64 11.74 13.77
CA ARG D 581 28.41 12.39 13.22
C ARG D 581 28.78 13.30 12.04
N THR D 582 29.75 12.89 11.22
CA THR D 582 30.16 13.57 9.95
C THR D 582 30.31 12.51 8.85
N ASP D 583 30.62 12.91 7.61
CA ASP D 583 30.90 11.99 6.47
C ASP D 583 32.42 11.83 6.30
N ILE D 584 33.17 11.94 7.40
CA ILE D 584 34.63 11.65 7.43
C ILE D 584 34.80 10.15 7.66
N ILE D 585 35.61 9.51 6.81
CA ILE D 585 35.85 8.04 6.75
C ILE D 585 37.30 7.79 7.18
N LYS D 586 37.52 6.81 8.03
CA LYS D 586 38.88 6.47 8.54
C LYS D 586 39.68 5.74 7.47
N GLN D 587 39.07 4.78 6.79
CA GLN D 587 39.81 3.84 5.92
C GLN D 587 38.81 3.17 4.99
N PRO D 588 39.27 2.43 3.97
CA PRO D 588 38.37 1.78 3.03
C PRO D 588 37.29 0.93 3.72
N ASP D 589 36.04 1.15 3.32
CA ASP D 589 34.86 0.41 3.84
C ASP D 589 34.16 -0.17 2.60
N VAL D 590 33.44 0.66 1.86
CA VAL D 590 32.94 0.28 0.51
C VAL D 590 34.13 -0.12 -0.38
N LEU D 591 35.17 0.71 -0.49
CA LEU D 591 36.35 0.42 -1.34
C LEU D 591 37.08 -0.84 -0.86
N MET D 592 36.87 -1.27 0.38
CA MET D 592 37.51 -2.52 0.87
C MET D 592 36.88 -3.72 0.14
N PHE D 593 35.57 -3.88 0.15
CA PHE D 593 34.97 -5.07 -0.49
C PHE D 593 35.11 -4.93 -2.01
N MET D 594 35.08 -3.70 -2.53
CA MET D 594 35.32 -3.51 -3.98
C MET D 594 36.75 -3.94 -4.30
N PHE D 595 37.73 -3.71 -3.43
CA PHE D 595 39.12 -4.22 -3.61
C PHE D 595 39.16 -5.75 -3.52
N LEU D 596 38.52 -6.32 -2.51
CA LEU D 596 38.55 -7.79 -2.28
C LEU D 596 37.90 -8.51 -3.46
N TYR D 597 37.00 -7.86 -4.19
CA TYR D 597 36.26 -8.48 -5.32
C TYR D 597 36.33 -7.58 -6.53
N MET D 598 37.50 -7.02 -6.80
CA MET D 598 37.72 -6.07 -7.91
C MET D 598 37.29 -6.70 -9.25
N GLU D 599 37.39 -8.02 -9.44
CA GLU D 599 37.15 -8.67 -10.78
C GLU D 599 35.68 -8.52 -11.17
N GLU D 600 34.78 -8.34 -10.19
CA GLU D 600 33.34 -8.44 -10.46
C GLU D 600 32.72 -7.03 -10.57
N PHE D 601 33.52 -5.96 -10.47
CA PHE D 601 33.08 -4.55 -10.70
C PHE D 601 33.74 -3.97 -11.95
N SER D 602 32.99 -3.09 -12.62
CA SER D 602 33.39 -2.39 -13.88
C SER D 602 34.23 -1.17 -13.53
N GLN D 603 34.97 -0.63 -14.51
CA GLN D 603 35.78 0.60 -14.34
C GLN D 603 34.88 1.72 -13.78
N LYS D 604 33.65 1.83 -14.30
CA LYS D 604 32.68 2.89 -13.95
C LYS D 604 32.18 2.73 -12.51
N GLN D 605 31.87 1.50 -12.06
CA GLN D 605 31.44 1.25 -10.66
C GLN D 605 32.58 1.67 -9.73
N LEU D 606 33.80 1.24 -10.06
CA LEU D 606 35.01 1.51 -9.23
C LEU D 606 35.24 3.02 -9.20
N LEU D 607 35.12 3.67 -10.35
CA LEU D 607 35.33 5.14 -10.48
C LEU D 607 34.26 5.89 -9.69
N ALA D 608 32.99 5.52 -9.83
CA ALA D 608 31.86 6.19 -9.13
C ALA D 608 32.14 6.13 -7.61
N ASN D 609 32.46 4.95 -7.08
CA ASN D 609 32.65 4.78 -5.62
C ASN D 609 33.95 5.43 -5.20
N TYR D 610 35.01 5.31 -6.02
CA TYR D 610 36.32 5.95 -5.74
C TYR D 610 36.16 7.47 -5.61
N ASN D 611 35.44 8.07 -6.55
CA ASN D 611 35.17 9.54 -6.61
C ASN D 611 34.36 9.99 -5.38
N TYR D 612 33.37 9.19 -4.96
CA TYR D 612 32.51 9.57 -3.81
C TYR D 612 33.31 9.42 -2.50
N TYR D 613 34.03 8.31 -2.31
CA TYR D 613 34.56 7.89 -0.99
C TYR D 613 36.01 8.34 -0.77
N GLU D 614 36.88 8.32 -1.77
CA GLU D 614 38.31 8.69 -1.57
C GLU D 614 38.39 10.07 -0.93
N PRO D 615 37.82 11.15 -1.51
CA PRO D 615 38.06 12.49 -0.96
C PRO D 615 37.50 12.63 0.47
N ARG D 616 36.64 11.71 0.92
CA ARG D 616 35.97 11.74 2.24
C ARG D 616 36.77 10.92 3.26
N THR D 617 37.94 10.40 2.88
CA THR D 617 38.74 9.43 3.67
C THR D 617 40.04 10.07 4.17
N LEU D 618 40.27 10.00 5.48
CA LEU D 618 41.42 10.59 6.22
C LEU D 618 42.71 9.77 5.99
N HIS D 619 42.57 8.49 5.62
CA HIS D 619 43.68 7.52 5.48
C HIS D 619 44.33 7.35 6.86
N GLU D 620 43.49 7.26 7.89
CA GLU D 620 43.89 7.10 9.32
C GLU D 620 44.08 5.60 9.56
N SER D 621 44.91 4.97 8.74
CA SER D 621 45.11 3.50 8.71
C SER D 621 46.30 3.18 7.81
N SER D 622 47.06 2.17 8.22
CA SER D 622 48.20 1.59 7.47
C SER D 622 47.64 0.97 6.20
N LEU D 623 46.35 0.63 6.17
CA LEU D 623 45.76 -0.15 5.05
C LEU D 623 45.21 0.81 3.99
N SER D 624 45.01 2.09 4.27
CA SER D 624 44.22 2.99 3.37
C SER D 624 44.96 3.39 2.10
N PRO D 625 46.23 3.89 2.14
CA PRO D 625 46.89 4.41 0.94
C PRO D 625 47.06 3.37 -0.17
N SER D 626 47.44 2.15 0.18
CA SER D 626 47.71 1.08 -0.82
C SER D 626 46.41 0.62 -1.50
N ILE D 627 45.31 0.53 -0.74
CA ILE D 627 44.00 0.07 -1.29
C ILE D 627 43.57 1.09 -2.35
N HIS D 628 43.62 2.36 -1.98
CA HIS D 628 43.30 3.50 -2.89
C HIS D 628 44.26 3.50 -4.08
N SER D 629 45.56 3.35 -3.86
CA SER D 629 46.56 3.27 -4.96
C SER D 629 46.08 2.20 -5.95
N ILE D 630 45.75 1.01 -5.45
CA ILE D 630 45.43 -0.18 -6.29
C ILE D 630 44.18 0.11 -7.11
N ILE D 631 43.12 0.60 -6.46
CA ILE D 631 41.85 1.00 -7.14
C ILE D 631 42.15 2.13 -8.14
N ALA D 632 43.00 3.10 -7.80
CA ALA D 632 43.35 4.21 -8.70
C ALA D 632 44.04 3.66 -9.95
N SER D 633 44.95 2.69 -9.80
CA SER D 633 45.67 2.05 -10.94
C SER D 633 44.64 1.37 -11.85
N LYS D 634 43.71 0.61 -11.28
CA LYS D 634 42.70 -0.19 -12.03
C LYS D 634 41.87 0.75 -12.91
N ILE D 635 41.65 1.97 -12.43
CA ILE D 635 40.77 3.01 -13.03
C ILE D 635 41.55 3.83 -14.07
N GLY D 636 42.89 3.78 -14.06
CA GLY D 636 43.77 4.61 -14.92
C GLY D 636 44.09 5.98 -14.32
N LEU D 637 43.86 6.17 -13.01
CA LEU D 637 44.21 7.42 -12.28
C LEU D 637 45.66 7.30 -11.81
N GLU D 638 46.59 7.41 -12.75
CA GLU D 638 48.03 7.16 -12.54
C GLU D 638 48.59 8.14 -11.51
N LYS D 639 48.14 9.40 -11.57
CA LYS D 639 48.64 10.50 -10.68
C LYS D 639 48.30 10.12 -9.24
N ASP D 640 47.05 9.71 -8.99
CA ASP D 640 46.62 9.26 -7.63
C ASP D 640 47.40 7.99 -7.25
N ALA D 641 47.55 7.01 -8.15
CA ALA D 641 48.18 5.70 -7.84
C ALA D 641 49.61 5.93 -7.31
N ASN D 642 50.41 6.70 -8.04
CA ASN D 642 51.82 7.05 -7.70
C ASN D 642 51.87 7.82 -6.38
N ASN D 643 50.98 8.81 -6.18
CA ASN D 643 50.95 9.65 -4.96
C ASN D 643 50.60 8.80 -3.75
N PHE D 644 49.60 7.91 -3.85
CA PHE D 644 49.16 7.02 -2.74
C PHE D 644 50.22 5.98 -2.39
N PHE D 645 51.05 5.58 -3.35
CA PHE D 645 52.19 4.66 -3.10
C PHE D 645 53.27 5.35 -2.26
N GLY D 646 53.67 6.57 -2.65
CA GLY D 646 54.61 7.48 -1.93
C GLY D 646 55.72 6.73 -1.23
N PHE D 647 55.67 6.66 0.10
CA PHE D 647 56.74 6.12 0.97
C PHE D 647 56.38 4.74 1.52
N ALA D 648 55.56 3.97 0.79
CA ALA D 648 55.11 2.62 1.18
C ALA D 648 56.29 1.75 1.62
N THR D 649 57.41 1.82 0.92
CA THR D 649 58.55 0.91 1.15
C THR D 649 59.38 1.36 2.36
N ARG D 650 59.20 2.59 2.86
CA ARG D 650 60.10 3.26 3.84
C ARG D 650 59.42 3.47 5.21
N LEU D 651 58.17 3.04 5.42
CA LEU D 651 57.37 3.55 6.57
C LEU D 651 58.14 3.40 7.89
N ASP D 652 58.78 2.25 8.08
CA ASP D 652 59.46 1.86 9.35
C ASP D 652 60.93 2.33 9.31
N LEU D 653 61.60 2.15 8.17
CA LEU D 653 63.01 2.56 7.95
C LEU D 653 63.20 4.02 8.37
N ASP D 654 62.26 4.91 8.01
CA ASP D 654 62.30 6.37 8.27
C ASP D 654 61.17 6.81 9.21
N ASP D 655 60.67 5.91 10.07
CA ASP D 655 59.76 6.25 11.20
C ASP D 655 58.82 7.37 10.80
N TYR D 656 58.21 7.27 9.62
CA TYR D 656 57.19 8.19 9.07
C TYR D 656 56.01 8.38 10.05
N ASN D 657 55.66 7.36 10.83
CA ASN D 657 54.51 7.44 11.78
C ASN D 657 54.97 7.91 13.17
N ASN D 658 56.26 8.13 13.40
CA ASN D 658 56.80 8.62 14.71
C ASN D 658 56.42 7.67 15.84
N ASN D 659 56.37 6.35 15.58
CA ASN D 659 56.13 5.33 16.64
C ASN D 659 56.83 4.01 16.33
N THR D 660 57.78 3.97 15.37
CA THR D 660 58.52 2.73 15.01
C THR D 660 59.40 2.30 16.20
N CYS D 661 59.57 3.18 17.19
CA CYS D 661 60.17 2.86 18.50
C CYS D 661 59.41 1.65 19.09
N GLU D 662 58.07 1.74 19.14
CA GLU D 662 57.15 0.64 19.58
C GLU D 662 57.45 -0.65 18.81
N GLY D 663 57.85 -0.55 17.54
CA GLY D 663 58.09 -1.70 16.65
C GLY D 663 57.63 -1.45 15.22
N ILE D 664 57.78 -2.47 14.37
CA ILE D 664 57.53 -2.36 12.90
C ILE D 664 56.02 -2.47 12.65
N HIS D 665 55.58 -1.94 11.50
CA HIS D 665 54.15 -1.88 11.11
C HIS D 665 53.88 -2.99 10.09
N MET D 666 53.44 -4.16 10.55
CA MET D 666 53.43 -5.39 9.71
C MET D 666 52.48 -5.21 8.52
N THR D 667 51.30 -4.64 8.75
CA THR D 667 50.27 -4.42 7.72
C THR D 667 50.88 -3.54 6.63
N SER D 668 51.45 -2.40 7.03
CA SER D 668 52.12 -1.42 6.12
C SER D 668 53.18 -2.14 5.29
N ILE D 669 53.86 -3.10 5.89
CA ILE D 669 54.98 -3.83 5.23
C ILE D 669 54.37 -4.74 4.15
N ALA D 670 53.36 -5.53 4.50
CA ALA D 670 52.61 -6.39 3.55
C ALA D 670 52.04 -5.50 2.44
N ALA D 671 51.64 -4.27 2.76
CA ALA D 671 50.94 -3.36 1.82
C ALA D 671 51.86 -2.85 0.72
N ALA D 672 53.18 -2.81 0.96
CA ALA D 672 54.16 -2.35 -0.02
C ALA D 672 54.19 -3.36 -1.17
N TRP D 673 54.16 -4.67 -0.82
CA TRP D 673 54.14 -5.79 -1.79
C TRP D 673 52.82 -5.76 -2.58
N MET D 674 51.71 -5.65 -1.86
CA MET D 674 50.33 -5.52 -2.40
C MET D 674 50.26 -4.39 -3.41
N ASN D 675 50.75 -3.20 -3.04
CA ASN D 675 50.70 -1.98 -3.87
C ASN D 675 51.48 -2.21 -5.17
N ILE D 676 52.58 -2.95 -5.14
CA ILE D 676 53.44 -3.12 -6.35
C ILE D 676 52.82 -4.18 -7.26
N VAL D 677 52.28 -5.25 -6.70
CA VAL D 677 51.88 -6.43 -7.51
C VAL D 677 50.39 -6.28 -7.95
N TYR D 678 49.46 -6.03 -7.01
CA TYR D 678 48.02 -5.81 -7.26
C TYR D 678 47.79 -4.46 -7.95
N GLY D 679 48.60 -3.47 -7.59
CA GLY D 679 48.47 -2.08 -8.04
C GLY D 679 49.19 -1.89 -9.34
N PHE D 680 50.50 -1.64 -9.29
CA PHE D 680 51.29 -1.39 -10.52
C PHE D 680 51.17 -2.61 -11.44
N GLY D 681 51.36 -3.82 -10.91
CA GLY D 681 51.30 -5.08 -11.69
C GLY D 681 49.89 -5.35 -12.21
N GLY D 682 48.86 -4.80 -11.56
CA GLY D 682 47.44 -5.10 -11.86
C GLY D 682 47.18 -6.60 -11.82
N LEU D 683 47.77 -7.34 -10.87
CA LEU D 683 47.58 -8.81 -10.76
C LEU D 683 46.15 -9.15 -10.30
N MET D 684 45.59 -10.17 -10.91
CA MET D 684 44.19 -10.63 -10.65
C MET D 684 44.05 -12.06 -11.16
N ILE D 685 43.43 -12.90 -10.36
CA ILE D 685 43.01 -14.25 -10.83
C ILE D 685 41.55 -14.11 -11.24
N LYS D 686 41.25 -14.46 -12.47
CA LYS D 686 39.90 -14.25 -13.03
C LYS D 686 39.58 -15.45 -13.92
N ASN D 687 38.49 -16.16 -13.60
CA ASN D 687 38.10 -17.39 -14.34
C ASN D 687 39.29 -18.34 -14.34
N ASP D 688 40.02 -18.39 -13.21
CA ASP D 688 41.12 -19.35 -12.93
C ASP D 688 42.28 -19.13 -13.90
N ILE D 689 42.43 -17.90 -14.40
CA ILE D 689 43.56 -17.50 -15.28
C ILE D 689 44.24 -16.28 -14.67
N LEU D 690 45.57 -16.32 -14.53
CA LEU D 690 46.33 -15.15 -14.05
C LEU D 690 46.17 -14.00 -15.06
N ASN D 691 45.90 -12.80 -14.55
CA ASN D 691 45.64 -11.57 -15.32
C ASN D 691 46.62 -10.49 -14.89
N LEU D 692 47.30 -9.87 -15.84
CA LEU D 692 48.19 -8.72 -15.58
C LEU D 692 47.72 -7.51 -16.40
N THR D 693 47.73 -6.33 -15.76
CA THR D 693 47.58 -5.00 -16.40
C THR D 693 48.66 -4.07 -15.89
N PRO D 694 49.95 -4.29 -16.27
CA PRO D 694 51.05 -3.54 -15.67
C PRO D 694 51.03 -2.07 -16.09
N THR D 695 51.07 -1.16 -15.11
CA THR D 695 51.25 0.30 -15.32
C THR D 695 52.61 0.70 -14.72
N SER D 696 52.99 1.97 -14.91
CA SER D 696 54.35 2.50 -14.66
C SER D 696 54.39 3.25 -13.32
N ASN D 697 55.43 3.02 -12.53
CA ASN D 697 55.76 3.94 -11.40
C ASN D 697 56.64 5.06 -11.99
N LYS D 698 56.17 6.31 -11.96
CA LYS D 698 56.82 7.46 -12.63
CA LYS D 698 56.81 7.49 -12.60
C LYS D 698 58.28 7.58 -12.14
N ASN D 699 58.56 7.12 -10.91
CA ASN D 699 59.87 7.24 -10.23
C ASN D 699 60.78 6.03 -10.49
N TRP D 700 60.38 5.04 -11.29
CA TRP D 700 61.23 3.84 -11.60
C TRP D 700 61.40 3.69 -13.11
N ASN D 701 62.60 3.27 -13.54
CA ASN D 701 62.84 2.87 -14.95
C ASN D 701 62.12 1.53 -15.17
N TYR D 702 62.29 0.60 -14.23
CA TYR D 702 61.58 -0.70 -14.28
C TYR D 702 61.36 -1.23 -12.86
N TYR D 703 60.34 -2.07 -12.74
CA TYR D 703 60.18 -2.99 -11.60
C TYR D 703 60.01 -4.39 -12.15
N GLN D 704 60.30 -5.38 -11.31
CA GLN D 704 60.22 -6.82 -11.62
C GLN D 704 59.81 -7.51 -10.33
N PHE D 705 58.73 -8.30 -10.37
CA PHE D 705 58.26 -9.11 -9.22
C PHE D 705 58.18 -10.56 -9.65
N LYS D 706 58.20 -11.42 -8.65
CA LYS D 706 58.17 -12.87 -8.84
C LYS D 706 57.01 -13.40 -7.99
N ILE D 707 56.20 -14.26 -8.59
CA ILE D 707 55.05 -14.89 -7.91
C ILE D 707 54.88 -16.28 -8.50
N THR D 708 54.30 -17.17 -7.72
CA THR D 708 54.03 -18.56 -8.14
C THR D 708 52.53 -18.71 -8.27
N PHE D 709 52.09 -19.29 -9.38
CA PHE D 709 50.69 -19.68 -9.65
C PHE D 709 50.70 -21.05 -10.34
N LYS D 710 49.92 -21.99 -9.81
CA LYS D 710 49.77 -23.37 -10.33
C LYS D 710 51.16 -24.00 -10.53
N ASN D 711 52.04 -23.82 -9.54
CA ASN D 711 53.42 -24.40 -9.51
C ASN D 711 54.29 -23.81 -10.64
N HIS D 712 53.97 -22.64 -11.18
CA HIS D 712 54.85 -21.89 -12.12
C HIS D 712 55.37 -20.66 -11.39
N LEU D 713 56.69 -20.61 -11.13
CA LEU D 713 57.39 -19.44 -10.60
C LEU D 713 57.53 -18.45 -11.74
N LEU D 714 56.81 -17.34 -11.66
CA LEU D 714 56.70 -16.35 -12.77
C LEU D 714 57.55 -15.16 -12.40
N THR D 715 58.34 -14.69 -13.35
CA THR D 715 59.06 -13.41 -13.29
C THR D 715 58.41 -12.47 -14.29
N VAL D 716 57.99 -11.29 -13.80
CA VAL D 716 57.26 -10.24 -14.55
C VAL D 716 58.06 -8.95 -14.41
N LYS D 717 58.69 -8.52 -15.50
CA LYS D 717 59.45 -7.25 -15.58
C LYS D 717 58.64 -6.24 -16.40
N VAL D 718 58.54 -5.01 -15.88
CA VAL D 718 57.74 -3.92 -16.49
C VAL D 718 58.65 -2.70 -16.66
N ASP D 719 58.86 -2.29 -17.90
CA ASP D 719 59.52 -1.00 -18.27
C ASP D 719 58.49 -0.17 -19.06
N LYS D 720 58.93 0.98 -19.59
CA LYS D 720 58.12 1.93 -20.41
C LYS D 720 57.41 1.21 -21.56
N ASP D 721 58.12 0.35 -22.28
CA ASP D 721 57.75 -0.15 -23.64
C ASP D 721 57.19 -1.57 -23.59
N ASN D 722 57.61 -2.41 -22.63
CA ASN D 722 57.40 -3.87 -22.68
C ASN D 722 57.00 -4.41 -21.29
N VAL D 723 56.15 -5.42 -21.31
CA VAL D 723 55.97 -6.38 -20.19
C VAL D 723 56.67 -7.66 -20.62
N ILE D 724 57.61 -8.13 -19.81
CA ILE D 724 58.44 -9.33 -20.09
C ILE D 724 58.15 -10.34 -18.99
N ILE D 725 57.50 -11.44 -19.36
CA ILE D 725 57.06 -12.49 -18.40
C ILE D 725 57.90 -13.71 -18.73
N THR D 726 58.61 -14.28 -17.76
CA THR D 726 59.41 -15.52 -17.98
C THR D 726 59.09 -16.58 -16.93
N LYS D 727 59.26 -17.83 -17.30
CA LYS D 727 59.24 -18.97 -16.35
C LYS D 727 60.16 -20.05 -16.92
N LYS D 728 60.57 -21.01 -16.08
CA LYS D 728 61.57 -22.05 -16.46
C LYS D 728 60.91 -23.40 -16.69
N THR D 729 59.69 -23.62 -16.18
CA THR D 729 58.85 -24.82 -16.51
C THR D 729 58.56 -24.85 -18.01
N LYS D 730 58.16 -26.03 -18.51
CA LYS D 730 58.06 -26.33 -19.97
C LYS D 730 56.61 -26.50 -20.42
N ASN D 731 55.64 -26.66 -19.51
CA ASN D 731 54.21 -26.82 -19.90
C ASN D 731 53.56 -25.42 -20.05
N ILE D 732 52.51 -25.34 -20.85
CA ILE D 732 51.80 -24.06 -21.15
C ILE D 732 51.03 -23.59 -19.91
N LEU D 733 51.17 -22.31 -19.56
CA LEU D 733 50.25 -21.62 -18.65
C LEU D 733 49.55 -20.51 -19.42
N PRO D 734 48.21 -20.55 -19.57
CA PRO D 734 47.49 -19.46 -20.21
C PRO D 734 47.58 -18.25 -19.27
N ILE D 735 47.94 -17.07 -19.78
CA ILE D 735 47.85 -15.82 -18.98
C ILE D 735 47.19 -14.72 -19.81
N ASN D 736 46.47 -13.82 -19.14
CA ASN D 736 45.83 -12.64 -19.77
C ASN D 736 46.72 -11.42 -19.50
N VAL D 737 47.09 -10.69 -20.55
CA VAL D 737 47.85 -9.42 -20.41
C VAL D 737 47.15 -8.36 -21.25
N TYR D 738 46.80 -7.24 -20.60
CA TYR D 738 46.03 -6.12 -21.20
C TYR D 738 44.77 -6.69 -21.87
N GLY D 739 44.12 -7.63 -21.20
CA GLY D 739 42.83 -8.22 -21.63
C GLY D 739 42.95 -9.24 -22.75
N LYS D 740 44.16 -9.65 -23.15
CA LYS D 740 44.36 -10.61 -24.27
C LYS D 740 45.05 -11.88 -23.75
N LYS D 741 44.59 -13.05 -24.21
CA LYS D 741 45.10 -14.39 -23.77
C LYS D 741 46.35 -14.76 -24.57
N TYR D 742 47.42 -15.11 -23.86
CA TYR D 742 48.71 -15.62 -24.42
C TYR D 742 48.97 -17.00 -23.79
N GLU D 743 49.69 -17.86 -24.51
CA GLU D 743 50.24 -19.11 -23.91
C GLU D 743 51.69 -18.84 -23.51
N LEU D 744 51.96 -18.81 -22.20
CA LEU D 744 53.32 -18.60 -21.66
C LEU D 744 53.98 -19.98 -21.54
N ILE D 745 55.12 -20.15 -22.23
CA ILE D 745 55.99 -21.35 -22.15
C ILE D 745 57.29 -20.95 -21.44
N ASP D 746 58.14 -20.16 -22.09
CA ASP D 746 59.45 -19.71 -21.52
C ASP D 746 59.44 -18.18 -21.36
N LYS D 747 59.00 -17.44 -22.39
CA LYS D 747 59.11 -15.96 -22.40
C LYS D 747 57.99 -15.37 -23.27
N LEU D 748 57.34 -14.33 -22.74
CA LEU D 748 56.44 -13.41 -23.49
C LEU D 748 57.03 -12.01 -23.37
N GLU D 749 57.11 -11.33 -24.52
CA GLU D 749 57.45 -9.90 -24.65
C GLU D 749 56.23 -9.21 -25.25
N ILE D 750 55.52 -8.39 -24.48
CA ILE D 750 54.30 -7.66 -24.95
C ILE D 750 54.62 -6.17 -24.97
N LYS D 751 54.42 -5.55 -26.12
CA LYS D 751 54.57 -4.08 -26.32
C LYS D 751 53.49 -3.36 -25.52
N ARG D 752 53.88 -2.32 -24.80
CA ARG D 752 52.93 -1.47 -24.03
C ARG D 752 52.42 -0.36 -24.93
N ALA D 753 51.11 -0.16 -24.96
CA ALA D 753 50.46 1.07 -25.46
C ALA D 753 50.29 2.01 -24.27
N ALA D 754 50.21 3.31 -24.52
CA ALA D 754 49.76 4.36 -23.58
C ALA D 754 48.41 4.91 -24.07
N GLU D 755 47.58 5.38 -23.14
CA GLU D 755 46.15 5.72 -23.41
C GLU D 755 45.56 6.58 -22.27
N ASN D 756 44.89 7.69 -22.61
CA ASN D 756 43.92 8.40 -21.72
C ASN D 756 42.50 8.09 -22.20
N LEU D 757 41.65 7.47 -21.37
CA LEU D 757 40.19 7.29 -21.58
C LEU D 757 39.46 8.21 -20.60
N TYR D 758 38.13 8.34 -20.71
CA TYR D 758 37.37 9.46 -20.07
C TYR D 758 36.03 8.96 -19.49
#